data_9OA2
#
_entry.id   9OA2
#
_cell.length_a   1.00
_cell.length_b   1.00
_cell.length_c   1.00
_cell.angle_alpha   90.00
_cell.angle_beta   90.00
_cell.angle_gamma   90.00
#
_symmetry.space_group_name_H-M   'P 1'
#
loop_
_entity.id
_entity.type
_entity.pdbx_description
1 polymer 'Replicative DNA helicase'
2 polymer 'Helicase loader'
3 non-polymer "ADENOSINE-5'-DIPHOSPHATE"
4 non-polymer 'MAGNESIUM ION'
#
loop_
_entity_poly.entity_id
_entity_poly.type
_entity_poly.pdbx_seq_one_letter_code
_entity_poly.pdbx_strand_id
1 'polypeptide(L)'
;MAGNKPFNKQQAEPRERDPQVAGLKVPPHSIEAEQSVLGGLMLDNERWDDVAERVVADDFYTRPHRHIFTEMARLQESGS
PIDLITLAESLERQGQLDSVGGFAYLAELSKNTPSAANISAYADIVRERAVVREMISVANEIAEAGFDPQGRTSEDLLDL
AESRVFKIAESRANKDEGPKNIADVLDATVARIEQLFQQPHDGVTGVNTGYDDLNKKTAGLQPSDLIIVAARPSMGKTTF
AMNLVENAAMLQDKPVLIFSLEMPSEQIMMRSLASLSRVDQTKIRTGQLDDEDWARISGTMGILLEKRNIYIDDSSGLTP
TEVRSRARRIAREHGGIGLIMIDYLQLMRVPALSDNRTLEIAEISRSLKALAKELNVPVVALSQLNRSLEQRADKRPVNS
DLRESGSIEQDADLIMFIYRDEVYHENSDLKGIAEIIIGKQRNGPIGTVRLTFNGQWSRFDNYAGPQYDDE
;
A,B,C,D,E,F
2 'polypeptide(L)'
;MENIAAQMVNFDREQMRRIANNMPEQYDEKPQVQQVAQIINGVFSQLLATFPASLANRDQNEVNEIRRQWVLAFRENGIT
TMEQVNAGMRVARRQNRPFLPSPGQFVAWCREEASVTAGLPNVSELVDMVYEYCRKRGLYPDAESYPWKSNAHYWLVTNL
YQNMRANALTDAELRRKAADELVHMTARINRGEAIPEPVKQLPVMGGRPLNRAQALAKIAEIKAKFGLKGASV
;
U,V,W,X,Y,Z
#
loop_
_chem_comp.id
_chem_comp.type
_chem_comp.name
_chem_comp.formula
ADP non-polymer ADENOSINE-5'-DIPHOSPHATE 'C10 H15 N5 O10 P2'
MG non-polymer 'MAGNESIUM ION' 'Mg 2'
#
# COMPACT_ATOMS: atom_id res chain seq x y z
N LEU A 24 -51.87 22.50 16.26
CA LEU A 24 -50.98 22.01 15.20
C LEU A 24 -50.11 23.13 14.66
N LYS A 25 -48.81 23.03 14.90
CA LYS A 25 -47.86 24.03 14.40
C LYS A 25 -47.83 24.03 12.88
N VAL A 26 -47.81 25.21 12.28
CA VAL A 26 -47.79 25.33 10.83
C VAL A 26 -46.43 25.87 10.39
N PRO A 27 -45.56 25.04 9.81
CA PRO A 27 -44.28 25.54 9.34
C PRO A 27 -44.49 26.59 8.26
N PRO A 28 -43.66 27.62 8.23
CA PRO A 28 -43.88 28.69 7.24
C PRO A 28 -43.48 28.21 5.84
N HIS A 29 -44.51 27.94 5.03
CA HIS A 29 -44.32 27.52 3.65
C HIS A 29 -45.10 28.46 2.73
N SER A 30 -44.48 28.80 1.61
CA SER A 30 -45.10 29.70 0.63
C SER A 30 -45.29 28.90 -0.64
N ILE A 31 -46.43 28.21 -0.74
CA ILE A 31 -46.76 27.48 -1.96
C ILE A 31 -46.96 28.41 -3.15
N GLU A 32 -47.52 29.59 -2.91
CA GLU A 32 -47.74 30.54 -4.00
C GLU A 32 -46.43 30.96 -4.63
N ALA A 33 -45.39 31.19 -3.82
CA ALA A 33 -44.10 31.59 -4.37
C ALA A 33 -43.49 30.48 -5.23
N GLU A 34 -43.56 29.23 -4.75
CA GLU A 34 -43.03 28.12 -5.54
C GLU A 34 -43.78 27.95 -6.85
N GLN A 35 -45.11 28.04 -6.81
CA GLN A 35 -45.89 27.93 -8.04
C GLN A 35 -45.56 29.06 -9.00
N SER A 36 -45.39 30.28 -8.49
CA SER A 36 -45.01 31.39 -9.34
C SER A 36 -43.64 31.18 -9.98
N VAL A 37 -42.69 30.65 -9.21
CA VAL A 37 -41.36 30.37 -9.77
C VAL A 37 -41.47 29.34 -10.88
N LEU A 38 -42.22 28.26 -10.65
CA LEU A 38 -42.37 27.21 -11.67
C LEU A 38 -43.04 27.75 -12.92
N GLY A 39 -44.09 28.56 -12.74
CA GLY A 39 -44.78 29.13 -13.90
C GLY A 39 -43.89 30.07 -14.68
N GLY A 40 -43.12 30.90 -13.97
CA GLY A 40 -42.20 31.79 -14.64
C GLY A 40 -41.13 31.03 -15.42
N LEU A 41 -40.63 29.94 -14.85
CA LEU A 41 -39.66 29.13 -15.58
C LEU A 41 -40.27 28.48 -16.82
N MET A 42 -41.52 28.01 -16.72
CA MET A 42 -42.18 27.43 -17.88
C MET A 42 -42.41 28.48 -18.96
N LEU A 43 -42.83 29.68 -18.57
CA LEU A 43 -43.16 30.72 -19.54
C LEU A 43 -41.96 31.59 -19.90
N ASP A 44 -40.80 31.38 -19.25
CA ASP A 44 -39.58 32.14 -19.51
C ASP A 44 -38.41 31.26 -19.10
N ASN A 45 -37.64 30.82 -20.10
CA ASN A 45 -36.47 29.99 -19.85
C ASN A 45 -35.19 30.80 -19.65
N GLU A 46 -35.25 32.11 -19.90
CA GLU A 46 -34.06 32.94 -19.76
C GLU A 46 -33.75 33.25 -18.30
N ARG A 47 -34.77 33.30 -17.44
CA ARG A 47 -34.65 33.61 -16.02
C ARG A 47 -34.16 32.44 -15.15
N TRP A 48 -33.96 31.23 -15.69
CA TRP A 48 -33.60 30.08 -14.86
C TRP A 48 -32.41 30.37 -13.96
N ASP A 49 -31.38 31.03 -14.52
CA ASP A 49 -30.18 31.32 -13.74
C ASP A 49 -30.50 32.15 -12.51
N ASP A 50 -31.36 33.16 -12.65
CA ASP A 50 -31.78 33.95 -11.49
C ASP A 50 -32.43 33.07 -10.43
N VAL A 51 -33.27 32.11 -10.86
CA VAL A 51 -33.83 31.16 -9.91
C VAL A 51 -32.75 30.21 -9.40
N ALA A 52 -31.78 29.88 -10.26
CA ALA A 52 -30.76 28.90 -9.89
C ALA A 52 -29.86 29.40 -8.77
N GLU A 53 -29.66 30.72 -8.68
CA GLU A 53 -28.78 31.28 -7.65
C GLU A 53 -29.53 31.68 -6.39
N ARG A 54 -30.83 31.44 -6.32
CA ARG A 54 -31.64 31.84 -5.19
C ARG A 54 -32.30 30.67 -4.47
N VAL A 55 -32.60 29.59 -5.16
CA VAL A 55 -33.27 28.43 -4.57
C VAL A 55 -32.56 27.16 -5.01
N VAL A 56 -32.75 26.12 -4.20
CA VAL A 56 -32.22 24.79 -4.47
C VAL A 56 -33.39 23.81 -4.42
N ALA A 57 -33.14 22.57 -4.83
CA ALA A 57 -34.21 21.57 -4.89
C ALA A 57 -34.78 21.27 -3.50
N ASP A 58 -33.92 21.16 -2.49
CA ASP A 58 -34.36 20.80 -1.16
C ASP A 58 -35.17 21.89 -0.47
N ASP A 59 -35.15 23.13 -0.99
CA ASP A 59 -35.87 24.24 -0.38
C ASP A 59 -37.38 24.16 -0.58
N PHE A 60 -37.87 23.25 -1.41
CA PHE A 60 -39.30 23.14 -1.65
C PHE A 60 -39.93 22.17 -0.66
N TYR A 61 -41.08 22.56 -0.13
CA TYR A 61 -41.77 21.76 0.88
C TYR A 61 -42.37 20.48 0.32
N THR A 62 -43.28 20.60 -0.64
CA THR A 62 -43.93 19.41 -1.16
C THR A 62 -42.96 18.61 -2.03
N ARG A 63 -43.05 17.29 -1.91
CA ARG A 63 -42.24 16.41 -2.75
C ARG A 63 -42.46 16.63 -4.24
N PRO A 64 -43.69 16.80 -4.74
CA PRO A 64 -43.84 17.04 -6.19
C PRO A 64 -43.06 18.25 -6.68
N HIS A 65 -43.03 19.34 -5.91
CA HIS A 65 -42.27 20.51 -6.32
C HIS A 65 -40.78 20.23 -6.38
N ARG A 66 -40.26 19.50 -5.39
CA ARG A 66 -38.85 19.15 -5.43
C ARG A 66 -38.51 18.30 -6.64
N HIS A 67 -39.38 17.34 -6.95
CA HIS A 67 -39.16 16.48 -8.10
C HIS A 67 -39.22 17.27 -9.40
N ILE A 68 -40.18 18.20 -9.50
CA ILE A 68 -40.28 19.06 -10.69
C ILE A 68 -39.01 19.87 -10.86
N PHE A 69 -38.52 20.46 -9.78
CA PHE A 69 -37.31 21.26 -9.86
C PHE A 69 -36.11 20.42 -10.28
N THR A 70 -36.01 19.21 -9.74
CA THR A 70 -34.90 18.34 -10.12
C THR A 70 -34.95 17.99 -11.61
N GLU A 71 -36.15 17.67 -12.12
CA GLU A 71 -36.28 17.35 -13.54
C GLU A 71 -35.96 18.55 -14.41
N MET A 72 -36.42 19.74 -14.01
CA MET A 72 -36.09 20.95 -14.76
C MET A 72 -34.60 21.25 -14.74
N ALA A 73 -33.94 21.02 -13.60
CA ALA A 73 -32.49 21.22 -13.55
C ALA A 73 -31.78 20.27 -14.49
N ARG A 74 -32.21 19.00 -14.52
CA ARG A 74 -31.61 18.04 -15.44
C ARG A 74 -31.81 18.48 -16.90
N LEU A 75 -33.02 18.91 -17.24
CA LEU A 75 -33.30 19.35 -18.60
C LEU A 75 -32.47 20.57 -18.98
N GLN A 76 -32.36 21.52 -18.06
CA GLN A 76 -31.61 22.74 -18.34
C GLN A 76 -30.14 22.45 -18.50
N GLU A 77 -29.59 21.57 -17.67
CA GLU A 77 -28.19 21.18 -17.81
C GLU A 77 -27.93 20.36 -19.07
N SER A 78 -28.94 19.65 -19.58
CA SER A 78 -28.80 18.92 -20.84
C SER A 78 -29.07 19.78 -22.07
N GLY A 79 -29.46 21.05 -21.90
CA GLY A 79 -29.74 21.90 -23.04
C GLY A 79 -31.15 21.86 -23.58
N SER A 80 -31.98 20.99 -23.09
CA SER A 80 -33.35 20.80 -23.51
C SER A 80 -34.27 21.91 -22.99
N PRO A 81 -35.27 22.26 -23.79
CA PRO A 81 -36.27 23.24 -23.34
C PRO A 81 -37.07 22.73 -22.15
N ILE A 82 -37.52 23.70 -21.35
CA ILE A 82 -38.23 23.45 -20.10
C ILE A 82 -39.69 23.87 -20.24
N ASP A 83 -40.24 23.79 -21.45
CA ASP A 83 -41.64 24.12 -21.60
C ASP A 83 -42.53 23.04 -20.97
N LEU A 84 -43.84 23.30 -21.00
CA LEU A 84 -44.80 22.43 -20.34
C LEU A 84 -44.83 21.02 -20.92
N ILE A 85 -44.85 20.92 -22.24
CA ILE A 85 -45.02 19.63 -22.88
C ILE A 85 -43.81 18.75 -22.63
N THR A 86 -42.61 19.29 -22.85
CA THR A 86 -41.40 18.49 -22.66
C THR A 86 -41.20 18.08 -21.20
N LEU A 87 -41.44 19.01 -20.26
CA LEU A 87 -41.29 18.65 -18.85
C LEU A 87 -42.29 17.58 -18.41
N ALA A 88 -43.56 17.76 -18.79
CA ALA A 88 -44.57 16.77 -18.42
C ALA A 88 -44.31 15.43 -19.07
N GLU A 89 -43.90 15.44 -20.34
CA GLU A 89 -43.59 14.23 -21.07
C GLU A 89 -42.39 13.52 -20.47
N SER A 90 -41.35 14.29 -20.08
CA SER A 90 -40.18 13.69 -19.45
C SER A 90 -40.55 13.04 -18.13
N LEU A 91 -41.40 13.69 -17.34
CA LEU A 91 -41.84 13.07 -16.09
C LEU A 91 -42.64 11.81 -16.39
N GLU A 92 -43.46 11.85 -17.44
CA GLU A 92 -44.30 10.71 -17.80
C GLU A 92 -43.43 9.53 -18.24
N ARG A 93 -42.37 9.80 -19.01
CA ARG A 93 -41.49 8.75 -19.50
C ARG A 93 -40.81 8.00 -18.37
N GLN A 94 -40.37 8.71 -17.33
CA GLN A 94 -39.67 8.11 -16.21
C GLN A 94 -40.64 7.52 -15.19
N GLY A 95 -41.94 7.67 -15.42
CA GLY A 95 -42.98 7.21 -14.52
C GLY A 95 -43.18 8.05 -13.29
N GLN A 96 -42.56 9.23 -13.24
CA GLN A 96 -42.65 10.12 -12.10
C GLN A 96 -43.77 11.15 -12.25
N LEU A 97 -44.52 11.10 -13.35
CA LEU A 97 -45.61 12.05 -13.57
C LEU A 97 -46.74 11.85 -12.56
N ASP A 98 -47.05 10.59 -12.23
CA ASP A 98 -48.15 10.33 -11.31
C ASP A 98 -47.86 10.91 -9.93
N SER A 99 -46.63 10.78 -9.44
CA SER A 99 -46.29 11.31 -8.14
C SER A 99 -46.42 12.83 -8.09
N VAL A 100 -46.00 13.53 -9.15
CA VAL A 100 -46.11 15.00 -9.19
C VAL A 100 -47.54 15.51 -9.14
N GLY A 101 -48.45 14.92 -9.90
CA GLY A 101 -49.83 15.39 -9.91
C GLY A 101 -50.49 15.33 -11.27
N GLY A 102 -49.70 15.05 -12.30
CA GLY A 102 -50.26 14.85 -13.63
C GLY A 102 -50.06 16.00 -14.60
N PHE A 103 -50.31 15.71 -15.88
CA PHE A 103 -50.21 16.74 -16.91
C PHE A 103 -51.23 17.85 -16.68
N ALA A 104 -52.41 17.51 -16.15
CA ALA A 104 -53.40 18.52 -15.82
C ALA A 104 -52.87 19.47 -14.74
N TYR A 105 -52.23 18.92 -13.71
CA TYR A 105 -51.66 19.76 -12.67
C TYR A 105 -50.54 20.65 -13.21
N LEU A 106 -49.69 20.09 -14.08
CA LEU A 106 -48.63 20.90 -14.67
C LEU A 106 -49.20 22.03 -15.52
N ALA A 107 -50.23 21.73 -16.31
CA ALA A 107 -50.85 22.76 -17.13
C ALA A 107 -51.50 23.83 -16.26
N GLU A 108 -52.14 23.43 -15.16
CA GLU A 108 -52.73 24.41 -14.25
C GLU A 108 -51.65 25.31 -13.64
N LEU A 109 -50.52 24.72 -13.24
CA LEU A 109 -49.43 25.53 -12.71
C LEU A 109 -48.90 26.51 -13.76
N SER A 110 -48.76 26.04 -15.00
CA SER A 110 -48.25 26.92 -16.05
C SER A 110 -49.21 28.06 -16.35
N LYS A 111 -50.51 27.77 -16.44
CA LYS A 111 -51.48 28.77 -16.85
C LYS A 111 -51.83 29.76 -15.74
N ASN A 112 -51.89 29.30 -14.48
CA ASN A 112 -52.32 30.19 -13.40
C ASN A 112 -51.35 31.34 -13.19
N THR A 113 -50.05 31.09 -13.31
CA THR A 113 -49.05 32.12 -13.06
C THR A 113 -49.05 33.15 -14.18
N PRO A 114 -49.26 34.43 -13.87
CA PRO A 114 -49.17 35.45 -14.93
C PRO A 114 -47.74 35.59 -15.42
N SER A 115 -47.60 35.98 -16.69
CA SER A 115 -46.29 36.17 -17.29
C SER A 115 -45.50 37.30 -16.65
N ALA A 116 -46.15 38.42 -16.34
CA ALA A 116 -45.47 39.57 -15.74
C ALA A 116 -45.32 39.41 -14.23
N ALA A 117 -44.37 38.55 -13.85
CA ALA A 117 -44.10 38.28 -12.44
C ALA A 117 -42.60 38.34 -12.21
N ASN A 118 -42.21 38.72 -10.99
CA ASN A 118 -40.81 38.78 -10.60
C ASN A 118 -40.47 37.49 -9.86
N ILE A 119 -39.85 36.57 -10.60
CA ILE A 119 -39.52 35.25 -10.04
C ILE A 119 -38.48 35.36 -8.93
N SER A 120 -37.63 36.39 -8.98
CA SER A 120 -36.58 36.54 -7.97
C SER A 120 -37.15 36.74 -6.57
N ALA A 121 -38.20 37.55 -6.43
CA ALA A 121 -38.79 37.77 -5.11
C ALA A 121 -39.36 36.48 -4.53
N TYR A 122 -40.08 35.71 -5.36
CA TYR A 122 -40.64 34.46 -4.90
C TYR A 122 -39.55 33.45 -4.55
N ALA A 123 -38.48 33.42 -5.36
CA ALA A 123 -37.37 32.53 -5.07
C ALA A 123 -36.70 32.89 -3.75
N ASP A 124 -36.52 34.19 -3.48
CA ASP A 124 -35.97 34.63 -2.21
C ASP A 124 -36.86 34.26 -1.04
N ILE A 125 -38.19 34.37 -1.21
CA ILE A 125 -39.10 33.97 -0.14
C ILE A 125 -38.95 32.49 0.15
N VAL A 126 -38.88 31.67 -0.90
CA VAL A 126 -38.71 30.23 -0.71
C VAL A 126 -37.37 29.93 -0.04
N ARG A 127 -36.32 30.64 -0.42
CA ARG A 127 -35.01 30.47 0.19
C ARG A 127 -35.05 30.77 1.68
N GLU A 128 -35.72 31.86 2.06
CA GLU A 128 -35.82 32.25 3.47
C GLU A 128 -36.61 31.24 4.29
N ARG A 129 -37.68 30.70 3.69
CA ARG A 129 -38.50 29.72 4.39
C ARG A 129 -37.72 28.44 4.71
N ALA A 130 -36.85 27.99 3.81
CA ALA A 130 -36.05 26.80 4.10
C ALA A 130 -35.12 27.03 5.30
N VAL A 131 -34.51 28.21 5.39
CA VAL A 131 -33.65 28.51 6.53
C VAL A 131 -34.45 28.51 7.82
N VAL A 132 -35.65 29.12 7.80
CA VAL A 132 -36.48 29.14 9.01
C VAL A 132 -36.89 27.72 9.40
N ARG A 133 -37.25 26.89 8.41
CA ARG A 133 -37.63 25.51 8.69
C ARG A 133 -36.47 24.73 9.29
N GLU A 134 -35.26 24.93 8.77
CA GLU A 134 -34.10 24.25 9.33
C GLU A 134 -33.84 24.70 10.76
N MET A 135 -34.03 26.00 11.03
CA MET A 135 -33.87 26.49 12.40
C MET A 135 -34.86 25.82 13.35
N ILE A 136 -36.12 25.70 12.91
CA ILE A 136 -37.13 25.06 13.76
C ILE A 136 -36.80 23.59 13.97
N SER A 137 -36.30 22.92 12.93
CA SER A 137 -35.92 21.51 13.08
C SER A 137 -34.78 21.37 14.07
N VAL A 138 -33.80 22.27 14.02
CA VAL A 138 -32.68 22.20 14.96
C VAL A 138 -33.14 22.45 16.39
N ALA A 139 -34.05 23.41 16.57
CA ALA A 139 -34.58 23.65 17.92
C ALA A 139 -35.31 22.42 18.46
N ASN A 140 -36.13 21.78 17.63
CA ASN A 140 -36.81 20.56 18.07
C ASN A 140 -35.83 19.44 18.40
N GLU A 141 -34.78 19.28 17.58
CA GLU A 141 -33.77 18.27 17.88
C GLU A 141 -33.08 18.54 19.22
N ILE A 142 -32.74 19.81 19.48
CA ILE A 142 -32.10 20.14 20.73
C ILE A 142 -33.01 19.84 21.92
N ALA A 143 -34.29 20.22 21.82
CA ALA A 143 -35.21 19.94 22.92
C ALA A 143 -35.37 18.44 23.14
N GLU A 144 -35.50 17.67 22.06
CA GLU A 144 -35.65 16.22 22.21
C GLU A 144 -34.42 15.59 22.82
N ALA A 145 -33.23 16.04 22.40
CA ALA A 145 -31.99 15.53 22.99
C ALA A 145 -31.88 15.91 24.46
N GLY A 146 -32.32 17.10 24.84
CA GLY A 146 -32.29 17.48 26.24
C GLY A 146 -33.22 16.64 27.09
N PHE A 147 -34.42 16.34 26.59
CA PHE A 147 -35.36 15.54 27.37
C PHE A 147 -34.82 14.13 27.60
N ASP A 148 -34.19 13.54 26.59
CA ASP A 148 -33.69 12.16 26.64
C ASP A 148 -32.20 12.26 26.35
N PRO A 149 -31.39 12.50 27.39
CA PRO A 149 -29.94 12.65 27.18
C PRO A 149 -29.26 11.45 26.57
N GLN A 150 -29.69 10.24 26.89
CA GLN A 150 -29.03 9.02 26.39
C GLN A 150 -27.55 9.02 26.77
N GLY A 151 -27.26 9.48 27.98
CA GLY A 151 -25.92 9.53 28.53
C GLY A 151 -25.06 10.71 28.11
N ARG A 152 -25.55 11.61 27.27
CA ARG A 152 -24.74 12.77 26.90
C ARG A 152 -24.60 13.74 28.07
N THR A 153 -23.45 14.42 28.11
CA THR A 153 -23.15 15.44 29.10
C THR A 153 -23.73 16.79 28.65
N SER A 154 -23.80 17.73 29.60
CA SER A 154 -24.28 19.07 29.28
C SER A 154 -23.33 19.77 28.31
N GLU A 155 -22.03 19.56 28.49
CA GLU A 155 -21.06 20.20 27.61
C GLU A 155 -21.25 19.72 26.17
N ASP A 156 -21.51 18.43 26.01
CA ASP A 156 -21.74 17.87 24.68
C ASP A 156 -23.00 18.47 24.07
N LEU A 157 -24.06 18.63 24.86
CA LEU A 157 -25.28 19.25 24.34
C LEU A 157 -25.04 20.70 23.95
N LEU A 158 -24.28 21.45 24.75
CA LEU A 158 -23.97 22.84 24.39
C LEU A 158 -23.18 22.91 23.09
N ASP A 159 -22.17 22.04 22.95
CA ASP A 159 -21.40 21.99 21.71
C ASP A 159 -22.29 21.62 20.54
N LEU A 160 -23.19 20.66 20.76
CA LEU A 160 -24.11 20.24 19.71
C LEU A 160 -25.00 21.40 19.26
N ALA A 161 -25.54 22.16 20.22
CA ALA A 161 -26.40 23.29 19.87
C ALA A 161 -25.63 24.35 19.10
N GLU A 162 -24.40 24.65 19.55
CA GLU A 162 -23.57 25.62 18.84
C GLU A 162 -23.30 25.17 17.41
N SER A 163 -22.96 23.88 17.24
CA SER A 163 -22.70 23.34 15.91
C SER A 163 -23.95 23.41 15.04
N ARG A 164 -25.11 23.06 15.62
CA ARG A 164 -26.35 23.10 14.86
C ARG A 164 -26.67 24.49 14.36
N VAL A 165 -26.51 25.51 15.22
CA VAL A 165 -26.81 26.87 14.77
C VAL A 165 -25.77 27.34 13.74
N PHE A 166 -24.51 26.98 13.94
CA PHE A 166 -23.47 27.46 13.04
C PHE A 166 -23.60 26.81 11.67
N LYS A 167 -24.12 25.58 11.62
CA LYS A 167 -24.37 24.95 10.34
C LYS A 167 -25.37 25.74 9.52
N ILE A 168 -26.47 26.17 10.14
CA ILE A 168 -27.46 26.99 9.44
C ILE A 168 -26.85 28.33 9.03
N ALA A 169 -26.03 28.91 9.92
CA ALA A 169 -25.43 30.19 9.59
C ALA A 169 -24.51 30.05 8.37
N GLU A 170 -23.75 28.96 8.28
CA GLU A 170 -22.87 28.86 7.13
C GLU A 170 -23.68 28.47 5.91
N SER A 171 -24.79 27.74 6.11
CA SER A 171 -25.61 27.35 4.99
C SER A 171 -26.15 28.58 4.29
N ARG A 172 -26.40 29.65 5.06
CA ARG A 172 -26.86 30.90 4.50
C ARG A 172 -25.71 31.89 4.27
N ALA A 173 -24.48 31.50 4.58
CA ALA A 173 -23.32 32.37 4.39
C ALA A 173 -22.49 31.98 3.17
N ASN A 174 -23.16 31.54 2.10
CA ASN A 174 -22.47 31.21 0.85
C ASN A 174 -22.83 32.15 -0.29
N LYS A 175 -23.76 33.09 -0.08
CA LYS A 175 -24.16 34.01 -1.14
C LYS A 175 -23.15 35.14 -1.34
N ASP A 176 -22.25 35.35 -0.37
CA ASP A 176 -21.30 36.45 -0.44
C ASP A 176 -20.21 36.24 -1.47
N GLU A 177 -20.08 35.04 -2.03
CA GLU A 177 -19.04 34.73 -3.00
C GLU A 177 -19.65 34.64 -4.39
N GLY A 178 -19.07 35.39 -5.33
CA GLY A 178 -19.53 35.39 -6.70
C GLY A 178 -18.74 36.32 -7.58
N PRO A 179 -19.08 36.37 -8.87
CA PRO A 179 -18.37 37.26 -9.79
C PRO A 179 -18.66 38.73 -9.48
N LYS A 180 -17.71 39.58 -9.84
CA LYS A 180 -17.80 41.01 -9.60
C LYS A 180 -17.55 41.77 -10.90
N ASN A 181 -18.08 42.99 -10.97
CA ASN A 181 -17.93 43.82 -12.15
C ASN A 181 -16.47 44.24 -12.31
N ILE A 182 -15.99 44.21 -13.57
CA ILE A 182 -14.58 44.52 -13.84
C ILE A 182 -14.28 45.97 -13.48
N ALA A 183 -15.13 46.90 -13.92
CA ALA A 183 -14.87 48.31 -13.69
C ALA A 183 -14.90 48.65 -12.20
N ASP A 184 -15.86 48.08 -11.47
CA ASP A 184 -15.93 48.31 -10.04
C ASP A 184 -14.70 47.77 -9.33
N VAL A 185 -14.25 46.58 -9.73
CA VAL A 185 -13.04 46.00 -9.13
C VAL A 185 -11.84 46.89 -9.41
N LEU A 186 -11.72 47.37 -10.64
CA LEU A 186 -10.61 48.25 -10.99
C LEU A 186 -10.65 49.54 -10.18
N ASP A 187 -11.82 50.14 -10.04
CA ASP A 187 -11.94 51.38 -9.28
C ASP A 187 -11.60 51.15 -7.82
N ALA A 188 -12.08 50.04 -7.25
CA ALA A 188 -11.76 49.73 -5.86
C ALA A 188 -10.26 49.50 -5.69
N THR A 189 -9.63 48.82 -6.66
CA THR A 189 -8.20 48.59 -6.58
C THR A 189 -7.43 49.90 -6.63
N VAL A 190 -7.83 50.82 -7.51
CA VAL A 190 -7.17 52.12 -7.59
C VAL A 190 -7.33 52.88 -6.29
N ALA A 191 -8.55 52.86 -5.73
CA ALA A 191 -8.79 53.54 -4.46
C ALA A 191 -7.94 52.95 -3.35
N ARG A 192 -7.82 51.62 -3.32
CA ARG A 192 -7.00 50.97 -2.29
C ARG A 192 -5.52 51.35 -2.45
N ILE A 193 -5.03 51.37 -3.69
CA ILE A 193 -3.64 51.75 -3.93
C ILE A 193 -3.40 53.18 -3.45
N GLU A 194 -4.33 54.09 -3.78
CA GLU A 194 -4.19 55.48 -3.37
C GLU A 194 -4.23 55.60 -1.85
N GLN A 195 -5.14 54.88 -1.19
CA GLN A 195 -5.25 54.93 0.26
C GLN A 195 -3.98 54.42 0.94
N LEU A 196 -3.43 53.31 0.43
CA LEU A 196 -2.19 52.79 0.99
C LEU A 196 -1.06 53.81 0.83
N PHE A 197 -0.98 54.45 -0.32
CA PHE A 197 0.00 55.52 -0.50
C PHE A 197 -0.41 56.80 0.22
N GLN A 198 -1.67 56.91 0.63
CA GLN A 198 -2.11 58.09 1.37
C GLN A 198 -1.72 58.00 2.84
N GLN A 199 -2.20 56.97 3.53
CA GLN A 199 -1.87 56.76 4.93
C GLN A 199 -0.57 55.98 5.05
N PRO A 200 0.54 56.63 5.39
CA PRO A 200 1.83 55.94 5.37
C PRO A 200 1.95 54.82 6.39
N HIS A 201 1.79 55.14 7.68
CA HIS A 201 2.00 54.20 8.78
C HIS A 201 3.36 53.51 8.68
N ASP A 202 4.28 54.14 7.96
CA ASP A 202 5.64 53.67 7.73
C ASP A 202 5.67 52.26 7.13
N GLY A 203 4.76 52.01 6.18
CA GLY A 203 4.69 50.72 5.53
C GLY A 203 3.88 49.63 6.22
N VAL A 204 3.19 49.93 7.31
CA VAL A 204 2.41 48.90 8.00
C VAL A 204 0.92 49.17 7.90
N THR A 205 0.20 48.23 7.29
CA THR A 205 -1.25 48.36 7.18
C THR A 205 -2.01 47.44 8.12
N GLY A 206 -1.49 46.23 8.39
CA GLY A 206 -2.10 45.29 9.29
C GLY A 206 -1.57 45.40 10.71
N VAL A 207 -1.65 44.30 11.43
CA VAL A 207 -1.15 44.23 12.80
C VAL A 207 0.38 44.26 12.75
N ASN A 208 0.97 45.16 13.54
CA ASN A 208 2.42 45.29 13.53
C ASN A 208 3.10 44.04 14.06
N THR A 209 4.10 43.56 13.32
CA THR A 209 4.84 42.37 13.68
C THR A 209 5.99 42.67 14.64
N GLY A 210 6.30 43.94 14.85
CA GLY A 210 7.40 44.30 15.73
C GLY A 210 8.76 44.22 15.09
N TYR A 211 8.85 43.82 13.82
CA TYR A 211 10.11 43.75 13.10
C TYR A 211 10.01 44.58 11.84
N ASP A 212 11.04 45.40 11.59
CA ASP A 212 10.96 46.39 10.52
C ASP A 212 10.89 45.71 9.15
N ASP A 213 11.82 44.77 8.89
CA ASP A 213 11.84 44.13 7.58
C ASP A 213 10.58 43.31 7.34
N LEU A 214 10.11 42.59 8.37
CA LEU A 214 8.88 41.82 8.21
C LEU A 214 7.69 42.73 7.98
N ASN A 215 7.64 43.87 8.66
CA ASN A 215 6.59 44.85 8.41
C ASN A 215 6.64 45.35 6.98
N LYS A 216 7.85 45.65 6.49
CA LYS A 216 7.98 46.15 5.12
C LYS A 216 7.54 45.11 4.10
N LYS A 217 7.89 43.85 4.32
CA LYS A 217 7.56 42.81 3.36
C LYS A 217 6.13 42.29 3.52
N THR A 218 5.47 42.63 4.62
CA THR A 218 4.14 42.11 4.88
C THR A 218 3.09 43.19 5.10
N ALA A 219 3.52 44.44 5.34
CA ALA A 219 2.61 45.52 5.70
C ALA A 219 1.79 45.14 6.93
N GLY A 220 2.45 44.52 7.91
CA GLY A 220 1.79 44.04 9.10
C GLY A 220 1.05 42.74 8.88
N LEU A 221 0.36 42.30 9.93
CA LEU A 221 -0.46 41.10 9.87
C LEU A 221 -1.88 41.51 9.51
N GLN A 222 -2.33 41.10 8.33
CA GLN A 222 -3.60 41.58 7.82
C GLN A 222 -4.75 40.89 8.53
N PRO A 223 -5.73 41.64 9.03
CA PRO A 223 -6.90 41.03 9.67
C PRO A 223 -7.69 40.20 8.67
N SER A 224 -8.40 39.19 9.19
CA SER A 224 -9.19 38.23 8.43
C SER A 224 -8.33 37.34 7.55
N ASP A 225 -7.03 37.21 7.83
CA ASP A 225 -6.17 36.36 7.05
C ASP A 225 -5.56 35.26 7.90
N LEU A 226 -5.56 34.04 7.36
CA LEU A 226 -4.99 32.87 8.02
C LEU A 226 -3.48 32.85 7.80
N ILE A 227 -2.73 32.75 8.87
CA ILE A 227 -1.27 32.75 8.83
C ILE A 227 -0.77 31.41 9.34
N ILE A 228 0.11 30.76 8.58
CA ILE A 228 0.67 29.47 8.92
C ILE A 228 2.17 29.65 9.13
N VAL A 229 2.67 29.14 10.24
CA VAL A 229 4.11 29.10 10.54
C VAL A 229 4.54 27.65 10.60
N ALA A 230 5.49 27.27 9.76
CA ALA A 230 5.94 25.89 9.63
C ALA A 230 7.45 25.83 9.73
N ALA A 231 7.97 24.74 10.27
CA ALA A 231 9.41 24.55 10.40
C ALA A 231 9.70 23.14 10.89
N ARG A 232 10.96 22.74 10.78
CA ARG A 232 11.42 21.50 11.37
C ARG A 232 11.54 21.64 12.89
N PRO A 233 11.61 20.52 13.62
CA PRO A 233 11.75 20.59 15.07
C PRO A 233 13.02 21.33 15.48
N SER A 234 12.91 22.05 16.61
CA SER A 234 13.97 22.83 17.24
C SER A 234 14.41 24.02 16.40
N MET A 235 13.54 24.58 15.57
CA MET A 235 13.93 25.74 14.77
C MET A 235 13.54 27.06 15.41
N GLY A 236 12.91 27.04 16.58
CA GLY A 236 12.44 28.28 17.17
C GLY A 236 11.04 28.67 16.77
N LYS A 237 10.20 27.71 16.37
CA LYS A 237 8.86 28.03 15.91
C LYS A 237 8.01 28.61 17.04
N THR A 238 7.98 27.91 18.18
CA THR A 238 7.25 28.45 19.33
C THR A 238 7.88 29.76 19.80
N THR A 239 9.22 29.83 19.76
CA THR A 239 9.90 31.06 20.15
C THR A 239 9.51 32.21 19.25
N PHE A 240 9.49 31.98 17.94
CA PHE A 240 9.14 33.04 17.00
C PHE A 240 7.68 33.46 17.18
N ALA A 241 6.79 32.49 17.38
CA ALA A 241 5.39 32.82 17.59
C ALA A 241 5.20 33.63 18.87
N MET A 242 5.90 33.26 19.94
CA MET A 242 5.79 34.02 21.18
C MET A 242 6.37 35.42 21.04
N ASN A 243 7.46 35.56 20.29
CA ASN A 243 7.98 36.90 20.05
C ASN A 243 6.98 37.76 19.29
N LEU A 244 6.32 37.19 18.27
CA LEU A 244 5.28 37.92 17.56
C LEU A 244 4.14 38.29 18.49
N VAL A 245 3.72 37.37 19.35
CA VAL A 245 2.61 37.64 20.27
C VAL A 245 2.98 38.77 21.22
N GLU A 246 4.19 38.72 21.78
CA GLU A 246 4.62 39.74 22.73
C GLU A 246 4.73 41.10 22.05
N ASN A 247 5.26 41.12 20.83
CA ASN A 247 5.35 42.38 20.11
C ASN A 247 3.97 42.95 19.82
N ALA A 248 3.02 42.09 19.42
CA ALA A 248 1.67 42.56 19.15
C ALA A 248 1.01 43.10 20.42
N ALA A 249 1.23 42.42 21.54
CA ALA A 249 0.68 42.91 22.81
C ALA A 249 1.28 44.24 23.23
N MET A 250 2.59 44.42 23.06
CA MET A 250 3.23 45.66 23.47
C MET A 250 2.93 46.80 22.51
N LEU A 251 2.61 46.50 21.26
CA LEU A 251 2.39 47.54 20.27
C LEU A 251 0.93 47.78 19.95
N GLN A 252 0.00 47.25 20.74
CA GLN A 252 -1.43 47.46 20.49
C GLN A 252 -2.18 47.56 21.81
N ASP A 253 -3.50 47.54 21.72
CA ASP A 253 -4.38 47.61 22.87
C ASP A 253 -5.40 46.49 22.91
N LYS A 254 -5.71 45.88 21.77
CA LYS A 254 -6.66 44.79 21.75
C LYS A 254 -6.05 43.55 22.39
N PRO A 255 -6.88 42.71 23.02
CA PRO A 255 -6.36 41.50 23.66
C PRO A 255 -5.74 40.55 22.65
N VAL A 256 -4.76 39.77 23.11
CA VAL A 256 -4.09 38.76 22.30
C VAL A 256 -4.29 37.41 22.99
N LEU A 257 -4.77 36.44 22.22
CA LEU A 257 -5.14 35.13 22.73
C LEU A 257 -4.15 34.08 22.24
N ILE A 258 -3.79 33.16 23.11
CA ILE A 258 -2.82 32.12 22.81
C ILE A 258 -3.48 30.77 23.08
N PHE A 259 -3.41 29.88 22.10
CA PHE A 259 -3.84 28.49 22.26
C PHE A 259 -2.61 27.60 22.17
N SER A 260 -2.25 26.98 23.28
CA SER A 260 -1.05 26.15 23.38
C SER A 260 -1.51 24.74 23.73
N LEU A 261 -1.47 23.84 22.75
CA LEU A 261 -1.80 22.45 23.00
C LEU A 261 -0.59 21.61 23.35
N GLU A 262 0.59 22.22 23.42
CA GLU A 262 1.79 21.42 23.65
C GLU A 262 2.52 21.81 24.92
N MET A 263 2.27 23.01 25.46
CA MET A 263 2.97 23.43 26.66
C MET A 263 2.01 23.93 27.72
N PRO A 264 2.30 23.70 28.99
CA PRO A 264 1.56 24.39 30.04
C PRO A 264 1.88 25.87 30.05
N SER A 265 0.93 26.66 30.56
CA SER A 265 1.04 28.11 30.49
C SER A 265 2.22 28.64 31.29
N GLU A 266 2.64 27.90 32.31
CA GLU A 266 3.75 28.36 33.15
C GLU A 266 5.06 28.40 32.38
N GLN A 267 5.33 27.37 31.57
CA GLN A 267 6.53 27.40 30.74
C GLN A 267 6.47 28.52 29.72
N ILE A 268 5.30 28.77 29.15
CA ILE A 268 5.13 29.88 28.23
C ILE A 268 5.45 31.20 28.91
N MET A 269 4.95 31.39 30.13
CA MET A 269 5.22 32.63 30.84
C MET A 269 6.68 32.75 31.21
N MET A 270 7.34 31.64 31.55
CA MET A 270 8.77 31.69 31.85
C MET A 270 9.56 32.08 30.61
N ARG A 271 9.20 31.50 29.46
CA ARG A 271 9.86 31.87 28.21
C ARG A 271 9.63 33.34 27.90
N SER A 272 8.41 33.83 28.15
CA SER A 272 8.11 35.23 27.90
C SER A 272 8.91 36.14 28.82
N LEU A 273 9.07 35.75 30.08
CA LEU A 273 9.88 36.53 31.00
C LEU A 273 11.33 36.57 30.55
N ALA A 274 11.86 35.43 30.09
CA ALA A 274 13.22 35.42 29.59
C ALA A 274 13.38 36.34 28.38
N SER A 275 12.38 36.33 27.49
CA SER A 275 12.46 37.14 26.27
C SER A 275 12.36 38.62 26.60
N LEU A 276 11.37 38.99 27.41
CA LEU A 276 11.12 40.40 27.68
C LEU A 276 12.19 41.01 28.58
N SER A 277 12.60 40.30 29.62
CA SER A 277 13.58 40.85 30.54
C SER A 277 15.01 40.67 30.04
N ARG A 278 15.21 39.97 28.93
CA ARG A 278 16.53 39.74 28.37
C ARG A 278 17.46 39.09 29.39
N VAL A 279 16.91 38.15 30.15
CA VAL A 279 17.65 37.36 31.12
C VAL A 279 17.76 35.93 30.61
N ASP A 280 18.87 35.27 30.96
CA ASP A 280 19.10 33.91 30.49
C ASP A 280 17.98 32.98 30.96
N GLN A 281 17.47 32.17 30.02
CA GLN A 281 16.35 31.29 30.33
C GLN A 281 16.75 30.22 31.33
N THR A 282 17.97 29.69 31.20
CA THR A 282 18.43 28.67 32.14
C THR A 282 18.50 29.21 33.56
N LYS A 283 18.95 30.45 33.73
CA LYS A 283 18.97 31.05 35.06
C LYS A 283 17.57 31.14 35.65
N ILE A 284 16.59 31.54 34.84
CA ILE A 284 15.21 31.64 35.32
C ILE A 284 14.69 30.26 35.69
N ARG A 285 14.98 29.27 34.86
CA ARG A 285 14.48 27.91 35.09
C ARG A 285 15.09 27.31 36.35
N THR A 286 16.38 27.54 36.59
CA THR A 286 17.06 27.01 37.76
C THR A 286 17.00 27.94 38.97
N GLY A 287 16.52 29.17 38.79
CA GLY A 287 16.39 30.07 39.92
C GLY A 287 17.63 30.86 40.27
N GLN A 288 18.70 30.74 39.49
CA GLN A 288 19.93 31.47 39.79
C GLN A 288 19.88 32.88 39.20
N LEU A 289 19.17 33.74 39.92
CA LEU A 289 18.94 35.12 39.50
C LEU A 289 19.48 36.07 40.56
N ASP A 290 20.12 37.14 40.11
CA ASP A 290 20.63 38.17 41.01
C ASP A 290 19.60 39.29 41.14
N ASP A 291 20.01 40.34 41.84
CA ASP A 291 19.08 41.43 42.18
C ASP A 291 18.58 42.14 40.94
N GLU A 292 19.47 42.42 39.98
CA GLU A 292 19.05 43.11 38.76
C GLU A 292 18.10 42.26 37.93
N ASP A 293 18.32 40.95 37.87
CA ASP A 293 17.38 40.08 37.17
C ASP A 293 16.00 40.11 37.82
N TRP A 294 15.97 40.09 39.16
CA TRP A 294 14.69 40.18 39.86
C TRP A 294 14.01 41.51 39.60
N ALA A 295 14.79 42.59 39.56
CA ALA A 295 14.23 43.90 39.26
C ALA A 295 13.64 43.94 37.85
N ARG A 296 14.36 43.37 36.89
CA ARG A 296 13.86 43.33 35.52
C ARG A 296 12.56 42.52 35.46
N ILE A 297 12.52 41.39 36.17
CA ILE A 297 11.32 40.55 36.16
C ILE A 297 10.15 41.31 36.80
N SER A 298 10.43 42.05 37.87
CA SER A 298 9.40 42.85 38.50
C SER A 298 8.87 43.92 37.54
N GLY A 299 9.78 44.57 36.81
CA GLY A 299 9.36 45.56 35.82
C GLY A 299 8.50 44.95 34.73
N THR A 300 8.91 43.79 34.22
CA THR A 300 8.14 43.10 33.20
C THR A 300 6.75 42.75 33.71
N MET A 301 6.67 42.22 34.94
CA MET A 301 5.38 41.87 35.52
C MET A 301 4.51 43.10 35.70
N GLY A 302 5.13 44.21 36.11
CA GLY A 302 4.38 45.46 36.25
C GLY A 302 3.82 45.93 34.93
N ILE A 303 4.62 45.87 33.87
CA ILE A 303 4.14 46.29 32.56
C ILE A 303 2.99 45.38 32.11
N LEU A 304 3.15 44.08 32.30
CA LEU A 304 2.11 43.14 31.88
C LEU A 304 0.82 43.38 32.66
N LEU A 305 0.92 43.62 33.96
CA LEU A 305 -0.26 43.88 34.77
C LEU A 305 -0.88 45.24 34.49
N GLU A 306 -0.08 46.19 34.01
CA GLU A 306 -0.67 47.48 33.61
C GLU A 306 -1.42 47.32 32.30
N LYS A 307 -0.85 46.57 31.36
CA LYS A 307 -1.51 46.37 30.08
C LYS A 307 -2.73 45.47 30.22
N ARG A 308 -2.51 44.23 30.67
CA ARG A 308 -3.57 43.24 30.88
C ARG A 308 -4.40 42.99 29.62
N ASN A 309 -3.74 42.55 28.55
CA ASN A 309 -4.42 42.17 27.32
C ASN A 309 -3.89 40.87 26.73
N ILE A 310 -3.38 39.96 27.55
CA ILE A 310 -2.90 38.67 27.07
C ILE A 310 -3.67 37.56 27.77
N TYR A 311 -4.19 36.62 26.99
CA TYR A 311 -4.93 35.48 27.53
C TYR A 311 -4.27 34.21 27.01
N ILE A 312 -4.10 33.22 27.88
CA ILE A 312 -3.40 31.99 27.55
C ILE A 312 -4.30 30.81 27.87
N ASP A 313 -4.36 29.85 26.95
CA ASP A 313 -5.14 28.63 27.15
C ASP A 313 -4.25 27.44 26.83
N ASP A 314 -3.88 26.68 27.85
CA ASP A 314 -2.99 25.53 27.70
C ASP A 314 -3.75 24.20 27.77
N SER A 315 -5.00 24.17 27.32
CA SER A 315 -5.76 22.93 27.30
C SER A 315 -5.18 21.97 26.27
N SER A 316 -5.24 20.68 26.57
CA SER A 316 -4.76 19.65 25.67
C SER A 316 -5.93 19.03 24.90
N GLY A 317 -5.62 18.56 23.69
CA GLY A 317 -6.64 17.96 22.86
C GLY A 317 -7.74 18.91 22.44
N LEU A 318 -7.38 20.13 22.03
CA LEU A 318 -8.37 21.13 21.67
C LEU A 318 -9.10 20.73 20.39
N THR A 319 -10.36 21.11 20.31
CA THR A 319 -11.12 20.97 19.08
C THR A 319 -11.40 22.35 18.48
N PRO A 320 -11.61 22.42 17.17
CA PRO A 320 -11.89 23.73 16.55
C PRO A 320 -13.09 24.44 17.14
N THR A 321 -14.11 23.70 17.57
CA THR A 321 -15.27 24.34 18.18
C THR A 321 -14.90 25.07 19.45
N GLU A 322 -14.10 24.44 20.32
CA GLU A 322 -13.69 25.12 21.56
C GLU A 322 -12.85 26.35 21.27
N VAL A 323 -11.92 26.24 20.33
CA VAL A 323 -11.07 27.38 19.97
C VAL A 323 -11.94 28.54 19.46
N ARG A 324 -12.87 28.23 18.56
CA ARG A 324 -13.72 29.26 17.98
C ARG A 324 -14.60 29.89 19.04
N SER A 325 -15.15 29.07 19.95
CA SER A 325 -16.02 29.60 20.99
C SER A 325 -15.26 30.52 21.94
N ARG A 326 -14.06 30.11 22.34
CA ARG A 326 -13.26 30.94 23.25
C ARG A 326 -12.83 32.23 22.57
N ALA A 327 -12.47 32.17 21.29
CA ALA A 327 -12.13 33.40 20.56
C ALA A 327 -13.33 34.34 20.48
N ARG A 328 -14.51 33.78 20.20
CA ARG A 328 -15.72 34.59 20.13
C ARG A 328 -16.03 35.23 21.48
N ARG A 329 -15.84 34.46 22.56
CA ARG A 329 -16.11 34.99 23.89
C ARG A 329 -15.15 36.13 24.24
N ILE A 330 -13.87 35.97 23.91
CA ILE A 330 -12.92 37.04 24.17
C ILE A 330 -13.27 38.29 23.37
N ALA A 331 -13.59 38.12 22.08
CA ALA A 331 -13.92 39.29 21.25
C ALA A 331 -15.19 39.98 21.75
N ARG A 332 -16.19 39.19 22.16
CA ARG A 332 -17.40 39.76 22.73
C ARG A 332 -17.12 40.51 24.02
N GLU A 333 -16.28 39.95 24.91
CA GLU A 333 -16.02 40.57 26.20
C GLU A 333 -15.23 41.86 26.05
N HIS A 334 -14.31 41.92 25.09
CA HIS A 334 -13.40 43.05 24.99
C HIS A 334 -13.56 43.85 23.70
N GLY A 335 -14.52 43.50 22.85
CA GLY A 335 -14.75 44.25 21.63
C GLY A 335 -13.61 44.26 20.63
N GLY A 336 -13.00 43.11 20.39
CA GLY A 336 -11.94 43.02 19.40
C GLY A 336 -10.76 42.20 19.86
N ILE A 337 -10.13 41.50 18.91
CA ILE A 337 -8.95 40.68 19.17
C ILE A 337 -7.81 41.17 18.29
N GLY A 338 -6.66 41.42 18.92
CA GLY A 338 -5.50 41.85 18.18
C GLY A 338 -4.94 40.73 17.33
N LEU A 339 -4.85 39.53 17.90
CA LEU A 339 -4.18 38.41 17.25
C LEU A 339 -4.56 37.13 17.97
N ILE A 340 -4.66 36.04 17.21
CA ILE A 340 -4.93 34.72 17.75
C ILE A 340 -3.77 33.82 17.34
N MET A 341 -3.28 33.02 18.28
CA MET A 341 -2.15 32.14 18.02
C MET A 341 -2.50 30.72 18.48
N ILE A 342 -2.21 29.75 17.62
CA ILE A 342 -2.49 28.34 17.88
C ILE A 342 -1.19 27.57 17.65
N ASP A 343 -0.85 26.72 18.62
CA ASP A 343 0.40 25.96 18.62
C ASP A 343 0.15 24.60 19.28
N TYR A 344 0.04 23.55 18.47
CA TYR A 344 0.06 23.68 17.02
C TYR A 344 -1.05 22.82 16.43
N LEU A 345 -1.35 23.03 15.14
CA LEU A 345 -2.58 22.49 14.59
C LEU A 345 -2.48 20.98 14.33
N GLN A 346 -1.27 20.43 14.39
CA GLN A 346 -1.12 18.99 14.23
C GLN A 346 -1.65 18.22 15.44
N LEU A 347 -1.87 18.91 16.56
CA LEU A 347 -2.41 18.31 17.76
C LEU A 347 -3.92 18.48 17.88
N MET A 348 -4.55 19.15 16.93
CA MET A 348 -5.99 19.36 17.02
C MET A 348 -6.70 18.10 16.54
N ARG A 349 -7.96 17.95 16.93
CA ARG A 349 -8.72 16.76 16.58
C ARG A 349 -10.11 17.16 16.08
N VAL A 350 -10.62 16.36 15.14
CA VAL A 350 -12.01 16.37 14.73
C VAL A 350 -12.57 14.97 14.93
N PRO A 351 -13.38 14.75 15.96
CA PRO A 351 -13.83 13.39 16.27
C PRO A 351 -14.58 12.71 15.14
N ALA A 352 -15.35 13.49 14.35
CA ALA A 352 -16.15 12.89 13.29
C ALA A 352 -15.29 12.35 12.15
N LEU A 353 -14.05 12.82 11.99
CA LEU A 353 -13.20 12.41 10.89
C LEU A 353 -11.88 11.79 11.36
N SER A 354 -11.89 11.08 12.49
CA SER A 354 -10.64 10.53 13.01
C SER A 354 -10.09 9.43 12.11
N ASP A 355 -10.95 8.85 11.26
CA ASP A 355 -10.53 7.76 10.38
C ASP A 355 -9.47 8.19 9.37
N ASN A 356 -9.63 9.37 8.77
CA ASN A 356 -8.71 9.90 7.76
C ASN A 356 -8.12 11.20 8.29
N ARG A 357 -6.79 11.31 8.26
CA ARG A 357 -6.13 12.51 8.75
C ARG A 357 -6.26 13.67 7.77
N THR A 358 -6.25 13.39 6.47
CA THR A 358 -6.38 14.46 5.48
C THR A 358 -7.72 15.17 5.60
N LEU A 359 -8.80 14.42 5.76
CA LEU A 359 -10.11 15.03 5.95
C LEU A 359 -10.15 15.84 7.25
N GLU A 360 -9.52 15.33 8.30
CA GLU A 360 -9.45 16.07 9.56
C GLU A 360 -8.74 17.40 9.37
N ILE A 361 -7.61 17.37 8.66
CA ILE A 361 -6.85 18.59 8.39
C ILE A 361 -7.67 19.57 7.57
N ALA A 362 -8.38 19.06 6.56
CA ALA A 362 -9.20 19.95 5.73
C ALA A 362 -10.31 20.60 6.56
N GLU A 363 -10.95 19.82 7.44
CA GLU A 363 -11.98 20.39 8.30
C GLU A 363 -11.40 21.44 9.24
N ILE A 364 -10.22 21.16 9.79
CA ILE A 364 -9.57 22.12 10.69
C ILE A 364 -9.26 23.42 9.95
N SER A 365 -8.71 23.30 8.74
CA SER A 365 -8.35 24.48 7.97
C SER A 365 -9.60 25.29 7.61
N ARG A 366 -10.68 24.61 7.21
CA ARG A 366 -11.91 25.31 6.88
C ARG A 366 -12.46 26.05 8.10
N SER A 367 -12.46 25.39 9.26
CA SER A 367 -12.98 26.03 10.47
C SER A 367 -12.12 27.22 10.87
N LEU A 368 -10.79 27.09 10.73
CA LEU A 368 -9.90 28.21 11.06
C LEU A 368 -10.15 29.38 10.12
N LYS A 369 -10.31 29.11 8.82
CA LYS A 369 -10.59 30.18 7.87
C LYS A 369 -11.92 30.85 8.18
N ALA A 370 -12.94 30.05 8.54
CA ALA A 370 -14.24 30.62 8.88
C ALA A 370 -14.13 31.50 10.12
N LEU A 371 -13.37 31.07 11.12
CA LEU A 371 -13.17 31.89 12.31
C LEU A 371 -12.45 33.19 11.98
N ALA A 372 -11.41 33.10 11.13
CA ALA A 372 -10.67 34.29 10.73
C ALA A 372 -11.57 35.29 10.02
N LYS A 373 -12.43 34.79 9.13
CA LYS A 373 -13.37 35.68 8.46
C LYS A 373 -14.38 36.27 9.44
N GLU A 374 -14.86 35.45 10.38
CA GLU A 374 -15.93 35.89 11.26
C GLU A 374 -15.47 36.96 12.24
N LEU A 375 -14.35 36.73 12.91
CA LEU A 375 -13.89 37.68 13.91
C LEU A 375 -13.06 38.82 13.33
N ASN A 376 -12.70 38.77 12.06
CA ASN A 376 -11.88 39.80 11.42
C ASN A 376 -10.57 40.01 12.18
N VAL A 377 -9.90 38.90 12.49
CA VAL A 377 -8.66 38.95 13.26
C VAL A 377 -7.57 38.17 12.53
N PRO A 378 -6.29 38.50 12.73
CA PRO A 378 -5.23 37.63 12.21
C PRO A 378 -5.06 36.41 13.09
N VAL A 379 -5.01 35.24 12.45
CA VAL A 379 -4.86 33.96 13.11
C VAL A 379 -3.55 33.35 12.63
N VAL A 380 -2.67 33.01 13.57
CA VAL A 380 -1.36 32.45 13.28
C VAL A 380 -1.39 31.02 13.84
N ALA A 381 -1.44 30.05 12.93
CA ALA A 381 -1.44 28.64 13.30
C ALA A 381 -0.09 28.03 12.96
N LEU A 382 0.49 27.32 13.91
CA LEU A 382 1.79 26.70 13.72
C LEU A 382 1.62 25.28 13.18
N SER A 383 2.51 24.89 12.27
CA SER A 383 2.44 23.57 11.66
C SER A 383 3.83 22.94 11.68
N GLN A 384 3.91 21.69 11.24
CA GLN A 384 5.16 20.97 11.23
C GLN A 384 5.38 20.23 9.91
N LEU A 385 6.64 19.97 9.61
CA LEU A 385 7.03 19.38 8.34
C LEU A 385 7.53 17.96 8.54
N ASN A 386 7.34 17.14 7.50
CA ASN A 386 7.75 15.74 7.55
C ASN A 386 9.26 15.62 7.46
N ARG A 387 9.76 14.43 7.79
CA ARG A 387 11.20 14.20 7.75
C ARG A 387 11.73 14.16 6.33
N SER A 388 10.86 14.03 5.34
CA SER A 388 11.28 13.99 3.94
C SER A 388 12.04 15.24 3.54
N LEU A 389 11.70 16.40 4.13
CA LEU A 389 12.43 17.63 3.83
C LEU A 389 13.92 17.46 4.09
N GLU A 390 14.28 16.62 5.08
CA GLU A 390 15.69 16.47 5.42
C GLU A 390 16.39 15.51 4.49
N GLN A 391 15.68 14.92 3.53
CA GLN A 391 16.29 14.02 2.55
C GLN A 391 16.88 14.77 1.36
N ARG A 392 16.75 16.09 1.33
CA ARG A 392 17.29 16.88 0.24
C ARG A 392 18.61 17.52 0.65
N ALA A 393 19.44 17.82 -0.34
CA ALA A 393 20.72 18.44 -0.06
C ALA A 393 20.52 19.82 0.55
N ASP A 394 19.57 20.58 0.01
CA ASP A 394 19.18 21.87 0.57
C ASP A 394 17.89 21.66 1.35
N LYS A 395 17.93 21.96 2.65
CA LYS A 395 16.85 21.65 3.57
C LYS A 395 15.93 22.82 3.79
N ARG A 396 16.10 23.89 3.03
CA ARG A 396 15.23 25.05 3.12
C ARG A 396 13.82 24.65 2.67
N PRO A 397 12.78 24.97 3.43
CA PRO A 397 11.44 24.46 3.13
C PRO A 397 10.86 25.05 1.85
N VAL A 398 9.96 24.29 1.23
CA VAL A 398 9.20 24.71 0.07
C VAL A 398 7.72 24.41 0.31
N ASN A 399 6.90 24.84 -0.64
CA ASN A 399 5.45 24.66 -0.53
C ASN A 399 5.06 23.19 -0.51
N SER A 400 5.68 22.38 -1.39
CA SER A 400 5.35 20.97 -1.48
C SER A 400 5.67 20.21 -0.21
N ASP A 401 6.47 20.80 0.68
CA ASP A 401 6.73 20.17 1.96
C ASP A 401 5.53 20.27 2.90
N LEU A 402 4.40 20.78 2.42
CA LEU A 402 3.13 20.79 3.14
C LEU A 402 2.26 19.62 2.77
N ARG A 403 2.88 18.48 2.50
CA ARG A 403 2.16 17.25 2.20
C ARG A 403 1.23 16.86 3.34
N GLU A 404 0.10 16.25 3.01
CA GLU A 404 -1.01 15.88 3.88
C GLU A 404 -1.78 17.11 4.38
N SER A 405 -1.38 18.32 4.01
CA SER A 405 -2.10 19.52 4.43
C SER A 405 -2.33 20.45 3.25
N GLY A 406 -2.79 19.89 2.12
CA GLY A 406 -3.01 20.72 0.94
C GLY A 406 -4.05 21.80 1.18
N SER A 407 -5.10 21.47 1.91
CA SER A 407 -6.13 22.45 2.24
C SER A 407 -5.54 23.61 3.03
N ILE A 408 -4.59 23.32 3.92
CA ILE A 408 -3.94 24.40 4.67
C ILE A 408 -3.19 25.32 3.74
N GLU A 409 -2.45 24.76 2.78
CA GLU A 409 -1.70 25.59 1.84
C GLU A 409 -2.63 26.44 0.99
N GLN A 410 -3.76 25.86 0.58
CA GLN A 410 -4.69 26.61 -0.27
C GLN A 410 -5.41 27.70 0.51
N ASP A 411 -5.89 27.38 1.72
CA ASP A 411 -6.72 28.32 2.48
C ASP A 411 -5.88 29.36 3.21
N ALA A 412 -4.58 29.13 3.31
CA ALA A 412 -3.70 30.03 4.05
C ALA A 412 -3.51 31.32 3.26
N ASP A 413 -3.64 32.45 3.96
CA ASP A 413 -3.37 33.73 3.34
C ASP A 413 -1.91 34.13 3.43
N LEU A 414 -1.22 33.71 4.49
CA LEU A 414 0.22 33.92 4.62
C LEU A 414 0.86 32.64 5.09
N ILE A 415 2.01 32.29 4.50
CA ILE A 415 2.73 31.07 4.85
C ILE A 415 4.19 31.44 5.07
N MET A 416 4.67 31.20 6.29
CA MET A 416 6.05 31.49 6.65
C MET A 416 6.73 30.23 7.18
N PHE A 417 7.89 29.92 6.63
CA PHE A 417 8.71 28.81 7.07
C PHE A 417 9.90 29.36 7.85
N ILE A 418 10.29 28.66 8.90
CA ILE A 418 11.44 29.04 9.72
C ILE A 418 12.60 28.11 9.38
N TYR A 419 13.76 28.69 9.12
CA TYR A 419 14.96 27.93 8.80
C TYR A 419 16.14 28.48 9.60
N ARG A 420 17.00 27.59 10.07
CA ARG A 420 18.22 27.99 10.75
C ARG A 420 19.36 27.12 10.26
N ASP A 421 20.38 27.74 9.67
CA ASP A 421 21.46 26.97 9.08
C ASP A 421 22.37 26.41 10.17
N GLU A 422 22.49 27.15 11.28
CA GLU A 422 23.32 26.69 12.39
C GLU A 422 22.77 25.42 13.03
N VAL A 423 21.48 25.14 12.87
CA VAL A 423 20.94 23.90 13.40
C VAL A 423 21.57 22.69 12.73
N TYR A 424 21.68 22.72 11.40
CA TYR A 424 22.26 21.62 10.66
C TYR A 424 23.79 21.67 10.60
N HIS A 425 24.38 22.86 10.56
CA HIS A 425 25.82 23.01 10.41
C HIS A 425 26.37 23.77 11.62
N GLU A 426 27.27 23.12 12.36
CA GLU A 426 27.94 23.76 13.47
C GLU A 426 28.82 24.92 13.02
N ASN A 427 29.53 24.75 11.91
CA ASN A 427 30.49 25.73 11.41
C ASN A 427 29.86 26.75 10.49
N SER A 428 28.55 26.96 10.61
CA SER A 428 27.87 27.89 9.73
C SER A 428 28.32 29.31 10.07
N ASP A 429 28.37 30.17 9.06
CA ASP A 429 28.74 31.56 9.32
C ASP A 429 27.55 32.38 9.79
N LEU A 430 26.34 31.81 9.72
CA LEU A 430 25.12 32.49 10.09
C LEU A 430 24.65 32.08 11.48
N LYS A 431 25.58 31.85 12.40
CA LYS A 431 25.21 31.46 13.75
C LYS A 431 24.42 32.58 14.41
N GLY A 432 23.30 32.22 15.03
CA GLY A 432 22.46 33.23 15.62
C GLY A 432 21.61 33.97 14.62
N ILE A 433 21.51 33.46 13.39
CA ILE A 433 20.74 34.09 12.31
C ILE A 433 19.69 33.09 11.84
N ALA A 434 18.45 33.53 11.77
CA ALA A 434 17.32 32.72 11.35
C ALA A 434 16.69 33.35 10.11
N GLU A 435 16.12 32.50 9.25
CA GLU A 435 15.49 32.95 8.02
C GLU A 435 14.00 32.65 8.08
N ILE A 436 13.19 33.67 7.83
CA ILE A 436 11.76 33.54 7.69
C ILE A 436 11.47 33.63 6.19
N ILE A 437 10.97 32.54 5.62
CA ILE A 437 10.78 32.42 4.19
C ILE A 437 9.28 32.46 3.91
N ILE A 438 8.85 33.41 3.09
CA ILE A 438 7.44 33.54 2.76
C ILE A 438 7.15 32.66 1.55
N GLY A 439 6.54 31.50 1.79
CA GLY A 439 6.28 30.57 0.71
C GLY A 439 5.01 30.86 -0.04
N LYS A 440 4.12 31.66 0.53
CA LYS A 440 2.86 32.03 -0.10
C LYS A 440 2.36 33.28 0.57
N GLN A 441 2.30 34.37 -0.19
CA GLN A 441 1.76 35.63 0.32
C GLN A 441 0.58 36.03 -0.55
N ARG A 442 -0.55 36.30 0.10
CA ARG A 442 -1.76 36.64 -0.65
C ARG A 442 -1.69 38.05 -1.23
N ASN A 443 -1.18 39.01 -0.44
CA ASN A 443 -1.22 40.42 -0.83
C ASN A 443 0.16 41.07 -0.78
N GLY A 444 1.16 40.44 -1.37
CA GLY A 444 2.50 41.00 -1.41
C GLY A 444 3.50 40.05 -2.02
N PRO A 445 4.78 40.42 -1.97
CA PRO A 445 5.81 39.57 -2.57
C PRO A 445 6.28 38.49 -1.62
N ILE A 446 6.91 37.47 -2.19
CA ILE A 446 7.54 36.42 -1.38
C ILE A 446 9.03 36.71 -1.29
N GLY A 447 9.70 36.11 -0.32
CA GLY A 447 11.12 36.29 -0.16
C GLY A 447 11.59 35.75 1.18
N THR A 448 12.86 35.99 1.46
CA THR A 448 13.49 35.51 2.68
C THR A 448 13.93 36.72 3.49
N VAL A 449 13.65 36.68 4.79
CA VAL A 449 14.02 37.73 5.73
C VAL A 449 14.96 37.14 6.78
N ARG A 450 16.11 37.78 6.95
CA ARG A 450 17.09 37.31 7.93
C ARG A 450 16.90 38.10 9.22
N LEU A 451 17.02 37.41 10.35
CA LEU A 451 16.85 37.98 11.67
C LEU A 451 17.92 37.43 12.60
N THR A 452 18.13 38.11 13.71
CA THR A 452 19.06 37.62 14.73
C THR A 452 18.29 36.77 15.73
N PHE A 453 18.88 35.64 16.11
CA PHE A 453 18.26 34.71 17.06
C PHE A 453 19.11 34.67 18.31
N ASN A 454 18.63 35.30 19.38
CA ASN A 454 19.30 35.22 20.67
C ASN A 454 18.65 34.13 21.51
N GLY A 455 19.22 32.93 21.38
CA GLY A 455 18.72 31.80 22.15
C GLY A 455 19.05 31.92 23.62
N GLN A 456 20.04 32.76 23.95
CA GLN A 456 20.32 33.03 25.36
C GLN A 456 19.12 33.68 26.03
N TRP A 457 18.46 34.62 25.35
CA TRP A 457 17.27 35.27 25.88
C TRP A 457 16.00 34.68 25.30
N SER A 458 16.11 33.66 24.43
CA SER A 458 14.96 33.07 23.75
C SER A 458 14.15 34.13 23.02
N ARG A 459 14.81 34.82 22.09
CA ARG A 459 14.20 35.98 21.43
C ARG A 459 14.66 36.05 19.98
N PHE A 460 13.83 36.67 19.14
CA PHE A 460 14.25 37.07 17.81
C PHE A 460 14.32 38.58 17.74
N ASP A 461 15.31 39.09 17.01
CA ASP A 461 15.53 40.52 16.86
C ASP A 461 15.78 40.85 15.39
N ASN A 462 15.69 42.14 15.08
CA ASN A 462 15.98 42.62 13.74
C ASN A 462 17.44 42.38 13.41
N TYR A 463 17.70 41.97 12.17
CA TYR A 463 19.08 41.69 11.76
C TYR A 463 19.76 42.99 11.38
N ALA A 464 20.89 43.27 12.03
CA ALA A 464 21.66 44.48 11.82
C ALA A 464 22.77 44.32 10.79
N GLY A 465 23.00 43.11 10.28
CA GLY A 465 24.05 42.91 9.32
C GLY A 465 23.62 43.24 7.91
N PRO A 466 24.50 42.94 6.96
CA PRO A 466 24.19 43.20 5.54
C PRO A 466 23.01 42.36 5.06
N GLN A 467 22.21 42.95 4.18
CA GLN A 467 21.02 42.29 3.65
C GLN A 467 21.21 42.04 2.16
N TYR A 468 20.75 40.88 1.69
CA TYR A 468 20.91 40.51 0.28
C TYR A 468 19.57 40.16 -0.35
N LEU B 24 -53.03 -4.16 -18.75
CA LEU B 24 -52.68 -3.70 -20.09
C LEU B 24 -51.36 -2.96 -20.09
N LYS B 25 -50.34 -3.56 -20.70
CA LYS B 25 -49.02 -2.94 -20.77
C LYS B 25 -48.92 -2.03 -21.99
N VAL B 26 -49.22 -0.75 -21.80
CA VAL B 26 -49.22 0.21 -22.91
C VAL B 26 -47.79 0.45 -23.35
N PRO B 27 -47.46 0.30 -24.63
CA PRO B 27 -46.10 0.57 -25.08
C PRO B 27 -45.79 2.05 -24.93
N PRO B 28 -44.51 2.39 -24.77
CA PRO B 28 -44.15 3.81 -24.62
C PRO B 28 -44.55 4.63 -25.83
N HIS B 29 -45.08 5.83 -25.57
CA HIS B 29 -45.48 6.75 -26.62
C HIS B 29 -45.75 8.11 -26.00
N SER B 30 -45.97 9.09 -26.85
CA SER B 30 -46.24 10.45 -26.40
C SER B 30 -47.08 11.18 -27.45
N ILE B 31 -48.38 11.30 -27.18
CA ILE B 31 -49.26 11.98 -28.13
C ILE B 31 -48.97 13.48 -28.20
N GLU B 32 -48.63 14.09 -27.06
CA GLU B 32 -48.39 15.54 -27.01
C GLU B 32 -47.23 15.98 -27.90
N ALA B 33 -46.11 15.26 -27.88
CA ALA B 33 -44.99 15.60 -28.76
C ALA B 33 -45.37 15.49 -30.22
N GLU B 34 -46.11 14.45 -30.60
CA GLU B 34 -46.57 14.32 -31.97
C GLU B 34 -47.46 15.49 -32.38
N GLN B 35 -48.42 15.84 -31.52
CA GLN B 35 -49.31 16.94 -31.85
C GLN B 35 -48.51 18.24 -31.98
N SER B 36 -47.53 18.44 -31.10
CA SER B 36 -46.69 19.62 -31.17
C SER B 36 -45.92 19.67 -32.48
N VAL B 37 -45.37 18.53 -32.91
CA VAL B 37 -44.60 18.50 -34.16
C VAL B 37 -45.51 18.83 -35.33
N LEU B 38 -46.70 18.21 -35.38
CA LEU B 38 -47.61 18.46 -36.49
C LEU B 38 -48.06 19.92 -36.53
N GLY B 39 -48.36 20.49 -35.35
CA GLY B 39 -48.76 21.89 -35.31
C GLY B 39 -47.65 22.84 -35.69
N GLY B 40 -46.42 22.55 -35.24
CA GLY B 40 -45.30 23.38 -35.62
C GLY B 40 -45.05 23.34 -37.11
N LEU B 41 -45.19 22.16 -37.72
CA LEU B 41 -45.06 22.08 -39.17
C LEU B 41 -46.17 22.84 -39.88
N MET B 42 -47.40 22.73 -39.37
CA MET B 42 -48.51 23.45 -39.99
C MET B 42 -48.34 24.95 -39.92
N LEU B 43 -47.88 25.46 -38.78
CA LEU B 43 -47.78 26.91 -38.59
C LEU B 43 -46.40 27.45 -38.90
N ASP B 44 -45.46 26.60 -39.34
CA ASP B 44 -44.11 27.06 -39.67
C ASP B 44 -43.50 26.00 -40.61
N ASN B 45 -43.25 26.42 -41.85
CA ASN B 45 -42.71 25.51 -42.85
C ASN B 45 -41.21 25.68 -43.03
N GLU B 46 -40.55 26.52 -42.23
CA GLU B 46 -39.12 26.74 -42.40
C GLU B 46 -38.29 25.73 -41.61
N ARG B 47 -38.87 25.18 -40.54
CA ARG B 47 -38.20 24.23 -39.65
C ARG B 47 -38.35 22.77 -40.07
N TRP B 48 -39.00 22.55 -41.22
CA TRP B 48 -39.35 21.19 -41.64
C TRP B 48 -38.13 20.28 -41.65
N ASP B 49 -37.02 20.76 -42.21
CA ASP B 49 -35.82 19.94 -42.29
C ASP B 49 -35.35 19.50 -40.91
N ASP B 50 -35.40 20.41 -39.93
CA ASP B 50 -35.03 20.03 -38.58
C ASP B 50 -35.93 18.91 -38.06
N VAL B 51 -37.22 18.97 -38.40
CA VAL B 51 -38.11 17.86 -38.07
C VAL B 51 -37.77 16.64 -38.92
N ALA B 52 -37.41 16.86 -40.19
CA ALA B 52 -37.18 15.74 -41.11
C ALA B 52 -35.93 14.96 -40.73
N GLU B 53 -34.94 15.62 -40.13
CA GLU B 53 -33.69 14.96 -39.77
C GLU B 53 -33.76 14.27 -38.42
N ARG B 54 -34.89 14.36 -37.72
CA ARG B 54 -35.03 13.78 -36.40
C ARG B 54 -36.13 12.75 -36.28
N VAL B 55 -37.12 12.76 -37.18
CA VAL B 55 -38.25 11.86 -37.10
C VAL B 55 -38.51 11.27 -38.48
N VAL B 56 -39.16 10.11 -38.49
CA VAL B 56 -39.55 9.42 -39.72
C VAL B 56 -41.03 9.09 -39.60
N ALA B 57 -41.66 8.83 -40.74
CA ALA B 57 -43.08 8.54 -40.74
C ALA B 57 -43.42 7.30 -39.92
N ASP B 58 -42.48 6.36 -39.80
CA ASP B 58 -42.71 5.15 -39.03
C ASP B 58 -42.44 5.32 -37.53
N ASP B 59 -41.96 6.49 -37.11
CA ASP B 59 -41.76 6.78 -35.68
C ASP B 59 -43.03 7.24 -35.00
N PHE B 60 -44.12 7.38 -35.72
CA PHE B 60 -45.36 7.85 -35.13
C PHE B 60 -46.24 6.69 -34.74
N TYR B 61 -46.78 6.73 -33.53
CA TYR B 61 -47.48 5.60 -32.95
C TYR B 61 -48.86 5.43 -33.55
N THR B 62 -49.51 6.52 -33.92
CA THR B 62 -50.85 6.43 -34.46
C THR B 62 -50.83 6.54 -35.97
N ARG B 63 -51.70 5.77 -36.62
CA ARG B 63 -51.80 5.81 -38.08
C ARG B 63 -52.10 7.20 -38.61
N PRO B 64 -53.04 7.98 -38.06
CA PRO B 64 -53.26 9.32 -38.60
C PRO B 64 -52.03 10.20 -38.62
N HIS B 65 -51.19 10.13 -37.58
CA HIS B 65 -50.00 10.97 -37.55
C HIS B 65 -49.00 10.56 -38.63
N ARG B 66 -48.83 9.25 -38.85
CA ARG B 66 -47.98 8.77 -39.92
C ARG B 66 -48.50 9.26 -41.27
N HIS B 67 -49.82 9.17 -41.47
CA HIS B 67 -50.41 9.60 -42.73
C HIS B 67 -50.21 11.10 -42.94
N ILE B 68 -50.39 11.89 -41.88
CA ILE B 68 -50.20 13.34 -41.99
C ILE B 68 -48.76 13.65 -42.36
N PHE B 69 -47.80 12.99 -41.71
CA PHE B 69 -46.40 13.27 -42.02
C PHE B 69 -46.07 12.85 -43.45
N THR B 70 -46.62 11.73 -43.90
CA THR B 70 -46.39 11.29 -45.28
C THR B 70 -46.94 12.31 -46.27
N GLU B 71 -48.15 12.81 -46.02
CA GLU B 71 -48.75 13.79 -46.93
C GLU B 71 -47.93 15.08 -46.93
N MET B 72 -47.46 15.51 -45.75
CA MET B 72 -46.63 16.70 -45.67
C MET B 72 -45.32 16.52 -46.43
N ALA B 73 -44.71 15.33 -46.32
CA ALA B 73 -43.49 15.06 -47.07
C ALA B 73 -43.74 15.10 -48.57
N ARG B 74 -44.87 14.53 -49.00
CA ARG B 74 -45.22 14.56 -50.43
C ARG B 74 -45.38 16.00 -50.92
N LEU B 75 -46.09 16.82 -50.14
CA LEU B 75 -46.28 18.22 -50.53
C LEU B 75 -44.96 18.97 -50.55
N GLN B 76 -44.09 18.71 -49.57
CA GLN B 76 -42.79 19.34 -49.54
C GLN B 76 -41.96 18.97 -50.76
N GLU B 77 -41.99 17.70 -51.16
CA GLU B 77 -41.27 17.29 -52.35
C GLU B 77 -41.88 17.86 -53.63
N SER B 78 -43.21 18.08 -53.66
CA SER B 78 -43.83 18.70 -54.82
C SER B 78 -43.74 20.22 -54.79
N GLY B 79 -43.23 20.80 -53.71
CA GLY B 79 -43.05 22.24 -53.62
C GLY B 79 -44.22 23.01 -53.05
N SER B 80 -45.39 22.37 -52.86
CA SER B 80 -46.58 23.02 -52.35
C SER B 80 -46.45 23.37 -50.86
N PRO B 81 -47.14 24.42 -50.43
CA PRO B 81 -47.22 24.73 -49.00
C PRO B 81 -47.98 23.65 -48.24
N ILE B 82 -47.64 23.52 -46.95
CA ILE B 82 -48.20 22.48 -46.10
C ILE B 82 -49.03 23.11 -44.99
N ASP B 83 -49.65 24.26 -45.28
CA ASP B 83 -50.54 24.89 -44.32
C ASP B 83 -51.80 24.05 -44.11
N LEU B 84 -52.64 24.52 -43.18
CA LEU B 84 -53.85 23.78 -42.82
C LEU B 84 -54.79 23.63 -44.01
N ILE B 85 -55.00 24.72 -44.77
CA ILE B 85 -55.98 24.69 -45.85
C ILE B 85 -55.51 23.77 -46.96
N THR B 86 -54.24 23.90 -47.36
CA THR B 86 -53.71 23.08 -48.44
C THR B 86 -53.69 21.61 -48.04
N LEU B 87 -53.28 21.31 -46.81
CA LEU B 87 -53.25 19.93 -46.35
C LEU B 87 -54.65 19.33 -46.31
N ALA B 88 -55.63 20.09 -45.81
CA ALA B 88 -57.00 19.59 -45.76
C ALA B 88 -57.54 19.34 -47.16
N GLU B 89 -57.26 20.26 -48.10
CA GLU B 89 -57.74 20.08 -49.47
C GLU B 89 -57.08 18.87 -50.12
N SER B 90 -55.77 18.69 -49.92
CA SER B 90 -55.07 17.55 -50.51
C SER B 90 -55.59 16.24 -49.95
N LEU B 91 -55.84 16.17 -48.64
CA LEU B 91 -56.42 14.96 -48.08
C LEU B 91 -57.83 14.73 -48.60
N GLU B 92 -58.62 15.79 -48.76
CA GLU B 92 -60.00 15.62 -49.22
C GLU B 92 -60.04 15.08 -50.65
N ARG B 93 -59.17 15.56 -51.53
CA ARG B 93 -59.15 15.06 -52.90
C ARG B 93 -58.81 13.59 -52.99
N GLN B 94 -57.83 13.12 -52.22
CA GLN B 94 -57.43 11.71 -52.21
C GLN B 94 -58.40 10.84 -51.41
N GLY B 95 -59.35 11.46 -50.72
CA GLY B 95 -60.29 10.72 -49.90
C GLY B 95 -59.73 10.23 -48.58
N GLN B 96 -58.54 10.69 -48.19
CA GLN B 96 -57.89 10.23 -46.97
C GLN B 96 -58.16 11.15 -45.79
N LEU B 97 -58.97 12.19 -45.98
CA LEU B 97 -59.28 13.12 -44.89
C LEU B 97 -60.06 12.43 -43.78
N ASP B 98 -60.98 11.54 -44.14
CA ASP B 98 -61.78 10.84 -43.15
C ASP B 98 -60.92 9.95 -42.27
N SER B 99 -59.95 9.25 -42.86
CA SER B 99 -59.09 8.36 -42.09
C SER B 99 -58.25 9.11 -41.06
N VAL B 100 -57.72 10.28 -41.41
CA VAL B 100 -56.90 11.05 -40.48
C VAL B 100 -57.66 11.48 -39.24
N GLY B 101 -58.89 11.95 -39.37
CA GLY B 101 -59.64 12.39 -38.20
C GLY B 101 -60.50 13.61 -38.47
N GLY B 102 -60.41 14.17 -39.67
CA GLY B 102 -61.29 15.25 -40.05
C GLY B 102 -60.68 16.63 -39.92
N PHE B 103 -61.30 17.61 -40.58
CA PHE B 103 -60.83 18.99 -40.46
C PHE B 103 -60.93 19.47 -39.03
N ALA B 104 -61.88 18.94 -38.26
CA ALA B 104 -61.96 19.27 -36.84
C ALA B 104 -60.69 18.85 -36.11
N TYR B 105 -60.22 17.63 -36.37
CA TYR B 105 -58.98 17.16 -35.75
C TYR B 105 -57.79 17.97 -36.24
N LEU B 106 -57.78 18.32 -37.53
CA LEU B 106 -56.69 19.14 -38.06
C LEU B 106 -56.66 20.50 -37.37
N ALA B 107 -57.82 21.12 -37.18
CA ALA B 107 -57.89 22.41 -36.49
C ALA B 107 -57.47 22.27 -35.03
N GLU B 108 -57.83 21.16 -34.39
CA GLU B 108 -57.40 20.92 -33.02
C GLU B 108 -55.88 20.85 -32.94
N LEU B 109 -55.25 20.13 -33.88
CA LEU B 109 -53.80 20.07 -33.92
C LEU B 109 -53.20 21.45 -34.16
N SER B 110 -53.80 22.23 -35.06
CA SER B 110 -53.28 23.55 -35.36
C SER B 110 -53.36 24.49 -34.17
N LYS B 111 -54.47 24.44 -33.42
CA LYS B 111 -54.71 25.41 -32.36
C LYS B 111 -54.08 25.02 -31.03
N ASN B 112 -54.33 23.79 -30.54
CA ASN B 112 -53.87 23.44 -29.21
C ASN B 112 -52.35 23.42 -29.11
N THR B 113 -51.67 23.32 -30.24
CA THR B 113 -50.21 23.26 -30.24
C THR B 113 -49.63 24.62 -30.58
N PRO B 114 -48.79 25.20 -29.71
CA PRO B 114 -48.28 26.54 -29.99
C PRO B 114 -47.33 26.53 -31.17
N SER B 115 -47.34 27.63 -31.93
CA SER B 115 -46.36 27.81 -33.00
C SER B 115 -44.98 28.15 -32.47
N ALA B 116 -44.89 29.04 -31.48
CA ALA B 116 -43.60 29.46 -30.93
C ALA B 116 -43.04 28.39 -29.99
N ALA B 117 -42.55 27.33 -30.59
CA ALA B 117 -42.01 26.19 -29.85
C ALA B 117 -40.75 25.69 -30.55
N ASN B 118 -39.94 24.97 -29.79
CA ASN B 118 -38.75 24.29 -30.32
C ASN B 118 -39.15 22.87 -30.69
N ILE B 119 -39.33 22.64 -32.00
CA ILE B 119 -39.84 21.35 -32.46
C ILE B 119 -38.72 20.30 -32.47
N SER B 120 -37.48 20.75 -32.37
CA SER B 120 -36.36 19.81 -32.37
C SER B 120 -36.42 18.91 -31.15
N ALA B 121 -36.71 19.49 -29.98
CA ALA B 121 -36.80 18.70 -28.76
C ALA B 121 -37.92 17.67 -28.83
N TYR B 122 -39.09 18.07 -29.36
CA TYR B 122 -40.19 17.14 -29.46
C TYR B 122 -39.88 16.03 -30.46
N ALA B 123 -39.19 16.38 -31.55
CA ALA B 123 -38.77 15.37 -32.52
C ALA B 123 -37.80 14.37 -31.91
N ASP B 124 -36.84 14.86 -31.13
CA ASP B 124 -35.92 13.96 -30.45
C ASP B 124 -36.63 13.06 -29.46
N ILE B 125 -37.60 13.60 -28.73
CA ILE B 125 -38.36 12.77 -27.80
C ILE B 125 -39.13 11.69 -28.55
N VAL B 126 -39.76 12.04 -29.67
CA VAL B 126 -40.49 11.07 -30.48
C VAL B 126 -39.55 9.99 -31.00
N ARG B 127 -38.34 10.37 -31.40
CA ARG B 127 -37.39 9.38 -31.89
C ARG B 127 -37.04 8.36 -30.81
N GLU B 128 -36.85 8.83 -29.57
CA GLU B 128 -36.43 7.96 -28.47
C GLU B 128 -37.49 6.93 -28.13
N ARG B 129 -38.76 7.37 -28.04
CA ARG B 129 -39.84 6.46 -27.69
C ARG B 129 -40.01 5.37 -28.74
N ALA B 130 -39.85 5.71 -30.02
CA ALA B 130 -39.96 4.70 -31.07
C ALA B 130 -38.90 3.63 -30.89
N VAL B 131 -37.67 4.05 -30.56
CA VAL B 131 -36.57 3.10 -30.35
C VAL B 131 -36.90 2.19 -29.18
N VAL B 132 -37.40 2.76 -28.08
CA VAL B 132 -37.70 1.96 -26.90
C VAL B 132 -38.81 0.96 -27.21
N ARG B 133 -39.86 1.42 -27.92
CA ARG B 133 -40.96 0.54 -28.29
C ARG B 133 -40.48 -0.60 -29.17
N GLU B 134 -39.62 -0.31 -30.14
CA GLU B 134 -39.10 -1.35 -31.02
C GLU B 134 -38.26 -2.34 -30.22
N MET B 135 -37.50 -1.85 -29.25
CA MET B 135 -36.71 -2.74 -28.39
C MET B 135 -37.62 -3.68 -27.61
N ILE B 136 -38.71 -3.14 -27.06
CA ILE B 136 -39.66 -3.97 -26.33
C ILE B 136 -40.26 -5.03 -27.26
N SER B 137 -40.63 -4.62 -28.48
CA SER B 137 -41.23 -5.58 -29.41
C SER B 137 -40.23 -6.69 -29.76
N VAL B 138 -38.96 -6.32 -29.95
CA VAL B 138 -37.93 -7.31 -30.26
C VAL B 138 -37.74 -8.28 -29.10
N ALA B 139 -37.75 -7.76 -27.87
CA ALA B 139 -37.65 -8.63 -26.70
C ALA B 139 -38.82 -9.61 -26.66
N ASN B 140 -40.03 -9.13 -26.95
CA ASN B 140 -41.18 -10.02 -26.99
C ASN B 140 -41.00 -11.10 -28.06
N GLU B 141 -40.52 -10.72 -29.24
CA GLU B 141 -40.32 -11.70 -30.31
C GLU B 141 -39.28 -12.75 -29.90
N ILE B 142 -38.20 -12.30 -29.26
CA ILE B 142 -37.16 -13.23 -28.81
C ILE B 142 -37.73 -14.21 -27.81
N ALA B 143 -38.49 -13.72 -26.82
CA ALA B 143 -39.05 -14.61 -25.82
C ALA B 143 -40.04 -15.60 -26.45
N GLU B 144 -40.87 -15.12 -27.38
CA GLU B 144 -41.84 -16.00 -28.01
C GLU B 144 -41.14 -17.10 -28.82
N ALA B 145 -40.06 -16.73 -29.53
CA ALA B 145 -39.27 -17.72 -30.24
C ALA B 145 -38.62 -18.71 -29.28
N GLY B 146 -38.15 -18.22 -28.12
CA GLY B 146 -37.56 -19.09 -27.13
C GLY B 146 -38.53 -20.13 -26.58
N PHE B 147 -39.78 -19.73 -26.34
CA PHE B 147 -40.75 -20.68 -25.82
C PHE B 147 -41.19 -21.70 -26.87
N ASP B 148 -40.98 -21.41 -28.15
CA ASP B 148 -41.40 -22.31 -29.23
C ASP B 148 -40.23 -22.51 -30.19
N PRO B 149 -39.27 -23.38 -29.83
CA PRO B 149 -38.07 -23.53 -30.66
C PRO B 149 -38.36 -23.97 -32.09
N GLN B 150 -39.34 -24.84 -32.31
CA GLN B 150 -39.68 -25.35 -33.64
C GLN B 150 -38.48 -25.98 -34.33
N GLY B 151 -37.65 -26.70 -33.57
CA GLY B 151 -36.52 -27.41 -34.17
C GLY B 151 -35.22 -26.64 -34.26
N ARG B 152 -35.22 -25.35 -33.96
CA ARG B 152 -33.98 -24.60 -34.01
C ARG B 152 -33.07 -24.97 -32.84
N THR B 153 -31.77 -24.95 -33.09
CA THR B 153 -30.79 -25.23 -32.04
C THR B 153 -30.48 -23.96 -31.25
N SER B 154 -29.70 -24.15 -30.19
CA SER B 154 -29.33 -23.04 -29.32
C SER B 154 -28.46 -22.01 -30.05
N GLU B 155 -27.56 -22.46 -30.91
CA GLU B 155 -26.72 -21.55 -31.69
C GLU B 155 -27.59 -20.70 -32.62
N ASP B 156 -28.59 -21.33 -33.24
CA ASP B 156 -29.50 -20.61 -34.11
C ASP B 156 -30.24 -19.53 -33.33
N LEU B 157 -30.68 -19.86 -32.12
CA LEU B 157 -31.38 -18.87 -31.30
C LEU B 157 -30.46 -17.71 -30.93
N LEU B 158 -29.19 -17.98 -30.61
CA LEU B 158 -28.28 -16.88 -30.31
C LEU B 158 -28.06 -16.01 -31.53
N ASP B 159 -27.91 -16.62 -32.71
CA ASP B 159 -27.74 -15.83 -33.92
C ASP B 159 -28.99 -14.99 -34.19
N LEU B 160 -30.17 -15.57 -34.00
CA LEU B 160 -31.41 -14.81 -34.18
C LEU B 160 -31.48 -13.63 -33.23
N ALA B 161 -31.16 -13.85 -31.95
CA ALA B 161 -31.19 -12.78 -30.97
C ALA B 161 -30.19 -11.69 -31.30
N GLU B 162 -28.97 -12.08 -31.68
CA GLU B 162 -27.94 -11.10 -32.01
C GLU B 162 -28.35 -10.27 -33.23
N SER B 163 -28.86 -10.94 -34.26
CA SER B 163 -29.29 -10.23 -35.46
C SER B 163 -30.42 -9.27 -35.14
N ARG B 164 -31.43 -9.72 -34.38
CA ARG B 164 -32.54 -8.83 -34.04
C ARG B 164 -32.07 -7.63 -33.25
N VAL B 165 -31.17 -7.82 -32.27
CA VAL B 165 -30.71 -6.71 -31.45
C VAL B 165 -29.89 -5.74 -32.26
N PHE B 166 -28.98 -6.25 -33.09
CA PHE B 166 -28.15 -5.31 -33.81
C PHE B 166 -28.91 -4.70 -34.98
N LYS B 167 -30.05 -5.27 -35.37
CA LYS B 167 -30.80 -4.52 -36.38
C LYS B 167 -31.47 -3.33 -35.70
N ILE B 168 -31.52 -3.37 -34.36
CA ILE B 168 -32.10 -2.30 -33.56
C ILE B 168 -31.11 -1.15 -33.52
N ALA B 169 -29.92 -1.45 -32.99
CA ALA B 169 -28.87 -0.44 -32.88
C ALA B 169 -28.37 0.04 -34.24
N GLU B 170 -28.68 -0.69 -35.31
CA GLU B 170 -28.31 -0.22 -36.63
C GLU B 170 -29.29 0.86 -37.10
N SER B 171 -29.27 1.17 -38.40
CA SER B 171 -30.11 2.21 -38.98
C SER B 171 -29.81 3.57 -38.37
N ARG B 172 -30.84 4.39 -38.19
CA ARG B 172 -30.76 5.63 -37.41
C ARG B 172 -29.76 6.59 -38.09
N ALA B 173 -29.21 7.52 -37.33
CA ALA B 173 -28.28 8.53 -37.82
C ALA B 173 -27.01 8.56 -37.00
N ASN B 174 -26.42 7.37 -36.78
CA ASN B 174 -25.19 7.23 -36.01
C ASN B 174 -24.02 7.70 -36.87
N LYS B 175 -23.83 9.02 -36.91
CA LYS B 175 -22.74 9.61 -37.68
C LYS B 175 -21.94 10.66 -36.94
N ASP B 176 -22.40 11.12 -35.76
CA ASP B 176 -21.69 12.13 -35.01
C ASP B 176 -20.76 11.56 -33.94
N GLU B 177 -20.94 10.30 -33.55
CA GLU B 177 -20.13 9.65 -32.53
C GLU B 177 -19.69 8.27 -32.99
N GLY B 178 -19.21 8.19 -34.23
CA GLY B 178 -18.73 6.95 -34.79
C GLY B 178 -17.74 7.17 -35.91
N PRO B 179 -17.19 6.09 -36.46
CA PRO B 179 -16.25 6.22 -37.58
C PRO B 179 -16.93 6.88 -38.78
N LYS B 180 -16.18 7.76 -39.44
CA LYS B 180 -16.67 8.51 -40.58
C LYS B 180 -16.11 7.90 -41.87
N ASN B 181 -16.38 8.57 -42.99
CA ASN B 181 -15.91 8.12 -44.29
C ASN B 181 -14.66 8.90 -44.69
N ILE B 182 -13.69 8.19 -45.26
CA ILE B 182 -12.41 8.80 -45.60
C ILE B 182 -12.60 9.93 -46.61
N ALA B 183 -13.42 9.70 -47.63
CA ALA B 183 -13.61 10.70 -48.67
C ALA B 183 -14.23 11.97 -48.10
N ASP B 184 -15.28 11.83 -47.29
CA ASP B 184 -15.95 13.00 -46.73
C ASP B 184 -15.01 13.78 -45.82
N VAL B 185 -14.26 13.06 -44.97
CA VAL B 185 -13.33 13.72 -44.07
C VAL B 185 -12.27 14.49 -44.85
N LEU B 186 -11.71 13.85 -45.88
CA LEU B 186 -10.67 14.50 -46.68
C LEU B 186 -11.22 15.72 -47.41
N ASP B 187 -12.44 15.60 -47.94
CA ASP B 187 -13.06 16.74 -48.62
C ASP B 187 -13.29 17.89 -47.66
N ALA B 188 -13.76 17.59 -46.45
CA ALA B 188 -13.93 18.63 -45.44
C ALA B 188 -12.61 19.29 -45.09
N THR B 189 -11.55 18.49 -44.97
CA THR B 189 -10.23 19.04 -44.68
C THR B 189 -9.76 19.96 -45.78
N VAL B 190 -9.94 19.55 -47.04
CA VAL B 190 -9.53 20.39 -48.16
C VAL B 190 -10.34 21.67 -48.20
N ALA B 191 -11.65 21.58 -47.95
CA ALA B 191 -12.48 22.77 -47.92
C ALA B 191 -12.05 23.73 -46.82
N ARG B 192 -11.73 23.20 -45.64
CA ARG B 192 -11.26 24.05 -44.55
C ARG B 192 -9.93 24.70 -44.91
N ILE B 193 -9.03 23.95 -45.55
CA ILE B 193 -7.74 24.51 -45.96
C ILE B 193 -7.95 25.65 -46.95
N GLU B 194 -8.83 25.44 -47.93
CA GLU B 194 -9.10 26.49 -48.91
C GLU B 194 -9.73 27.72 -48.25
N GLN B 195 -10.64 27.50 -47.31
CA GLN B 195 -11.26 28.63 -46.61
C GLN B 195 -10.24 29.41 -45.81
N LEU B 196 -9.32 28.72 -45.13
CA LEU B 196 -8.26 29.40 -44.40
C LEU B 196 -7.36 30.19 -45.36
N PHE B 197 -7.00 29.59 -46.50
CA PHE B 197 -6.20 30.28 -47.48
C PHE B 197 -6.93 31.47 -48.10
N GLN B 198 -8.26 31.48 -48.05
CA GLN B 198 -9.02 32.63 -48.52
C GLN B 198 -8.97 33.79 -47.54
N GLN B 199 -8.35 33.61 -46.37
CA GLN B 199 -8.22 34.66 -45.36
C GLN B 199 -6.74 34.81 -45.03
N PRO B 200 -5.98 35.50 -45.89
CA PRO B 200 -4.53 35.62 -45.67
C PRO B 200 -4.19 36.53 -44.49
N HIS B 201 -4.37 36.02 -43.27
CA HIS B 201 -4.02 36.76 -42.07
C HIS B 201 -2.56 36.51 -41.71
N ASP B 202 -1.76 36.12 -42.70
CA ASP B 202 -0.34 35.83 -42.51
C ASP B 202 -0.14 34.73 -41.47
N GLY B 203 -1.01 33.72 -41.50
CA GLY B 203 -0.91 32.57 -40.62
C GLY B 203 -1.74 32.65 -39.36
N VAL B 204 -2.67 33.60 -39.26
CA VAL B 204 -3.51 33.72 -38.08
C VAL B 204 -4.89 33.16 -38.42
N THR B 205 -5.09 31.87 -38.14
CA THR B 205 -6.36 31.21 -38.38
C THR B 205 -7.24 31.14 -37.14
N GLY B 206 -6.70 31.52 -35.98
CA GLY B 206 -7.39 31.49 -34.72
C GLY B 206 -7.19 32.75 -33.91
N VAL B 207 -7.40 32.62 -32.61
CA VAL B 207 -7.22 33.76 -31.71
C VAL B 207 -5.75 34.12 -31.66
N ASN B 208 -5.44 35.36 -32.03
CA ASN B 208 -4.06 35.81 -32.11
C ASN B 208 -3.45 35.98 -30.72
N THR B 209 -2.16 35.64 -30.61
CA THR B 209 -1.42 35.74 -29.37
C THR B 209 -0.56 36.99 -29.29
N GLY B 210 -0.31 37.66 -30.42
CA GLY B 210 0.55 38.82 -30.42
C GLY B 210 2.02 38.51 -30.55
N TYR B 211 2.40 37.25 -30.73
CA TYR B 211 3.80 36.86 -30.88
C TYR B 211 3.97 36.23 -32.26
N ASP B 212 4.98 36.68 -32.99
CA ASP B 212 5.10 36.29 -34.39
C ASP B 212 5.41 34.81 -34.53
N ASP B 213 6.43 34.33 -33.82
CA ASP B 213 6.82 32.94 -33.96
C ASP B 213 5.79 31.99 -33.38
N LEU B 214 5.15 32.38 -32.27
CA LEU B 214 4.09 31.55 -31.71
C LEU B 214 2.91 31.43 -32.68
N ASN B 215 2.55 32.53 -33.33
CA ASN B 215 1.47 32.47 -34.32
C ASN B 215 1.90 31.67 -35.54
N LYS B 216 3.19 31.73 -35.90
CA LYS B 216 3.68 30.93 -37.01
C LYS B 216 3.60 29.44 -36.71
N LYS B 217 3.97 29.05 -35.49
CA LYS B 217 4.01 27.64 -35.13
C LYS B 217 2.62 27.08 -34.79
N THR B 218 1.73 27.89 -34.23
CA THR B 218 0.44 27.40 -33.77
C THR B 218 -0.74 27.88 -34.59
N ALA B 219 -0.52 28.79 -35.54
CA ALA B 219 -1.59 29.40 -36.33
C ALA B 219 -2.67 30.00 -35.45
N GLY B 220 -2.25 30.67 -34.37
CA GLY B 220 -3.18 31.25 -33.42
C GLY B 220 -3.74 30.21 -32.46
N LEU B 221 -4.68 30.67 -31.64
CA LEU B 221 -5.35 29.79 -30.68
C LEU B 221 -6.63 29.27 -31.32
N GLN B 222 -6.62 28.01 -31.74
CA GLN B 222 -7.74 27.45 -32.46
C GLN B 222 -8.95 27.31 -31.53
N PRO B 223 -10.17 27.54 -32.04
CA PRO B 223 -11.36 27.35 -31.20
C PRO B 223 -11.57 25.87 -30.88
N SER B 224 -12.30 25.62 -29.80
CA SER B 224 -12.62 24.29 -29.29
C SER B 224 -11.37 23.48 -28.97
N ASP B 225 -10.29 24.12 -28.52
CA ASP B 225 -9.08 23.42 -28.15
C ASP B 225 -8.74 23.66 -26.68
N LEU B 226 -8.15 22.64 -26.06
CA LEU B 226 -7.66 22.73 -24.69
C LEU B 226 -6.19 23.13 -24.73
N ILE B 227 -5.87 24.27 -24.12
CA ILE B 227 -4.51 24.81 -24.11
C ILE B 227 -4.02 24.80 -22.67
N ILE B 228 -2.91 24.12 -22.43
CA ILE B 228 -2.31 24.00 -21.11
C ILE B 228 -0.99 24.77 -21.12
N VAL B 229 -0.81 25.64 -20.14
CA VAL B 229 0.44 26.37 -19.95
C VAL B 229 1.02 25.92 -18.62
N ALA B 230 2.23 25.37 -18.65
CA ALA B 230 2.86 24.82 -17.46
C ALA B 230 4.24 25.43 -17.27
N ALA B 231 4.57 25.73 -16.01
CA ALA B 231 5.87 26.27 -15.67
C ALA B 231 6.09 26.11 -14.17
N ARG B 232 7.36 26.10 -13.78
CA ARG B 232 7.69 26.11 -12.38
C ARG B 232 7.37 27.46 -11.76
N PRO B 233 7.23 27.52 -10.43
CA PRO B 233 6.96 28.81 -9.77
C PRO B 233 8.06 29.82 -10.06
N SER B 234 7.67 31.08 -10.18
CA SER B 234 8.52 32.22 -10.50
C SER B 234 9.11 32.12 -11.90
N MET B 235 8.40 31.52 -12.86
CA MET B 235 8.86 31.47 -14.24
C MET B 235 8.10 32.41 -15.15
N GLY B 236 7.26 33.27 -14.58
CA GLY B 236 6.44 34.18 -15.37
C GLY B 236 5.26 33.52 -16.03
N LYS B 237 4.80 32.38 -15.52
CA LYS B 237 3.66 31.69 -16.11
C LYS B 237 2.41 32.56 -16.07
N THR B 238 2.10 33.10 -14.89
CA THR B 238 0.94 33.98 -14.76
C THR B 238 1.14 35.24 -15.60
N THR B 239 2.36 35.76 -15.65
CA THR B 239 2.65 36.94 -16.45
C THR B 239 2.41 36.65 -17.93
N PHE B 240 2.88 35.50 -18.41
CA PHE B 240 2.69 35.13 -19.81
C PHE B 240 1.20 34.95 -20.11
N ALA B 241 0.47 34.32 -19.18
CA ALA B 241 -0.95 34.13 -19.37
C ALA B 241 -1.67 35.48 -19.44
N MET B 242 -1.28 36.42 -18.58
CA MET B 242 -1.89 37.74 -18.62
C MET B 242 -1.55 38.47 -19.91
N ASN B 243 -0.33 38.30 -20.39
CA ASN B 243 0.05 38.88 -21.67
C ASN B 243 -0.82 38.32 -22.79
N LEU B 244 -1.05 37.01 -22.78
CA LEU B 244 -1.91 36.40 -23.78
C LEU B 244 -3.33 36.94 -23.68
N VAL B 245 -3.83 37.10 -22.46
CA VAL B 245 -5.18 37.62 -22.26
C VAL B 245 -5.29 39.04 -22.80
N GLU B 246 -4.29 39.87 -22.50
CA GLU B 246 -4.30 41.25 -22.97
C GLU B 246 -4.23 41.32 -24.49
N ASN B 247 -3.38 40.48 -25.09
CA ASN B 247 -3.28 40.45 -26.55
C ASN B 247 -4.60 40.02 -27.18
N ALA B 248 -5.24 39.00 -26.60
CA ALA B 248 -6.53 38.54 -27.13
C ALA B 248 -7.59 39.64 -27.00
N ALA B 249 -7.59 40.34 -25.87
CA ALA B 249 -8.58 41.41 -25.66
C ALA B 249 -8.35 42.58 -26.63
N MET B 250 -7.08 42.91 -26.90
CA MET B 250 -6.80 44.03 -27.78
C MET B 250 -7.05 43.66 -29.24
N LEU B 251 -6.71 42.44 -29.64
CA LEU B 251 -6.82 42.05 -31.04
C LEU B 251 -8.17 41.44 -31.41
N GLN B 252 -9.07 41.26 -30.45
CA GLN B 252 -10.38 40.70 -30.72
C GLN B 252 -11.43 41.45 -29.91
N ASP B 253 -12.65 41.46 -30.45
CA ASP B 253 -13.78 42.16 -29.85
C ASP B 253 -14.64 41.26 -28.97
N LYS B 254 -14.37 39.96 -28.96
CA LYS B 254 -15.17 39.04 -28.16
C LYS B 254 -14.76 39.10 -26.69
N PRO B 255 -15.69 38.84 -25.77
CA PRO B 255 -15.36 38.90 -24.34
C PRO B 255 -14.31 37.86 -23.97
N VAL B 256 -13.51 38.20 -22.95
CA VAL B 256 -12.51 37.30 -22.40
C VAL B 256 -12.79 37.14 -20.91
N LEU B 257 -12.90 35.89 -20.47
CA LEU B 257 -13.24 35.57 -19.08
C LEU B 257 -12.02 34.96 -18.41
N ILE B 258 -11.79 35.35 -17.15
CA ILE B 258 -10.63 34.92 -16.38
C ILE B 258 -11.13 34.31 -15.07
N PHE B 259 -10.56 33.16 -14.71
CA PHE B 259 -10.80 32.53 -13.42
C PHE B 259 -9.51 32.53 -12.63
N SER B 260 -9.52 33.11 -11.43
CA SER B 260 -8.32 33.22 -10.61
C SER B 260 -8.56 32.56 -9.26
N LEU B 261 -8.06 31.34 -9.11
CA LEU B 261 -8.17 30.61 -7.85
C LEU B 261 -6.97 30.80 -6.95
N GLU B 262 -5.94 31.52 -7.41
CA GLU B 262 -4.70 31.68 -6.66
C GLU B 262 -4.46 33.13 -6.23
N MET B 263 -4.48 34.06 -7.18
CA MET B 263 -4.20 35.44 -6.87
C MET B 263 -5.48 36.26 -6.83
N PRO B 264 -5.55 37.29 -6.00
CA PRO B 264 -6.76 38.12 -5.97
C PRO B 264 -6.89 38.96 -7.22
N SER B 265 -8.07 39.54 -7.40
CA SER B 265 -8.36 40.28 -8.61
C SER B 265 -7.55 41.57 -8.69
N GLU B 266 -7.25 42.16 -7.52
CA GLU B 266 -6.55 43.43 -7.51
C GLU B 266 -5.13 43.28 -8.07
N GLN B 267 -4.42 42.22 -7.67
CA GLN B 267 -3.08 42.02 -8.21
C GLN B 267 -3.09 41.75 -9.71
N ILE B 268 -4.06 40.98 -10.19
CA ILE B 268 -4.18 40.75 -11.63
C ILE B 268 -4.46 42.04 -12.36
N MET B 269 -5.34 42.87 -11.82
CA MET B 269 -5.64 44.16 -12.44
C MET B 269 -4.41 45.05 -12.47
N MET B 270 -3.66 45.10 -11.37
CA MET B 270 -2.45 45.92 -11.34
C MET B 270 -1.42 45.42 -12.33
N ARG B 271 -1.24 44.11 -12.43
CA ARG B 271 -0.32 43.56 -13.41
C ARG B 271 -0.77 43.89 -14.82
N SER B 272 -2.07 43.81 -15.09
CA SER B 272 -2.58 44.15 -16.42
C SER B 272 -2.33 45.61 -16.75
N LEU B 273 -2.58 46.50 -15.79
CA LEU B 273 -2.30 47.92 -16.01
C LEU B 273 -0.83 48.17 -16.27
N ALA B 274 0.04 47.53 -15.49
CA ALA B 274 1.48 47.71 -15.67
C ALA B 274 1.93 47.20 -17.04
N SER B 275 1.40 46.06 -17.47
CA SER B 275 1.80 45.50 -18.75
C SER B 275 1.30 46.35 -19.91
N LEU B 276 0.05 46.80 -19.83
CA LEU B 276 -0.49 47.59 -20.94
C LEU B 276 0.18 48.96 -21.03
N SER B 277 0.38 49.62 -19.88
CA SER B 277 0.97 50.95 -19.87
C SER B 277 2.48 50.94 -19.84
N ARG B 278 3.10 49.76 -19.71
CA ARG B 278 4.56 49.62 -19.65
C ARG B 278 5.13 50.45 -18.50
N VAL B 279 4.38 50.51 -17.40
CA VAL B 279 4.79 51.17 -16.17
C VAL B 279 5.40 50.12 -15.25
N ASP B 280 6.50 50.48 -14.58
CA ASP B 280 7.17 49.55 -13.69
C ASP B 280 6.21 49.08 -12.61
N GLN B 281 6.18 47.76 -12.39
CA GLN B 281 5.23 47.19 -11.44
C GLN B 281 5.57 47.56 -10.00
N THR B 282 6.85 47.77 -9.70
CA THR B 282 7.23 48.12 -8.33
C THR B 282 6.64 49.46 -7.93
N LYS B 283 6.68 50.44 -8.82
CA LYS B 283 6.13 51.76 -8.50
C LYS B 283 4.63 51.69 -8.27
N ILE B 284 3.91 50.95 -9.12
CA ILE B 284 2.46 50.83 -8.97
C ILE B 284 2.11 50.11 -7.67
N ARG B 285 2.83 49.02 -7.37
CA ARG B 285 2.56 48.28 -6.15
C ARG B 285 2.89 49.12 -4.91
N THR B 286 3.87 50.01 -5.02
CA THR B 286 4.22 50.89 -3.91
C THR B 286 3.59 52.28 -4.02
N GLY B 287 2.88 52.56 -5.12
CA GLY B 287 2.26 53.85 -5.28
C GLY B 287 3.23 54.99 -5.54
N GLN B 288 4.44 54.69 -6.00
CA GLN B 288 5.47 55.70 -6.25
C GLN B 288 5.45 56.12 -7.71
N LEU B 289 4.29 56.61 -8.13
CA LEU B 289 4.04 57.02 -9.50
C LEU B 289 4.31 58.52 -9.66
N ASP B 290 4.23 59.02 -10.88
CA ASP B 290 4.44 60.44 -11.16
C ASP B 290 3.42 60.84 -12.22
N ASP B 291 3.60 62.05 -12.77
CA ASP B 291 2.63 62.56 -13.72
C ASP B 291 2.58 61.72 -14.99
N GLU B 292 3.74 61.31 -15.51
CA GLU B 292 3.74 60.51 -16.74
C GLU B 292 3.10 59.14 -16.50
N ASP B 293 3.42 58.52 -15.35
CA ASP B 293 2.80 57.25 -15.01
C ASP B 293 1.30 57.40 -14.82
N TRP B 294 0.87 58.48 -14.16
CA TRP B 294 -0.56 58.72 -13.99
C TRP B 294 -1.25 58.89 -15.34
N ALA B 295 -0.61 59.62 -16.26
CA ALA B 295 -1.18 59.81 -17.58
C ALA B 295 -1.29 58.49 -18.33
N ARG B 296 -0.25 57.64 -18.25
CA ARG B 296 -0.30 56.34 -18.91
C ARG B 296 -1.40 55.48 -18.33
N ILE B 297 -1.55 55.48 -17.01
CA ILE B 297 -2.59 54.67 -16.37
C ILE B 297 -3.97 55.19 -16.78
N SER B 298 -4.12 56.51 -16.84
CA SER B 298 -5.40 57.08 -17.25
C SER B 298 -5.73 56.69 -18.69
N GLY B 299 -4.73 56.71 -19.58
CA GLY B 299 -4.97 56.29 -20.94
C GLY B 299 -5.35 54.82 -21.02
N THR B 300 -4.67 53.98 -20.25
CA THR B 300 -5.00 52.56 -20.22
C THR B 300 -6.42 52.34 -19.72
N MET B 301 -6.83 53.06 -18.67
CA MET B 301 -8.18 52.92 -18.15
C MET B 301 -9.20 53.42 -19.16
N GLY B 302 -8.88 54.48 -19.89
CA GLY B 302 -9.76 54.94 -20.95
C GLY B 302 -9.94 53.89 -22.04
N ILE B 303 -8.84 53.26 -22.43
CA ILE B 303 -8.91 52.19 -23.44
C ILE B 303 -9.76 51.03 -22.93
N LEU B 304 -9.56 50.64 -21.66
CA LEU B 304 -10.32 49.53 -21.11
C LEU B 304 -11.80 49.86 -21.03
N LEU B 305 -12.14 51.08 -20.62
CA LEU B 305 -13.54 51.51 -20.62
C LEU B 305 -14.13 51.57 -22.03
N GLU B 306 -13.32 51.93 -23.03
CA GLU B 306 -13.76 51.85 -24.41
C GLU B 306 -14.06 50.42 -24.82
N LYS B 307 -13.23 49.47 -24.41
CA LYS B 307 -13.45 48.08 -24.74
C LYS B 307 -14.51 47.45 -23.85
N ARG B 308 -14.23 47.37 -22.55
CA ARG B 308 -15.11 46.73 -21.57
C ARG B 308 -15.50 45.32 -21.97
N ASN B 309 -14.54 44.54 -22.46
CA ASN B 309 -14.79 43.17 -22.91
C ASN B 309 -14.06 42.13 -22.09
N ILE B 310 -13.72 42.44 -20.83
CA ILE B 310 -12.98 41.53 -19.97
C ILE B 310 -13.78 41.32 -18.68
N TYR B 311 -13.87 40.07 -18.24
CA TYR B 311 -14.53 39.74 -16.98
C TYR B 311 -13.61 38.84 -16.19
N ILE B 312 -13.56 39.04 -14.87
CA ILE B 312 -12.68 38.28 -13.99
C ILE B 312 -13.47 37.80 -12.78
N ASP B 313 -13.33 36.52 -12.46
CA ASP B 313 -13.93 35.92 -11.26
C ASP B 313 -12.78 35.35 -10.44
N ASP B 314 -12.72 35.74 -9.16
CA ASP B 314 -11.62 35.36 -8.28
C ASP B 314 -12.06 34.44 -7.16
N SER B 315 -13.18 33.73 -7.33
CA SER B 315 -13.65 32.80 -6.31
C SER B 315 -12.70 31.62 -6.20
N SER B 316 -12.64 31.03 -5.00
CA SER B 316 -11.74 29.92 -4.72
C SER B 316 -12.53 28.62 -4.65
N GLY B 317 -11.85 27.53 -4.98
CA GLY B 317 -12.48 26.21 -4.95
C GLY B 317 -13.63 26.04 -5.92
N LEU B 318 -13.49 26.52 -7.14
CA LEU B 318 -14.58 26.44 -8.12
C LEU B 318 -14.72 25.02 -8.64
N THR B 319 -15.95 24.51 -8.65
CA THR B 319 -16.20 23.23 -9.28
C THR B 319 -16.38 23.41 -10.79
N PRO B 320 -16.12 22.35 -11.57
CA PRO B 320 -16.31 22.47 -13.02
C PRO B 320 -17.73 22.81 -13.44
N THR B 321 -18.73 22.34 -12.69
CA THR B 321 -20.11 22.66 -13.01
C THR B 321 -20.38 24.15 -12.92
N GLU B 322 -19.90 24.81 -11.85
CA GLU B 322 -20.09 26.24 -11.72
C GLU B 322 -19.37 27.00 -12.82
N VAL B 323 -18.16 26.57 -13.17
CA VAL B 323 -17.40 27.22 -14.24
C VAL B 323 -18.16 27.12 -15.55
N ARG B 324 -18.68 25.93 -15.86
CA ARG B 324 -19.43 25.74 -17.10
C ARG B 324 -20.70 26.58 -17.11
N SER B 325 -21.39 26.64 -15.97
CA SER B 325 -22.63 27.41 -15.91
C SER B 325 -22.34 28.90 -16.12
N ARG B 326 -21.29 29.41 -15.49
CA ARG B 326 -20.95 30.82 -15.64
C ARG B 326 -20.49 31.13 -17.06
N ALA B 327 -19.71 30.23 -17.67
CA ALA B 327 -19.29 30.44 -19.06
C ALA B 327 -20.49 30.47 -19.99
N ARG B 328 -21.44 29.55 -19.80
CA ARG B 328 -22.65 29.53 -20.61
C ARG B 328 -23.46 30.81 -20.41
N ARG B 329 -23.56 31.27 -19.16
CA ARG B 329 -24.30 32.50 -18.88
C ARG B 329 -23.66 33.69 -19.56
N ILE B 330 -22.33 33.80 -19.50
CA ILE B 330 -21.63 34.90 -20.15
C ILE B 330 -21.84 34.84 -21.67
N ALA B 331 -21.73 33.64 -22.25
CA ALA B 331 -21.91 33.50 -23.69
C ALA B 331 -23.31 33.91 -24.11
N ARG B 332 -24.32 33.51 -23.34
CA ARG B 332 -25.69 33.92 -23.64
C ARG B 332 -25.87 35.43 -23.50
N GLU B 333 -25.31 36.01 -22.44
CA GLU B 333 -25.48 37.43 -22.20
C GLU B 333 -24.81 38.29 -23.27
N HIS B 334 -23.62 37.91 -23.72
CA HIS B 334 -22.88 38.75 -24.66
C HIS B 334 -22.61 38.09 -26.00
N GLY B 335 -23.38 37.07 -26.37
CA GLY B 335 -23.29 36.51 -27.71
C GLY B 335 -21.97 35.89 -28.07
N GLY B 336 -21.38 35.08 -27.18
CA GLY B 336 -20.17 34.37 -27.51
C GLY B 336 -19.02 34.70 -26.60
N ILE B 337 -17.95 33.90 -26.68
CA ILE B 337 -16.76 34.10 -25.86
C ILE B 337 -15.55 34.03 -26.79
N GLY B 338 -14.52 34.80 -26.47
CA GLY B 338 -13.32 34.81 -27.27
C GLY B 338 -12.23 33.91 -26.71
N LEU B 339 -12.15 33.86 -25.37
CA LEU B 339 -11.14 33.05 -24.71
C LEU B 339 -11.53 32.89 -23.25
N ILE B 340 -11.11 31.76 -22.66
CA ILE B 340 -11.33 31.50 -21.24
C ILE B 340 -9.97 31.18 -20.64
N MET B 341 -9.70 31.74 -19.46
CA MET B 341 -8.43 31.53 -18.78
C MET B 341 -8.67 31.10 -17.33
N ILE B 342 -7.98 30.05 -16.90
CA ILE B 342 -8.15 29.50 -15.55
C ILE B 342 -6.77 29.37 -14.92
N ASP B 343 -6.62 29.88 -13.69
CA ASP B 343 -5.35 29.86 -12.97
C ASP B 343 -5.64 29.66 -11.49
N TYR B 344 -5.42 28.44 -10.99
CA TYR B 344 -5.02 27.34 -11.85
C TYR B 344 -5.88 26.11 -11.56
N LEU B 345 -5.75 25.10 -12.42
CA LEU B 345 -6.70 23.99 -12.41
C LEU B 345 -6.57 23.14 -11.14
N GLN B 346 -5.37 23.02 -10.58
CA GLN B 346 -5.17 22.19 -9.40
C GLN B 346 -5.97 22.65 -8.20
N LEU B 347 -6.36 23.92 -8.13
CA LEU B 347 -7.16 24.42 -7.02
C LEU B 347 -8.64 24.11 -7.16
N MET B 348 -9.09 23.70 -8.34
CA MET B 348 -10.47 23.32 -8.55
C MET B 348 -10.80 22.01 -7.82
N ARG B 349 -12.00 21.97 -7.23
CA ARG B 349 -12.44 20.87 -6.38
C ARG B 349 -13.64 20.16 -6.97
N VAL B 350 -13.55 18.84 -7.01
CA VAL B 350 -14.66 17.96 -7.35
C VAL B 350 -15.07 17.21 -6.09
N PRO B 351 -16.21 17.57 -5.49
CA PRO B 351 -16.59 16.94 -4.20
C PRO B 351 -16.72 15.43 -4.25
N ALA B 352 -17.23 14.88 -5.36
CA ALA B 352 -17.41 13.43 -5.43
C ALA B 352 -16.10 12.68 -5.50
N LEU B 353 -15.11 13.19 -6.25
CA LEU B 353 -13.84 12.52 -6.43
C LEU B 353 -12.73 13.14 -5.57
N SER B 354 -13.09 13.73 -4.42
CA SER B 354 -12.08 14.33 -3.56
C SER B 354 -11.13 13.30 -2.97
N ASP B 355 -11.57 12.04 -2.87
CA ASP B 355 -10.74 10.99 -2.30
C ASP B 355 -9.55 10.61 -3.18
N ASN B 356 -9.73 10.59 -4.50
CA ASN B 356 -8.68 10.21 -5.44
C ASN B 356 -8.31 11.42 -6.28
N ARG B 357 -7.04 11.81 -6.23
CA ARG B 357 -6.60 12.98 -6.98
C ARG B 357 -6.59 12.72 -8.48
N THR B 358 -6.18 11.52 -8.90
CA THR B 358 -6.11 11.22 -10.32
C THR B 358 -7.49 11.26 -10.96
N LEU B 359 -8.50 10.68 -10.30
CA LEU B 359 -9.86 10.71 -10.83
C LEU B 359 -10.38 12.14 -10.90
N GLU B 360 -10.07 12.95 -9.89
CA GLU B 360 -10.51 14.34 -9.90
C GLU B 360 -9.88 15.10 -11.07
N ILE B 361 -8.59 14.87 -11.30
CA ILE B 361 -7.90 15.53 -12.41
C ILE B 361 -8.50 15.08 -13.74
N ALA B 362 -8.77 13.78 -13.88
CA ALA B 362 -9.35 13.29 -15.12
C ALA B 362 -10.73 13.90 -15.36
N GLU B 363 -11.56 13.98 -14.32
CA GLU B 363 -12.88 14.60 -14.46
C GLU B 363 -12.75 16.07 -14.84
N ILE B 364 -11.83 16.79 -14.21
CA ILE B 364 -11.64 18.21 -14.52
C ILE B 364 -11.21 18.38 -15.97
N SER B 365 -10.24 17.58 -16.41
CA SER B 365 -9.75 17.70 -17.78
C SER B 365 -10.84 17.38 -18.79
N ARG B 366 -11.62 16.32 -18.53
CA ARG B 366 -12.70 15.96 -19.44
C ARG B 366 -13.75 17.06 -19.49
N SER B 367 -14.12 17.61 -18.33
CA SER B 367 -15.13 18.67 -18.32
C SER B 367 -14.64 19.93 -19.03
N LEU B 368 -13.36 20.28 -18.84
CA LEU B 368 -12.80 21.43 -19.54
C LEU B 368 -12.78 21.22 -21.05
N LYS B 369 -12.38 20.02 -21.49
CA LYS B 369 -12.39 19.73 -22.92
C LYS B 369 -13.80 19.80 -23.49
N ALA B 370 -14.77 19.25 -22.76
CA ALA B 370 -16.15 19.27 -23.21
C ALA B 370 -16.68 20.70 -23.30
N LEU B 371 -16.35 21.53 -22.30
CA LEU B 371 -16.77 22.93 -22.34
C LEU B 371 -16.14 23.66 -23.51
N ALA B 372 -14.86 23.42 -23.76
CA ALA B 372 -14.17 24.07 -24.88
C ALA B 372 -14.83 23.67 -26.19
N LYS B 373 -15.15 22.39 -26.35
CA LYS B 373 -15.79 21.93 -27.57
C LYS B 373 -17.19 22.52 -27.72
N GLU B 374 -17.93 22.61 -26.61
CA GLU B 374 -19.30 23.11 -26.67
C GLU B 374 -19.33 24.59 -27.04
N LEU B 375 -18.56 25.41 -26.33
CA LEU B 375 -18.59 26.85 -26.54
C LEU B 375 -17.83 27.29 -27.78
N ASN B 376 -17.05 26.39 -28.39
CA ASN B 376 -16.22 26.71 -29.54
C ASN B 376 -15.27 27.87 -29.21
N VAL B 377 -14.71 27.82 -28.00
CA VAL B 377 -13.78 28.85 -27.56
C VAL B 377 -12.48 28.21 -27.08
N PRO B 378 -11.35 28.89 -27.18
CA PRO B 378 -10.11 28.38 -26.59
C PRO B 378 -10.08 28.56 -25.08
N VAL B 379 -9.75 27.49 -24.37
CA VAL B 379 -9.67 27.50 -22.92
C VAL B 379 -8.23 27.22 -22.54
N VAL B 380 -7.62 28.14 -21.79
CA VAL B 380 -6.23 28.04 -21.38
C VAL B 380 -6.22 27.85 -19.86
N ALA B 381 -5.76 26.70 -19.40
CA ALA B 381 -5.68 26.39 -17.98
C ALA B 381 -4.23 26.29 -17.58
N LEU B 382 -3.91 26.78 -16.38
CA LEU B 382 -2.53 26.75 -15.91
C LEU B 382 -2.30 25.55 -15.00
N SER B 383 -1.10 24.97 -15.10
CA SER B 383 -0.77 23.77 -14.37
C SER B 383 0.65 23.89 -13.80
N GLN B 384 0.92 23.09 -12.77
CA GLN B 384 2.21 23.08 -12.10
C GLN B 384 2.96 21.79 -12.42
N LEU B 385 4.28 21.88 -12.44
CA LEU B 385 5.12 20.72 -12.72
C LEU B 385 5.69 20.17 -11.42
N ASN B 386 6.35 19.02 -11.53
CA ASN B 386 6.92 18.41 -10.32
C ASN B 386 8.32 18.95 -10.05
N ARG B 387 8.67 19.03 -8.76
CA ARG B 387 9.96 19.56 -8.35
C ARG B 387 11.12 18.64 -8.72
N SER B 388 10.87 17.34 -8.89
CA SER B 388 11.95 16.42 -9.23
C SER B 388 12.59 16.79 -10.56
N LEU B 389 11.89 17.57 -11.39
CA LEU B 389 12.48 18.09 -12.62
C LEU B 389 13.78 18.83 -12.34
N GLU B 390 13.86 19.52 -11.20
CA GLU B 390 15.07 20.27 -10.86
C GLU B 390 16.24 19.36 -10.57
N GLN B 391 15.98 18.07 -10.29
CA GLN B 391 17.03 17.12 -9.97
C GLN B 391 17.55 16.40 -11.20
N ARG B 392 16.95 16.63 -12.37
CA ARG B 392 17.35 15.93 -13.57
C ARG B 392 18.51 16.65 -14.24
N ALA B 393 19.23 15.92 -15.10
CA ALA B 393 20.34 16.52 -15.84
C ALA B 393 19.85 17.64 -16.76
N ASP B 394 18.75 17.40 -17.44
CA ASP B 394 18.08 18.42 -18.24
C ASP B 394 16.82 18.88 -17.52
N LYS B 395 16.69 20.17 -17.29
CA LYS B 395 15.56 20.73 -16.57
C LYS B 395 14.48 21.25 -17.52
N ARG B 396 14.65 21.06 -18.81
CA ARG B 396 13.60 21.41 -19.77
C ARG B 396 12.42 20.47 -19.58
N PRO B 397 11.20 21.01 -19.39
CA PRO B 397 10.08 20.14 -19.02
C PRO B 397 9.71 19.17 -20.13
N VAL B 398 9.16 18.03 -19.71
CA VAL B 398 8.58 17.05 -20.61
C VAL B 398 7.14 16.79 -20.17
N ASN B 399 6.45 15.94 -20.94
CA ASN B 399 5.05 15.63 -20.61
C ASN B 399 4.94 14.93 -19.27
N SER B 400 5.83 13.97 -19.01
CA SER B 400 5.79 13.23 -17.76
C SER B 400 6.04 14.12 -16.54
N ASP B 401 6.56 15.33 -16.75
CA ASP B 401 6.70 16.25 -15.63
C ASP B 401 5.36 16.81 -15.18
N LEU B 402 4.26 16.36 -15.79
CA LEU B 402 2.89 16.68 -15.42
C LEU B 402 2.28 15.58 -14.57
N ARG B 403 3.09 14.95 -13.71
CA ARG B 403 2.67 13.79 -12.94
C ARG B 403 1.35 14.03 -12.21
N GLU B 404 0.59 12.95 -12.02
CA GLU B 404 -0.77 12.91 -11.49
C GLU B 404 -1.79 13.51 -12.47
N SER B 405 -1.37 13.91 -13.67
CA SER B 405 -2.27 14.58 -14.61
C SER B 405 -2.07 14.04 -16.02
N GLY B 406 -2.05 12.70 -16.17
CA GLY B 406 -1.99 12.11 -17.49
C GLY B 406 -3.17 12.50 -18.36
N SER B 407 -4.36 12.61 -17.75
CA SER B 407 -5.54 13.05 -18.48
C SER B 407 -5.37 14.45 -19.03
N ILE B 408 -4.61 15.30 -18.33
CA ILE B 408 -4.37 16.65 -18.83
C ILE B 408 -3.60 16.59 -20.15
N GLU B 409 -2.56 15.77 -20.20
CA GLU B 409 -1.81 15.60 -21.44
C GLU B 409 -2.68 14.98 -22.52
N GLN B 410 -3.53 14.01 -22.15
CA GLN B 410 -4.36 13.34 -23.13
C GLN B 410 -5.39 14.28 -23.74
N ASP B 411 -6.00 15.15 -22.93
CA ASP B 411 -7.16 15.91 -23.41
C ASP B 411 -6.76 17.29 -23.90
N ALA B 412 -5.47 17.61 -23.90
CA ALA B 412 -5.03 18.95 -24.27
C ALA B 412 -4.62 19.01 -25.73
N ASP B 413 -5.24 19.94 -26.47
CA ASP B 413 -4.86 20.20 -27.85
C ASP B 413 -3.46 20.79 -27.96
N LEU B 414 -3.13 21.74 -27.09
CA LEU B 414 -1.81 22.37 -27.09
C LEU B 414 -1.26 22.39 -25.68
N ILE B 415 0.02 22.06 -25.53
CA ILE B 415 0.71 22.11 -24.25
C ILE B 415 1.99 22.91 -24.44
N MET B 416 2.14 23.97 -23.65
CA MET B 416 3.33 24.83 -23.71
C MET B 416 3.96 24.92 -22.33
N PHE B 417 5.28 24.70 -22.28
CA PHE B 417 6.06 24.84 -21.06
C PHE B 417 6.88 26.13 -21.14
N ILE B 418 6.85 26.89 -20.06
CA ILE B 418 7.62 28.11 -19.92
C ILE B 418 8.89 27.82 -19.15
N TYR B 419 10.03 28.17 -19.74
CA TYR B 419 11.34 27.90 -19.15
C TYR B 419 12.17 29.18 -19.15
N ARG B 420 12.92 29.40 -18.08
CA ARG B 420 13.83 30.52 -17.96
C ARG B 420 15.14 30.03 -17.37
N ASP B 421 16.20 29.99 -18.20
CA ASP B 421 17.48 29.50 -17.72
C ASP B 421 18.08 30.45 -16.69
N GLU B 422 17.65 31.71 -16.69
CA GLU B 422 18.13 32.67 -15.70
C GLU B 422 17.66 32.33 -14.30
N VAL B 423 16.48 31.71 -14.16
CA VAL B 423 15.99 31.33 -12.83
C VAL B 423 16.90 30.27 -12.20
N TYR B 424 17.33 29.27 -12.96
CA TYR B 424 18.15 28.20 -12.43
C TYR B 424 19.64 28.51 -12.46
N HIS B 425 20.10 29.40 -13.35
CA HIS B 425 21.51 29.77 -13.45
C HIS B 425 21.61 31.28 -13.29
N GLU B 426 22.40 31.72 -12.31
CA GLU B 426 22.58 33.15 -12.09
C GLU B 426 23.40 33.78 -13.20
N ASN B 427 24.40 33.07 -13.71
CA ASN B 427 25.26 33.56 -14.79
C ASN B 427 24.80 33.05 -16.15
N SER B 428 23.48 32.88 -16.34
CA SER B 428 22.96 32.37 -17.59
C SER B 428 23.23 33.33 -18.73
N ASP B 429 23.71 32.79 -19.86
CA ASP B 429 23.92 33.59 -21.05
C ASP B 429 22.62 34.04 -21.70
N LEU B 430 21.49 33.43 -21.35
CA LEU B 430 20.19 33.79 -21.89
C LEU B 430 19.35 34.58 -20.88
N LYS B 431 19.98 35.45 -20.10
CA LYS B 431 19.25 36.25 -19.13
C LYS B 431 18.24 37.14 -19.85
N GLY B 432 17.00 37.16 -19.32
CA GLY B 432 15.95 37.91 -19.97
C GLY B 432 15.32 37.22 -21.15
N ILE B 433 15.75 36.00 -21.47
CA ILE B 433 15.22 35.24 -22.60
C ILE B 433 14.45 34.05 -22.06
N ALA B 434 13.18 33.95 -22.45
CA ALA B 434 12.32 32.85 -22.03
C ALA B 434 12.06 31.93 -23.21
N GLU B 435 11.85 30.64 -22.91
CA GLU B 435 11.59 29.63 -23.91
C GLU B 435 10.18 29.08 -23.71
N ILE B 436 9.42 28.97 -24.79
CA ILE B 436 8.15 28.27 -24.81
C ILE B 436 8.37 26.97 -25.58
N ILE B 437 8.30 25.85 -24.88
CA ILE B 437 8.52 24.54 -25.47
C ILE B 437 7.16 23.90 -25.71
N ILE B 438 6.92 23.46 -26.95
CA ILE B 438 5.63 22.87 -27.29
C ILE B 438 5.69 21.36 -27.04
N GLY B 439 5.19 20.94 -25.88
CA GLY B 439 5.18 19.51 -25.56
C GLY B 439 4.25 18.68 -26.41
N LYS B 440 3.05 19.21 -26.71
CA LYS B 440 2.08 18.49 -27.50
C LYS B 440 1.31 19.47 -28.36
N GLN B 441 1.70 19.55 -29.64
CA GLN B 441 0.95 20.33 -30.62
C GLN B 441 0.10 19.40 -31.45
N ARG B 442 -1.22 19.51 -31.30
CA ARG B 442 -2.13 18.55 -31.93
C ARG B 442 -2.21 18.76 -33.43
N ASN B 443 -2.22 20.01 -33.89
CA ASN B 443 -2.37 20.33 -35.31
C ASN B 443 -1.15 21.03 -35.89
N GLY B 444 0.05 20.58 -35.56
CA GLY B 444 1.25 21.18 -36.11
C GLY B 444 2.52 20.61 -35.52
N PRO B 445 3.66 21.21 -35.86
CA PRO B 445 4.94 20.72 -35.34
C PRO B 445 5.18 21.18 -33.91
N ILE B 446 6.25 20.65 -33.33
CA ILE B 446 6.65 21.03 -31.97
C ILE B 446 8.06 21.59 -31.98
N GLY B 447 8.37 22.45 -31.03
CA GLY B 447 9.68 23.07 -30.94
C GLY B 447 9.71 24.12 -29.85
N THR B 448 10.77 24.92 -29.87
CA THR B 448 11.00 25.95 -28.87
C THR B 448 10.92 27.33 -29.52
N VAL B 449 10.20 28.24 -28.86
CA VAL B 449 10.07 29.62 -29.31
C VAL B 449 10.68 30.54 -28.25
N ARG B 450 11.59 31.41 -28.67
CA ARG B 450 12.27 32.29 -27.74
C ARG B 450 11.57 33.64 -27.72
N LEU B 451 11.36 34.17 -26.52
CA LEU B 451 10.78 35.49 -26.33
C LEU B 451 11.60 36.29 -25.32
N THR B 452 11.32 37.59 -25.25
CA THR B 452 11.97 38.48 -24.29
C THR B 452 10.99 38.80 -23.16
N PHE B 453 11.46 38.67 -21.92
CA PHE B 453 10.62 38.87 -20.75
C PHE B 453 11.04 40.16 -20.06
N ASN B 454 10.07 41.02 -19.77
CA ASN B 454 10.31 42.25 -19.03
C ASN B 454 9.50 42.23 -17.73
N GLY B 455 10.19 41.80 -16.67
CA GLY B 455 9.56 41.75 -15.36
C GLY B 455 9.29 43.12 -14.77
N GLN B 456 10.06 44.13 -15.20
CA GLN B 456 9.78 45.50 -14.79
C GLN B 456 8.42 45.94 -15.30
N TRP B 457 8.09 45.64 -16.56
CA TRP B 457 6.78 45.91 -17.11
C TRP B 457 5.87 44.69 -17.04
N SER B 458 6.42 43.53 -16.67
CA SER B 458 5.68 42.27 -16.59
C SER B 458 5.00 41.97 -17.93
N ARG B 459 5.82 41.76 -18.96
CA ARG B 459 5.31 41.53 -20.31
C ARG B 459 6.24 40.61 -21.07
N PHE B 460 5.71 39.99 -22.12
CA PHE B 460 6.49 39.20 -23.05
C PHE B 460 6.44 39.83 -24.43
N ASP B 461 7.59 39.92 -25.08
CA ASP B 461 7.73 40.55 -26.37
C ASP B 461 8.49 39.64 -27.31
N ASN B 462 8.37 39.90 -28.61
CA ASN B 462 9.06 39.07 -29.59
C ASN B 462 10.57 39.21 -29.43
N TYR B 463 11.28 38.10 -29.61
CA TYR B 463 12.72 38.08 -29.48
C TYR B 463 13.36 38.58 -30.77
N ALA B 464 13.87 39.80 -30.75
CA ALA B 464 14.45 40.42 -31.93
C ALA B 464 15.88 39.95 -32.20
N GLY B 465 16.46 39.19 -31.28
CA GLY B 465 17.80 38.67 -31.44
C GLY B 465 17.84 37.53 -32.43
N PRO B 466 19.05 37.03 -32.68
CA PRO B 466 19.21 35.91 -33.62
C PRO B 466 18.50 34.67 -33.07
N GLN B 467 17.96 33.86 -33.99
CA GLN B 467 17.24 32.65 -33.60
C GLN B 467 17.96 31.42 -34.12
N TYR B 468 18.12 30.43 -33.25
CA TYR B 468 18.79 29.18 -33.59
C TYR B 468 17.78 28.14 -34.09
N LEU C 24 -50.17 -20.69 -20.56
CA LEU C 24 -49.03 -20.45 -19.68
C LEU C 24 -47.72 -20.86 -20.34
N LYS C 25 -46.87 -19.88 -20.62
CA LYS C 25 -45.57 -20.15 -21.22
C LYS C 25 -44.66 -20.78 -20.17
N VAL C 26 -44.59 -22.11 -20.16
CA VAL C 26 -43.74 -22.81 -19.20
C VAL C 26 -42.28 -22.66 -19.62
N PRO C 27 -41.37 -22.43 -18.68
CA PRO C 27 -39.96 -22.40 -19.02
C PRO C 27 -39.53 -23.71 -19.64
N PRO C 28 -38.69 -23.66 -20.68
CA PRO C 28 -38.32 -24.89 -21.39
C PRO C 28 -37.53 -25.80 -20.47
N HIS C 29 -38.06 -27.00 -20.24
CA HIS C 29 -37.35 -27.98 -19.42
C HIS C 29 -37.88 -29.38 -19.70
N SER C 30 -37.10 -30.37 -19.27
CA SER C 30 -37.44 -31.79 -19.46
C SER C 30 -36.90 -32.55 -18.25
N ILE C 31 -37.81 -32.90 -17.33
CA ILE C 31 -37.47 -33.63 -16.12
C ILE C 31 -36.98 -35.05 -16.43
N GLU C 32 -37.54 -35.68 -17.46
CA GLU C 32 -37.15 -37.04 -17.81
C GLU C 32 -35.66 -37.14 -18.11
N ALA C 33 -35.11 -36.17 -18.85
CA ALA C 33 -33.68 -36.18 -19.12
C ALA C 33 -32.86 -36.08 -17.84
N GLU C 34 -33.26 -35.22 -16.90
CA GLU C 34 -32.54 -35.12 -15.63
C GLU C 34 -32.60 -36.42 -14.84
N GLN C 35 -33.78 -37.02 -14.75
CA GLN C 35 -33.91 -38.27 -14.02
C GLN C 35 -33.06 -39.36 -14.66
N SER C 36 -33.04 -39.42 -16.00
CA SER C 36 -32.20 -40.39 -16.69
C SER C 36 -30.73 -40.16 -16.37
N VAL C 37 -30.30 -38.90 -16.37
CA VAL C 37 -28.89 -38.59 -16.08
C VAL C 37 -28.53 -39.05 -14.67
N LEU C 38 -29.39 -38.73 -13.69
CA LEU C 38 -29.09 -39.08 -12.30
C LEU C 38 -29.07 -40.58 -12.11
N GLY C 39 -30.01 -41.29 -12.72
CA GLY C 39 -30.02 -42.74 -12.62
C GLY C 39 -28.80 -43.36 -13.27
N GLY C 40 -28.41 -42.84 -14.42
CA GLY C 40 -27.22 -43.35 -15.08
C GLY C 40 -25.96 -43.13 -14.25
N LEU C 41 -25.87 -41.96 -13.59
CA LEU C 41 -24.72 -41.74 -12.73
C LEU C 41 -24.73 -42.66 -11.53
N MET C 42 -25.91 -42.94 -10.96
CA MET C 42 -25.95 -43.90 -9.86
C MET C 42 -25.51 -45.29 -10.33
N LEU C 43 -25.99 -45.73 -11.49
CA LEU C 43 -25.69 -47.05 -11.99
C LEU C 43 -24.27 -47.20 -12.52
N ASP C 44 -23.73 -46.16 -13.16
CA ASP C 44 -22.39 -46.25 -13.76
C ASP C 44 -21.62 -45.00 -13.34
N ASN C 45 -20.73 -45.17 -12.36
CA ASN C 45 -19.96 -44.06 -11.83
C ASN C 45 -18.82 -43.66 -12.75
N GLU C 46 -18.54 -44.46 -13.79
CA GLU C 46 -17.40 -44.18 -14.66
C GLU C 46 -17.73 -43.12 -15.70
N ARG C 47 -19.01 -42.83 -15.89
CA ARG C 47 -19.47 -41.83 -16.84
C ARG C 47 -19.59 -40.44 -16.26
N TRP C 48 -19.21 -40.20 -15.00
CA TRP C 48 -19.39 -38.89 -14.39
C TRP C 48 -18.79 -37.80 -15.25
N ASP C 49 -17.57 -38.03 -15.74
CA ASP C 49 -16.90 -37.04 -16.58
C ASP C 49 -17.70 -36.73 -17.83
N ASP C 50 -18.23 -37.76 -18.49
CA ASP C 50 -19.01 -37.52 -19.70
C ASP C 50 -20.24 -36.67 -19.40
N VAL C 51 -20.66 -36.63 -18.13
CA VAL C 51 -21.77 -35.78 -17.76
C VAL C 51 -21.25 -34.45 -17.21
N ALA C 52 -20.06 -34.46 -16.61
CA ALA C 52 -19.55 -33.27 -15.96
C ALA C 52 -19.05 -32.25 -16.98
N GLU C 53 -18.79 -32.71 -18.21
CA GLU C 53 -18.38 -31.81 -19.27
C GLU C 53 -19.57 -31.20 -20.00
N ARG C 54 -20.79 -31.69 -19.73
CA ARG C 54 -21.98 -31.31 -20.47
C ARG C 54 -22.98 -30.50 -19.66
N VAL C 55 -22.93 -30.57 -18.33
CA VAL C 55 -23.96 -29.94 -17.50
C VAL C 55 -23.35 -29.49 -16.18
N VAL C 56 -23.91 -28.40 -15.65
CA VAL C 56 -23.52 -27.82 -14.37
C VAL C 56 -24.73 -27.92 -13.45
N ALA C 57 -24.50 -27.60 -12.17
CA ALA C 57 -25.59 -27.67 -11.21
C ALA C 57 -26.72 -26.69 -11.54
N ASP C 58 -26.36 -25.47 -11.93
CA ASP C 58 -27.33 -24.43 -12.23
C ASP C 58 -28.24 -24.77 -13.41
N ASP C 59 -27.82 -25.70 -14.28
CA ASP C 59 -28.60 -26.11 -15.43
C ASP C 59 -29.86 -26.88 -15.09
N PHE C 60 -30.01 -27.34 -13.86
CA PHE C 60 -31.19 -28.10 -13.49
C PHE C 60 -32.33 -27.16 -13.14
N TYR C 61 -33.55 -27.62 -13.38
CA TYR C 61 -34.71 -26.74 -13.33
C TYR C 61 -35.35 -26.76 -11.95
N THR C 62 -35.05 -27.78 -11.16
CA THR C 62 -35.64 -27.88 -9.84
C THR C 62 -34.55 -27.78 -8.78
N ARG C 63 -34.93 -27.27 -7.61
CA ARG C 63 -33.99 -27.20 -6.50
C ARG C 63 -33.48 -28.58 -6.07
N PRO C 64 -34.32 -29.62 -5.92
CA PRO C 64 -33.79 -30.93 -5.53
C PRO C 64 -32.74 -31.48 -6.48
N HIS C 65 -32.95 -31.35 -7.79
CA HIS C 65 -31.98 -31.89 -8.74
C HIS C 65 -30.66 -31.13 -8.68
N ARG C 66 -30.71 -29.81 -8.57
CA ARG C 66 -29.49 -29.02 -8.43
C ARG C 66 -28.73 -29.41 -7.18
N HIS C 67 -29.46 -29.59 -6.08
CA HIS C 67 -28.85 -29.96 -4.82
C HIS C 67 -28.21 -31.34 -4.90
N ILE C 68 -28.90 -32.29 -5.54
CA ILE C 68 -28.37 -33.64 -5.70
C ILE C 68 -27.10 -33.61 -6.52
N PHE C 69 -27.10 -32.85 -7.61
CA PHE C 69 -25.91 -32.80 -8.46
C PHE C 69 -24.73 -32.18 -7.71
N THR C 70 -25.00 -31.14 -6.92
CA THR C 70 -23.92 -30.53 -6.15
C THR C 70 -23.34 -31.53 -5.15
N GLU C 71 -24.20 -32.28 -4.47
CA GLU C 71 -23.71 -33.27 -3.51
C GLU C 71 -22.94 -34.38 -4.21
N MET C 72 -23.42 -34.83 -5.37
CA MET C 72 -22.72 -35.85 -6.13
C MET C 72 -21.35 -35.36 -6.57
N ALA C 73 -21.26 -34.10 -7.02
CA ALA C 73 -19.96 -33.56 -7.40
C ALA C 73 -19.01 -33.54 -6.20
N ARG C 74 -19.53 -33.14 -5.03
CA ARG C 74 -18.70 -33.11 -3.84
C ARG C 74 -18.19 -34.50 -3.50
N LEU C 75 -19.07 -35.50 -3.53
CA LEU C 75 -18.66 -36.87 -3.23
C LEU C 75 -17.65 -37.38 -4.25
N GLN C 76 -17.88 -37.11 -5.53
CA GLN C 76 -17.00 -37.64 -6.57
C GLN C 76 -15.61 -37.02 -6.47
N GLU C 77 -15.53 -35.73 -6.19
CA GLU C 77 -14.23 -35.11 -6.04
C GLU C 77 -13.61 -35.34 -4.67
N SER C 78 -14.36 -35.88 -3.71
CA SER C 78 -13.81 -36.31 -2.43
C SER C 78 -13.37 -37.77 -2.40
N GLY C 79 -13.47 -38.49 -3.52
CA GLY C 79 -13.03 -39.87 -3.50
C GLY C 79 -14.06 -40.86 -2.98
N SER C 80 -15.35 -40.64 -3.22
CA SER C 80 -16.31 -41.56 -2.64
C SER C 80 -17.29 -42.08 -3.69
N PRO C 81 -17.84 -43.27 -3.44
CA PRO C 81 -18.88 -43.82 -4.32
C PRO C 81 -20.14 -42.97 -4.28
N ILE C 82 -20.89 -43.02 -5.38
CA ILE C 82 -22.10 -42.22 -5.52
C ILE C 82 -23.32 -43.12 -5.64
N ASP C 83 -23.28 -44.28 -5.00
CA ASP C 83 -24.43 -45.16 -5.00
C ASP C 83 -25.57 -44.59 -4.15
N LEU C 84 -26.70 -45.30 -4.17
CA LEU C 84 -27.93 -44.76 -3.59
C LEU C 84 -27.82 -44.50 -2.08
N ILE C 85 -27.31 -45.47 -1.34
CA ILE C 85 -27.29 -45.38 0.12
C ILE C 85 -26.33 -44.29 0.59
N THR C 86 -25.12 -44.27 0.04
CA THR C 86 -24.14 -43.27 0.45
C THR C 86 -24.61 -41.86 0.11
N LEU C 87 -25.18 -41.68 -1.09
CA LEU C 87 -25.67 -40.36 -1.48
C LEU C 87 -26.82 -39.90 -0.59
N ALA C 88 -27.78 -40.78 -0.32
CA ALA C 88 -28.90 -40.40 0.52
C ALA C 88 -28.45 -40.08 1.95
N GLU C 89 -27.54 -40.88 2.49
CA GLU C 89 -27.05 -40.62 3.84
C GLU C 89 -26.27 -39.32 3.90
N SER C 90 -25.44 -39.05 2.89
CA SER C 90 -24.68 -37.80 2.89
C SER C 90 -25.62 -36.61 2.82
N LEU C 91 -26.68 -36.70 2.02
CA LEU C 91 -27.65 -35.61 1.99
C LEU C 91 -28.32 -35.48 3.35
N GLU C 92 -28.61 -36.62 4.00
CA GLU C 92 -29.29 -36.63 5.29
C GLU C 92 -28.43 -35.97 6.36
N ARG C 93 -27.12 -36.22 6.33
CA ARG C 93 -26.19 -35.66 7.30
C ARG C 93 -26.21 -34.14 7.28
N GLN C 94 -26.53 -33.53 6.16
CA GLN C 94 -26.63 -32.08 6.04
C GLN C 94 -28.06 -31.62 6.31
N GLY C 95 -28.97 -32.54 6.63
CA GLY C 95 -30.36 -32.20 6.90
C GLY C 95 -31.14 -31.81 5.68
N GLN C 96 -30.58 -32.02 4.49
CA GLN C 96 -31.17 -31.65 3.22
C GLN C 96 -31.88 -32.80 2.53
N LEU C 97 -31.92 -33.98 3.17
CA LEU C 97 -32.58 -35.14 2.58
C LEU C 97 -34.08 -34.93 2.44
N ASP C 98 -34.71 -34.28 3.41
CA ASP C 98 -36.15 -34.05 3.35
C ASP C 98 -36.52 -33.14 2.19
N SER C 99 -35.73 -32.08 1.95
CA SER C 99 -36.04 -31.16 0.87
C SER C 99 -35.98 -31.83 -0.51
N VAL C 100 -34.99 -32.71 -0.74
CA VAL C 100 -34.91 -33.44 -2.01
C VAL C 100 -36.13 -34.28 -2.31
N GLY C 101 -36.69 -34.98 -1.33
CA GLY C 101 -37.84 -35.82 -1.59
C GLY C 101 -37.87 -37.12 -0.83
N GLY C 102 -36.73 -37.55 -0.30
CA GLY C 102 -36.67 -38.72 0.54
C GLY C 102 -36.04 -39.94 -0.10
N PHE C 103 -35.77 -40.96 0.72
CA PHE C 103 -35.20 -42.20 0.22
C PHE C 103 -36.13 -42.88 -0.80
N ALA C 104 -37.44 -42.68 -0.67
CA ALA C 104 -38.37 -43.21 -1.66
C ALA C 104 -38.11 -42.62 -3.04
N TYR C 105 -37.98 -41.30 -3.11
CA TYR C 105 -37.73 -40.63 -4.38
C TYR C 105 -36.35 -40.98 -4.92
N LEU C 106 -35.35 -41.07 -4.04
CA LEU C 106 -34.02 -41.45 -4.49
C LEU C 106 -34.01 -42.86 -5.08
N ALA C 107 -34.70 -43.79 -4.41
CA ALA C 107 -34.78 -45.15 -4.93
C ALA C 107 -35.54 -45.20 -6.25
N GLU C 108 -36.59 -44.41 -6.37
CA GLU C 108 -37.31 -44.33 -7.64
C GLU C 108 -36.42 -43.82 -8.77
N LEU C 109 -35.63 -42.78 -8.48
CA LEU C 109 -34.68 -42.29 -9.48
C LEU C 109 -33.67 -43.36 -9.87
N SER C 110 -33.16 -44.10 -8.90
CA SER C 110 -32.16 -45.13 -9.19
C SER C 110 -32.75 -46.27 -10.03
N LYS C 111 -33.99 -46.67 -9.72
CA LYS C 111 -34.60 -47.86 -10.31
C LYS C 111 -35.26 -47.60 -11.67
N ASN C 112 -36.06 -46.54 -11.78
CA ASN C 112 -36.86 -46.34 -12.99
C ASN C 112 -36.01 -46.17 -14.24
N THR C 113 -34.91 -45.44 -14.14
CA THR C 113 -34.08 -45.17 -15.31
C THR C 113 -33.25 -46.40 -15.65
N PRO C 114 -33.38 -46.95 -16.87
CA PRO C 114 -32.61 -48.15 -17.22
C PRO C 114 -31.12 -47.85 -17.35
N SER C 115 -30.32 -48.88 -17.05
CA SER C 115 -28.87 -48.77 -17.18
C SER C 115 -28.41 -48.58 -18.62
N ALA C 116 -28.99 -49.31 -19.57
CA ALA C 116 -28.59 -49.23 -20.97
C ALA C 116 -29.11 -47.94 -21.61
N ALA C 117 -28.38 -46.85 -21.35
CA ALA C 117 -28.76 -45.52 -21.81
C ALA C 117 -27.53 -44.79 -22.30
N ASN C 118 -27.76 -43.80 -23.17
CA ASN C 118 -26.70 -42.90 -23.64
C ASN C 118 -26.87 -41.59 -22.89
N ILE C 119 -26.07 -41.41 -21.83
CA ILE C 119 -26.23 -40.25 -20.96
C ILE C 119 -25.67 -39.00 -21.60
N SER C 120 -24.89 -39.14 -22.67
CA SER C 120 -24.32 -37.96 -23.33
C SER C 120 -25.41 -37.11 -23.99
N ALA C 121 -26.33 -37.75 -24.71
CA ALA C 121 -27.42 -37.01 -25.35
C ALA C 121 -28.31 -36.37 -24.30
N TYR C 122 -28.61 -37.11 -23.23
CA TYR C 122 -29.45 -36.55 -22.19
C TYR C 122 -28.77 -35.40 -21.46
N ALA C 123 -27.46 -35.47 -21.26
CA ALA C 123 -26.76 -34.34 -20.64
C ALA C 123 -26.73 -33.13 -21.55
N ASP C 124 -26.62 -33.35 -22.86
CA ASP C 124 -26.71 -32.22 -23.77
C ASP C 124 -28.12 -31.66 -23.85
N ILE C 125 -29.12 -32.47 -23.48
CA ILE C 125 -30.48 -31.95 -23.42
C ILE C 125 -30.71 -31.18 -22.12
N VAL C 126 -30.26 -31.73 -20.99
CA VAL C 126 -30.34 -31.00 -19.73
C VAL C 126 -29.46 -29.75 -19.76
N ARG C 127 -28.61 -29.61 -20.77
CA ARG C 127 -28.06 -28.28 -20.99
C ARG C 127 -29.10 -27.40 -21.66
N GLU C 128 -29.07 -27.36 -22.99
CA GLU C 128 -29.59 -26.22 -23.76
C GLU C 128 -30.83 -25.54 -23.21
N ARG C 129 -31.62 -26.29 -22.41
CA ARG C 129 -32.70 -25.73 -21.61
C ARG C 129 -32.28 -24.57 -20.71
N ALA C 130 -31.14 -24.68 -20.03
CA ALA C 130 -30.72 -23.55 -19.21
C ALA C 130 -30.37 -22.34 -20.07
N VAL C 131 -29.81 -22.56 -21.25
CA VAL C 131 -29.50 -21.44 -22.13
C VAL C 131 -30.77 -20.76 -22.61
N VAL C 132 -31.76 -21.54 -23.02
CA VAL C 132 -33.02 -20.96 -23.48
C VAL C 132 -33.74 -20.26 -22.32
N ARG C 133 -33.71 -20.84 -21.13
CA ARG C 133 -34.34 -20.19 -19.98
C ARG C 133 -33.65 -18.87 -19.65
N GLU C 134 -32.32 -18.83 -19.71
CA GLU C 134 -31.60 -17.58 -19.48
C GLU C 134 -31.92 -16.55 -20.55
N MET C 135 -32.03 -16.99 -21.81
CA MET C 135 -32.38 -16.06 -22.89
C MET C 135 -33.77 -15.47 -22.69
N ILE C 136 -34.75 -16.31 -22.31
CA ILE C 136 -36.09 -15.81 -22.03
C ILE C 136 -36.08 -14.84 -20.86
N SER C 137 -35.27 -15.14 -19.84
CA SER C 137 -35.15 -14.24 -18.70
C SER C 137 -34.58 -12.89 -19.13
N VAL C 138 -33.58 -12.91 -20.01
CA VAL C 138 -33.00 -11.67 -20.51
C VAL C 138 -34.02 -10.88 -21.31
N ALA C 139 -34.80 -11.55 -22.15
CA ALA C 139 -35.83 -10.85 -22.91
C ALA C 139 -36.86 -10.20 -21.97
N ASN C 140 -37.29 -10.92 -20.94
CA ASN C 140 -38.22 -10.33 -19.98
C ASN C 140 -37.61 -9.15 -19.25
N GLU C 141 -36.33 -9.24 -18.87
CA GLU C 141 -35.66 -8.14 -18.21
C GLU C 141 -35.57 -6.92 -19.11
N ILE C 142 -35.27 -7.14 -20.39
CA ILE C 142 -35.21 -6.03 -21.35
C ILE C 142 -36.57 -5.36 -21.47
N ALA C 143 -37.63 -6.15 -21.59
CA ALA C 143 -38.96 -5.57 -21.70
C ALA C 143 -39.34 -4.79 -20.44
N GLU C 144 -39.05 -5.35 -19.26
CA GLU C 144 -39.37 -4.67 -18.02
C GLU C 144 -38.60 -3.36 -17.88
N ALA C 145 -37.33 -3.36 -18.25
CA ALA C 145 -36.53 -2.14 -18.24
C ALA C 145 -37.09 -1.12 -19.23
N GLY C 146 -37.58 -1.59 -20.38
CA GLY C 146 -38.17 -0.67 -21.35
C GLY C 146 -39.45 -0.03 -20.86
N PHE C 147 -40.28 -0.77 -20.11
CA PHE C 147 -41.53 -0.18 -19.63
C PHE C 147 -41.30 0.86 -18.56
N ASP C 148 -40.25 0.70 -17.74
CA ASP C 148 -39.94 1.61 -16.63
C ASP C 148 -38.51 2.06 -16.78
N PRO C 149 -38.25 3.09 -17.60
CA PRO C 149 -36.86 3.51 -17.83
C PRO C 149 -36.10 3.91 -16.59
N GLN C 150 -36.76 4.52 -15.60
CA GLN C 150 -36.12 4.96 -14.37
C GLN C 150 -34.93 5.88 -14.67
N GLY C 151 -35.11 6.80 -15.61
CA GLY C 151 -34.08 7.76 -15.96
C GLY C 151 -33.13 7.31 -17.04
N ARG C 152 -33.24 6.07 -17.52
CA ARG C 152 -32.36 5.62 -18.58
C ARG C 152 -32.81 6.14 -19.94
N THR C 153 -31.84 6.48 -20.77
CA THR C 153 -32.07 6.88 -22.15
C THR C 153 -32.22 5.65 -23.04
N SER C 154 -32.59 5.89 -24.30
CA SER C 154 -32.72 4.79 -25.25
C SER C 154 -31.37 4.13 -25.49
N GLU C 155 -30.30 4.93 -25.53
CA GLU C 155 -28.96 4.39 -25.74
C GLU C 155 -28.57 3.46 -24.61
N ASP C 156 -28.90 3.82 -23.36
CA ASP C 156 -28.59 2.94 -22.24
C ASP C 156 -29.34 1.62 -22.35
N LEU C 157 -30.61 1.65 -22.75
CA LEU C 157 -31.36 0.40 -22.90
C LEU C 157 -30.77 -0.46 -24.01
N LEU C 158 -30.40 0.15 -25.13
CA LEU C 158 -29.78 -0.61 -26.21
C LEU C 158 -28.45 -1.22 -25.77
N ASP C 159 -27.65 -0.43 -25.02
CA ASP C 159 -26.39 -0.94 -24.49
C ASP C 159 -26.63 -2.11 -23.56
N LEU C 160 -27.65 -2.01 -22.71
CA LEU C 160 -27.97 -3.09 -21.78
C LEU C 160 -28.36 -4.35 -22.54
N ALA C 161 -29.19 -4.21 -23.58
CA ALA C 161 -29.61 -5.37 -24.35
C ALA C 161 -28.41 -6.03 -25.02
N GLU C 162 -27.54 -5.23 -25.64
CA GLU C 162 -26.36 -5.77 -26.29
C GLU C 162 -25.45 -6.48 -25.28
N SER C 163 -25.26 -5.86 -24.11
CA SER C 163 -24.40 -6.45 -23.09
C SER C 163 -24.95 -7.78 -22.60
N ARG C 164 -26.26 -7.84 -22.34
CA ARG C 164 -26.86 -9.09 -21.87
C ARG C 164 -26.72 -10.20 -22.91
N VAL C 165 -27.07 -9.91 -24.17
CA VAL C 165 -27.06 -10.95 -25.19
C VAL C 165 -25.63 -11.33 -25.54
N PHE C 166 -24.68 -10.42 -25.29
CA PHE C 166 -23.26 -10.71 -25.49
C PHE C 166 -22.75 -11.62 -24.38
N LYS C 167 -23.16 -11.35 -23.14
CA LYS C 167 -22.74 -12.15 -21.99
C LYS C 167 -23.29 -13.56 -22.08
N ILE C 168 -24.53 -13.72 -22.55
CA ILE C 168 -25.10 -15.06 -22.57
C ILE C 168 -24.31 -15.96 -23.54
N ALA C 169 -23.71 -15.36 -24.55
CA ALA C 169 -23.03 -16.18 -25.55
C ALA C 169 -21.56 -16.25 -25.22
N GLU C 170 -21.06 -15.30 -24.44
CA GLU C 170 -19.67 -15.37 -24.03
C GLU C 170 -19.57 -16.46 -22.97
N SER C 171 -20.61 -16.56 -22.12
CA SER C 171 -20.66 -17.66 -21.17
C SER C 171 -21.01 -18.97 -21.86
N ARG C 172 -21.43 -18.93 -23.12
CA ARG C 172 -21.56 -20.21 -23.79
C ARG C 172 -20.20 -20.63 -24.32
N ALA C 173 -19.54 -19.71 -25.04
CA ALA C 173 -18.25 -19.99 -25.66
C ALA C 173 -17.16 -20.32 -24.64
N ASN C 174 -17.32 -19.88 -23.39
CA ASN C 174 -16.41 -20.34 -22.35
C ASN C 174 -16.44 -21.85 -22.21
N LYS C 175 -17.61 -22.46 -22.42
CA LYS C 175 -17.73 -23.92 -22.37
C LYS C 175 -17.18 -24.60 -23.62
N ASP C 176 -17.30 -23.96 -24.78
CA ASP C 176 -17.01 -24.62 -26.05
C ASP C 176 -15.56 -25.06 -26.18
N GLU C 177 -14.62 -24.40 -25.49
CA GLU C 177 -13.22 -24.75 -25.58
C GLU C 177 -12.97 -26.12 -24.96
N GLY C 178 -12.22 -26.96 -25.67
CA GLY C 178 -11.90 -28.29 -25.20
C GLY C 178 -10.81 -28.96 -26.00
N PRO C 179 -10.08 -29.88 -25.37
CA PRO C 179 -8.99 -30.57 -26.07
C PRO C 179 -9.52 -31.70 -26.95
N LYS C 180 -8.60 -32.25 -27.75
CA LYS C 180 -8.92 -33.35 -28.65
C LYS C 180 -7.81 -34.38 -28.59
N ASN C 181 -8.07 -35.54 -29.18
CA ASN C 181 -7.06 -36.60 -29.25
C ASN C 181 -5.89 -36.18 -30.11
N ILE C 182 -4.70 -36.67 -29.76
CA ILE C 182 -3.48 -36.21 -30.42
C ILE C 182 -3.25 -36.85 -31.78
N ALA C 183 -3.98 -37.90 -32.13
CA ALA C 183 -3.82 -38.50 -33.45
C ALA C 183 -4.21 -37.50 -34.55
N ASP C 184 -5.40 -36.93 -34.43
CA ASP C 184 -5.85 -35.94 -35.41
C ASP C 184 -4.98 -34.69 -35.36
N VAL C 185 -4.51 -34.31 -34.16
CA VAL C 185 -3.65 -33.14 -34.04
C VAL C 185 -2.34 -33.36 -34.78
N LEU C 186 -1.74 -34.53 -34.62
CA LEU C 186 -0.50 -34.84 -35.32
C LEU C 186 -0.72 -34.92 -36.82
N ASP C 187 -1.85 -35.51 -37.24
CA ASP C 187 -2.16 -35.57 -38.67
C ASP C 187 -2.32 -34.16 -39.24
N ALA C 188 -3.00 -33.27 -38.52
CA ALA C 188 -3.16 -31.90 -38.98
C ALA C 188 -1.83 -31.16 -38.98
N THR C 189 -0.95 -31.45 -38.01
CA THR C 189 0.37 -30.83 -38.00
C THR C 189 1.17 -31.23 -39.22
N VAL C 190 1.16 -32.52 -39.55
CA VAL C 190 1.87 -32.99 -40.75
C VAL C 190 1.26 -32.37 -41.99
N ALA C 191 -0.07 -32.28 -42.03
CA ALA C 191 -0.75 -31.68 -43.18
C ALA C 191 -0.38 -30.21 -43.33
N ARG C 192 -0.28 -29.48 -42.22
CA ARG C 192 0.11 -28.08 -42.27
C ARG C 192 1.55 -27.93 -42.74
N ILE C 193 2.44 -28.80 -42.28
CA ILE C 193 3.82 -28.77 -42.74
C ILE C 193 3.88 -29.01 -44.24
N GLU C 194 3.12 -30.01 -44.71
CA GLU C 194 3.09 -30.32 -46.13
C GLU C 194 2.48 -29.17 -46.94
N GLN C 195 1.51 -28.47 -46.36
CA GLN C 195 0.93 -27.31 -47.03
C GLN C 195 1.92 -26.17 -47.13
N LEU C 196 2.71 -25.96 -46.07
CA LEU C 196 3.77 -24.97 -46.13
C LEU C 196 4.79 -25.32 -47.21
N PHE C 197 5.12 -26.61 -47.32
CA PHE C 197 6.02 -27.05 -48.38
C PHE C 197 5.42 -26.85 -49.76
N GLN C 198 4.11 -27.11 -49.90
CA GLN C 198 3.46 -27.05 -51.21
C GLN C 198 3.10 -25.62 -51.59
N GLN C 199 2.23 -24.99 -50.81
CA GLN C 199 1.80 -23.63 -51.09
C GLN C 199 2.85 -22.64 -50.61
N PRO C 200 3.62 -22.04 -51.52
CA PRO C 200 4.71 -21.15 -51.09
C PRO C 200 4.19 -19.88 -50.43
N HIS C 201 3.32 -19.16 -51.13
CA HIS C 201 2.84 -17.83 -50.75
C HIS C 201 3.97 -16.83 -50.58
N ASP C 202 5.19 -17.22 -50.97
CA ASP C 202 6.38 -16.38 -50.88
C ASP C 202 6.62 -15.94 -49.43
N GLY C 203 6.87 -16.92 -48.56
CA GLY C 203 7.20 -16.53 -47.20
C GLY C 203 6.02 -16.32 -46.28
N VAL C 204 5.55 -15.08 -46.27
CA VAL C 204 4.41 -14.60 -45.50
C VAL C 204 3.19 -15.51 -45.54
N THR C 205 2.86 -16.07 -44.38
CA THR C 205 1.72 -16.96 -44.21
C THR C 205 0.55 -16.27 -43.51
N GLY C 206 0.74 -14.99 -43.16
CA GLY C 206 -0.26 -14.17 -42.53
C GLY C 206 -0.41 -12.85 -43.26
N VAL C 207 -0.76 -11.81 -42.51
CA VAL C 207 -0.88 -10.49 -43.13
C VAL C 207 0.52 -9.94 -43.40
N ASN C 208 0.76 -9.53 -44.63
CA ASN C 208 2.07 -9.04 -45.04
C ASN C 208 2.40 -7.72 -44.35
N THR C 209 3.64 -7.58 -43.89
CA THR C 209 4.06 -6.36 -43.24
C THR C 209 4.64 -5.33 -44.20
N GLY C 210 4.86 -5.70 -45.46
CA GLY C 210 5.46 -4.77 -46.40
C GLY C 210 6.97 -4.65 -46.33
N TYR C 211 7.62 -5.40 -45.45
CA TYR C 211 9.08 -5.36 -45.30
C TYR C 211 9.59 -6.78 -45.41
N ASP C 212 10.63 -6.97 -46.23
CA ASP C 212 11.08 -8.33 -46.54
C ASP C 212 11.75 -8.99 -45.35
N ASP C 213 12.63 -8.27 -44.66
CA ASP C 213 13.30 -8.88 -43.50
C ASP C 213 12.30 -9.20 -42.39
N LEU C 214 11.36 -8.30 -42.13
CA LEU C 214 10.34 -8.55 -41.12
C LEU C 214 9.45 -9.72 -41.54
N ASN C 215 9.15 -9.82 -42.83
CA ASN C 215 8.36 -10.95 -43.32
C ASN C 215 9.11 -12.26 -43.14
N LYS C 216 10.43 -12.27 -43.41
CA LYS C 216 11.22 -13.46 -43.18
C LYS C 216 11.22 -13.85 -41.71
N LYS C 217 11.35 -12.85 -40.82
CA LYS C 217 11.37 -13.11 -39.39
C LYS C 217 10.02 -13.62 -38.86
N THR C 218 8.90 -13.07 -39.32
CA THR C 218 7.61 -13.34 -38.69
C THR C 218 6.62 -14.07 -39.59
N ALA C 219 6.90 -14.19 -40.89
CA ALA C 219 5.98 -14.80 -41.86
C ALA C 219 4.62 -14.09 -41.86
N GLY C 220 4.64 -12.77 -41.75
CA GLY C 220 3.43 -11.99 -41.74
C GLY C 220 2.76 -11.91 -40.38
N LEU C 221 1.75 -11.03 -40.32
CA LEU C 221 0.96 -10.84 -39.11
C LEU C 221 -0.16 -11.88 -39.08
N GLN C 222 -0.05 -12.85 -38.18
CA GLN C 222 -0.96 -13.98 -38.21
C GLN C 222 -2.34 -13.57 -37.71
N PRO C 223 -3.41 -14.14 -38.28
CA PRO C 223 -4.76 -13.87 -37.76
C PRO C 223 -4.92 -14.43 -36.35
N SER C 224 -5.83 -13.81 -35.60
CA SER C 224 -6.15 -14.16 -34.22
C SER C 224 -4.97 -13.95 -33.28
N ASP C 225 -4.04 -13.06 -33.61
CA ASP C 225 -2.88 -12.80 -32.76
C ASP C 225 -2.90 -11.36 -32.28
N LEU C 226 -2.48 -11.16 -31.04
CA LEU C 226 -2.35 -9.83 -30.47
C LEU C 226 -0.93 -9.32 -30.70
N ILE C 227 -0.81 -8.15 -31.33
CA ILE C 227 0.46 -7.56 -31.68
C ILE C 227 0.58 -6.22 -30.97
N ILE C 228 1.67 -6.03 -30.24
CA ILE C 228 1.93 -4.81 -29.51
C ILE C 228 3.12 -4.11 -30.16
N VAL C 229 2.99 -2.81 -30.40
CA VAL C 229 4.07 -1.97 -30.88
C VAL C 229 4.33 -0.92 -29.81
N ALA C 230 5.58 -0.83 -29.36
CA ALA C 230 5.92 0.06 -28.27
C ALA C 230 7.18 0.85 -28.61
N ALA C 231 7.24 2.07 -28.10
CA ALA C 231 8.38 2.96 -28.25
C ALA C 231 8.17 4.16 -27.33
N ARG C 232 9.26 4.86 -27.05
CA ARG C 232 9.14 6.11 -26.34
C ARG C 232 8.51 7.18 -27.23
N PRO C 233 7.91 8.21 -26.63
CA PRO C 233 7.23 9.24 -27.42
C PRO C 233 8.18 9.92 -28.40
N SER C 234 7.65 10.30 -29.56
CA SER C 234 8.33 10.95 -30.67
C SER C 234 9.26 10.01 -31.43
N MET C 235 9.26 8.72 -31.13
CA MET C 235 10.07 7.77 -31.87
C MET C 235 9.48 7.42 -33.23
N GLY C 236 8.17 7.60 -33.40
CA GLY C 236 7.51 7.30 -34.66
C GLY C 236 6.66 6.07 -34.60
N LYS C 237 5.96 5.83 -33.49
CA LYS C 237 5.08 4.68 -33.37
C LYS C 237 3.91 4.77 -34.34
N THR C 238 3.25 5.94 -34.36
CA THR C 238 2.09 6.11 -35.24
C THR C 238 2.50 5.98 -36.70
N THR C 239 3.69 6.49 -37.05
CA THR C 239 4.18 6.35 -38.42
C THR C 239 4.33 4.89 -38.80
N PHE C 240 4.97 4.09 -37.94
CA PHE C 240 5.17 2.68 -38.23
C PHE C 240 3.84 1.95 -38.33
N ALA C 241 2.92 2.26 -37.42
CA ALA C 241 1.61 1.61 -37.46
C ALA C 241 0.87 1.95 -38.73
N MET C 242 0.92 3.22 -39.15
CA MET C 242 0.24 3.61 -40.37
C MET C 242 0.90 2.99 -41.60
N ASN C 243 2.23 2.83 -41.57
CA ASN C 243 2.89 2.12 -42.67
C ASN C 243 2.43 0.68 -42.74
N LEU C 244 2.30 0.02 -41.59
CA LEU C 244 1.77 -1.35 -41.57
C LEU C 244 0.35 -1.38 -42.11
N VAL C 245 -0.48 -0.41 -41.72
CA VAL C 245 -1.86 -0.36 -42.19
C VAL C 245 -1.90 -0.19 -43.70
N GLU C 246 -1.08 0.73 -44.23
CA GLU C 246 -1.06 0.97 -45.66
C GLU C 246 -0.62 -0.27 -46.41
N ASN C 247 0.43 -0.95 -45.92
CA ASN C 247 0.90 -2.15 -46.60
C ASN C 247 -0.16 -3.24 -46.57
N ALA C 248 -0.86 -3.39 -45.44
CA ALA C 248 -1.92 -4.39 -45.35
C ALA C 248 -3.06 -4.09 -46.31
N ALA C 249 -3.46 -2.81 -46.39
CA ALA C 249 -4.53 -2.42 -47.29
C ALA C 249 -4.14 -2.61 -48.75
N MET C 250 -2.89 -2.31 -49.10
CA MET C 250 -2.44 -2.45 -50.49
C MET C 250 -2.25 -3.90 -50.87
N LEU C 251 -1.91 -4.76 -49.91
CA LEU C 251 -1.59 -6.15 -50.22
C LEU C 251 -2.71 -7.11 -49.90
N GLN C 252 -3.93 -6.61 -49.64
CA GLN C 252 -5.05 -7.46 -49.27
C GLN C 252 -6.34 -6.85 -49.79
N ASP C 253 -7.43 -7.58 -49.59
CA ASP C 253 -8.75 -7.16 -50.06
C ASP C 253 -9.74 -6.94 -48.92
N LYS C 254 -9.42 -7.40 -47.72
CA LYS C 254 -10.34 -7.24 -46.61
C LYS C 254 -10.21 -5.84 -46.01
N PRO C 255 -11.27 -5.33 -45.39
CA PRO C 255 -11.21 -4.00 -44.78
C PRO C 255 -10.16 -3.92 -43.69
N VAL C 256 -9.61 -2.73 -43.51
CA VAL C 256 -8.66 -2.44 -42.44
C VAL C 256 -9.23 -1.31 -41.59
N LEU C 257 -9.37 -1.58 -40.30
CA LEU C 257 -10.04 -0.67 -39.36
C LEU C 257 -9.00 -0.10 -38.40
N ILE C 258 -9.10 1.21 -38.16
CA ILE C 258 -8.15 1.94 -37.32
C ILE C 258 -8.92 2.59 -36.19
N PHE C 259 -8.43 2.42 -34.97
CA PHE C 259 -8.96 3.13 -33.80
C PHE C 259 -7.88 4.08 -33.32
N SER C 260 -8.08 5.37 -33.56
CA SER C 260 -7.10 6.42 -33.24
C SER C 260 -7.63 7.27 -32.11
N LEU C 261 -7.26 6.93 -30.87
CA LEU C 261 -7.68 7.70 -29.72
C LEU C 261 -6.78 8.89 -29.46
N GLU C 262 -5.75 9.08 -30.28
CA GLU C 262 -4.74 10.12 -30.04
C GLU C 262 -4.78 11.22 -31.09
N MET C 263 -5.17 10.90 -32.32
CA MET C 263 -5.15 11.90 -33.38
C MET C 263 -6.49 11.98 -34.08
N PRO C 264 -6.86 13.16 -34.59
CA PRO C 264 -8.05 13.26 -35.43
C PRO C 264 -7.82 12.55 -36.76
N SER C 265 -8.92 12.12 -37.37
CA SER C 265 -8.83 11.33 -38.60
C SER C 265 -8.22 12.13 -39.74
N GLU C 266 -8.34 13.46 -39.68
CA GLU C 266 -7.82 14.29 -40.76
C GLU C 266 -6.30 14.25 -40.81
N GLN C 267 -5.66 14.32 -39.65
CA GLN C 267 -4.21 14.22 -39.61
C GLN C 267 -3.73 12.86 -40.06
N ILE C 268 -4.43 11.80 -39.66
CA ILE C 268 -4.07 10.46 -40.13
C ILE C 268 -4.18 10.37 -41.64
N MET C 269 -5.24 10.96 -42.21
CA MET C 269 -5.39 10.92 -43.66
C MET C 269 -4.30 11.73 -44.36
N MET C 270 -3.91 12.87 -43.78
CA MET C 270 -2.82 13.64 -44.34
C MET C 270 -1.51 12.87 -44.30
N ARG C 271 -1.23 12.20 -43.18
CA ARG C 271 -0.04 11.37 -43.09
C ARG C 271 -0.08 10.24 -44.11
N SER C 272 -1.26 9.63 -44.29
CA SER C 272 -1.38 8.53 -45.25
C SER C 272 -1.15 9.03 -46.67
N LEU C 273 -1.67 10.19 -47.01
CA LEU C 273 -1.41 10.77 -48.32
C LEU C 273 0.08 11.06 -48.50
N ALA C 274 0.71 11.61 -47.48
CA ALA C 274 2.14 11.90 -47.55
C ALA C 274 2.94 10.62 -47.76
N SER C 275 2.55 9.55 -47.08
CA SER C 275 3.27 8.28 -47.18
C SER C 275 3.07 7.65 -48.55
N LEU C 276 1.83 7.61 -49.03
CA LEU C 276 1.52 6.91 -50.26
C LEU C 276 2.05 7.66 -51.47
N SER C 277 1.87 8.99 -51.50
CA SER C 277 2.32 9.78 -52.63
C SER C 277 3.78 10.22 -52.50
N ARG C 278 4.42 9.91 -51.37
CA ARG C 278 5.81 10.28 -51.11
C ARG C 278 6.01 11.79 -51.26
N VAL C 279 5.12 12.57 -50.63
CA VAL C 279 5.23 14.02 -50.58
C VAL C 279 5.51 14.44 -49.15
N ASP C 280 6.32 15.49 -48.99
CA ASP C 280 6.67 15.99 -47.67
C ASP C 280 5.42 16.35 -46.87
N GLN C 281 5.38 15.93 -45.61
CA GLN C 281 4.19 16.15 -44.80
C GLN C 281 3.99 17.62 -44.45
N THR C 282 5.10 18.35 -44.23
CA THR C 282 5.00 19.76 -43.90
C THR C 282 4.37 20.56 -45.04
N LYS C 283 4.75 20.25 -46.28
CA LYS C 283 4.16 20.93 -47.42
C LYS C 283 2.66 20.70 -47.49
N ILE C 284 2.23 19.46 -47.25
CA ILE C 284 0.80 19.14 -47.27
C ILE C 284 0.08 19.88 -46.16
N ARG C 285 0.67 19.90 -44.96
CA ARG C 285 0.02 20.56 -43.84
C ARG C 285 -0.10 22.06 -44.07
N THR C 286 0.93 22.68 -44.64
CA THR C 286 0.92 24.10 -44.93
C THR C 286 0.34 24.42 -46.30
N GLY C 287 0.01 23.41 -47.10
CA GLY C 287 -0.61 23.64 -48.39
C GLY C 287 0.33 24.12 -49.48
N GLN C 288 1.64 24.14 -49.26
CA GLN C 288 2.57 24.67 -50.24
C GLN C 288 3.14 23.55 -51.10
N LEU C 289 2.39 23.22 -52.15
CA LEU C 289 2.69 22.10 -53.03
C LEU C 289 2.85 22.59 -54.46
N ASP C 290 3.70 21.92 -55.22
CA ASP C 290 3.85 22.26 -56.63
C ASP C 290 2.93 21.37 -57.48
N ASP C 291 3.02 21.56 -58.81
CA ASP C 291 2.11 20.87 -59.70
C ASP C 291 2.28 19.35 -59.65
N GLU C 292 3.53 18.88 -59.64
CA GLU C 292 3.77 17.44 -59.59
C GLU C 292 3.28 16.84 -58.28
N ASP C 293 3.46 17.57 -57.18
CA ASP C 293 2.94 17.10 -55.90
C ASP C 293 1.42 16.97 -55.92
N TRP C 294 0.74 17.96 -56.50
CA TRP C 294 -0.72 17.87 -56.59
C TRP C 294 -1.15 16.72 -57.49
N ALA C 295 -0.42 16.48 -58.58
CA ALA C 295 -0.74 15.35 -59.45
C ALA C 295 -0.58 14.03 -58.71
N ARG C 296 0.51 13.89 -57.95
CA ARG C 296 0.73 12.66 -57.19
C ARG C 296 -0.35 12.48 -56.14
N ILE C 297 -0.73 13.56 -55.46
CA ILE C 297 -1.77 13.48 -54.44
C ILE C 297 -3.10 13.11 -55.08
N SER C 298 -3.37 13.66 -56.25
CA SER C 298 -4.59 13.31 -56.96
C SER C 298 -4.60 11.83 -57.34
N GLY C 299 -3.46 11.32 -57.81
CA GLY C 299 -3.39 9.89 -58.14
C GLY C 299 -3.60 9.02 -56.92
N THR C 300 -2.98 9.39 -55.80
CA THR C 300 -3.15 8.64 -54.56
C THR C 300 -4.60 8.64 -54.11
N MET C 301 -5.25 9.81 -54.16
CA MET C 301 -6.65 9.90 -53.77
C MET C 301 -7.53 9.09 -54.70
N GLY C 302 -7.20 9.08 -56.00
CA GLY C 302 -7.95 8.27 -56.94
C GLY C 302 -7.85 6.79 -56.62
N ILE C 303 -6.63 6.32 -56.33
CA ILE C 303 -6.44 4.93 -55.97
C ILE C 303 -7.21 4.59 -54.70
N LEU C 304 -7.12 5.46 -53.69
CA LEU C 304 -7.79 5.21 -52.43
C LEU C 304 -9.31 5.16 -52.61
N LEU C 305 -9.86 6.08 -53.40
CA LEU C 305 -11.29 6.07 -53.63
C LEU C 305 -11.71 4.95 -54.56
N GLU C 306 -10.78 4.41 -55.34
CA GLU C 306 -11.08 3.21 -56.12
C GLU C 306 -11.18 2.00 -55.21
N LYS C 307 -10.25 1.86 -54.27
CA LYS C 307 -10.30 0.71 -53.38
C LYS C 307 -11.45 0.82 -52.39
N ARG C 308 -11.40 1.87 -51.56
CA ARG C 308 -12.43 2.12 -50.55
C ARG C 308 -12.60 0.95 -49.58
N ASN C 309 -11.53 0.58 -48.88
CA ASN C 309 -11.61 -0.45 -47.86
C ASN C 309 -10.83 -0.12 -46.60
N ILE C 310 -10.68 1.16 -46.28
CA ILE C 310 -10.01 1.61 -45.07
C ILE C 310 -11.01 2.41 -44.24
N TYR C 311 -11.19 2.04 -42.97
CA TYR C 311 -12.11 2.72 -42.09
C TYR C 311 -11.35 3.21 -40.87
N ILE C 312 -11.63 4.44 -40.46
CA ILE C 312 -10.95 5.10 -39.35
C ILE C 312 -11.98 5.62 -38.37
N ASP C 313 -11.73 5.39 -37.08
CA ASP C 313 -12.57 5.91 -36.00
C ASP C 313 -11.63 6.61 -35.03
N ASP C 314 -11.77 7.93 -34.90
CA ASP C 314 -10.89 8.73 -34.06
C ASP C 314 -11.54 9.17 -32.76
N SER C 315 -12.46 8.36 -32.22
CA SER C 315 -13.03 8.67 -30.91
C SER C 315 -11.98 8.44 -29.83
N SER C 316 -12.17 9.08 -28.68
CA SER C 316 -11.21 8.99 -27.60
C SER C 316 -11.85 8.31 -26.39
N GLY C 317 -11.02 7.58 -25.64
CA GLY C 317 -11.51 6.89 -24.46
C GLY C 317 -12.50 5.80 -24.75
N LEU C 318 -12.23 4.96 -25.75
CA LEU C 318 -13.17 3.91 -26.12
C LEU C 318 -13.06 2.72 -25.17
N THR C 319 -14.22 2.19 -24.78
CA THR C 319 -14.24 0.95 -24.04
C THR C 319 -14.08 -0.23 -24.99
N PRO C 320 -13.60 -1.38 -24.49
CA PRO C 320 -13.50 -2.57 -25.35
C PRO C 320 -14.82 -3.00 -25.96
N THR C 321 -15.94 -2.82 -25.25
CA THR C 321 -17.23 -3.21 -25.81
C THR C 321 -17.57 -2.41 -27.06
N GLU C 322 -17.33 -1.10 -27.06
CA GLU C 322 -17.62 -0.30 -28.24
C GLU C 322 -16.73 -0.70 -29.41
N VAL C 323 -15.44 -0.93 -29.14
CA VAL C 323 -14.51 -1.35 -30.19
C VAL C 323 -14.95 -2.67 -30.79
N ARG C 324 -15.30 -3.62 -29.93
CA ARG C 324 -15.73 -4.94 -30.39
C ARG C 324 -17.01 -4.86 -31.20
N SER C 325 -17.96 -4.03 -30.75
CA SER C 325 -19.23 -3.90 -31.46
C SER C 325 -19.01 -3.28 -32.84
N ARG C 326 -18.16 -2.26 -32.93
CA ARG C 326 -17.90 -1.61 -34.22
C ARG C 326 -17.15 -2.55 -35.15
N ALA C 327 -16.18 -3.30 -34.63
CA ALA C 327 -15.48 -4.29 -35.46
C ALA C 327 -16.44 -5.35 -35.96
N ARG C 328 -17.35 -5.79 -35.09
CA ARG C 328 -18.35 -6.78 -35.51
C ARG C 328 -19.24 -6.22 -36.60
N ARG C 329 -19.62 -4.95 -36.48
CA ARG C 329 -20.45 -4.32 -37.51
C ARG C 329 -19.71 -4.24 -38.84
N ILE C 330 -18.42 -3.87 -38.80
CA ILE C 330 -17.65 -3.80 -40.04
C ILE C 330 -17.54 -5.17 -40.68
N ALA C 331 -17.24 -6.20 -39.90
CA ALA C 331 -17.12 -7.54 -40.45
C ALA C 331 -18.46 -8.04 -40.99
N ARG C 332 -19.56 -7.70 -40.31
CA ARG C 332 -20.88 -8.07 -40.79
C ARG C 332 -21.20 -7.41 -42.11
N GLU C 333 -20.88 -6.12 -42.25
CA GLU C 333 -21.21 -5.41 -43.48
C GLU C 333 -20.34 -5.85 -44.65
N HIS C 334 -19.04 -6.02 -44.42
CA HIS C 334 -18.12 -6.30 -45.51
C HIS C 334 -17.62 -7.73 -45.55
N GLY C 335 -18.22 -8.63 -44.77
CA GLY C 335 -17.85 -10.03 -44.82
C GLY C 335 -16.43 -10.33 -44.38
N GLY C 336 -15.96 -9.71 -43.30
CA GLY C 336 -14.63 -10.01 -42.81
C GLY C 336 -13.75 -8.80 -42.63
N ILE C 337 -12.70 -8.93 -41.83
CA ILE C 337 -11.73 -7.87 -41.58
C ILE C 337 -10.35 -8.43 -41.82
N GLY C 338 -9.46 -7.61 -42.38
CA GLY C 338 -8.10 -8.03 -42.62
C GLY C 338 -7.16 -7.72 -41.48
N LEU C 339 -7.41 -6.63 -40.77
CA LEU C 339 -6.52 -6.17 -39.72
C LEU C 339 -7.22 -5.07 -38.93
N ILE C 340 -6.93 -5.00 -37.63
CA ILE C 340 -7.43 -3.95 -36.76
C ILE C 340 -6.24 -3.30 -36.10
N MET C 341 -6.26 -1.96 -36.00
CA MET C 341 -5.17 -1.21 -35.41
C MET C 341 -5.72 -0.21 -34.39
N ILE C 342 -5.08 -0.16 -33.22
CA ILE C 342 -5.49 0.70 -32.13
C ILE C 342 -4.27 1.50 -31.67
N ASP C 343 -4.45 2.81 -31.52
CA ASP C 343 -3.37 3.73 -31.18
C ASP C 343 -3.98 4.80 -30.27
N TYR C 344 -3.77 4.65 -28.97
CA TYR C 344 -3.11 3.46 -28.42
C TYR C 344 -3.90 2.92 -27.23
N LEU C 345 -3.44 1.79 -26.67
CA LEU C 345 -4.30 1.06 -25.74
C LEU C 345 -4.32 1.72 -24.38
N GLN C 346 -3.34 2.57 -24.08
CA GLN C 346 -3.33 3.28 -22.81
C GLN C 346 -4.42 4.34 -22.74
N LEU C 347 -5.02 4.70 -23.88
CA LEU C 347 -6.08 5.68 -23.92
C LEU C 347 -7.46 5.06 -23.81
N MET C 348 -7.56 3.74 -23.78
CA MET C 348 -8.85 3.08 -23.65
C MET C 348 -9.32 3.18 -22.21
N ARG C 349 -10.63 3.06 -22.01
CA ARG C 349 -11.21 3.27 -20.69
C ARG C 349 -11.99 2.03 -20.26
N VAL C 350 -11.81 1.67 -19.00
CA VAL C 350 -12.66 0.70 -18.31
C VAL C 350 -13.21 1.37 -17.06
N PRO C 351 -14.42 1.94 -17.12
CA PRO C 351 -14.91 2.76 -16.01
C PRO C 351 -14.97 2.02 -14.68
N ALA C 352 -15.34 0.74 -14.70
CA ALA C 352 -15.45 -0.02 -13.46
C ALA C 352 -14.10 -0.28 -12.80
N LEU C 353 -13.01 -0.24 -13.56
CA LEU C 353 -11.67 -0.47 -13.03
C LEU C 353 -10.80 0.77 -13.08
N SER C 354 -11.40 1.96 -13.05
CA SER C 354 -10.62 3.19 -13.16
C SER C 354 -9.69 3.39 -11.98
N ASP C 355 -10.01 2.79 -10.83
CA ASP C 355 -9.18 2.93 -9.64
C ASP C 355 -7.80 2.31 -9.79
N ASN C 356 -7.70 1.14 -10.40
CA ASN C 356 -6.42 0.42 -10.54
C ASN C 356 -6.05 0.40 -12.02
N ARG C 357 -4.85 0.89 -12.33
CA ARG C 357 -4.41 0.94 -13.72
C ARG C 357 -3.99 -0.43 -14.22
N THR C 358 -3.34 -1.23 -13.36
CA THR C 358 -2.89 -2.55 -13.77
C THR C 358 -4.05 -3.45 -14.16
N LEU C 359 -5.10 -3.46 -13.35
CA LEU C 359 -6.28 -4.26 -13.68
C LEU C 359 -6.94 -3.77 -14.96
N GLU C 360 -6.96 -2.45 -15.16
CA GLU C 360 -7.53 -1.89 -16.39
C GLU C 360 -6.75 -2.37 -17.61
N ILE C 361 -5.42 -2.32 -17.54
CA ILE C 361 -4.60 -2.75 -18.66
C ILE C 361 -4.77 -4.25 -18.90
N ALA C 362 -4.82 -5.04 -17.83
CA ALA C 362 -5.03 -6.47 -17.99
C ALA C 362 -6.37 -6.77 -18.66
N GLU C 363 -7.43 -6.06 -18.24
CA GLU C 363 -8.73 -6.24 -18.87
C GLU C 363 -8.70 -5.85 -20.33
N ILE C 364 -8.02 -4.74 -20.66
CA ILE C 364 -7.94 -4.30 -22.04
C ILE C 364 -7.23 -5.36 -22.89
N SER C 365 -6.11 -5.87 -22.39
CA SER C 365 -5.35 -6.87 -23.15
C SER C 365 -6.17 -8.14 -23.34
N ARG C 366 -6.85 -8.60 -22.28
CA ARG C 366 -7.66 -9.80 -22.41
C ARG C 366 -8.79 -9.59 -23.40
N SER C 367 -9.45 -8.44 -23.36
CA SER C 367 -10.54 -8.17 -24.28
C SER C 367 -10.04 -8.10 -25.72
N LEU C 368 -8.87 -7.49 -25.93
CA LEU C 368 -8.32 -7.41 -27.28
C LEU C 368 -7.96 -8.80 -27.80
N LYS C 369 -7.37 -9.64 -26.95
CA LYS C 369 -7.07 -11.00 -27.36
C LYS C 369 -8.34 -11.77 -27.70
N ALA C 370 -9.38 -11.61 -26.87
CA ALA C 370 -10.65 -12.28 -27.14
C ALA C 370 -11.26 -11.81 -28.45
N LEU C 371 -11.19 -10.50 -28.73
CA LEU C 371 -11.70 -9.99 -29.99
C LEU C 371 -10.92 -10.55 -31.17
N ALA C 372 -9.58 -10.62 -31.05
CA ALA C 372 -8.76 -11.17 -32.12
C ALA C 372 -9.12 -12.63 -32.38
N LYS C 373 -9.32 -13.40 -31.32
CA LYS C 373 -9.73 -14.79 -31.50
C LYS C 373 -11.10 -14.88 -32.14
N GLU C 374 -12.03 -14.03 -31.70
CA GLU C 374 -13.41 -14.13 -32.17
C GLU C 374 -13.51 -13.80 -33.65
N LEU C 375 -12.96 -12.67 -34.05
CA LEU C 375 -13.09 -12.23 -35.43
C LEU C 375 -12.05 -12.86 -36.35
N ASN C 376 -11.11 -13.62 -35.80
CA ASN C 376 -10.05 -14.27 -36.58
C ASN C 376 -9.25 -13.25 -37.38
N VAL C 377 -8.89 -12.15 -36.71
CA VAL C 377 -8.18 -11.06 -37.37
C VAL C 377 -6.93 -10.73 -36.56
N PRO C 378 -5.88 -10.21 -37.18
CA PRO C 378 -4.77 -9.64 -36.40
C PRO C 378 -5.13 -8.28 -35.84
N VAL C 379 -4.88 -8.10 -34.55
CA VAL C 379 -5.12 -6.85 -33.84
C VAL C 379 -3.77 -6.32 -33.39
N VAL C 380 -3.45 -5.09 -33.80
CA VAL C 380 -2.19 -4.45 -33.46
C VAL C 380 -2.53 -3.25 -32.57
N ALA C 381 -2.07 -3.29 -31.33
CA ALA C 381 -2.32 -2.21 -30.38
C ALA C 381 -0.99 -1.57 -30.00
N LEU C 382 -0.98 -0.24 -29.92
CA LEU C 382 0.24 0.48 -29.59
C LEU C 382 0.31 0.76 -28.09
N SER C 383 1.54 0.83 -27.58
CA SER C 383 1.79 1.03 -26.15
C SER C 383 3.03 1.89 -25.96
N GLN C 384 3.18 2.44 -24.76
CA GLN C 384 4.30 3.32 -24.44
C GLN C 384 5.21 2.66 -23.41
N LEU C 385 6.44 3.18 -23.33
CA LEU C 385 7.43 2.62 -22.42
C LEU C 385 7.76 3.61 -21.29
N ASN C 386 8.68 3.20 -20.42
CA ASN C 386 9.00 4.00 -19.26
C ASN C 386 10.29 4.78 -19.48
N ARG C 387 10.40 5.92 -18.77
CA ARG C 387 11.55 6.79 -18.91
C ARG C 387 12.86 6.15 -18.47
N SER C 388 12.82 5.21 -17.54
CA SER C 388 14.06 4.63 -17.03
C SER C 388 14.88 3.98 -18.14
N LEU C 389 14.26 3.59 -19.25
CA LEU C 389 15.00 3.05 -20.37
C LEU C 389 16.07 4.03 -20.85
N GLU C 390 15.77 5.33 -20.77
CA GLU C 390 16.71 6.35 -21.22
C GLU C 390 17.90 6.50 -20.29
N GLN C 391 17.86 5.86 -19.12
CA GLN C 391 18.92 5.97 -18.13
C GLN C 391 19.88 4.81 -18.16
N ARG C 392 19.68 3.85 -19.05
CA ARG C 392 20.56 2.68 -19.12
C ARG C 392 21.72 2.94 -20.07
N ALA C 393 22.76 2.12 -19.93
CA ALA C 393 23.91 2.21 -20.83
C ALA C 393 23.49 1.89 -22.26
N ASP C 394 22.68 0.84 -22.42
CA ASP C 394 22.12 0.47 -23.71
C ASP C 394 20.62 0.74 -23.66
N LYS C 395 20.14 1.59 -24.57
CA LYS C 395 18.77 2.07 -24.54
C LYS C 395 17.83 1.23 -25.39
N ARG C 396 18.32 0.13 -25.98
CA ARG C 396 17.44 -0.75 -26.71
C ARG C 396 16.44 -1.35 -25.73
N PRO C 397 15.14 -1.36 -26.05
CA PRO C 397 14.14 -1.77 -25.05
C PRO C 397 14.27 -3.23 -24.66
N VAL C 398 13.87 -3.51 -23.42
CA VAL C 398 13.74 -4.87 -22.91
C VAL C 398 12.34 -5.04 -22.34
N ASN C 399 12.03 -6.28 -21.96
CA ASN C 399 10.69 -6.60 -21.47
C ASN C 399 10.34 -5.84 -20.20
N SER C 400 11.29 -5.74 -19.26
CA SER C 400 11.02 -5.07 -18.00
C SER C 400 10.68 -3.59 -18.17
N ASP C 401 11.02 -3.00 -19.31
CA ASP C 401 10.62 -1.62 -19.56
C ASP C 401 9.13 -1.48 -19.85
N LEU C 402 8.36 -2.56 -19.75
CA LEU C 402 6.91 -2.47 -19.85
C LEU C 402 6.23 -2.32 -18.51
N ARG C 403 6.88 -1.65 -17.55
CA ARG C 403 6.38 -1.56 -16.18
C ARG C 403 4.91 -1.14 -16.13
N GLU C 404 4.20 -1.59 -15.10
CA GLU C 404 2.76 -1.48 -14.88
C GLU C 404 1.97 -2.35 -15.86
N SER C 405 2.61 -3.08 -16.77
CA SER C 405 1.89 -3.80 -17.80
C SER C 405 2.46 -5.21 -17.99
N GLY C 406 2.64 -5.94 -16.89
CA GLY C 406 3.06 -7.33 -17.01
C GLY C 406 2.07 -8.16 -17.80
N SER C 407 0.78 -7.88 -17.65
CA SER C 407 -0.24 -8.59 -18.42
C SER C 407 -0.09 -8.33 -19.91
N ILE C 408 0.45 -7.17 -20.29
CA ILE C 408 0.70 -6.90 -21.70
C ILE C 408 1.74 -7.88 -22.25
N GLU C 409 2.83 -8.05 -21.51
CA GLU C 409 3.86 -9.00 -21.92
C GLU C 409 3.33 -10.43 -21.90
N GLN C 410 2.45 -10.73 -20.95
CA GLN C 410 1.95 -12.10 -20.83
C GLN C 410 0.94 -12.44 -21.91
N ASP C 411 0.16 -11.45 -22.38
CA ASP C 411 -0.96 -11.78 -23.26
C ASP C 411 -0.66 -11.47 -24.72
N ALA C 412 0.47 -10.85 -25.01
CA ALA C 412 0.77 -10.45 -26.38
C ALA C 412 1.34 -11.60 -27.18
N ASP C 413 0.75 -11.86 -28.36
CA ASP C 413 1.32 -12.82 -29.29
C ASP C 413 2.63 -12.35 -29.89
N LEU C 414 2.75 -11.07 -30.20
CA LEU C 414 3.95 -10.49 -30.78
C LEU C 414 4.20 -9.13 -30.15
N ILE C 415 5.46 -8.82 -29.86
CA ILE C 415 5.84 -7.53 -29.29
C ILE C 415 7.00 -6.97 -30.10
N MET C 416 6.84 -5.76 -30.60
CA MET C 416 7.86 -5.07 -31.36
C MET C 416 8.12 -3.70 -30.76
N PHE C 417 9.40 -3.39 -30.54
CA PHE C 417 9.83 -2.09 -30.05
C PHE C 417 10.50 -1.32 -31.18
N ILE C 418 10.26 -0.01 -31.22
CA ILE C 418 10.85 0.87 -32.21
C ILE C 418 11.99 1.64 -31.55
N TYR C 419 13.16 1.63 -32.17
CA TYR C 419 14.32 2.34 -31.65
C TYR C 419 15.02 3.08 -32.77
N ARG C 420 15.17 4.40 -32.62
CA ARG C 420 15.96 5.20 -33.56
C ARG C 420 17.17 5.75 -32.83
N ASP C 421 18.36 5.45 -33.34
CA ASP C 421 19.59 5.88 -32.68
C ASP C 421 19.82 7.37 -32.87
N GLU C 422 19.29 7.93 -33.96
CA GLU C 422 19.48 9.35 -34.25
C GLU C 422 18.73 10.22 -33.24
N VAL C 423 17.70 9.68 -32.59
CA VAL C 423 16.96 10.48 -31.61
C VAL C 423 17.82 10.85 -30.42
N TYR C 424 18.64 9.91 -29.91
CA TYR C 424 19.50 10.20 -28.77
C TYR C 424 20.87 10.73 -29.18
N HIS C 425 21.34 10.41 -30.37
CA HIS C 425 22.66 10.84 -30.83
C HIS C 425 22.48 11.61 -32.14
N GLU C 426 22.77 12.91 -32.11
CA GLU C 426 22.72 13.71 -33.33
C GLU C 426 23.79 13.29 -34.33
N ASN C 427 24.96 12.88 -33.84
CA ASN C 427 26.08 12.48 -34.68
C ASN C 427 26.09 10.98 -34.95
N SER C 428 24.93 10.33 -34.78
CA SER C 428 24.84 8.88 -34.92
C SER C 428 25.16 8.48 -36.35
N ASP C 429 25.95 7.41 -36.51
CA ASP C 429 26.26 6.93 -37.84
C ASP C 429 25.08 6.23 -38.49
N LEU C 430 24.01 5.97 -37.74
CA LEU C 430 22.86 5.23 -38.23
C LEU C 430 21.67 6.16 -38.49
N LYS C 431 21.94 7.36 -39.02
CA LYS C 431 20.88 8.32 -39.30
C LYS C 431 19.94 7.77 -40.37
N GLY C 432 18.64 7.92 -40.14
CA GLY C 432 17.68 7.42 -41.09
C GLY C 432 17.43 5.92 -40.99
N ILE C 433 18.08 5.26 -40.04
CA ILE C 433 17.94 3.82 -39.84
C ILE C 433 17.22 3.58 -38.52
N ALA C 434 16.09 2.89 -38.58
CA ALA C 434 15.32 2.51 -37.41
C ALA C 434 15.44 1.01 -37.19
N GLU C 435 15.35 0.61 -35.92
CA GLU C 435 15.42 -0.80 -35.55
C GLU C 435 14.08 -1.24 -34.97
N ILE C 436 13.53 -2.32 -35.51
CA ILE C 436 12.36 -2.98 -34.95
C ILE C 436 12.88 -4.20 -34.21
N ILE C 437 12.72 -4.20 -32.90
CA ILE C 437 13.25 -5.26 -32.05
C ILE C 437 12.09 -6.12 -31.60
N ILE C 438 12.16 -7.42 -31.87
CA ILE C 438 11.10 -8.33 -31.47
C ILE C 438 11.38 -8.80 -30.06
N GLY C 439 10.66 -8.22 -29.10
CA GLY C 439 10.86 -8.59 -27.70
C GLY C 439 10.20 -9.89 -27.31
N LYS C 440 9.12 -10.25 -27.99
CA LYS C 440 8.41 -11.49 -27.74
C LYS C 440 7.78 -11.94 -29.04
N GLN C 441 8.03 -13.19 -29.40
CA GLN C 441 7.39 -13.79 -30.57
C GLN C 441 6.88 -15.17 -30.19
N ARG C 442 5.55 -15.30 -30.16
CA ARG C 442 4.94 -16.55 -29.72
C ARG C 442 5.27 -17.71 -30.64
N ASN C 443 5.27 -17.48 -31.96
CA ASN C 443 5.47 -18.55 -32.92
C ASN C 443 6.68 -18.31 -33.82
N GLY C 444 7.82 -17.91 -33.26
CA GLY C 444 9.01 -17.71 -34.03
C GLY C 444 10.17 -17.17 -33.23
N PRO C 445 11.21 -16.71 -33.93
CA PRO C 445 12.42 -16.24 -33.25
C PRO C 445 12.30 -14.77 -32.88
N ILE C 446 13.35 -14.25 -32.26
CA ILE C 446 13.41 -12.84 -31.90
C ILE C 446 14.73 -12.25 -32.38
N GLY C 447 14.76 -10.93 -32.54
CA GLY C 447 15.95 -10.24 -33.00
C GLY C 447 15.62 -8.84 -33.47
N THR C 448 16.59 -8.22 -34.13
CA THR C 448 16.48 -6.85 -34.58
C THR C 448 16.44 -6.81 -36.11
N VAL C 449 15.52 -6.00 -36.64
CA VAL C 449 15.39 -5.78 -38.08
C VAL C 449 15.60 -4.30 -38.36
N ARG C 450 16.52 -4.00 -39.27
CA ARG C 450 16.83 -2.62 -39.61
C ARG C 450 16.00 -2.19 -40.82
N LEU C 451 15.42 -0.99 -40.72
CA LEU C 451 14.65 -0.38 -41.79
C LEU C 451 15.17 1.04 -42.03
N THR C 452 14.83 1.60 -43.18
CA THR C 452 15.18 2.98 -43.50
C THR C 452 13.99 3.87 -43.17
N PHE C 453 14.23 4.91 -42.37
CA PHE C 453 13.17 5.81 -41.92
C PHE C 453 13.21 7.09 -42.74
N ASN C 454 12.21 7.27 -43.61
CA ASN C 454 12.06 8.50 -44.36
C ASN C 454 10.98 9.37 -43.70
N GLY C 455 11.45 10.22 -42.78
CA GLY C 455 10.54 11.07 -42.03
C GLY C 455 9.95 12.16 -42.90
N GLN C 456 10.60 12.49 -44.01
CA GLN C 456 10.03 13.46 -44.94
C GLN C 456 8.67 13.02 -45.44
N TRP C 457 8.54 11.75 -45.83
CA TRP C 457 7.27 11.19 -46.28
C TRP C 457 6.52 10.48 -45.17
N SER C 458 7.10 10.42 -43.97
CA SER C 458 6.54 9.67 -42.85
C SER C 458 6.35 8.20 -43.22
N ARG C 459 7.47 7.53 -43.51
CA ARG C 459 7.43 6.18 -44.04
C ARG C 459 8.62 5.37 -43.55
N PHE C 460 8.44 4.05 -43.47
CA PHE C 460 9.53 3.11 -43.33
C PHE C 460 9.68 2.30 -44.61
N ASP C 461 10.92 1.99 -44.97
CA ASP C 461 11.23 1.27 -46.19
C ASP C 461 12.24 0.17 -45.89
N ASN C 462 12.35 -0.77 -46.82
CA ASN C 462 13.33 -1.84 -46.68
C ASN C 462 14.75 -1.27 -46.68
N TYR C 463 15.56 -1.76 -45.74
CA TYR C 463 16.94 -1.32 -45.60
C TYR C 463 17.80 -2.01 -46.65
N ALA C 464 18.43 -1.22 -47.52
CA ALA C 464 19.22 -1.77 -48.62
C ALA C 464 20.69 -1.94 -48.26
N GLY C 465 21.08 -1.52 -47.06
CA GLY C 465 22.46 -1.61 -46.64
C GLY C 465 22.83 -3.03 -46.27
N PRO C 466 24.13 -3.23 -46.00
CA PRO C 466 24.60 -4.57 -45.62
C PRO C 466 23.98 -5.02 -44.31
N GLN C 467 23.75 -6.33 -44.19
CA GLN C 467 23.14 -6.88 -42.98
C GLN C 467 24.10 -7.87 -42.33
N TYR C 468 24.18 -7.83 -41.01
CA TYR C 468 25.08 -8.72 -40.27
C TYR C 468 24.36 -10.01 -39.89
N LEU D 24 -39.61 -35.27 19.15
CA LEU D 24 -38.58 -36.19 19.59
C LEU D 24 -37.30 -36.02 18.76
N LYS D 25 -36.23 -35.55 19.40
CA LYS D 25 -34.95 -35.39 18.73
C LYS D 25 -34.29 -36.75 18.52
N VAL D 26 -34.29 -37.23 17.29
CA VAL D 26 -33.60 -38.49 16.98
C VAL D 26 -32.10 -38.25 16.94
N PRO D 27 -31.32 -38.93 17.76
CA PRO D 27 -29.88 -38.81 17.66
C PRO D 27 -29.38 -39.54 16.43
N PRO D 28 -28.17 -39.22 15.96
CA PRO D 28 -27.86 -39.49 14.55
C PRO D 28 -27.61 -40.98 14.36
N HIS D 29 -28.29 -41.56 13.39
CA HIS D 29 -28.06 -42.95 13.03
C HIS D 29 -28.60 -43.22 11.63
N SER D 30 -28.13 -44.33 11.06
CA SER D 30 -28.51 -44.75 9.71
C SER D 30 -28.48 -46.27 9.72
N ILE D 31 -29.67 -46.87 9.78
CA ILE D 31 -29.81 -48.32 9.76
C ILE D 31 -29.41 -48.92 8.42
N GLU D 32 -29.70 -48.24 7.31
CA GLU D 32 -29.33 -48.76 5.99
C GLU D 32 -27.84 -48.95 5.80
N ALA D 33 -27.01 -48.00 6.25
CA ALA D 33 -25.56 -48.20 6.17
C ALA D 33 -25.07 -49.41 6.98
N GLU D 34 -25.59 -49.58 8.19
CA GLU D 34 -25.23 -50.74 9.00
C GLU D 34 -25.66 -52.04 8.33
N GLN D 35 -26.88 -52.06 7.81
CA GLN D 35 -27.40 -53.23 7.12
C GLN D 35 -26.54 -53.54 5.90
N SER D 36 -26.13 -52.51 5.17
CA SER D 36 -25.26 -52.70 4.02
C SER D 36 -23.93 -53.31 4.43
N VAL D 37 -23.35 -52.84 5.54
CA VAL D 37 -22.06 -53.38 5.97
C VAL D 37 -22.20 -54.86 6.31
N LEU D 38 -23.23 -55.20 7.08
CA LEU D 38 -23.40 -56.59 7.49
C LEU D 38 -23.71 -57.50 6.29
N GLY D 39 -24.58 -57.04 5.40
CA GLY D 39 -24.90 -57.82 4.21
C GLY D 39 -23.71 -58.01 3.29
N GLY D 40 -22.93 -56.94 3.08
CA GLY D 40 -21.76 -57.06 2.23
C GLY D 40 -20.73 -58.01 2.81
N LEU D 41 -20.59 -58.01 4.14
CA LEU D 41 -19.71 -59.00 4.75
C LEU D 41 -20.26 -60.41 4.59
N MET D 42 -21.58 -60.56 4.67
CA MET D 42 -22.20 -61.87 4.47
C MET D 42 -21.97 -62.39 3.05
N LEU D 43 -22.14 -61.54 2.04
CA LEU D 43 -22.00 -61.99 0.65
C LEU D 43 -20.55 -62.16 0.21
N ASP D 44 -19.64 -61.30 0.67
CA ASP D 44 -18.24 -61.39 0.26
C ASP D 44 -17.41 -61.38 1.55
N ASN D 45 -16.70 -62.49 1.79
CA ASN D 45 -15.90 -62.63 2.99
C ASN D 45 -14.46 -62.16 2.82
N GLU D 46 -14.02 -61.86 1.60
CA GLU D 46 -12.64 -61.44 1.42
C GLU D 46 -12.46 -59.95 1.68
N ARG D 47 -13.55 -59.23 1.85
CA ARG D 47 -13.54 -57.80 2.15
C ARG D 47 -13.45 -57.52 3.65
N TRP D 48 -13.48 -58.60 4.44
CA TRP D 48 -13.59 -58.49 5.88
C TRP D 48 -12.53 -57.56 6.45
N ASP D 49 -11.27 -57.76 6.05
CA ASP D 49 -10.18 -56.94 6.56
C ASP D 49 -10.45 -55.46 6.36
N ASP D 50 -10.92 -55.08 5.17
CA ASP D 50 -11.21 -53.68 4.91
C ASP D 50 -12.25 -53.14 5.88
N VAL D 51 -13.27 -53.94 6.18
CA VAL D 51 -14.26 -53.53 7.17
C VAL D 51 -13.64 -53.52 8.56
N ALA D 52 -12.75 -54.48 8.85
CA ALA D 52 -12.19 -54.59 10.20
C ALA D 52 -11.29 -53.41 10.55
N GLU D 53 -10.59 -52.85 9.57
CA GLU D 53 -9.73 -51.70 9.80
C GLU D 53 -10.50 -50.39 9.93
N ARG D 54 -11.78 -50.39 9.58
CA ARG D 54 -12.59 -49.18 9.54
C ARG D 54 -13.69 -49.13 10.58
N VAL D 55 -14.00 -50.24 11.26
CA VAL D 55 -15.11 -50.27 12.20
C VAL D 55 -14.85 -51.32 13.28
N VAL D 56 -15.47 -51.08 14.43
CA VAL D 56 -15.43 -51.97 15.59
C VAL D 56 -16.88 -52.24 16.00
N ALA D 57 -17.05 -53.20 16.90
CA ALA D 57 -18.40 -53.59 17.33
C ALA D 57 -19.14 -52.47 18.06
N ASP D 58 -18.41 -51.54 18.67
CA ASP D 58 -19.08 -50.46 19.40
C ASP D 58 -19.59 -49.32 18.51
N ASP D 59 -19.26 -49.30 17.22
CA ASP D 59 -19.74 -48.26 16.32
C ASP D 59 -21.14 -48.51 15.78
N PHE D 60 -21.74 -49.64 16.09
CA PHE D 60 -23.06 -49.99 15.57
C PHE D 60 -24.15 -49.61 16.56
N TYR D 61 -25.20 -48.98 16.04
CA TYR D 61 -26.21 -48.36 16.90
C TYR D 61 -27.15 -49.34 17.56
N THR D 62 -27.54 -50.38 16.84
CA THR D 62 -28.47 -51.35 17.41
C THR D 62 -27.71 -52.49 18.06
N ARG D 63 -28.31 -53.06 19.11
CA ARG D 63 -27.69 -54.21 19.77
C ARG D 63 -27.52 -55.39 18.82
N PRO D 64 -28.52 -55.78 18.01
CA PRO D 64 -28.31 -56.92 17.10
C PRO D 64 -27.15 -56.74 16.15
N HIS D 65 -26.94 -55.53 15.63
CA HIS D 65 -25.84 -55.33 14.69
C HIS D 65 -24.49 -55.51 15.38
N ARG D 66 -24.37 -55.01 16.61
CA ARG D 66 -23.14 -55.20 17.38
C ARG D 66 -22.90 -56.69 17.63
N HIS D 67 -23.97 -57.41 18.00
CA HIS D 67 -23.83 -58.84 18.27
C HIS D 67 -23.42 -59.60 17.01
N ILE D 68 -24.02 -59.25 15.87
CA ILE D 68 -23.68 -59.90 14.62
C ILE D 68 -22.22 -59.65 14.27
N PHE D 69 -21.76 -58.40 14.40
CA PHE D 69 -20.37 -58.11 14.06
C PHE D 69 -19.41 -58.83 15.00
N THR D 70 -19.76 -58.91 16.29
CA THR D 70 -18.92 -59.63 17.23
C THR D 70 -18.82 -61.10 16.86
N GLU D 71 -19.95 -61.73 16.52
CA GLU D 71 -19.93 -63.14 16.16
C GLU D 71 -19.12 -63.36 14.89
N MET D 72 -19.28 -62.46 13.91
CA MET D 72 -18.50 -62.55 12.67
C MET D 72 -17.01 -62.39 12.93
N ALA D 73 -16.64 -61.46 13.82
CA ALA D 73 -15.23 -61.28 14.16
C ALA D 73 -14.66 -62.53 14.80
N ARG D 74 -15.41 -63.14 15.72
CA ARG D 74 -14.94 -64.36 16.37
C ARG D 74 -14.78 -65.49 15.36
N LEU D 75 -15.76 -65.65 14.46
CA LEU D 75 -15.69 -66.70 13.45
C LEU D 75 -14.52 -66.48 12.50
N GLN D 76 -14.31 -65.23 12.08
CA GLN D 76 -13.18 -64.93 11.20
C GLN D 76 -11.85 -65.18 11.88
N GLU D 77 -11.75 -64.86 13.17
CA GLU D 77 -10.56 -65.17 13.95
C GLU D 77 -10.31 -66.67 14.07
N SER D 78 -11.36 -67.47 14.25
CA SER D 78 -11.23 -68.92 14.32
C SER D 78 -10.94 -69.56 12.97
N GLY D 79 -11.02 -68.80 11.88
CA GLY D 79 -10.74 -69.30 10.56
C GLY D 79 -11.94 -69.78 9.77
N SER D 80 -13.11 -69.82 10.38
CA SER D 80 -14.30 -70.31 9.71
C SER D 80 -14.85 -69.26 8.74
N PRO D 81 -15.59 -69.68 7.71
CA PRO D 81 -16.26 -68.70 6.86
C PRO D 81 -17.39 -68.01 7.61
N ILE D 82 -17.74 -66.82 7.13
CA ILE D 82 -18.77 -66.02 7.77
C ILE D 82 -19.95 -65.79 6.84
N ASP D 83 -20.22 -66.77 5.98
CA ASP D 83 -21.38 -66.68 5.11
C ASP D 83 -22.67 -66.85 5.93
N LEU D 84 -23.80 -66.83 5.22
CA LEU D 84 -25.10 -66.83 5.89
C LEU D 84 -25.32 -68.11 6.69
N ILE D 85 -25.12 -69.26 6.05
CA ILE D 85 -25.46 -70.52 6.69
C ILE D 85 -24.54 -70.78 7.89
N THR D 86 -23.25 -70.54 7.72
CA THR D 86 -22.30 -70.75 8.82
C THR D 86 -22.62 -69.82 9.99
N LEU D 87 -22.90 -68.56 9.70
CA LEU D 87 -23.20 -67.60 10.76
C LEU D 87 -24.47 -68.00 11.50
N ALA D 88 -25.50 -68.39 10.77
CA ALA D 88 -26.75 -68.81 11.40
C ALA D 88 -26.55 -70.05 12.25
N GLU D 89 -25.77 -71.01 11.75
CA GLU D 89 -25.51 -72.24 12.51
C GLU D 89 -24.72 -71.94 13.77
N SER D 90 -23.74 -71.05 13.68
CA SER D 90 -22.96 -70.69 14.87
C SER D 90 -23.82 -69.97 15.89
N LEU D 91 -24.69 -69.06 15.43
CA LEU D 91 -25.58 -68.36 16.35
C LEU D 91 -26.55 -69.31 17.02
N GLU D 92 -27.08 -70.29 16.27
CA GLU D 92 -28.06 -71.22 16.82
C GLU D 92 -27.43 -72.10 17.89
N ARG D 93 -26.16 -72.47 17.71
CA ARG D 93 -25.46 -73.28 18.70
C ARG D 93 -25.34 -72.58 20.05
N GLN D 94 -25.06 -71.27 20.06
CA GLN D 94 -24.92 -70.52 21.30
C GLN D 94 -26.26 -70.02 21.84
N GLY D 95 -27.36 -70.28 21.11
CA GLY D 95 -28.67 -69.84 21.55
C GLY D 95 -28.93 -68.36 21.41
N GLN D 96 -28.06 -67.62 20.71
CA GLN D 96 -28.19 -66.17 20.58
C GLN D 96 -28.94 -65.75 19.32
N LEU D 97 -29.51 -66.70 18.57
CA LEU D 97 -30.17 -66.35 17.31
C LEU D 97 -31.39 -65.48 17.54
N ASP D 98 -32.08 -65.67 18.69
CA ASP D 98 -33.28 -64.90 18.96
C ASP D 98 -32.95 -63.43 19.25
N SER D 99 -31.82 -63.18 19.91
CA SER D 99 -31.45 -61.80 20.24
C SER D 99 -31.22 -60.95 19.01
N VAL D 100 -30.57 -61.49 17.98
CA VAL D 100 -30.33 -60.76 16.73
C VAL D 100 -31.62 -60.37 16.02
N GLY D 101 -32.60 -61.26 15.95
CA GLY D 101 -33.82 -60.96 15.22
C GLY D 101 -34.30 -62.17 14.44
N GLY D 102 -33.45 -63.19 14.34
CA GLY D 102 -33.85 -64.43 13.71
C GLY D 102 -33.30 -64.63 12.31
N PHE D 103 -33.48 -65.86 11.79
CA PHE D 103 -33.08 -66.15 10.42
C PHE D 103 -33.86 -65.27 9.44
N ALA D 104 -35.04 -64.81 9.83
CA ALA D 104 -35.78 -63.88 8.99
C ALA D 104 -34.99 -62.59 8.79
N TYR D 105 -34.49 -62.01 9.88
CA TYR D 105 -33.70 -60.78 9.77
C TYR D 105 -32.38 -61.04 9.07
N LEU D 106 -31.76 -62.19 9.33
CA LEU D 106 -30.51 -62.53 8.64
C LEU D 106 -30.74 -62.64 7.13
N ALA D 107 -31.85 -63.26 6.73
CA ALA D 107 -32.18 -63.38 5.31
C ALA D 107 -32.50 -62.02 4.71
N GLU D 108 -33.15 -61.14 5.48
CA GLU D 108 -33.40 -59.78 5.00
C GLU D 108 -32.09 -59.06 4.72
N LEU D 109 -31.12 -59.20 5.63
CA LEU D 109 -29.80 -58.61 5.43
C LEU D 109 -29.13 -59.20 4.20
N SER D 110 -29.26 -60.52 4.01
CA SER D 110 -28.67 -61.17 2.85
C SER D 110 -29.29 -60.69 1.55
N LYS D 111 -30.61 -60.54 1.53
CA LYS D 111 -31.35 -60.15 0.33
C LYS D 111 -31.18 -58.69 -0.06
N ASN D 112 -31.24 -57.75 0.89
CA ASN D 112 -31.32 -56.35 0.46
C ASN D 112 -29.96 -55.87 -0.05
N THR D 113 -28.89 -56.35 0.54
CA THR D 113 -27.56 -55.87 0.21
C THR D 113 -27.14 -56.43 -1.14
N PRO D 114 -26.78 -55.60 -2.12
CA PRO D 114 -26.33 -56.15 -3.40
C PRO D 114 -24.86 -56.55 -3.32
N SER D 115 -24.41 -57.32 -4.33
CA SER D 115 -23.01 -57.69 -4.37
C SER D 115 -22.13 -56.55 -4.88
N ALA D 116 -22.73 -55.48 -5.39
CA ALA D 116 -21.98 -54.28 -5.79
C ALA D 116 -21.77 -53.38 -4.57
N ALA D 117 -20.94 -53.85 -3.64
CA ALA D 117 -20.79 -53.14 -2.38
C ALA D 117 -19.38 -52.59 -2.26
N ASN D 118 -19.31 -51.28 -1.97
CA ASN D 118 -18.08 -50.61 -1.58
C ASN D 118 -18.11 -50.47 -0.06
N ILE D 119 -17.82 -51.59 0.61
CA ILE D 119 -18.00 -51.72 2.05
C ILE D 119 -17.13 -50.73 2.81
N SER D 120 -15.97 -50.38 2.26
CA SER D 120 -15.09 -49.44 2.95
C SER D 120 -15.76 -48.09 3.16
N ALA D 121 -16.47 -47.58 2.15
CA ALA D 121 -17.14 -46.29 2.30
C ALA D 121 -18.22 -46.35 3.37
N TYR D 122 -19.00 -47.45 3.37
CA TYR D 122 -20.02 -47.61 4.40
C TYR D 122 -19.41 -47.71 5.79
N ALA D 123 -18.28 -48.42 5.90
CA ALA D 123 -17.59 -48.54 7.19
C ALA D 123 -17.11 -47.18 7.68
N ASP D 124 -16.58 -46.36 6.77
CA ASP D 124 -16.18 -45.01 7.15
C ASP D 124 -17.38 -44.21 7.64
N ILE D 125 -18.52 -44.37 6.98
CA ILE D 125 -19.74 -43.70 7.39
C ILE D 125 -20.17 -44.14 8.79
N VAL D 126 -20.08 -45.44 9.07
CA VAL D 126 -20.42 -45.95 10.40
C VAL D 126 -19.50 -45.33 11.43
N ARG D 127 -18.21 -45.27 11.11
CA ARG D 127 -17.23 -44.68 12.01
C ARG D 127 -17.61 -43.23 12.31
N GLU D 128 -18.01 -42.49 11.26
CA GLU D 128 -18.34 -41.07 11.37
C GLU D 128 -19.54 -40.89 12.31
N ARG D 129 -20.56 -41.73 12.15
CA ARG D 129 -21.73 -41.64 13.04
C ARG D 129 -21.32 -41.87 14.48
N ALA D 130 -20.43 -42.82 14.73
CA ALA D 130 -19.99 -43.12 16.09
C ALA D 130 -19.32 -41.90 16.72
N VAL D 131 -18.47 -41.21 15.95
CA VAL D 131 -17.77 -40.03 16.47
C VAL D 131 -18.80 -38.96 16.82
N VAL D 132 -19.78 -38.75 15.93
CA VAL D 132 -20.79 -37.73 16.19
C VAL D 132 -21.57 -38.08 17.46
N ARG D 133 -21.92 -39.36 17.61
CA ARG D 133 -22.67 -39.81 18.78
C ARG D 133 -21.87 -39.57 20.05
N GLU D 134 -20.58 -39.89 20.03
CA GLU D 134 -19.76 -39.70 21.22
C GLU D 134 -19.62 -38.22 21.56
N MET D 135 -19.50 -37.37 20.54
CA MET D 135 -19.41 -35.94 20.80
C MET D 135 -20.68 -35.42 21.45
N ILE D 136 -21.85 -35.85 20.94
CA ILE D 136 -23.11 -35.42 21.53
C ILE D 136 -23.24 -35.92 22.96
N SER D 137 -22.88 -37.18 23.20
CA SER D 137 -22.98 -37.73 24.55
C SER D 137 -22.06 -36.99 25.52
N VAL D 138 -20.85 -36.67 25.08
CA VAL D 138 -19.91 -35.95 25.93
C VAL D 138 -20.44 -34.56 26.24
N ALA D 139 -21.03 -33.89 25.25
CA ALA D 139 -21.63 -32.59 25.50
C ALA D 139 -22.74 -32.67 26.54
N ASN D 140 -23.59 -33.69 26.43
CA ASN D 140 -24.65 -33.87 27.43
C ASN D 140 -24.06 -34.11 28.82
N GLU D 141 -23.03 -34.94 28.91
CA GLU D 141 -22.40 -35.21 30.21
C GLU D 141 -21.82 -33.94 30.82
N ILE D 142 -21.14 -33.13 30.00
CA ILE D 142 -20.54 -31.89 30.49
C ILE D 142 -21.63 -30.94 30.98
N ALA D 143 -22.71 -30.79 30.22
CA ALA D 143 -23.77 -29.89 30.63
C ALA D 143 -24.42 -30.37 31.93
N GLU D 144 -24.65 -31.68 32.05
CA GLU D 144 -25.28 -32.19 33.26
C GLU D 144 -24.36 -32.02 34.46
N ALA D 145 -23.05 -32.14 34.24
CA ALA D 145 -22.08 -31.83 35.29
C ALA D 145 -22.13 -30.35 35.66
N GLY D 146 -22.32 -29.48 34.67
CA GLY D 146 -22.46 -28.07 34.93
C GLY D 146 -23.66 -27.74 35.79
N PHE D 147 -24.78 -28.42 35.56
CA PHE D 147 -25.97 -28.14 36.36
C PHE D 147 -25.83 -28.68 37.78
N ASP D 148 -24.94 -29.65 38.01
CA ASP D 148 -24.76 -30.28 39.32
C ASP D 148 -23.28 -30.30 39.67
N PRO D 149 -22.73 -29.19 40.16
CA PRO D 149 -21.29 -29.14 40.46
C PRO D 149 -20.84 -30.17 41.47
N GLN D 150 -21.64 -30.45 42.50
CA GLN D 150 -21.29 -31.40 43.56
C GLN D 150 -19.95 -31.05 44.22
N GLY D 151 -19.70 -29.76 44.42
CA GLY D 151 -18.52 -29.34 45.14
C GLY D 151 -17.28 -29.10 44.31
N ARG D 152 -17.28 -29.46 43.03
CA ARG D 152 -16.12 -29.19 42.19
C ARG D 152 -15.99 -27.71 41.92
N THR D 153 -14.75 -27.24 41.84
CA THR D 153 -14.46 -25.86 41.49
C THR D 153 -14.51 -25.67 39.98
N SER D 154 -14.42 -24.41 39.56
CA SER D 154 -14.50 -24.10 38.14
C SER D 154 -13.34 -24.71 37.38
N GLU D 155 -12.14 -24.69 37.96
CA GLU D 155 -10.99 -25.30 37.29
C GLU D 155 -11.20 -26.80 37.12
N ASP D 156 -11.79 -27.46 38.12
CA ASP D 156 -12.08 -28.88 38.00
C ASP D 156 -13.06 -29.16 36.88
N LEU D 157 -14.13 -28.36 36.78
CA LEU D 157 -15.10 -28.56 35.70
C LEU D 157 -14.47 -28.32 34.33
N LEU D 158 -13.66 -27.28 34.21
CA LEU D 158 -13.00 -27.02 32.93
C LEU D 158 -12.06 -28.15 32.57
N ASP D 159 -11.29 -28.65 33.53
CA ASP D 159 -10.39 -29.77 33.27
C ASP D 159 -11.17 -31.02 32.87
N LEU D 160 -12.29 -31.27 33.54
CA LEU D 160 -13.12 -32.43 33.19
C LEU D 160 -13.64 -32.31 31.76
N ALA D 161 -14.12 -31.13 31.40
CA ALA D 161 -14.63 -30.92 30.04
C ALA D 161 -13.51 -31.08 29.01
N GLU D 162 -12.34 -30.52 29.30
CA GLU D 162 -11.23 -30.64 28.36
C GLU D 162 -10.81 -32.08 28.19
N SER D 163 -10.72 -32.83 29.30
CA SER D 163 -10.36 -34.24 29.22
C SER D 163 -11.38 -35.03 28.43
N ARG D 164 -12.68 -34.83 28.70
CA ARG D 164 -13.70 -35.57 27.98
C ARG D 164 -13.65 -35.29 26.48
N VAL D 165 -13.51 -34.01 26.09
CA VAL D 165 -13.51 -33.66 24.68
C VAL D 165 -12.23 -34.17 24.01
N PHE D 166 -11.11 -34.03 24.70
CA PHE D 166 -9.81 -34.47 24.18
C PHE D 166 -9.73 -35.98 24.02
N LYS D 167 -10.45 -36.75 24.84
CA LYS D 167 -10.31 -38.20 24.75
C LYS D 167 -10.86 -38.72 23.43
N ILE D 168 -11.70 -37.94 22.75
CA ILE D 168 -12.32 -38.42 21.52
C ILE D 168 -11.26 -38.67 20.46
N ALA D 169 -10.34 -37.72 20.30
CA ALA D 169 -9.31 -37.75 19.26
C ALA D 169 -8.20 -38.75 19.55
N GLU D 170 -8.17 -39.33 20.75
CA GLU D 170 -7.18 -40.34 21.10
C GLU D 170 -7.21 -41.48 20.09
N SER D 171 -6.05 -41.77 19.49
CA SER D 171 -5.91 -42.78 18.45
C SER D 171 -6.70 -42.37 17.21
N ARG D 172 -7.92 -42.87 17.06
CA ARG D 172 -8.77 -42.60 15.91
C ARG D 172 -8.08 -43.07 14.63
N ALA D 173 -7.70 -42.15 13.77
CA ALA D 173 -7.04 -42.46 12.50
C ALA D 173 -5.73 -41.70 12.40
N ASN D 174 -5.03 -41.55 13.52
CA ASN D 174 -3.77 -40.81 13.53
C ASN D 174 -2.59 -41.70 13.12
N LYS D 175 -2.74 -42.40 12.00
CA LYS D 175 -1.65 -43.18 11.42
C LYS D 175 -1.20 -42.63 10.08
N ASP D 176 -2.13 -42.40 9.15
CA ASP D 176 -1.84 -41.70 7.90
C ASP D 176 -2.18 -40.22 7.97
N GLU D 177 -2.66 -39.73 9.11
CA GLU D 177 -3.08 -38.35 9.28
C GLU D 177 -2.51 -37.78 10.57
N GLY D 178 -1.23 -38.04 10.83
CA GLY D 178 -0.57 -37.54 12.01
C GLY D 178 0.72 -38.29 12.31
N PRO D 179 1.38 -37.93 13.40
CA PRO D 179 2.60 -38.63 13.79
C PRO D 179 2.34 -40.11 14.04
N LYS D 180 3.27 -40.94 13.61
CA LYS D 180 3.13 -42.40 13.68
C LYS D 180 3.94 -42.93 14.87
N ASN D 181 4.01 -44.26 14.97
CA ASN D 181 4.85 -44.91 15.96
C ASN D 181 6.28 -44.98 15.46
N ILE D 182 7.23 -44.80 16.38
CA ILE D 182 8.64 -44.77 16.01
C ILE D 182 9.08 -46.12 15.44
N ALA D 183 8.56 -47.21 16.00
CA ALA D 183 8.93 -48.54 15.51
C ALA D 183 8.50 -48.75 14.07
N ASP D 184 7.30 -48.28 13.71
CA ASP D 184 6.84 -48.41 12.34
C ASP D 184 7.73 -47.64 11.37
N VAL D 185 8.12 -46.42 11.74
CA VAL D 185 8.98 -45.62 10.88
C VAL D 185 10.36 -46.29 10.74
N LEU D 186 10.88 -46.83 11.84
CA LEU D 186 12.17 -47.51 11.78
C LEU D 186 12.10 -48.74 10.88
N ASP D 187 11.02 -49.51 10.99
CA ASP D 187 10.86 -50.67 10.13
C ASP D 187 10.72 -50.26 8.67
N ALA D 188 10.02 -49.15 8.42
CA ALA D 188 9.92 -48.66 7.05
C ALA D 188 11.28 -48.26 6.51
N THR D 189 12.10 -47.60 7.33
CA THR D 189 13.45 -47.26 6.90
C THR D 189 14.26 -48.51 6.58
N VAL D 190 14.17 -49.53 7.44
CA VAL D 190 14.90 -50.77 7.21
C VAL D 190 14.43 -51.42 5.91
N ALA D 191 13.12 -51.44 5.68
CA ALA D 191 12.59 -52.05 4.46
C ALA D 191 13.03 -51.29 3.22
N ARG D 192 13.06 -49.96 3.30
CA ARG D 192 13.53 -49.17 2.17
C ARG D 192 15.00 -49.43 1.89
N ILE D 193 15.82 -49.54 2.95
CA ILE D 193 17.24 -49.84 2.78
C ILE D 193 17.40 -51.22 2.14
N GLU D 194 16.60 -52.20 2.58
CA GLU D 194 16.64 -53.52 1.97
C GLU D 194 16.29 -53.46 0.49
N GLN D 195 15.22 -52.73 0.15
CA GLN D 195 14.79 -52.65 -1.23
C GLN D 195 15.85 -51.99 -2.10
N LEU D 196 16.50 -50.95 -1.58
CA LEU D 196 17.53 -50.25 -2.36
C LEU D 196 18.78 -51.10 -2.51
N PHE D 197 19.22 -51.76 -1.45
CA PHE D 197 20.48 -52.50 -1.48
C PHE D 197 20.36 -53.83 -2.21
N GLN D 198 19.19 -54.47 -2.17
CA GLN D 198 19.05 -55.80 -2.76
C GLN D 198 19.24 -55.76 -4.28
N GLN D 199 18.62 -54.78 -4.94
CA GLN D 199 18.67 -54.68 -6.40
C GLN D 199 19.04 -53.27 -6.82
N PRO D 200 20.32 -52.89 -6.67
CA PRO D 200 20.77 -51.57 -7.14
C PRO D 200 21.00 -51.59 -8.65
N HIS D 201 20.08 -50.95 -9.39
CA HIS D 201 20.15 -50.91 -10.84
C HIS D 201 20.63 -49.55 -11.37
N ASP D 202 21.07 -48.67 -10.47
CA ASP D 202 21.60 -47.34 -10.80
C ASP D 202 20.61 -46.48 -11.57
N GLY D 203 19.47 -46.22 -10.94
CA GLY D 203 18.47 -45.32 -11.50
C GLY D 203 17.60 -45.84 -12.62
N VAL D 204 17.46 -47.14 -12.80
CA VAL D 204 16.58 -47.64 -13.86
C VAL D 204 15.44 -48.46 -13.24
N THR D 205 14.98 -48.04 -12.07
CA THR D 205 13.90 -48.72 -11.37
C THR D 205 12.60 -47.94 -11.40
N GLY D 206 12.68 -46.61 -11.34
CA GLY D 206 11.50 -45.78 -11.43
C GLY D 206 11.35 -45.36 -12.88
N VAL D 207 10.82 -44.16 -13.15
CA VAL D 207 10.70 -43.73 -14.53
C VAL D 207 12.08 -43.38 -15.04
N ASN D 208 12.46 -43.98 -16.17
CA ASN D 208 13.79 -43.72 -16.73
C ASN D 208 13.88 -42.28 -17.24
N THR D 209 14.99 -41.63 -16.95
CA THR D 209 15.16 -40.25 -17.38
C THR D 209 15.87 -40.15 -18.73
N GLY D 210 16.52 -41.23 -19.15
CA GLY D 210 17.29 -41.26 -20.38
C GLY D 210 18.73 -40.82 -20.24
N TYR D 211 19.14 -40.37 -19.05
CA TYR D 211 20.51 -39.94 -18.79
C TYR D 211 21.07 -40.76 -17.64
N ASP D 212 22.31 -41.25 -17.81
CA ASP D 212 22.87 -42.19 -16.85
C ASP D 212 23.16 -41.49 -15.52
N ASP D 213 23.83 -40.33 -15.59
CA ASP D 213 24.19 -39.60 -14.38
C ASP D 213 22.96 -39.11 -13.65
N LEU D 214 21.96 -38.61 -14.37
CA LEU D 214 20.72 -38.17 -13.74
C LEU D 214 20.00 -39.34 -13.09
N ASN D 215 20.03 -40.51 -13.73
CA ASN D 215 19.45 -41.70 -13.11
C ASN D 215 20.20 -42.07 -11.83
N LYS D 216 21.53 -41.97 -11.85
CA LYS D 216 22.30 -42.30 -10.66
C LYS D 216 22.00 -41.34 -9.52
N LYS D 217 21.91 -40.05 -9.80
CA LYS D 217 21.68 -39.06 -8.75
C LYS D 217 20.25 -39.03 -8.26
N THR D 218 19.28 -39.27 -9.15
CA THR D 218 17.87 -39.12 -8.82
C THR D 218 17.11 -40.44 -8.75
N ALA D 219 17.71 -41.55 -9.19
CA ALA D 219 17.02 -42.83 -9.29
C ALA D 219 15.76 -42.72 -10.13
N GLY D 220 15.84 -41.96 -11.21
CA GLY D 220 14.71 -41.74 -12.08
C GLY D 220 13.77 -40.69 -11.52
N LEU D 221 12.65 -40.50 -12.21
CA LEU D 221 11.62 -39.58 -11.78
C LEU D 221 10.58 -40.36 -10.99
N GLN D 222 10.55 -40.14 -9.69
CA GLN D 222 9.74 -40.98 -8.81
C GLN D 222 8.26 -40.64 -8.95
N PRO D 223 7.38 -41.64 -8.94
CA PRO D 223 5.94 -41.36 -8.93
C PRO D 223 5.53 -40.65 -7.65
N SER D 224 4.45 -39.89 -7.74
CA SER D 224 3.90 -39.07 -6.66
C SER D 224 4.83 -37.95 -6.24
N ASP D 225 5.78 -37.56 -7.09
CA ASP D 225 6.72 -36.49 -6.76
C ASP D 225 6.47 -35.29 -7.67
N LEU D 226 6.69 -34.10 -7.12
CA LEU D 226 6.57 -32.86 -7.88
C LEU D 226 7.98 -32.42 -8.29
N ILE D 227 8.18 -32.21 -9.58
CA ILE D 227 9.49 -31.89 -10.14
C ILE D 227 9.40 -30.53 -10.81
N ILE D 228 10.33 -29.64 -10.46
CA ILE D 228 10.39 -28.29 -11.00
C ILE D 228 11.68 -28.17 -11.81
N VAL D 229 11.58 -27.62 -13.01
CA VAL D 229 12.73 -27.32 -13.85
C VAL D 229 12.73 -25.82 -14.09
N ALA D 230 13.83 -25.17 -13.72
CA ALA D 230 13.91 -23.72 -13.77
C ALA D 230 15.20 -23.27 -14.46
N ALA D 231 15.11 -22.14 -15.16
CA ALA D 231 16.25 -21.53 -15.82
C ALA D 231 15.84 -20.16 -16.32
N ARG D 232 16.84 -19.34 -16.63
CA ARG D 232 16.59 -18.08 -17.30
C ARG D 232 16.17 -18.31 -18.75
N PRO D 233 15.51 -17.34 -19.38
CA PRO D 233 15.04 -17.54 -20.75
C PRO D 233 16.21 -17.81 -21.70
N SER D 234 15.94 -18.64 -22.70
CA SER D 234 16.87 -19.08 -23.75
C SER D 234 17.93 -20.05 -23.25
N MET D 235 17.83 -20.54 -22.02
CA MET D 235 18.81 -21.50 -21.53
C MET D 235 18.58 -22.90 -22.07
N GLY D 236 17.33 -23.26 -22.37
CA GLY D 236 17.00 -24.57 -22.88
C GLY D 236 16.06 -25.35 -21.99
N LYS D 237 15.20 -24.65 -21.24
CA LYS D 237 14.24 -25.32 -20.37
C LYS D 237 13.26 -26.18 -21.17
N THR D 238 12.67 -25.59 -22.22
CA THR D 238 11.71 -26.34 -23.02
C THR D 238 12.39 -27.50 -23.72
N THR D 239 13.61 -27.28 -24.23
CA THR D 239 14.36 -28.33 -24.90
C THR D 239 14.64 -29.49 -23.95
N PHE D 240 15.12 -29.18 -22.74
CA PHE D 240 15.44 -30.23 -21.78
C PHE D 240 14.18 -30.98 -21.36
N ALA D 241 13.09 -30.24 -21.14
CA ALA D 241 11.84 -30.88 -20.74
C ALA D 241 11.34 -31.81 -21.85
N MET D 242 11.44 -31.36 -23.10
CA MET D 242 10.99 -32.21 -24.20
C MET D 242 11.90 -33.42 -24.36
N ASN D 243 13.20 -33.25 -24.13
CA ASN D 243 14.11 -34.39 -24.16
C ASN D 243 13.75 -35.41 -23.09
N LEU D 244 13.43 -34.93 -21.88
CA LEU D 244 12.99 -35.83 -20.83
C LEU D 244 11.71 -36.56 -21.22
N VAL D 245 10.77 -35.83 -21.84
CA VAL D 245 9.50 -36.43 -22.24
C VAL D 245 9.75 -37.51 -23.29
N GLU D 246 10.61 -37.21 -24.28
CA GLU D 246 10.92 -38.18 -25.32
C GLU D 246 11.58 -39.42 -24.72
N ASN D 247 12.53 -39.22 -23.82
CA ASN D 247 13.19 -40.37 -23.20
C ASN D 247 12.20 -41.22 -22.41
N ALA D 248 11.31 -40.58 -21.66
CA ALA D 248 10.31 -41.33 -20.89
C ALA D 248 9.38 -42.10 -21.82
N ALA D 249 8.95 -41.46 -22.92
CA ALA D 249 8.06 -42.13 -23.87
C ALA D 249 8.75 -43.31 -24.55
N MET D 250 10.01 -43.15 -24.93
CA MET D 250 10.73 -44.22 -25.62
C MET D 250 11.08 -45.37 -24.67
N LEU D 251 11.32 -45.07 -23.40
CA LEU D 251 11.76 -46.08 -22.46
C LEU D 251 10.65 -46.63 -21.57
N GLN D 252 9.39 -46.47 -21.99
CA GLN D 252 8.25 -46.97 -21.23
C GLN D 252 7.14 -47.39 -22.19
N ASP D 253 5.97 -47.67 -21.62
CA ASP D 253 4.80 -48.05 -22.38
C ASP D 253 3.57 -47.25 -22.00
N LYS D 254 3.59 -46.56 -20.87
CA LYS D 254 2.44 -45.78 -20.45
C LYS D 254 2.41 -44.44 -21.17
N PRO D 255 1.23 -43.84 -21.33
CA PRO D 255 1.14 -42.54 -21.99
C PRO D 255 1.92 -41.46 -21.25
N VAL D 256 2.45 -40.51 -22.02
CA VAL D 256 3.16 -39.36 -21.48
C VAL D 256 2.42 -38.11 -21.95
N LEU D 257 2.02 -37.28 -20.99
CA LEU D 257 1.14 -36.14 -21.24
C LEU D 257 1.93 -34.84 -21.06
N ILE D 258 1.72 -33.90 -21.98
CA ILE D 258 2.42 -32.63 -22.00
C ILE D 258 1.39 -31.51 -21.97
N PHE D 259 1.62 -30.54 -21.10
CA PHE D 259 0.81 -29.32 -21.05
C PHE D 259 1.72 -28.17 -21.46
N SER D 260 1.66 -27.80 -22.73
CA SER D 260 2.55 -26.80 -23.32
C SER D 260 1.80 -25.48 -23.46
N LEU D 261 1.91 -24.61 -22.45
CA LEU D 261 1.31 -23.30 -22.53
C LEU D 261 2.21 -22.29 -23.21
N GLU D 262 3.40 -22.69 -23.61
CA GLU D 262 4.38 -21.77 -24.19
C GLU D 262 4.45 -21.89 -25.71
N MET D 263 4.37 -23.11 -26.24
CA MET D 263 4.54 -23.31 -27.67
C MET D 263 3.36 -24.08 -28.25
N PRO D 264 3.05 -23.85 -29.52
CA PRO D 264 2.07 -24.71 -30.20
C PRO D 264 2.62 -26.11 -30.42
N SER D 265 1.70 -27.07 -30.56
CA SER D 265 2.08 -28.47 -30.63
C SER D 265 2.91 -28.75 -31.88
N GLU D 266 2.72 -27.95 -32.93
CA GLU D 266 3.44 -28.18 -34.18
C GLU D 266 4.95 -27.94 -33.99
N GLN D 267 5.32 -26.84 -33.31
CA GLN D 267 6.73 -26.58 -33.08
C GLN D 267 7.34 -27.62 -32.15
N ILE D 268 6.59 -28.06 -31.14
CA ILE D 268 7.06 -29.12 -30.26
C ILE D 268 7.31 -30.40 -31.05
N MET D 269 6.39 -30.74 -31.97
CA MET D 269 6.57 -31.95 -32.76
C MET D 269 7.74 -31.81 -33.72
N MET D 270 7.97 -30.60 -34.24
CA MET D 270 9.12 -30.38 -35.10
C MET D 270 10.42 -30.56 -34.33
N ARG D 271 10.49 -30.01 -33.12
CA ARG D 271 11.65 -30.22 -32.27
C ARG D 271 11.83 -31.70 -31.94
N SER D 272 10.74 -32.40 -31.67
CA SER D 272 10.84 -33.82 -31.35
C SER D 272 11.36 -34.61 -32.55
N LEU D 273 10.89 -34.26 -33.75
CA LEU D 273 11.41 -34.91 -34.95
C LEU D 273 12.89 -34.63 -35.13
N ALA D 274 13.30 -33.38 -34.91
CA ALA D 274 14.72 -33.03 -35.01
C ALA D 274 15.55 -33.81 -34.02
N SER D 275 15.06 -33.97 -32.79
CA SER D 275 15.79 -34.67 -31.75
C SER D 275 15.89 -36.16 -32.06
N LEU D 276 14.77 -36.79 -32.41
CA LEU D 276 14.74 -38.22 -32.59
C LEU D 276 15.47 -38.63 -33.86
N SER D 277 15.31 -37.87 -34.94
CA SER D 277 15.95 -38.19 -36.21
C SER D 277 17.34 -37.58 -36.32
N ARG D 278 17.75 -36.77 -35.34
CA ARG D 278 19.06 -36.13 -35.33
C ARG D 278 19.27 -35.32 -36.60
N VAL D 279 18.28 -34.51 -36.95
CA VAL D 279 18.36 -33.58 -38.07
C VAL D 279 18.40 -32.16 -37.50
N ASP D 280 19.12 -31.28 -38.18
CA ASP D 280 19.24 -29.90 -37.73
C ASP D 280 17.87 -29.23 -37.67
N GLN D 281 17.60 -28.53 -36.56
CA GLN D 281 16.28 -27.94 -36.35
C GLN D 281 16.02 -26.82 -37.33
N THR D 282 17.05 -26.03 -37.66
CA THR D 282 16.89 -24.93 -38.60
C THR D 282 16.51 -25.44 -39.99
N LYS D 283 17.09 -26.58 -40.40
CA LYS D 283 16.72 -27.16 -41.69
C LYS D 283 15.24 -27.54 -41.72
N ILE D 284 14.76 -28.15 -40.64
CA ILE D 284 13.35 -28.53 -40.57
C ILE D 284 12.46 -27.29 -40.58
N ARG D 285 12.87 -26.26 -39.82
CA ARG D 285 12.07 -25.04 -39.75
C ARG D 285 12.00 -24.34 -41.11
N THR D 286 13.12 -24.29 -41.83
CA THR D 286 13.18 -23.64 -43.13
C THR D 286 12.88 -24.60 -44.28
N GLY D 287 12.72 -25.89 -44.01
CA GLY D 287 12.37 -26.82 -45.06
C GLY D 287 13.52 -27.30 -45.91
N GLN D 288 14.76 -26.91 -45.60
CA GLN D 288 15.91 -27.31 -46.40
C GLN D 288 16.44 -28.67 -45.95
N LEU D 289 15.78 -29.71 -46.43
CA LEU D 289 16.08 -31.09 -46.06
C LEU D 289 16.47 -31.87 -47.30
N ASP D 290 17.47 -32.73 -47.19
CA ASP D 290 17.84 -33.59 -48.30
C ASP D 290 17.17 -34.95 -48.15
N ASP D 291 17.49 -35.85 -49.10
CA ASP D 291 16.78 -37.12 -49.18
C ASP D 291 16.99 -37.96 -47.92
N GLU D 292 18.23 -38.02 -47.43
CA GLU D 292 18.50 -38.80 -46.23
C GLU D 292 17.75 -38.24 -45.03
N ASP D 293 17.68 -36.91 -44.93
CA ASP D 293 16.92 -36.29 -43.85
C ASP D 293 15.44 -36.63 -43.95
N TRP D 294 14.89 -36.62 -45.17
CA TRP D 294 13.50 -37.00 -45.35
C TRP D 294 13.26 -38.45 -44.94
N ALA D 295 14.20 -39.33 -45.29
CA ALA D 295 14.08 -40.74 -44.89
C ALA D 295 14.11 -40.87 -43.36
N ARG D 296 15.02 -40.14 -42.72
CA ARG D 296 15.11 -40.17 -41.26
C ARG D 296 13.81 -39.68 -40.63
N ILE D 297 13.27 -38.58 -41.14
CA ILE D 297 12.04 -38.02 -40.58
C ILE D 297 10.88 -38.99 -40.78
N SER D 298 10.84 -39.64 -41.95
CA SER D 298 9.79 -40.63 -42.21
C SER D 298 9.91 -41.81 -41.24
N GLY D 299 11.13 -42.27 -40.99
CA GLY D 299 11.31 -43.36 -40.04
C GLY D 299 10.89 -42.96 -38.63
N THR D 300 11.26 -41.75 -38.22
CA THR D 300 10.87 -41.25 -36.90
C THR D 300 9.36 -41.17 -36.78
N MET D 301 8.69 -40.63 -37.81
CA MET D 301 7.23 -40.54 -37.78
C MET D 301 6.60 -41.92 -37.74
N GLY D 302 7.18 -42.89 -38.46
CA GLY D 302 6.67 -44.24 -38.41
C GLY D 302 6.78 -44.84 -37.03
N ILE D 303 7.93 -44.64 -36.38
CA ILE D 303 8.12 -45.15 -35.02
C ILE D 303 7.13 -44.49 -34.07
N LEU D 304 6.96 -43.18 -34.18
CA LEU D 304 6.04 -42.46 -33.30
C LEU D 304 4.61 -42.94 -33.50
N LEU D 305 4.20 -43.15 -34.75
CA LEU D 305 2.86 -43.63 -35.01
C LEU D 305 2.68 -45.09 -34.64
N GLU D 306 3.77 -45.85 -34.57
CA GLU D 306 3.70 -47.22 -34.08
C GLU D 306 3.53 -47.24 -32.57
N LYS D 307 4.25 -46.37 -31.85
CA LYS D 307 4.14 -46.33 -30.40
C LYS D 307 2.81 -45.75 -29.96
N ARG D 308 2.54 -44.50 -30.35
CA ARG D 308 1.32 -43.78 -29.98
C ARG D 308 1.09 -43.71 -28.48
N ASN D 309 2.02 -43.09 -27.75
CA ASN D 309 1.88 -42.91 -26.31
C ASN D 309 2.30 -41.53 -25.84
N ILE D 310 2.24 -40.54 -26.72
CA ILE D 310 2.54 -39.15 -26.38
C ILE D 310 1.29 -38.32 -26.64
N TYR D 311 0.87 -37.52 -25.67
CA TYR D 311 -0.28 -36.65 -25.81
C TYR D 311 0.17 -35.22 -25.48
N ILE D 312 -0.25 -34.28 -26.31
CA ILE D 312 0.16 -32.88 -26.19
C ILE D 312 -1.08 -32.01 -26.12
N ASP D 313 -1.10 -31.07 -25.16
CA ASP D 313 -2.18 -30.11 -25.05
C ASP D 313 -1.55 -28.72 -25.02
N ASP D 314 -1.78 -27.93 -26.06
CA ASP D 314 -1.14 -26.63 -26.22
C ASP D 314 -2.07 -25.47 -25.91
N SER D 315 -3.13 -25.72 -25.14
CA SER D 315 -4.01 -24.65 -24.69
C SER D 315 -3.28 -23.71 -23.75
N SER D 316 -3.71 -22.45 -23.72
CA SER D 316 -3.08 -21.44 -22.88
C SER D 316 -4.04 -20.97 -21.81
N GLY D 317 -3.48 -20.48 -20.71
CA GLY D 317 -4.29 -20.02 -19.60
C GLY D 317 -5.05 -21.11 -18.89
N LEU D 318 -4.41 -22.24 -18.61
CA LEU D 318 -5.10 -23.36 -18.00
C LEU D 318 -5.14 -23.21 -16.49
N THR D 319 -6.30 -23.50 -15.89
CA THR D 319 -6.37 -23.54 -14.44
C THR D 319 -5.94 -24.91 -13.93
N PRO D 320 -5.53 -25.01 -12.66
CA PRO D 320 -5.19 -26.33 -12.10
C PRO D 320 -6.32 -27.33 -12.14
N THR D 321 -7.58 -26.87 -12.01
CA THR D 321 -8.71 -27.78 -12.08
C THR D 321 -8.80 -28.47 -13.45
N GLU D 322 -8.62 -27.70 -14.53
CA GLU D 322 -8.66 -28.30 -15.86
C GLU D 322 -7.52 -29.29 -16.06
N VAL D 323 -6.32 -28.95 -15.56
CA VAL D 323 -5.18 -29.85 -15.67
C VAL D 323 -5.48 -31.16 -14.95
N ARG D 324 -6.01 -31.06 -13.72
CA ARG D 324 -6.33 -32.26 -12.95
C ARG D 324 -7.40 -33.09 -13.66
N SER D 325 -8.42 -32.43 -14.20
CA SER D 325 -9.51 -33.14 -14.86
C SER D 325 -8.98 -33.89 -16.08
N ARG D 326 -8.16 -33.23 -16.89
CA ARG D 326 -7.67 -33.87 -18.11
C ARG D 326 -6.68 -34.99 -17.78
N ALA D 327 -5.84 -34.81 -16.75
CA ALA D 327 -4.95 -35.88 -16.33
C ALA D 327 -5.72 -37.09 -15.85
N ARG D 328 -6.77 -36.85 -15.05
CA ARG D 328 -7.61 -37.95 -14.59
C ARG D 328 -8.30 -38.65 -15.75
N ARG D 329 -8.76 -37.87 -16.74
CA ARG D 329 -9.43 -38.46 -17.89
C ARG D 329 -8.48 -39.33 -18.69
N ILE D 330 -7.24 -38.85 -18.90
CA ILE D 330 -6.25 -39.64 -19.62
C ILE D 330 -5.92 -40.92 -18.86
N ALA D 331 -5.74 -40.83 -17.55
CA ALA D 331 -5.40 -42.01 -16.76
C ALA D 331 -6.54 -43.04 -16.80
N ARG D 332 -7.78 -42.57 -16.71
CA ARG D 332 -8.92 -43.47 -16.81
C ARG D 332 -9.02 -44.10 -18.19
N GLU D 333 -8.87 -43.31 -19.26
CA GLU D 333 -9.02 -43.81 -20.61
C GLU D 333 -7.95 -44.83 -20.97
N HIS D 334 -6.69 -44.58 -20.59
CA HIS D 334 -5.60 -45.43 -21.03
C HIS D 334 -4.95 -46.22 -19.91
N GLY D 335 -5.60 -46.36 -18.76
CA GLY D 335 -5.11 -47.20 -17.69
C GLY D 335 -3.80 -46.75 -17.07
N GLY D 336 -3.65 -45.48 -16.76
CA GLY D 336 -2.49 -45.03 -16.05
C GLY D 336 -1.66 -44.00 -16.79
N ILE D 337 -0.77 -43.32 -16.08
CA ILE D 337 0.14 -42.34 -16.66
C ILE D 337 1.55 -42.66 -16.18
N GLY D 338 2.54 -42.20 -16.94
CA GLY D 338 3.92 -42.47 -16.58
C GLY D 338 4.68 -41.19 -16.26
N LEU D 339 4.20 -40.06 -16.80
CA LEU D 339 4.84 -38.77 -16.59
C LEU D 339 3.88 -37.69 -17.06
N ILE D 340 3.87 -36.57 -16.35
CA ILE D 340 3.10 -35.40 -16.73
C ILE D 340 4.06 -34.22 -16.81
N MET D 341 3.95 -33.43 -17.87
CA MET D 341 4.86 -32.30 -18.09
C MET D 341 4.05 -31.04 -18.36
N ILE D 342 4.42 -29.96 -17.68
CA ILE D 342 3.73 -28.67 -17.79
C ILE D 342 4.78 -27.61 -18.09
N ASP D 343 4.51 -26.78 -19.10
CA ASP D 343 5.45 -25.79 -19.62
C ASP D 343 4.68 -24.56 -20.10
N TYR D 344 4.64 -23.53 -19.26
CA TYR D 344 5.23 -23.56 -17.93
C TYR D 344 4.24 -22.97 -16.94
N LEU D 345 4.59 -22.96 -15.65
CA LEU D 345 3.61 -22.64 -14.63
C LEU D 345 3.47 -21.13 -14.45
N GLN D 346 4.29 -20.33 -15.12
CA GLN D 346 4.09 -18.90 -15.09
C GLN D 346 2.97 -18.44 -16.02
N LEU D 347 2.46 -19.33 -16.85
CA LEU D 347 1.35 -19.03 -17.75
C LEU D 347 0.01 -19.56 -17.26
N MET D 348 0.00 -20.36 -16.20
CA MET D 348 -1.27 -20.86 -15.66
C MET D 348 -2.00 -19.74 -14.93
N ARG D 349 -3.32 -19.90 -14.82
CA ARG D 349 -4.18 -18.87 -14.26
C ARG D 349 -5.04 -19.44 -13.15
N VAL D 350 -5.15 -18.67 -12.07
CA VAL D 350 -6.14 -18.89 -11.02
C VAL D 350 -6.92 -17.59 -10.84
N PRO D 351 -8.06 -17.45 -11.53
CA PRO D 351 -8.76 -16.15 -11.55
C PRO D 351 -9.14 -15.64 -10.18
N ALA D 352 -9.46 -16.52 -9.23
CA ALA D 352 -9.88 -16.05 -7.91
C ALA D 352 -8.73 -15.40 -7.15
N LEU D 353 -7.49 -15.63 -7.57
CA LEU D 353 -6.31 -15.08 -6.93
C LEU D 353 -5.43 -14.29 -7.90
N SER D 354 -6.05 -13.65 -8.90
CA SER D 354 -5.28 -12.93 -9.91
C SER D 354 -4.60 -11.70 -9.35
N ASP D 355 -5.14 -11.14 -8.26
CA ASP D 355 -4.54 -9.96 -7.65
C ASP D 355 -3.15 -10.22 -7.08
N ASN D 356 -2.94 -11.36 -6.42
CA ASN D 356 -1.68 -11.68 -5.75
C ASN D 356 -1.02 -12.84 -6.51
N ARG D 357 0.21 -12.62 -6.98
CA ARG D 357 0.90 -13.64 -7.75
C ARG D 357 1.41 -14.76 -6.85
N THR D 358 1.88 -14.42 -5.65
CA THR D 358 2.41 -15.43 -4.74
C THR D 358 1.34 -16.43 -4.34
N LEU D 359 0.14 -15.95 -4.01
CA LEU D 359 -0.96 -16.85 -3.66
C LEU D 359 -1.35 -17.73 -4.83
N GLU D 360 -1.34 -17.16 -6.05
CA GLU D 360 -1.67 -17.94 -7.23
C GLU D 360 -0.67 -19.07 -7.44
N ILE D 361 0.62 -18.75 -7.32
CA ILE D 361 1.65 -19.78 -7.48
C ILE D 361 1.54 -20.83 -6.38
N ALA D 362 1.25 -20.40 -5.15
CA ALA D 362 1.09 -21.36 -4.06
C ALA D 362 -0.07 -22.31 -4.32
N GLU D 363 -1.20 -21.77 -4.79
CA GLU D 363 -2.34 -22.62 -5.11
C GLU D 363 -2.01 -23.60 -6.24
N ILE D 364 -1.31 -23.11 -7.26
CA ILE D 364 -0.95 -23.97 -8.39
C ILE D 364 -0.04 -25.11 -7.91
N SER D 365 0.97 -24.78 -7.10
CA SER D 365 1.90 -25.79 -6.62
C SER D 365 1.19 -26.80 -5.72
N ARG D 366 0.31 -26.32 -4.85
CA ARG D 366 -0.44 -27.24 -3.98
C ARG D 366 -1.31 -28.18 -4.80
N SER D 367 -2.02 -27.66 -5.80
CA SER D 367 -2.87 -28.51 -6.61
C SER D 367 -2.05 -29.51 -7.42
N LEU D 368 -0.90 -29.08 -7.94
CA LEU D 368 -0.05 -29.98 -8.70
C LEU D 368 0.50 -31.09 -7.82
N LYS D 369 0.91 -30.75 -6.59
CA LYS D 369 1.38 -31.77 -5.66
C LYS D 369 0.27 -32.76 -5.31
N ALA D 370 -0.95 -32.25 -5.08
CA ALA D 370 -2.08 -33.12 -4.78
C ALA D 370 -2.36 -34.07 -5.94
N LEU D 371 -2.33 -33.54 -7.16
CA LEU D 371 -2.56 -34.37 -8.34
C LEU D 371 -1.49 -35.43 -8.48
N ALA D 372 -0.23 -35.04 -8.27
CA ALA D 372 0.87 -35.99 -8.37
C ALA D 372 0.72 -37.11 -7.34
N LYS D 373 0.31 -36.76 -6.12
CA LYS D 373 0.13 -37.79 -5.10
C LYS D 373 -1.07 -38.68 -5.42
N GLU D 374 -2.13 -38.10 -5.99
CA GLU D 374 -3.33 -38.87 -6.26
C GLU D 374 -3.12 -39.87 -7.39
N LEU D 375 -2.55 -39.42 -8.50
CA LEU D 375 -2.37 -40.27 -9.67
C LEU D 375 -1.13 -41.15 -9.59
N ASN D 376 -0.29 -40.99 -8.56
CA ASN D 376 0.93 -41.78 -8.40
C ASN D 376 1.82 -41.67 -9.64
N VAL D 377 2.00 -40.45 -10.11
CA VAL D 377 2.83 -40.20 -11.30
C VAL D 377 3.80 -39.07 -11.01
N PRO D 378 4.97 -39.04 -11.67
CA PRO D 378 5.82 -37.85 -11.58
C PRO D 378 5.24 -36.70 -12.40
N VAL D 379 5.19 -35.52 -11.79
CA VAL D 379 4.71 -34.30 -12.44
C VAL D 379 5.88 -33.34 -12.49
N VAL D 380 6.25 -32.92 -13.71
CA VAL D 380 7.33 -31.99 -13.94
C VAL D 380 6.70 -30.68 -14.39
N ALA D 381 7.08 -29.58 -13.74
CA ALA D 381 6.57 -28.26 -14.06
C ALA D 381 7.74 -27.32 -14.29
N LEU D 382 7.70 -26.59 -15.40
CA LEU D 382 8.76 -25.66 -15.74
C LEU D 382 8.49 -24.28 -15.16
N SER D 383 9.56 -23.53 -14.86
CA SER D 383 9.45 -22.23 -14.24
C SER D 383 10.58 -21.33 -14.72
N GLN D 384 10.44 -20.03 -14.48
CA GLN D 384 11.41 -19.04 -14.92
C GLN D 384 12.04 -18.35 -13.72
N LEU D 385 13.20 -17.73 -13.95
CA LEU D 385 13.95 -17.08 -12.90
C LEU D 385 14.00 -15.57 -13.12
N ASN D 386 14.36 -14.84 -12.07
CA ASN D 386 14.37 -13.39 -12.12
C ASN D 386 15.64 -12.87 -12.77
N ARG D 387 15.57 -11.64 -13.29
CA ARG D 387 16.69 -11.05 -14.01
C ARG D 387 17.90 -10.81 -13.11
N SER D 388 17.69 -10.63 -11.81
CA SER D 388 18.77 -10.31 -10.89
C SER D 388 19.88 -11.36 -10.91
N LEU D 389 19.55 -12.60 -11.30
CA LEU D 389 20.57 -13.64 -11.41
C LEU D 389 21.72 -13.21 -12.31
N GLU D 390 21.43 -12.37 -13.32
CA GLU D 390 22.46 -11.95 -14.27
C GLU D 390 23.38 -10.89 -13.68
N GLN D 391 23.07 -10.40 -12.47
CA GLN D 391 23.87 -9.39 -11.80
C GLN D 391 24.80 -9.98 -10.74
N ARG D 392 24.58 -11.22 -10.34
CA ARG D 392 25.42 -11.85 -9.34
C ARG D 392 26.78 -12.22 -9.93
N ALA D 393 27.78 -12.34 -9.03
CA ALA D 393 29.12 -12.72 -9.46
C ALA D 393 29.12 -14.12 -10.07
N ASP D 394 28.39 -15.04 -9.45
CA ASP D 394 28.21 -16.39 -9.97
C ASP D 394 26.78 -16.49 -10.48
N LYS D 395 26.63 -16.83 -11.76
CA LYS D 395 25.33 -16.79 -12.41
C LYS D 395 24.65 -18.16 -12.42
N ARG D 396 25.23 -19.15 -11.77
CA ARG D 396 24.58 -20.45 -11.67
C ARG D 396 23.32 -20.28 -10.83
N PRO D 397 22.18 -20.83 -11.26
CA PRO D 397 20.93 -20.53 -10.55
C PRO D 397 20.95 -21.07 -9.12
N VAL D 398 20.24 -20.36 -8.25
CA VAL D 398 20.00 -20.82 -6.89
C VAL D 398 18.50 -20.76 -6.59
N ASN D 399 18.14 -21.31 -5.43
CA ASN D 399 16.73 -21.38 -5.04
C ASN D 399 16.11 -20.00 -4.90
N SER D 400 16.84 -19.06 -4.31
CA SER D 400 16.31 -17.71 -4.11
C SER D 400 16.07 -16.99 -5.43
N ASP D 401 16.62 -17.50 -6.53
CA ASP D 401 16.31 -16.93 -7.82
C ASP D 401 14.92 -17.32 -8.30
N LEU D 402 14.14 -18.00 -7.47
CA LEU D 402 12.74 -18.32 -7.73
C LEU D 402 11.80 -17.34 -7.05
N ARG D 403 12.19 -16.07 -7.02
CA ARG D 403 11.44 -15.01 -6.35
C ARG D 403 9.95 -15.07 -6.69
N GLU D 404 9.10 -14.77 -5.71
CA GLU D 404 7.64 -14.86 -5.75
C GLU D 404 7.15 -16.30 -5.76
N SER D 405 8.03 -17.30 -5.64
CA SER D 405 7.62 -18.69 -5.74
C SER D 405 8.27 -19.53 -4.64
N GLY D 406 8.17 -19.05 -3.40
CA GLY D 406 8.64 -19.82 -2.27
C GLY D 406 7.89 -21.13 -2.12
N SER D 407 6.59 -21.13 -2.42
CA SER D 407 5.79 -22.34 -2.36
C SER D 407 6.28 -23.40 -3.34
N ILE D 408 6.87 -22.97 -4.46
CA ILE D 408 7.44 -23.93 -5.40
C ILE D 408 8.58 -24.68 -4.74
N GLU D 409 9.46 -23.95 -4.04
CA GLU D 409 10.55 -24.58 -3.32
C GLU D 409 10.02 -25.45 -2.19
N GLN D 410 8.93 -25.02 -1.53
CA GLN D 410 8.41 -25.77 -0.39
C GLN D 410 7.76 -27.09 -0.82
N ASP D 411 7.04 -27.08 -1.95
CA ASP D 411 6.19 -28.22 -2.28
C ASP D 411 6.88 -29.23 -3.20
N ALA D 412 7.89 -28.78 -3.94
CA ALA D 412 8.51 -29.64 -4.94
C ALA D 412 9.34 -30.74 -4.29
N ASP D 413 9.17 -31.96 -4.82
CA ASP D 413 9.99 -33.08 -4.41
C ASP D 413 11.38 -33.04 -5.03
N LEU D 414 11.51 -32.52 -6.25
CA LEU D 414 12.78 -32.37 -6.94
C LEU D 414 12.82 -31.02 -7.62
N ILE D 415 13.97 -30.35 -7.55
CA ILE D 415 14.17 -29.04 -8.18
C ILE D 415 15.47 -29.07 -8.95
N MET D 416 15.40 -28.82 -10.25
CA MET D 416 16.56 -28.80 -11.12
C MET D 416 16.66 -27.46 -11.82
N PHE D 417 17.87 -26.91 -11.89
CA PHE D 417 18.15 -25.67 -12.58
C PHE D 417 19.04 -25.96 -13.79
N ILE D 418 18.78 -25.27 -14.89
CA ILE D 418 19.56 -25.41 -16.11
C ILE D 418 20.50 -24.22 -16.23
N TYR D 419 21.80 -24.51 -16.40
CA TYR D 419 22.82 -23.47 -16.53
C TYR D 419 23.75 -23.80 -17.70
N ARG D 420 23.98 -22.82 -18.57
CA ARG D 420 24.96 -22.96 -19.63
C ARG D 420 25.95 -21.81 -19.55
N ASP D 421 27.24 -22.15 -19.39
CA ASP D 421 28.27 -21.13 -19.21
C ASP D 421 28.49 -20.37 -20.51
N GLU D 422 28.35 -21.04 -21.65
CA GLU D 422 28.60 -20.42 -22.94
C GLU D 422 27.61 -19.32 -23.28
N VAL D 423 26.44 -19.31 -22.61
CA VAL D 423 25.50 -18.22 -22.82
C VAL D 423 26.07 -16.88 -22.38
N TYR D 424 26.74 -16.84 -21.23
CA TYR D 424 27.31 -15.60 -20.72
C TYR D 424 28.74 -15.34 -21.17
N HIS D 425 29.51 -16.38 -21.51
CA HIS D 425 30.91 -16.23 -21.89
C HIS D 425 31.13 -16.86 -23.26
N GLU D 426 31.45 -16.03 -24.26
CA GLU D 426 31.74 -16.55 -25.59
C GLU D 426 33.04 -17.37 -25.60
N ASN D 427 34.01 -16.99 -24.78
CA ASN D 427 35.29 -17.68 -24.69
C ASN D 427 35.30 -18.75 -23.61
N SER D 428 34.14 -19.34 -23.32
CA SER D 428 34.03 -20.35 -22.27
C SER D 428 34.77 -21.61 -22.69
N ASP D 429 35.37 -22.29 -21.72
CA ASP D 429 35.99 -23.58 -22.01
C ASP D 429 34.99 -24.72 -21.94
N LEU D 430 33.75 -24.44 -21.50
CA LEU D 430 32.71 -25.45 -21.34
C LEU D 430 31.65 -25.34 -22.43
N LYS D 431 32.07 -25.02 -23.65
CA LYS D 431 31.13 -24.88 -24.76
C LYS D 431 30.47 -26.22 -25.07
N GLY D 432 29.16 -26.20 -25.27
CA GLY D 432 28.44 -27.43 -25.53
C GLY D 432 28.15 -28.26 -24.31
N ILE D 433 28.46 -27.77 -23.12
CA ILE D 433 28.24 -28.47 -21.87
C ILE D 433 27.24 -27.69 -21.04
N ALA D 434 26.16 -28.36 -20.63
CA ALA D 434 25.14 -27.78 -19.78
C ALA D 434 25.18 -28.44 -18.41
N GLU D 435 24.72 -27.72 -17.39
CA GLU D 435 24.68 -28.23 -16.03
C GLU D 435 23.24 -28.26 -15.53
N ILE D 436 22.82 -29.40 -15.02
CA ILE D 436 21.57 -29.56 -14.28
C ILE D 436 21.94 -29.59 -12.80
N ILE D 437 21.55 -28.56 -12.08
CA ILE D 437 21.89 -28.42 -10.66
C ILE D 437 20.67 -28.80 -9.83
N ILE D 438 20.83 -29.78 -8.95
CA ILE D 438 19.73 -30.22 -8.10
C ILE D 438 19.70 -29.35 -6.85
N GLY D 439 18.83 -28.34 -6.85
CA GLY D 439 18.75 -27.44 -5.72
C GLY D 439 18.02 -28.00 -4.52
N LYS D 440 17.09 -28.92 -4.75
CA LYS D 440 16.36 -29.58 -3.68
C LYS D 440 15.92 -30.95 -4.16
N GLN D 441 16.40 -31.99 -3.48
CA GLN D 441 15.89 -33.34 -3.70
C GLN D 441 15.34 -33.87 -2.39
N ARG D 442 14.10 -34.36 -2.43
CA ARG D 442 13.46 -34.80 -1.19
C ARG D 442 13.89 -36.22 -0.79
N ASN D 443 14.16 -37.08 -1.77
CA ASN D 443 14.54 -38.46 -1.48
C ASN D 443 15.86 -38.85 -2.13
N GLY D 444 16.88 -38.00 -2.01
CA GLY D 444 18.18 -38.32 -2.55
C GLY D 444 19.18 -37.19 -2.38
N PRO D 445 20.34 -37.32 -3.01
CA PRO D 445 21.38 -36.31 -2.86
C PRO D 445 21.15 -35.12 -3.77
N ILE D 446 22.06 -34.15 -3.68
CA ILE D 446 22.04 -32.98 -4.57
C ILE D 446 23.42 -32.81 -5.18
N GLY D 447 23.49 -32.11 -6.29
CA GLY D 447 24.75 -31.88 -6.97
C GLY D 447 24.51 -31.44 -8.40
N THR D 448 25.59 -31.45 -9.17
CA THR D 448 25.58 -30.96 -10.55
C THR D 448 25.79 -32.14 -11.49
N VAL D 449 24.95 -32.23 -12.52
CA VAL D 449 25.08 -33.22 -13.57
C VAL D 449 25.39 -32.51 -14.87
N ARG D 450 26.49 -32.92 -15.51
CA ARG D 450 26.91 -32.30 -16.76
C ARG D 450 26.37 -33.11 -17.93
N LEU D 451 25.84 -32.41 -18.93
CA LEU D 451 25.32 -33.01 -20.15
C LEU D 451 25.89 -32.29 -21.35
N THR D 452 25.78 -32.92 -22.52
CA THR D 452 26.19 -32.30 -23.77
C THR D 452 24.98 -31.68 -24.44
N PHE D 453 25.12 -30.44 -24.91
CA PHE D 453 24.03 -29.71 -25.54
C PHE D 453 24.28 -29.62 -27.04
N ASN D 454 23.47 -30.35 -27.82
CA ASN D 454 23.48 -30.24 -29.26
C ASN D 454 22.29 -29.40 -29.70
N GLY D 455 22.54 -28.09 -29.83
CA GLY D 455 21.49 -27.18 -30.23
C GLY D 455 21.06 -27.38 -31.67
N GLN D 456 21.93 -27.98 -32.48
CA GLN D 456 21.56 -28.26 -33.87
C GLN D 456 20.36 -29.20 -33.93
N TRP D 457 20.35 -30.25 -33.11
CA TRP D 457 19.25 -31.21 -33.07
C TRP D 457 18.28 -30.94 -31.94
N SER D 458 18.49 -29.85 -31.17
CA SER D 458 17.68 -29.54 -29.99
C SER D 458 17.68 -30.72 -29.01
N ARG D 459 18.87 -31.12 -28.57
CA ARG D 459 19.02 -32.35 -27.82
C ARG D 459 20.01 -32.18 -26.68
N PHE D 460 19.76 -32.89 -25.58
CA PHE D 460 20.74 -33.12 -24.54
C PHE D 460 21.18 -34.58 -24.56
N ASP D 461 22.47 -34.82 -24.35
CA ASP D 461 23.03 -36.15 -24.37
C ASP D 461 23.92 -36.37 -23.16
N ASN D 462 24.25 -37.64 -22.90
CA ASN D 462 25.14 -37.96 -21.80
C ASN D 462 26.53 -37.36 -22.03
N TYR D 463 27.11 -36.82 -20.96
CA TYR D 463 28.44 -36.24 -21.03
C TYR D 463 29.49 -37.34 -21.02
N ALA D 464 30.26 -37.45 -22.10
CA ALA D 464 31.29 -38.49 -22.21
C ALA D 464 32.65 -38.02 -21.74
N GLY D 465 32.78 -36.75 -21.33
CA GLY D 465 34.04 -36.21 -20.89
C GLY D 465 34.41 -36.69 -19.50
N PRO D 466 35.60 -36.27 -19.07
CA PRO D 466 36.07 -36.65 -17.73
C PRO D 466 35.16 -36.09 -16.65
N GLN D 467 34.99 -36.84 -15.57
CA GLN D 467 34.10 -36.43 -14.49
C GLN D 467 34.92 -36.20 -13.22
N TYR D 468 34.62 -35.10 -12.53
CA TYR D 468 35.33 -34.76 -11.29
C TYR D 468 34.49 -35.13 -10.07
N LEU E 24 -36.05 -28.54 37.03
CA LEU E 24 -35.84 -27.83 35.77
C LEU E 24 -34.36 -27.71 35.44
N LYS E 25 -34.06 -27.34 34.20
CA LYS E 25 -32.68 -27.15 33.75
C LYS E 25 -32.17 -25.77 34.13
N VAL E 26 -32.08 -25.51 35.42
CA VAL E 26 -31.96 -24.14 35.94
C VAL E 26 -30.64 -23.55 35.45
N PRO E 27 -30.62 -22.26 35.09
CA PRO E 27 -29.35 -21.61 34.79
C PRO E 27 -28.63 -21.25 36.07
N PRO E 28 -27.42 -21.76 36.27
CA PRO E 28 -26.73 -21.59 37.55
C PRO E 28 -26.45 -20.11 37.81
N HIS E 29 -27.08 -19.59 38.87
CA HIS E 29 -26.91 -18.21 39.28
C HIS E 29 -27.30 -18.08 40.74
N SER E 30 -26.88 -16.96 41.35
CA SER E 30 -27.17 -16.66 42.76
C SER E 30 -27.35 -15.15 42.88
N ILE E 31 -28.62 -14.75 43.04
CA ILE E 31 -29.00 -13.35 43.16
C ILE E 31 -28.50 -12.74 44.47
N GLU E 32 -28.51 -13.52 45.55
CA GLU E 32 -28.08 -13.02 46.85
C GLU E 32 -26.65 -12.46 46.82
N ALA E 33 -25.72 -13.19 46.21
CA ALA E 33 -24.35 -12.67 46.12
C ALA E 33 -24.27 -11.35 45.35
N GLU E 34 -24.98 -11.25 44.22
CA GLU E 34 -24.96 -9.99 43.47
C GLU E 34 -25.55 -8.84 44.26
N GLN E 35 -26.69 -9.07 44.91
CA GLN E 35 -27.33 -8.02 45.71
C GLN E 35 -26.43 -7.60 46.85
N SER E 36 -25.77 -8.56 47.50
CA SER E 36 -24.85 -8.25 48.58
C SER E 36 -23.69 -7.42 48.06
N VAL E 37 -23.15 -7.76 46.89
CA VAL E 37 -22.03 -7.01 46.34
C VAL E 37 -22.46 -5.57 46.07
N LEU E 38 -23.63 -5.40 45.46
CA LEU E 38 -24.08 -4.05 45.12
C LEU E 38 -24.35 -3.24 46.38
N GLY E 39 -24.95 -3.85 47.39
CA GLY E 39 -25.20 -3.14 48.64
C GLY E 39 -23.91 -2.75 49.33
N GLY E 40 -22.94 -3.67 49.36
CA GLY E 40 -21.66 -3.34 49.96
C GLY E 40 -20.94 -2.22 49.22
N LEU E 41 -21.03 -2.21 47.89
CA LEU E 41 -20.43 -1.12 47.13
C LEU E 41 -21.13 0.20 47.41
N MET E 42 -22.45 0.19 47.53
CA MET E 42 -23.17 1.42 47.88
C MET E 42 -22.73 1.94 49.25
N LEU E 43 -22.63 1.04 50.23
CA LEU E 43 -22.28 1.45 51.59
C LEU E 43 -20.80 1.80 51.73
N ASP E 44 -19.90 1.04 51.11
CA ASP E 44 -18.46 1.23 51.24
C ASP E 44 -17.87 1.41 49.84
N ASN E 45 -17.59 2.67 49.48
CA ASN E 45 -17.08 2.97 48.15
C ASN E 45 -15.61 2.62 48.02
N GLU E 46 -14.96 2.29 49.12
CA GLU E 46 -13.52 2.00 49.13
C GLU E 46 -13.23 0.58 48.66
N ARG E 47 -14.25 -0.27 48.62
CA ARG E 47 -14.11 -1.69 48.23
C ARG E 47 -14.22 -1.94 46.73
N TRP E 48 -14.42 -0.92 45.90
CA TRP E 48 -14.63 -1.14 44.47
C TRP E 48 -13.51 -1.98 43.87
N ASP E 49 -12.27 -1.66 44.21
CA ASP E 49 -11.13 -2.41 43.68
C ASP E 49 -11.21 -3.88 44.05
N ASP E 50 -11.55 -4.19 45.31
CA ASP E 50 -11.62 -5.58 45.72
C ASP E 50 -12.71 -6.32 44.94
N VAL E 51 -13.64 -5.58 44.35
CA VAL E 51 -14.65 -6.22 43.51
C VAL E 51 -14.23 -6.16 42.05
N ALA E 52 -13.47 -5.13 41.68
CA ALA E 52 -13.12 -4.93 40.27
C ALA E 52 -12.08 -5.94 39.79
N GLU E 53 -11.37 -6.58 40.72
CA GLU E 53 -10.39 -7.57 40.30
C GLU E 53 -10.92 -9.00 40.36
N ARG E 54 -12.20 -9.18 40.71
CA ARG E 54 -12.80 -10.50 40.84
C ARG E 54 -13.99 -10.72 39.94
N VAL E 55 -14.56 -9.66 39.36
CA VAL E 55 -15.76 -9.77 38.56
C VAL E 55 -15.81 -8.62 37.55
N VAL E 56 -16.43 -8.89 36.40
CA VAL E 56 -16.63 -7.92 35.35
C VAL E 56 -18.13 -7.70 35.23
N ALA E 57 -18.51 -6.67 34.44
CA ALA E 57 -19.92 -6.38 34.27
C ALA E 57 -20.66 -7.53 33.59
N ASP E 58 -20.04 -8.13 32.58
CA ASP E 58 -20.68 -9.21 31.84
C ASP E 58 -20.87 -10.48 32.68
N ASP E 59 -20.20 -10.57 33.83
CA ASP E 59 -20.32 -11.72 34.71
C ASP E 59 -21.62 -11.75 35.52
N PHE E 60 -22.43 -10.72 35.46
CA PHE E 60 -23.68 -10.71 36.20
C PHE E 60 -24.78 -11.34 35.38
N TYR E 61 -25.72 -12.00 36.05
CA TYR E 61 -26.68 -12.84 35.36
C TYR E 61 -27.89 -12.06 34.87
N THR E 62 -28.38 -11.10 35.64
CA THR E 62 -29.57 -10.39 35.23
C THR E 62 -29.18 -9.08 34.57
N ARG E 63 -30.03 -8.63 33.63
CA ARG E 63 -29.79 -7.34 32.98
C ARG E 63 -29.75 -6.16 33.94
N PRO E 64 -30.68 -6.02 34.90
CA PRO E 64 -30.57 -4.88 35.83
C PRO E 64 -29.27 -4.81 36.59
N HIS E 65 -28.75 -5.97 37.04
CA HIS E 65 -27.51 -5.97 37.79
C HIS E 65 -26.33 -5.57 36.92
N ARG E 66 -26.28 -6.08 35.69
CA ARG E 66 -25.23 -5.69 34.76
C ARG E 66 -25.28 -4.19 34.49
N HIS E 67 -26.48 -3.66 34.30
CA HIS E 67 -26.64 -2.24 34.02
C HIS E 67 -26.17 -1.41 35.21
N ILE E 68 -26.53 -1.82 36.43
CA ILE E 68 -26.13 -1.10 37.63
C ILE E 68 -24.61 -1.12 37.76
N PHE E 69 -24.01 -2.28 37.53
CA PHE E 69 -22.56 -2.39 37.65
C PHE E 69 -21.86 -1.53 36.61
N THR E 70 -22.39 -1.50 35.38
CA THR E 70 -21.78 -0.64 34.36
C THR E 70 -21.85 0.83 34.76
N GLU E 71 -22.99 1.26 35.29
CA GLU E 71 -23.12 2.66 35.71
C GLU E 71 -22.17 2.96 36.86
N MET E 72 -22.04 2.02 37.80
CA MET E 72 -21.11 2.20 38.92
C MET E 72 -19.67 2.29 38.43
N ALA E 73 -19.29 1.46 37.46
CA ALA E 73 -17.95 1.55 36.91
C ALA E 73 -17.72 2.91 36.28
N ARG E 74 -18.72 3.42 35.55
CA ARG E 74 -18.59 4.73 34.93
C ARG E 74 -18.38 5.81 35.98
N LEU E 75 -19.21 5.81 37.04
CA LEU E 75 -19.08 6.80 38.10
C LEU E 75 -17.73 6.69 38.82
N GLN E 76 -17.31 5.45 39.12
CA GLN E 76 -16.07 5.26 39.85
C GLN E 76 -14.88 5.73 39.05
N GLU E 77 -14.87 5.47 37.74
CA GLU E 77 -13.74 5.90 36.94
C GLU E 77 -13.86 7.35 36.48
N SER E 78 -15.01 8.00 36.68
CA SER E 78 -15.12 9.43 36.47
C SER E 78 -14.81 10.26 37.72
N GLY E 79 -14.45 9.64 38.83
CA GLY E 79 -14.10 10.40 40.02
C GLY E 79 -15.26 10.77 40.91
N SER E 80 -16.34 10.07 40.86
CA SER E 80 -17.50 10.47 41.63
C SER E 80 -17.88 9.42 42.68
N PRO E 81 -18.56 9.85 43.74
CA PRO E 81 -19.08 8.89 44.72
C PRO E 81 -20.17 8.02 44.12
N ILE E 82 -20.33 6.84 44.71
CA ILE E 82 -21.28 5.85 44.23
C ILE E 82 -22.39 5.61 45.24
N ASP E 83 -22.77 6.65 46.00
CA ASP E 83 -23.86 6.48 46.94
C ASP E 83 -25.20 6.27 46.22
N LEU E 84 -26.23 6.00 47.03
CA LEU E 84 -27.54 5.60 46.50
C LEU E 84 -28.20 6.67 45.66
N ILE E 85 -28.26 7.89 46.17
CA ILE E 85 -29.00 8.96 45.50
C ILE E 85 -28.30 9.34 44.18
N THR E 86 -26.98 9.47 44.22
CA THR E 86 -26.26 9.83 43.00
C THR E 86 -26.39 8.74 41.94
N LEU E 87 -26.28 7.47 42.33
CA LEU E 87 -26.42 6.38 41.36
C LEU E 87 -27.81 6.33 40.75
N ALA E 88 -28.86 6.44 41.58
CA ALA E 88 -30.21 6.40 41.03
C ALA E 88 -30.48 7.60 40.13
N GLU E 89 -30.04 8.79 40.53
CA GLU E 89 -30.24 9.98 39.74
C GLU E 89 -29.48 9.88 38.42
N SER E 90 -28.25 9.38 38.46
CA SER E 90 -27.46 9.23 37.24
C SER E 90 -28.11 8.23 36.29
N LEU E 91 -28.67 7.13 36.83
CA LEU E 91 -29.36 6.19 35.96
C LEU E 91 -30.60 6.84 35.37
N GLU E 92 -31.25 7.71 36.14
CA GLU E 92 -32.47 8.35 35.66
C GLU E 92 -32.15 9.32 34.53
N ARG E 93 -31.02 10.02 34.63
CA ARG E 93 -30.61 11.00 33.62
C ARG E 93 -30.39 10.36 32.27
N GLN E 94 -29.95 9.10 32.23
CA GLN E 94 -29.75 8.38 30.97
C GLN E 94 -31.01 7.65 30.54
N GLY E 95 -32.08 7.77 31.31
CA GLY E 95 -33.35 7.13 31.05
C GLY E 95 -33.36 5.64 31.30
N GLN E 96 -32.34 5.12 31.99
CA GLN E 96 -32.20 3.70 32.23
C GLN E 96 -32.58 3.32 33.65
N LEU E 97 -33.21 4.23 34.40
CA LEU E 97 -33.59 3.96 35.79
C LEU E 97 -34.75 2.98 35.86
N ASP E 98 -35.72 3.09 34.95
CA ASP E 98 -36.87 2.20 35.00
C ASP E 98 -36.48 0.77 34.66
N SER E 99 -35.53 0.59 33.75
CA SER E 99 -35.07 -0.75 33.40
C SER E 99 -34.44 -1.45 34.59
N VAL E 100 -33.65 -0.74 35.40
CA VAL E 100 -33.08 -1.32 36.62
C VAL E 100 -34.11 -1.79 37.63
N GLY E 101 -35.15 -1.01 37.89
CA GLY E 101 -36.15 -1.41 38.86
C GLY E 101 -36.68 -0.25 39.69
N GLY E 102 -36.02 0.89 39.59
CA GLY E 102 -36.49 2.10 40.24
C GLY E 102 -35.75 2.46 41.51
N PHE E 103 -35.98 3.68 42.00
CA PHE E 103 -35.36 4.10 43.26
C PHE E 103 -35.80 3.21 44.41
N ALA E 104 -37.01 2.64 44.32
CA ALA E 104 -37.46 1.71 45.33
C ALA E 104 -36.55 0.49 45.39
N TYR E 105 -36.23 -0.09 44.23
CA TYR E 105 -35.35 -1.25 44.21
C TYR E 105 -33.94 -0.90 44.62
N LEU E 106 -33.43 0.26 44.21
CA LEU E 106 -32.10 0.67 44.64
C LEU E 106 -32.04 0.85 46.16
N ALA E 107 -33.05 1.47 46.75
CA ALA E 107 -33.06 1.62 48.20
C ALA E 107 -33.20 0.27 48.89
N GLU E 108 -33.98 -0.64 48.31
CA GLU E 108 -34.08 -1.99 48.85
C GLU E 108 -32.74 -2.70 48.84
N LEU E 109 -32.00 -2.56 47.73
CA LEU E 109 -30.65 -3.12 47.66
C LEU E 109 -29.74 -2.53 48.72
N SER E 110 -29.82 -1.20 48.91
CA SER E 110 -28.97 -0.55 49.89
C SER E 110 -29.28 -1.03 51.31
N LYS E 111 -30.57 -1.19 51.63
CA LYS E 111 -30.99 -1.48 53.00
C LYS E 111 -30.89 -2.96 53.36
N ASN E 112 -31.43 -3.83 52.50
CA ASN E 112 -31.57 -5.25 52.86
C ASN E 112 -30.22 -5.91 53.13
N THR E 113 -29.21 -5.60 52.33
CA THR E 113 -27.92 -6.25 52.50
C THR E 113 -27.17 -5.64 53.67
N PRO E 114 -26.77 -6.43 54.67
CA PRO E 114 -26.03 -5.88 55.81
C PRO E 114 -24.65 -5.39 55.40
N SER E 115 -24.19 -4.35 56.10
CA SER E 115 -22.86 -3.80 55.84
C SER E 115 -21.75 -4.79 56.18
N ALA E 116 -21.85 -5.47 57.31
CA ALA E 116 -20.82 -6.42 57.74
C ALA E 116 -20.91 -7.69 56.90
N ALA E 117 -20.24 -7.65 55.74
CA ALA E 117 -20.27 -8.73 54.78
C ALA E 117 -18.86 -8.98 54.26
N ASN E 118 -18.64 -10.20 53.77
CA ASN E 118 -17.39 -10.55 53.10
C ASN E 118 -17.66 -10.56 51.60
N ILE E 119 -17.39 -9.42 50.95
CA ILE E 119 -17.80 -9.23 49.57
C ILE E 119 -16.88 -9.99 48.62
N SER E 120 -15.68 -10.37 49.10
CA SER E 120 -14.75 -11.08 48.23
C SER E 120 -15.30 -12.45 47.86
N ALA E 121 -15.87 -13.17 48.83
CA ALA E 121 -16.45 -14.47 48.53
C ALA E 121 -17.62 -14.33 47.56
N TYR E 122 -18.43 -13.29 47.73
CA TYR E 122 -19.55 -13.06 46.82
C TYR E 122 -19.06 -12.74 45.41
N ALA E 123 -17.99 -11.94 45.29
CA ALA E 123 -17.43 -11.65 43.98
C ALA E 123 -16.91 -12.91 43.33
N ASP E 124 -16.24 -13.77 44.11
CA ASP E 124 -15.78 -15.06 43.58
C ASP E 124 -16.94 -15.93 43.14
N ILE E 125 -18.04 -15.92 43.89
CA ILE E 125 -19.22 -16.68 43.49
C ILE E 125 -19.77 -16.17 42.16
N VAL E 126 -19.89 -14.86 42.01
CA VAL E 126 -20.40 -14.31 40.76
C VAL E 126 -19.45 -14.66 39.61
N ARG E 127 -18.15 -14.66 39.87
CA ARG E 127 -17.17 -15.01 38.85
C ARG E 127 -17.32 -16.46 38.42
N GLU E 128 -17.56 -17.35 39.38
CA GLU E 128 -17.63 -18.78 39.17
C GLU E 128 -18.85 -19.20 38.37
N ARG E 129 -20.02 -18.64 38.72
CA ARG E 129 -21.24 -18.96 38.00
C ARG E 129 -21.12 -18.58 36.53
N ALA E 130 -20.47 -17.46 36.22
CA ALA E 130 -20.34 -17.08 34.81
C ALA E 130 -19.56 -18.14 34.03
N VAL E 131 -18.46 -18.64 34.60
CA VAL E 131 -17.66 -19.65 33.92
C VAL E 131 -18.46 -20.93 33.74
N VAL E 132 -19.15 -21.37 34.78
CA VAL E 132 -19.94 -22.60 34.68
C VAL E 132 -21.06 -22.43 33.66
N ARG E 133 -21.73 -21.28 33.67
CA ARG E 133 -22.81 -21.02 32.74
C ARG E 133 -22.30 -21.01 31.31
N GLU E 134 -21.11 -20.43 31.09
CA GLU E 134 -20.54 -20.42 29.75
C GLU E 134 -20.16 -21.82 29.31
N MET E 135 -19.69 -22.65 30.25
CA MET E 135 -19.42 -24.04 29.94
C MET E 135 -20.69 -24.78 29.52
N ILE E 136 -21.79 -24.55 30.24
CA ILE E 136 -23.07 -25.16 29.87
C ILE E 136 -23.51 -24.68 28.49
N SER E 137 -23.31 -23.39 28.20
CA SER E 137 -23.69 -22.85 26.90
C SER E 137 -22.89 -23.50 25.78
N VAL E 138 -21.58 -23.66 25.99
CA VAL E 138 -20.75 -24.28 24.96
C VAL E 138 -21.11 -25.74 24.77
N ALA E 139 -21.44 -26.45 25.86
CA ALA E 139 -21.89 -27.83 25.70
C ALA E 139 -23.18 -27.91 24.88
N ASN E 140 -24.13 -27.01 25.15
CA ASN E 140 -25.36 -27.00 24.36
C ASN E 140 -25.08 -26.69 22.89
N GLU E 141 -24.20 -25.72 22.63
CA GLU E 141 -23.86 -25.39 21.24
C GLU E 141 -23.18 -26.56 20.54
N ILE E 142 -22.31 -27.28 21.24
CA ILE E 142 -21.65 -28.46 20.66
C ILE E 142 -22.69 -29.51 20.32
N ALA E 143 -23.63 -29.79 21.23
CA ALA E 143 -24.65 -30.79 20.94
C ALA E 143 -25.51 -30.37 19.74
N GLU E 144 -25.90 -29.10 19.68
CA GLU E 144 -26.72 -28.63 18.57
C GLU E 144 -25.97 -28.75 17.24
N ALA E 145 -24.68 -28.38 17.24
CA ALA E 145 -23.86 -28.53 16.04
C ALA E 145 -23.71 -29.99 15.64
N GLY E 146 -23.61 -30.88 16.63
CA GLY E 146 -23.53 -32.30 16.35
C GLY E 146 -24.79 -32.83 15.71
N PHE E 147 -25.96 -32.37 16.16
CA PHE E 147 -27.20 -32.88 15.58
C PHE E 147 -27.37 -32.45 14.13
N ASP E 148 -26.87 -31.27 13.76
CA ASP E 148 -27.03 -30.74 12.41
C ASP E 148 -25.66 -30.35 11.88
N PRO E 149 -24.89 -31.32 11.38
CA PRO E 149 -23.51 -31.03 10.96
C PRO E 149 -23.40 -29.99 9.87
N GLN E 150 -24.37 -29.92 8.94
CA GLN E 150 -24.36 -28.97 7.85
C GLN E 150 -23.09 -29.10 7.01
N GLY E 151 -22.79 -30.34 6.61
CA GLY E 151 -21.65 -30.61 5.75
C GLY E 151 -20.31 -30.67 6.45
N ARG E 152 -20.28 -30.65 7.78
CA ARG E 152 -19.01 -30.73 8.48
C ARG E 152 -18.63 -32.17 8.79
N THR E 153 -17.35 -32.47 8.59
CA THR E 153 -16.74 -33.75 8.93
C THR E 153 -16.52 -33.85 10.43
N SER E 154 -16.07 -35.03 10.87
CA SER E 154 -15.77 -35.21 12.28
C SER E 154 -14.63 -34.30 12.70
N GLU E 155 -13.64 -34.12 11.82
CA GLU E 155 -12.53 -33.24 12.12
C GLU E 155 -13.01 -31.81 12.34
N ASP E 156 -13.96 -31.35 11.51
CA ASP E 156 -14.48 -29.99 11.68
C ASP E 156 -15.19 -29.85 13.03
N LEU E 157 -15.98 -30.84 13.41
CA LEU E 157 -16.68 -30.79 14.69
C LEU E 157 -15.69 -30.79 15.85
N LEU E 158 -14.65 -31.63 15.78
CA LEU E 158 -13.64 -31.66 16.82
C LEU E 158 -12.90 -30.32 16.90
N ASP E 159 -12.60 -29.72 15.74
CA ASP E 159 -11.96 -28.41 15.73
C ASP E 159 -12.85 -27.38 16.40
N LEU E 160 -14.15 -27.41 16.09
CA LEU E 160 -15.09 -26.46 16.69
C LEU E 160 -15.14 -26.63 18.20
N ALA E 161 -15.23 -27.89 18.66
CA ALA E 161 -15.31 -28.15 20.09
C ALA E 161 -14.04 -27.68 20.80
N GLU E 162 -12.88 -27.99 20.22
CA GLU E 162 -11.62 -27.56 20.84
C GLU E 162 -11.53 -26.05 20.89
N SER E 163 -11.96 -25.39 19.81
CA SER E 163 -11.92 -23.93 19.77
C SER E 163 -12.82 -23.34 20.84
N ARG E 164 -14.04 -23.89 20.98
CA ARG E 164 -14.97 -23.39 21.99
C ARG E 164 -14.41 -23.57 23.39
N VAL E 165 -13.88 -24.76 23.69
CA VAL E 165 -13.39 -25.00 25.04
C VAL E 165 -12.15 -24.15 25.32
N PHE E 166 -11.31 -23.95 24.30
CA PHE E 166 -10.14 -23.09 24.47
C PHE E 166 -10.55 -21.64 24.74
N LYS E 167 -11.54 -21.13 24.02
CA LYS E 167 -12.03 -19.79 24.30
C LYS E 167 -12.61 -19.70 25.70
N ILE E 168 -13.25 -20.77 26.15
CA ILE E 168 -13.79 -20.84 27.51
C ILE E 168 -12.67 -20.73 28.52
N ALA E 169 -11.59 -21.50 28.35
CA ALA E 169 -10.66 -21.71 29.45
C ALA E 169 -9.51 -20.72 29.40
N GLU E 170 -8.88 -20.53 28.25
CA GLU E 170 -7.66 -19.73 28.16
C GLU E 170 -7.95 -18.28 28.56
N SER E 171 -6.90 -17.56 28.98
CA SER E 171 -6.91 -16.16 29.43
C SER E 171 -7.45 -15.91 30.84
N ARG E 172 -8.00 -16.91 31.53
CA ARG E 172 -8.22 -16.72 32.96
C ARG E 172 -6.93 -16.40 33.70
N ALA E 173 -5.78 -16.79 33.16
CA ALA E 173 -4.50 -16.73 33.86
C ALA E 173 -4.02 -15.31 34.08
N ASN E 174 -4.67 -14.33 33.46
CA ASN E 174 -4.36 -12.92 33.67
C ASN E 174 -4.61 -12.48 35.11
N LYS E 175 -5.40 -13.24 35.88
CA LYS E 175 -5.59 -12.92 37.29
C LYS E 175 -4.27 -13.02 38.05
N ASP E 176 -3.48 -14.07 37.78
CA ASP E 176 -2.20 -14.25 38.43
C ASP E 176 -1.09 -13.42 37.80
N GLU E 177 -1.31 -12.87 36.60
CA GLU E 177 -0.32 -12.06 35.91
C GLU E 177 -0.61 -10.58 36.16
N GLY E 178 0.41 -9.86 36.59
CA GLY E 178 0.27 -8.45 36.89
C GLY E 178 1.34 -7.95 37.83
N PRO E 179 1.12 -6.77 38.42
CA PRO E 179 2.11 -6.23 39.36
C PRO E 179 2.13 -7.00 40.67
N LYS E 180 3.16 -7.80 40.88
CA LYS E 180 3.29 -8.58 42.10
C LYS E 180 3.97 -7.75 43.19
N ASN E 181 3.84 -8.23 44.43
CA ASN E 181 4.46 -7.56 45.56
C ASN E 181 5.97 -7.69 45.50
N ILE E 182 6.66 -6.65 45.98
CA ILE E 182 8.11 -6.63 45.95
C ILE E 182 8.69 -7.76 46.80
N ALA E 183 8.09 -8.01 47.97
CA ALA E 183 8.59 -9.06 48.85
C ALA E 183 8.47 -10.43 48.20
N ASP E 184 7.36 -10.69 47.51
CA ASP E 184 7.16 -12.00 46.89
C ASP E 184 8.18 -12.24 45.78
N VAL E 185 8.40 -11.23 44.93
CA VAL E 185 9.37 -11.36 43.85
C VAL E 185 10.78 -11.52 44.42
N LEU E 186 11.09 -10.76 45.47
CA LEU E 186 12.40 -10.88 46.10
C LEU E 186 12.61 -12.28 46.68
N ASP E 187 11.58 -12.83 47.33
CA ASP E 187 11.70 -14.18 47.88
C ASP E 187 11.85 -15.22 46.78
N ALA E 188 11.13 -15.05 45.68
CA ALA E 188 11.29 -15.96 44.55
C ALA E 188 12.71 -15.87 43.98
N THR E 189 13.24 -14.66 43.89
CA THR E 189 14.61 -14.48 43.40
C THR E 189 15.62 -15.14 44.34
N VAL E 190 15.42 -15.00 45.64
CA VAL E 190 16.32 -15.63 46.61
C VAL E 190 16.23 -17.15 46.50
N ALA E 191 15.01 -17.68 46.33
CA ALA E 191 14.86 -19.12 46.15
C ALA E 191 15.58 -19.60 44.90
N ARG E 192 15.46 -18.85 43.80
CA ARG E 192 16.14 -19.22 42.57
C ARG E 192 17.66 -19.21 42.75
N ILE E 193 18.18 -18.16 43.40
CA ILE E 193 19.63 -18.06 43.57
C ILE E 193 20.14 -19.16 44.49
N GLU E 194 19.42 -19.47 45.56
CA GLU E 194 19.85 -20.51 46.48
C GLU E 194 19.73 -21.90 45.85
N GLN E 195 18.77 -22.07 44.94
CA GLN E 195 18.70 -23.33 44.19
C GLN E 195 19.84 -23.43 43.17
N LEU E 196 20.25 -22.29 42.61
CA LEU E 196 21.44 -22.28 41.76
C LEU E 196 22.68 -22.67 42.56
N PHE E 197 22.79 -22.18 43.79
CA PHE E 197 23.94 -22.52 44.63
C PHE E 197 23.91 -23.99 45.05
N GLN E 198 22.75 -24.47 45.52
CA GLN E 198 22.69 -25.79 46.12
C GLN E 198 22.80 -26.93 45.12
N GLN E 199 22.45 -26.69 43.86
CA GLN E 199 22.47 -27.77 42.88
C GLN E 199 23.91 -28.24 42.64
N PRO E 200 24.13 -29.55 42.55
CA PRO E 200 25.48 -30.07 42.25
C PRO E 200 25.76 -30.30 40.78
N HIS E 201 24.90 -29.81 39.88
CA HIS E 201 25.12 -30.00 38.46
C HIS E 201 26.34 -29.21 37.99
N ASP E 202 26.78 -29.53 36.78
CA ASP E 202 27.93 -28.86 36.18
C ASP E 202 27.52 -27.65 35.34
N GLY E 203 26.80 -26.70 35.94
CA GLY E 203 26.47 -25.49 35.25
C GLY E 203 25.23 -25.52 34.37
N VAL E 204 24.42 -26.57 34.43
CA VAL E 204 23.23 -26.67 33.59
C VAL E 204 21.99 -26.62 34.47
N THR E 205 21.13 -25.64 34.20
CA THR E 205 19.88 -25.45 34.92
C THR E 205 18.67 -25.85 34.09
N GLY E 206 18.77 -25.76 32.77
CA GLY E 206 17.72 -26.14 31.85
C GLY E 206 17.99 -27.49 31.22
N VAL E 207 17.48 -27.67 30.00
CA VAL E 207 17.68 -28.92 29.28
C VAL E 207 19.12 -28.99 28.80
N ASN E 208 19.77 -30.12 29.09
CA ASN E 208 21.17 -30.31 28.75
C ASN E 208 21.35 -30.38 27.23
N THR E 209 22.20 -29.50 26.70
CA THR E 209 22.45 -29.45 25.27
C THR E 209 23.33 -30.58 24.78
N GLY E 210 24.08 -31.24 25.67
CA GLY E 210 24.98 -32.29 25.26
C GLY E 210 26.38 -31.85 24.93
N TYR E 211 26.68 -30.56 24.97
CA TYR E 211 28.01 -30.03 24.68
C TYR E 211 28.47 -29.23 25.88
N ASP E 212 29.72 -29.47 26.31
CA ASP E 212 30.17 -28.92 27.58
C ASP E 212 30.31 -27.40 27.51
N ASP E 213 30.98 -26.89 26.48
CA ASP E 213 31.18 -25.44 26.40
C ASP E 213 29.88 -24.70 26.21
N LEU E 214 28.99 -25.23 25.36
CA LEU E 214 27.69 -24.59 25.17
C LEU E 214 26.84 -24.66 26.42
N ASN E 215 26.95 -25.77 27.17
CA ASN E 215 26.27 -25.86 28.45
C ASN E 215 26.80 -24.82 29.44
N LYS E 216 28.12 -24.62 29.46
CA LYS E 216 28.71 -23.63 30.35
C LYS E 216 28.25 -22.22 29.98
N LYS E 217 28.23 -21.92 28.68
CA LYS E 217 27.88 -20.56 28.25
C LYS E 217 26.38 -20.28 28.33
N THR E 218 25.53 -21.29 28.21
CA THR E 218 24.10 -21.05 28.14
C THR E 218 23.30 -21.67 29.29
N ALA E 219 23.93 -22.52 30.10
CA ALA E 219 23.24 -23.27 31.15
C ALA E 219 22.07 -24.07 30.58
N GLY E 220 22.26 -24.64 29.41
CA GLY E 220 21.22 -25.39 28.73
C GLY E 220 20.20 -24.49 28.04
N LEU E 221 19.18 -25.14 27.49
CA LEU E 221 18.08 -24.44 26.84
C LEU E 221 17.01 -24.15 27.89
N GLN E 222 16.80 -22.87 28.18
CA GLN E 222 15.93 -22.51 29.27
C GLN E 222 14.46 -22.66 28.86
N PRO E 223 13.61 -23.17 29.76
CA PRO E 223 12.18 -23.24 29.46
C PRO E 223 11.58 -21.85 29.32
N SER E 224 10.48 -21.77 28.58
CA SER E 224 9.75 -20.55 28.27
C SER E 224 10.60 -19.55 27.49
N ASP E 225 11.56 -20.01 26.71
CA ASP E 225 12.43 -19.16 25.93
C ASP E 225 12.32 -19.51 24.45
N LEU E 226 12.42 -18.50 23.59
CA LEU E 226 12.42 -18.73 22.15
C LEU E 226 13.87 -18.82 21.68
N ILE E 227 14.19 -19.91 21.00
CA ILE E 227 15.55 -20.21 20.55
C ILE E 227 15.53 -20.34 19.03
N ILE E 228 16.42 -19.60 18.38
CA ILE E 228 16.54 -19.58 16.93
C ILE E 228 17.87 -20.20 16.57
N VAL E 229 17.86 -21.12 15.62
CA VAL E 229 19.07 -21.71 15.06
C VAL E 229 19.10 -21.30 13.59
N ALA E 230 20.17 -20.61 13.21
CA ALA E 230 20.30 -20.02 11.89
C ALA E 230 21.64 -20.36 11.29
N ALA E 231 21.65 -20.53 9.97
CA ALA E 231 22.86 -20.84 9.22
C ALA E 231 22.55 -20.67 7.75
N ARG E 232 23.61 -20.58 6.95
CA ARG E 232 23.45 -20.62 5.52
C ARG E 232 23.08 -22.04 5.07
N PRO E 233 22.52 -22.18 3.87
CA PRO E 233 22.12 -23.52 3.41
C PRO E 233 23.30 -24.47 3.37
N SER E 234 23.04 -25.73 3.69
CA SER E 234 24.01 -26.81 3.71
C SER E 234 25.10 -26.59 4.74
N MET E 235 24.83 -25.90 5.85
CA MET E 235 25.82 -25.71 6.89
C MET E 235 25.74 -26.75 7.99
N GLY E 236 24.72 -27.60 8.00
CA GLY E 236 24.54 -28.54 9.08
C GLY E 236 23.53 -28.10 10.11
N LYS E 237 22.59 -27.23 9.74
CA LYS E 237 21.61 -26.73 10.69
C LYS E 237 20.72 -27.86 11.19
N THR E 238 20.15 -28.63 10.27
CA THR E 238 19.31 -29.74 10.68
C THR E 238 20.13 -30.80 11.42
N THR E 239 21.37 -31.04 10.97
CA THR E 239 22.22 -32.01 11.65
C THR E 239 22.49 -31.58 13.10
N PHE E 240 22.83 -30.32 13.30
CA PHE E 240 23.10 -29.83 14.65
C PHE E 240 21.86 -29.90 15.52
N ALA E 241 20.71 -29.51 14.95
CA ALA E 241 19.46 -29.56 15.70
C ALA E 241 19.11 -30.99 16.08
N MET E 242 19.32 -31.94 15.17
CA MET E 242 19.05 -33.33 15.49
C MET E 242 20.01 -33.84 16.55
N ASN E 243 21.26 -33.40 16.51
CA ASN E 243 22.20 -33.77 17.57
C ASN E 243 21.74 -33.25 18.91
N LEU E 244 21.26 -32.00 18.95
CA LEU E 244 20.72 -31.44 20.18
C LEU E 244 19.52 -32.27 20.66
N VAL E 245 18.65 -32.68 19.72
CA VAL E 245 17.49 -33.47 20.09
C VAL E 245 17.91 -34.79 20.69
N GLU E 246 18.88 -35.47 20.07
CA GLU E 246 19.35 -36.74 20.58
C GLU E 246 19.97 -36.60 21.96
N ASN E 247 20.77 -35.55 22.16
CA ASN E 247 21.38 -35.35 23.46
C ASN E 247 20.32 -35.05 24.52
N ALA E 248 19.31 -34.25 24.18
CA ALA E 248 18.24 -33.95 25.12
C ALA E 248 17.46 -35.20 25.48
N ALA E 249 17.19 -36.06 24.48
CA ALA E 249 16.49 -37.30 24.73
C ALA E 249 17.30 -38.24 25.62
N MET E 250 18.61 -38.33 25.38
CA MET E 250 19.45 -39.24 26.15
C MET E 250 19.63 -38.74 27.59
N LEU E 251 19.76 -37.44 27.78
CA LEU E 251 20.10 -36.91 29.09
C LEU E 251 18.89 -36.50 29.92
N GLN E 252 17.68 -36.76 29.45
CA GLN E 252 16.47 -36.34 30.13
C GLN E 252 15.41 -37.42 30.04
N ASP E 253 14.30 -37.21 30.77
CA ASP E 253 13.21 -38.16 30.82
C ASP E 253 11.92 -37.65 30.18
N LYS E 254 11.78 -36.34 30.01
CA LYS E 254 10.56 -35.82 29.43
C LYS E 254 10.54 -36.01 27.90
N PRO E 255 9.36 -36.10 27.30
CA PRO E 255 9.29 -36.31 25.85
C PRO E 255 9.89 -35.14 25.08
N VAL E 256 10.42 -35.45 23.89
CA VAL E 256 10.96 -34.45 22.98
C VAL E 256 10.17 -34.54 21.68
N LEU E 257 9.61 -33.42 21.25
CA LEU E 257 8.72 -33.35 20.10
C LEU E 257 9.39 -32.60 18.96
N ILE E 258 9.27 -33.12 17.74
CA ILE E 258 9.89 -32.54 16.56
C ILE E 258 8.80 -32.27 15.53
N PHE E 259 8.80 -31.06 14.97
CA PHE E 259 7.98 -30.72 13.82
C PHE E 259 8.94 -30.47 12.66
N SER E 260 8.75 -31.20 11.57
CA SER E 260 9.66 -31.14 10.42
C SER E 260 8.86 -30.96 9.13
N LEU E 261 8.87 -29.73 8.63
CA LEU E 261 8.31 -29.45 7.31
C LEU E 261 9.34 -29.60 6.21
N GLU E 262 10.57 -29.97 6.56
CA GLU E 262 11.69 -30.02 5.63
C GLU E 262 11.98 -31.44 5.14
N MET E 263 11.93 -32.41 6.05
CA MET E 263 12.33 -33.76 5.68
C MET E 263 11.29 -34.77 6.15
N PRO E 264 11.14 -35.89 5.44
CA PRO E 264 10.26 -36.96 5.93
C PRO E 264 10.85 -37.64 7.15
N SER E 265 9.97 -38.31 7.91
CA SER E 265 10.39 -38.88 9.18
C SER E 265 11.40 -40.00 8.97
N GLU E 266 11.33 -40.67 7.82
CA GLU E 266 12.25 -41.77 7.56
C GLU E 266 13.69 -41.28 7.43
N GLN E 267 13.89 -40.17 6.71
CA GLN E 267 15.22 -39.59 6.63
C GLN E 267 15.69 -39.08 7.97
N ILE E 268 14.78 -38.54 8.78
CA ILE E 268 15.14 -38.11 10.13
C ILE E 268 15.65 -39.30 10.93
N MET E 269 14.96 -40.43 10.85
CA MET E 269 15.37 -41.61 11.62
C MET E 269 16.67 -42.17 11.10
N MET E 270 16.89 -42.12 9.79
CA MET E 270 18.16 -42.59 9.25
C MET E 270 19.33 -41.73 9.72
N ARG E 271 19.14 -40.40 9.71
CA ARG E 271 20.16 -39.51 10.26
C ARG E 271 20.39 -39.78 11.73
N SER E 272 19.32 -40.02 12.49
CA SER E 272 19.46 -40.29 13.92
C SER E 272 20.23 -41.57 14.14
N LEU E 273 19.96 -42.61 13.34
CA LEU E 273 20.72 -43.84 13.46
C LEU E 273 22.19 -43.62 13.14
N ALA E 274 22.48 -42.85 12.09
CA ALA E 274 23.87 -42.55 11.75
C ALA E 274 24.56 -41.80 12.88
N SER E 275 23.85 -40.85 13.50
CA SER E 275 24.45 -40.03 14.55
C SER E 275 24.71 -40.86 15.80
N LEU E 276 23.72 -41.64 16.23
CA LEU E 276 23.84 -42.36 17.49
C LEU E 276 24.77 -43.56 17.36
N SER E 277 24.71 -44.28 16.24
CA SER E 277 25.53 -45.46 16.07
C SER E 277 26.92 -45.15 15.54
N ARG E 278 27.20 -43.90 15.19
CA ARG E 278 28.50 -43.51 14.63
C ARG E 278 28.83 -44.34 13.39
N VAL E 279 27.89 -44.43 12.48
CA VAL E 279 28.07 -45.15 11.21
C VAL E 279 27.94 -44.16 10.07
N ASP E 280 28.81 -44.30 9.08
CA ASP E 280 28.85 -43.38 7.95
C ASP E 280 27.50 -43.30 7.23
N GLN E 281 27.04 -42.08 6.98
CA GLN E 281 25.70 -41.89 6.43
C GLN E 281 25.63 -42.39 5.00
N THR E 282 26.73 -42.26 4.25
CA THR E 282 26.75 -42.75 2.87
C THR E 282 26.54 -44.26 2.85
N LYS E 283 27.17 -44.98 3.77
CA LYS E 283 26.99 -46.43 3.85
C LYS E 283 25.53 -46.77 4.12
N ILE E 284 24.89 -46.05 5.04
CA ILE E 284 23.49 -46.32 5.36
C ILE E 284 22.62 -46.05 4.15
N ARG E 285 22.87 -44.94 3.44
CA ARG E 285 22.07 -44.61 2.28
C ARG E 285 22.24 -45.64 1.17
N THR E 286 23.47 -46.10 0.95
CA THR E 286 23.78 -47.10 -0.06
C THR E 286 23.70 -48.54 0.45
N GLY E 287 23.52 -48.74 1.76
CA GLY E 287 23.38 -50.09 2.27
C GLY E 287 24.68 -50.83 2.49
N GLN E 288 25.82 -50.17 2.24
CA GLN E 288 27.13 -50.82 2.36
C GLN E 288 27.66 -50.73 3.79
N LEU E 289 27.06 -51.53 4.66
CA LEU E 289 27.41 -51.56 6.08
C LEU E 289 28.24 -52.80 6.37
N ASP E 290 28.94 -52.80 7.51
CA ASP E 290 29.66 -53.98 7.94
C ASP E 290 29.23 -54.43 9.33
N ASP E 291 29.92 -55.45 9.84
CA ASP E 291 29.51 -56.12 11.08
C ASP E 291 29.50 -55.17 12.26
N GLU E 292 30.57 -54.38 12.42
CA GLU E 292 30.64 -53.46 13.55
C GLU E 292 29.56 -52.39 13.45
N ASP E 293 29.31 -51.89 12.23
CA ASP E 293 28.25 -50.92 12.04
C ASP E 293 26.89 -51.52 12.36
N TRP E 294 26.65 -52.77 11.95
CA TRP E 294 25.39 -53.42 12.28
C TRP E 294 25.24 -53.61 13.78
N ALA E 295 26.32 -53.96 14.48
CA ALA E 295 26.25 -54.09 15.93
C ALA E 295 25.93 -52.75 16.59
N ARG E 296 26.57 -51.68 16.13
CA ARG E 296 26.29 -50.35 16.67
C ARG E 296 24.84 -49.96 16.42
N ILE E 297 24.34 -50.22 15.22
CA ILE E 297 22.96 -49.87 14.89
C ILE E 297 21.99 -50.69 15.75
N SER E 298 22.31 -51.96 15.98
CA SER E 298 21.48 -52.78 16.86
C SER E 298 21.45 -52.21 18.27
N GLY E 299 22.61 -51.80 18.78
CA GLY E 299 22.65 -51.21 20.11
C GLY E 299 21.84 -49.92 20.18
N THR E 300 21.97 -49.08 19.15
CA THR E 300 21.22 -47.84 19.09
C THR E 300 19.72 -48.11 19.05
N MET E 301 19.28 -49.06 18.24
CA MET E 301 17.86 -49.39 18.17
C MET E 301 17.37 -49.93 19.51
N GLY E 302 18.18 -50.74 20.18
CA GLY E 302 17.78 -51.23 21.49
C GLY E 302 17.60 -50.11 22.49
N ILE E 303 18.56 -49.17 22.52
CA ILE E 303 18.47 -48.03 23.43
C ILE E 303 17.24 -47.18 23.12
N LEU E 304 17.02 -46.91 21.83
CA LEU E 304 15.89 -46.07 21.44
C LEU E 304 14.57 -46.72 21.79
N LEU E 305 14.46 -48.04 21.58
CA LEU E 305 13.22 -48.71 21.92
C LEU E 305 13.07 -48.89 23.43
N GLU E 306 14.17 -48.83 24.17
CA GLU E 306 14.07 -48.84 25.61
C GLU E 306 13.58 -47.50 26.14
N LYS E 307 14.10 -46.40 25.61
CA LYS E 307 13.68 -45.08 26.07
C LYS E 307 12.27 -44.75 25.60
N ARG E 308 12.07 -44.67 24.28
CA ARG E 308 10.79 -44.34 23.68
C ARG E 308 10.25 -43.00 24.20
N ASN E 309 10.96 -41.91 23.96
CA ASN E 309 10.48 -40.58 24.34
C ASN E 309 10.67 -39.53 23.27
N ILE E 310 10.82 -39.93 22.00
CA ILE E 310 10.97 -38.98 20.90
C ILE E 310 9.77 -39.12 19.98
N TYR E 311 9.12 -37.99 19.66
CA TYR E 311 7.98 -37.98 18.77
C TYR E 311 8.29 -37.05 17.60
N ILE E 312 7.95 -37.51 16.39
CA ILE E 312 8.27 -36.80 15.15
C ILE E 312 6.99 -36.59 14.35
N ASP E 313 6.83 -35.38 13.82
CA ASP E 313 5.68 -35.04 12.98
C ASP E 313 6.24 -34.38 11.72
N ASP E 314 6.25 -35.12 10.62
CA ASP E 314 6.80 -34.67 9.35
C ASP E 314 5.75 -34.14 8.39
N SER E 315 4.64 -33.60 8.91
CA SER E 315 3.62 -33.03 8.03
C SER E 315 4.15 -31.78 7.34
N SER E 316 3.64 -31.51 6.15
CA SER E 316 4.01 -30.32 5.39
C SER E 316 2.90 -29.28 5.44
N GLY E 317 3.30 -28.02 5.28
CA GLY E 317 2.36 -26.91 5.33
C GLY E 317 1.73 -26.69 6.67
N LEU E 318 2.53 -26.74 7.74
CA LEU E 318 2.00 -26.52 9.08
C LEU E 318 1.61 -25.06 9.29
N THR E 319 0.58 -24.86 10.10
CA THR E 319 0.22 -23.54 10.58
C THR E 319 0.42 -23.49 12.09
N PRO E 320 0.60 -22.30 12.67
CA PRO E 320 0.79 -22.23 14.13
C PRO E 320 -0.35 -22.87 14.91
N THR E 321 -1.59 -22.73 14.44
CA THR E 321 -2.71 -23.36 15.13
C THR E 321 -2.56 -24.87 15.17
N GLU E 322 -2.16 -25.48 14.04
CA GLU E 322 -1.97 -26.93 14.01
C GLU E 322 -0.84 -27.36 14.93
N VAL E 323 0.27 -26.62 14.94
CA VAL E 323 1.40 -26.94 15.80
C VAL E 323 0.97 -26.88 17.26
N ARG E 324 0.26 -25.81 17.62
CA ARG E 324 -0.18 -25.63 18.99
C ARG E 324 -1.15 -26.72 19.40
N SER E 325 -2.08 -27.07 18.50
CA SER E 325 -3.06 -28.11 18.82
C SER E 325 -2.37 -29.44 19.04
N ARG E 326 -1.43 -29.80 18.17
CA ARG E 326 -0.76 -31.10 18.31
C ARG E 326 0.13 -31.12 19.55
N ALA E 327 0.79 -30.00 19.85
CA ALA E 327 1.60 -29.93 21.07
C ALA E 327 0.73 -30.07 22.30
N ARG E 328 -0.44 -29.43 22.30
CA ARG E 328 -1.37 -29.58 23.41
C ARG E 328 -1.84 -31.01 23.54
N ARG E 329 -2.11 -31.67 22.40
CA ARG E 329 -2.55 -33.06 22.44
C ARG E 329 -1.47 -33.94 23.04
N ILE E 330 -0.22 -33.73 22.63
CA ILE E 330 0.89 -34.50 23.18
C ILE E 330 1.05 -34.26 24.68
N ALA E 331 0.98 -33.00 25.10
CA ALA E 331 1.13 -32.69 26.52
C ALA E 331 0.00 -33.29 27.35
N ARG E 332 -1.22 -33.28 26.81
CA ARG E 332 -2.32 -33.97 27.47
C ARG E 332 -2.05 -35.46 27.58
N GLU E 333 -1.57 -36.07 26.50
CA GLU E 333 -1.35 -37.52 26.50
C GLU E 333 -0.27 -37.93 27.49
N HIS E 334 0.82 -37.15 27.60
CA HIS E 334 1.96 -37.59 28.39
C HIS E 334 2.30 -36.66 29.54
N GLY E 335 1.39 -35.76 29.92
CA GLY E 335 1.60 -34.93 31.09
C GLY E 335 2.78 -33.99 31.03
N GLY E 336 2.99 -33.31 29.91
CA GLY E 336 4.07 -32.34 29.88
C GLY E 336 5.05 -32.57 28.75
N ILE E 337 5.82 -31.54 28.40
CA ILE E 337 6.84 -31.63 27.39
C ILE E 337 8.16 -31.15 27.98
N GLY E 338 9.27 -31.58 27.39
CA GLY E 338 10.58 -31.23 27.90
C GLY E 338 11.29 -30.27 26.96
N LEU E 339 10.93 -30.35 25.68
CA LEU E 339 11.56 -29.57 24.63
C LEU E 339 10.72 -29.72 23.38
N ILE E 340 10.62 -28.65 22.60
CA ILE E 340 9.94 -28.67 21.31
C ILE E 340 10.91 -28.14 20.27
N MET E 341 10.99 -28.81 19.12
CA MET E 341 11.90 -28.43 18.05
C MET E 341 11.12 -28.35 16.75
N ILE E 342 11.34 -27.26 16.01
CA ILE E 342 10.63 -26.99 14.77
C ILE E 342 11.67 -26.67 13.71
N ASP E 343 11.53 -27.28 12.53
CA ASP E 343 12.51 -27.19 11.46
C ASP E 343 11.77 -27.24 10.13
N TYR E 344 11.59 -26.09 9.49
CA TYR E 344 11.99 -24.82 10.08
C TYR E 344 10.87 -23.80 9.89
N LEU E 345 11.03 -22.60 10.48
CA LEU E 345 9.90 -21.68 10.57
C LEU E 345 9.67 -20.96 9.25
N GLN E 346 10.63 -21.02 8.33
CA GLN E 346 10.45 -20.43 7.02
C GLN E 346 9.48 -21.22 6.15
N LEU E 347 9.08 -22.41 6.60
CA LEU E 347 8.13 -23.23 5.87
C LEU E 347 6.73 -23.17 6.47
N MET E 348 6.58 -22.58 7.65
CA MET E 348 5.27 -22.50 8.29
C MET E 348 4.40 -21.49 7.56
N ARG E 349 3.09 -21.61 7.74
CA ARG E 349 2.12 -20.79 7.03
C ARG E 349 1.13 -20.19 8.00
N VAL E 350 0.75 -18.93 7.76
CA VAL E 350 -0.40 -18.31 8.41
C VAL E 350 -1.34 -17.82 7.31
N PRO E 351 -2.39 -18.59 6.99
CA PRO E 351 -3.23 -18.25 5.83
C PRO E 351 -3.86 -16.88 5.91
N ALA E 352 -4.24 -16.42 7.10
CA ALA E 352 -4.90 -15.12 7.21
C ALA E 352 -3.97 -13.95 6.93
N LEU E 353 -2.65 -14.19 6.95
CA LEU E 353 -1.67 -13.13 6.70
C LEU E 353 -0.74 -13.48 5.54
N SER E 354 -1.23 -14.24 4.57
CA SER E 354 -0.39 -14.69 3.47
C SER E 354 0.04 -13.54 2.57
N ASP E 355 -0.69 -12.42 2.59
CA ASP E 355 -0.36 -11.28 1.75
C ASP E 355 0.99 -10.67 2.07
N ASN E 356 1.32 -10.50 3.34
CA ASN E 356 2.60 -9.91 3.77
C ASN E 356 3.39 -10.99 4.50
N ARG E 357 4.62 -11.24 4.04
CA ARG E 357 5.43 -12.28 4.67
C ARG E 357 6.01 -11.82 6.00
N THR E 358 6.33 -10.53 6.12
CA THR E 358 6.89 -10.04 7.37
C THR E 358 5.89 -10.18 8.52
N LEU E 359 4.62 -9.82 8.26
CA LEU E 359 3.58 -9.99 9.26
C LEU E 359 3.38 -11.47 9.59
N GLU E 360 3.48 -12.34 8.58
CA GLU E 360 3.35 -13.77 8.80
C GLU E 360 4.44 -14.27 9.73
N ILE E 361 5.68 -13.86 9.48
CA ILE E 361 6.80 -14.27 10.33
C ILE E 361 6.63 -13.72 11.74
N ALA E 362 6.19 -12.47 11.86
CA ALA E 362 5.97 -11.89 13.18
C ALA E 362 4.91 -12.65 13.95
N GLU E 363 3.81 -13.01 13.30
CA GLU E 363 2.77 -13.79 13.95
C GLU E 363 3.28 -15.16 14.36
N ILE E 364 4.07 -15.81 13.50
CA ILE E 364 4.63 -17.11 13.83
C ILE E 364 5.52 -17.00 15.06
N SER E 365 6.40 -16.00 15.08
CA SER E 365 7.32 -15.83 16.21
C SER E 365 6.56 -15.54 17.49
N ARG E 366 5.54 -14.67 17.43
CA ARG E 366 4.78 -14.35 18.62
C ARG E 366 4.04 -15.57 19.15
N SER E 367 3.44 -16.36 18.25
CA SER E 367 2.72 -17.55 18.69
C SER E 367 3.67 -18.58 19.30
N LEU E 368 4.86 -18.74 18.71
CA LEU E 368 5.82 -19.68 19.27
C LEU E 368 6.32 -19.23 20.64
N LYS E 369 6.59 -17.92 20.79
CA LYS E 369 6.99 -17.40 22.08
C LYS E 369 5.90 -17.58 23.13
N ALA E 370 4.65 -17.32 22.73
CA ALA E 370 3.52 -17.50 23.65
C ALA E 370 3.38 -18.95 24.08
N LEU E 371 3.54 -19.88 23.12
CA LEU E 371 3.46 -21.30 23.44
C LEU E 371 4.57 -21.71 24.39
N ALA E 372 5.80 -21.24 24.13
CA ALA E 372 6.92 -21.55 25.01
C ALA E 372 6.67 -21.03 26.42
N LYS E 373 6.12 -19.82 26.54
CA LYS E 373 5.82 -19.27 27.85
C LYS E 373 4.71 -20.08 28.53
N GLU E 374 3.71 -20.49 27.77
CA GLU E 374 2.55 -21.16 28.34
C GLU E 374 2.91 -22.56 28.85
N LEU E 375 3.60 -23.35 28.04
CA LEU E 375 3.89 -24.73 28.42
C LEU E 375 5.16 -24.87 29.25
N ASN E 376 5.88 -23.77 29.49
CA ASN E 376 7.09 -23.79 30.30
C ASN E 376 8.12 -24.77 29.75
N VAL E 377 8.28 -24.74 28.43
CA VAL E 377 9.22 -25.64 27.76
C VAL E 377 10.15 -24.81 26.88
N PRO E 378 11.38 -25.26 26.63
CA PRO E 378 12.20 -24.60 25.60
C PRO E 378 11.72 -24.99 24.21
N VAL E 379 11.61 -23.98 23.35
CA VAL E 379 11.22 -24.15 21.96
C VAL E 379 12.38 -23.71 21.09
N VAL E 380 12.87 -24.61 20.24
CA VAL E 380 14.00 -24.35 19.37
C VAL E 380 13.45 -24.38 17.95
N ALA E 381 13.43 -23.22 17.31
CA ALA E 381 12.95 -23.09 15.95
C ALA E 381 14.12 -22.76 15.03
N LEU E 382 14.21 -23.44 13.90
CA LEU E 382 15.32 -23.19 13.00
C LEU E 382 14.89 -22.12 12.01
N SER E 383 15.86 -21.36 11.51
CA SER E 383 15.59 -20.25 10.62
C SER E 383 16.75 -20.05 9.66
N GLN E 384 16.47 -19.35 8.57
CA GLN E 384 17.47 -19.05 7.56
C GLN E 384 17.84 -17.57 7.60
N LEU E 385 18.92 -17.25 6.90
CA LEU E 385 19.49 -15.92 6.80
C LEU E 385 19.42 -15.45 5.36
N ASN E 386 19.86 -14.22 5.11
CA ASN E 386 19.73 -13.73 3.75
C ASN E 386 20.96 -14.11 2.95
N ARG E 387 20.78 -14.19 1.64
CA ARG E 387 21.86 -14.60 0.76
C ARG E 387 22.97 -13.58 0.68
N SER E 388 22.65 -12.28 0.84
CA SER E 388 23.64 -11.23 0.72
C SER E 388 24.79 -11.41 1.71
N LEU E 389 24.55 -12.14 2.81
CA LEU E 389 25.59 -12.42 3.78
C LEU E 389 26.79 -13.09 3.12
N GLU E 390 26.58 -13.85 2.06
CA GLU E 390 27.68 -14.56 1.42
C GLU E 390 28.53 -13.63 0.57
N GLN E 391 28.12 -12.38 0.39
CA GLN E 391 28.86 -11.42 -0.42
C GLN E 391 29.73 -10.50 0.42
N ARG E 392 29.74 -10.67 1.73
CA ARG E 392 30.54 -9.82 2.60
C ARG E 392 31.96 -10.37 2.70
N ALA E 393 32.89 -9.53 3.18
CA ALA E 393 34.26 -9.99 3.40
C ALA E 393 34.32 -11.06 4.47
N ASP E 394 33.59 -10.85 5.57
CA ASP E 394 33.48 -11.85 6.63
C ASP E 394 32.04 -12.35 6.68
N LYS E 395 31.87 -13.67 6.56
CA LYS E 395 30.55 -14.26 6.38
C LYS E 395 29.93 -14.74 7.68
N ARG E 396 30.56 -14.49 8.82
CA ARG E 396 29.95 -14.86 10.07
C ARG E 396 28.69 -14.02 10.30
N PRO E 397 27.57 -14.63 10.69
CA PRO E 397 26.32 -13.88 10.76
C PRO E 397 26.32 -12.82 11.85
N VAL E 398 25.51 -11.80 11.64
CA VAL E 398 25.22 -10.78 12.64
C VAL E 398 23.70 -10.65 12.73
N ASN E 399 23.24 -9.83 13.68
CA ASN E 399 21.81 -9.68 13.86
C ASN E 399 21.15 -9.07 12.63
N SER E 400 21.82 -8.08 12.02
CA SER E 400 21.27 -7.42 10.84
C SER E 400 21.13 -8.38 9.67
N ASP E 401 21.82 -9.52 9.71
CA ASP E 401 21.66 -10.53 8.67
C ASP E 401 20.33 -11.28 8.77
N LEU E 402 19.47 -10.91 9.71
CA LEU E 402 18.15 -11.52 9.76
C LEU E 402 17.10 -10.74 9.04
N ARG E 403 17.45 -10.06 7.93
CA ARG E 403 16.50 -9.22 7.23
C ARG E 403 15.21 -9.97 6.89
N GLU E 404 14.10 -9.24 6.79
CA GLU E 404 12.73 -9.72 6.66
C GLU E 404 12.23 -10.35 7.96
N SER E 405 13.05 -10.43 8.99
CA SER E 405 12.68 -11.11 10.23
C SER E 405 13.11 -10.30 11.44
N GLY E 406 12.78 -9.01 11.45
CA GLY E 406 13.07 -8.20 12.62
C GLY E 406 12.37 -8.70 13.88
N SER E 407 11.12 -9.14 13.73
CA SER E 407 10.39 -9.68 14.87
C SER E 407 11.04 -10.95 15.41
N ILE E 408 11.75 -11.70 14.55
CA ILE E 408 12.47 -12.87 15.02
C ILE E 408 13.59 -12.47 15.97
N GLU E 409 14.35 -11.44 15.59
CA GLU E 409 15.39 -10.93 16.47
C GLU E 409 14.79 -10.33 17.73
N GLN E 410 13.63 -9.67 17.61
CA GLN E 410 13.03 -9.02 18.78
C GLN E 410 12.48 -10.04 19.79
N ASP E 411 11.98 -11.17 19.31
CA ASP E 411 11.24 -12.06 20.21
C ASP E 411 12.10 -13.20 20.72
N ALA E 412 13.16 -13.56 20.01
CA ALA E 412 13.95 -14.73 20.39
C ALA E 412 14.71 -14.46 21.68
N ASP E 413 14.68 -15.43 22.59
CA ASP E 413 15.51 -15.36 23.78
C ASP E 413 16.97 -15.69 23.50
N LEU E 414 17.23 -16.66 22.62
CA LEU E 414 18.58 -17.06 22.25
C LEU E 414 18.66 -17.25 20.76
N ILE E 415 19.75 -16.80 20.15
CA ILE E 415 19.96 -16.92 18.72
C ILE E 415 21.36 -17.48 18.51
N MET E 416 21.45 -18.63 17.84
CA MET E 416 22.71 -19.28 17.56
C MET E 416 22.87 -19.48 16.06
N PHE E 417 23.99 -19.03 15.52
CA PHE E 417 24.36 -19.22 14.13
C PHE E 417 25.41 -20.32 14.01
N ILE E 418 25.28 -21.12 12.97
CA ILE E 418 26.23 -22.18 12.65
C ILE E 418 27.12 -21.71 11.53
N TYR E 419 28.43 -21.84 11.70
CA TYR E 419 29.40 -21.42 10.69
C TYR E 419 30.47 -22.47 10.49
N ARG E 420 30.61 -22.95 9.26
CA ARG E 420 31.71 -23.85 8.89
C ARG E 420 32.56 -23.12 7.85
N ASP E 421 33.86 -23.00 8.14
CA ASP E 421 34.74 -22.26 7.24
C ASP E 421 35.08 -23.07 5.99
N GLU E 422 35.10 -24.40 6.12
CA GLU E 422 35.41 -25.25 4.98
C GLU E 422 34.33 -25.21 3.91
N VAL E 423 33.12 -24.75 4.26
CA VAL E 423 32.08 -24.61 3.25
C VAL E 423 32.45 -23.58 2.19
N TYR E 424 33.04 -22.46 2.59
CA TYR E 424 33.43 -21.43 1.64
C TYR E 424 34.85 -21.57 1.11
N HIS E 425 35.79 -22.05 1.92
CA HIS E 425 37.19 -22.17 1.53
C HIS E 425 37.59 -23.63 1.60
N GLU E 426 38.16 -24.14 0.50
CA GLU E 426 38.73 -25.49 0.51
C GLU E 426 40.07 -25.51 1.24
N ASN E 427 40.74 -24.36 1.34
CA ASN E 427 42.04 -24.24 1.97
C ASN E 427 41.93 -24.15 3.49
N SER E 428 40.71 -24.16 4.02
CA SER E 428 40.46 -23.83 5.41
C SER E 428 41.26 -24.73 6.34
N ASP E 429 41.93 -24.13 7.32
CA ASP E 429 42.58 -24.88 8.39
C ASP E 429 41.60 -25.42 9.43
N LEU E 430 40.32 -25.03 9.34
CA LEU E 430 39.32 -25.42 10.31
C LEU E 430 38.41 -26.53 9.80
N LYS E 431 38.96 -27.48 9.04
CA LYS E 431 38.16 -28.59 8.53
C LYS E 431 37.66 -29.44 9.69
N GLY E 432 36.37 -29.76 9.67
CA GLY E 432 35.77 -30.53 10.74
C GLY E 432 35.42 -29.71 11.97
N ILE E 433 35.66 -28.40 11.94
CA ILE E 433 35.41 -27.50 13.06
C ILE E 433 34.25 -26.59 12.69
N ALA E 434 33.26 -26.50 13.58
CA ALA E 434 32.13 -25.61 13.41
C ALA E 434 32.11 -24.59 14.54
N GLU E 435 31.54 -23.42 14.25
CA GLU E 435 31.41 -22.33 15.21
C GLU E 435 29.93 -22.07 15.47
N ILE E 436 29.56 -22.03 16.75
CA ILE E 436 28.24 -21.59 17.19
C ILE E 436 28.42 -20.18 17.70
N ILE E 437 27.78 -19.23 17.01
CA ILE E 437 27.91 -17.81 17.29
C ILE E 437 26.62 -17.34 17.95
N ILE E 438 26.73 -16.80 19.16
CA ILE E 438 25.55 -16.33 19.87
C ILE E 438 25.28 -14.89 19.45
N GLY E 439 24.31 -14.72 18.55
CA GLY E 439 23.97 -13.38 18.08
C GLY E 439 23.17 -12.57 19.09
N LYS E 440 22.34 -13.23 19.88
CA LYS E 440 21.54 -12.59 20.89
C LYS E 440 21.38 -13.56 22.04
N GLN E 441 21.74 -13.11 23.24
CA GLN E 441 21.50 -13.90 24.44
C GLN E 441 20.78 -13.02 25.46
N ARG E 442 19.58 -13.43 25.84
CA ARG E 442 18.75 -12.64 26.73
C ARG E 442 19.38 -12.52 28.12
N ASN E 443 19.94 -13.61 28.64
CA ASN E 443 20.44 -13.63 30.01
C ASN E 443 21.88 -14.10 30.11
N GLY E 444 22.78 -13.56 29.30
CA GLY E 444 24.17 -13.95 29.38
C GLY E 444 25.04 -13.31 28.32
N PRO E 445 26.28 -13.78 28.24
CA PRO E 445 27.22 -13.19 27.28
C PRO E 445 26.97 -13.72 25.87
N ILE E 446 27.71 -13.18 24.92
CA ILE E 446 27.68 -13.67 23.54
C ILE E 446 29.10 -13.95 23.08
N GLY E 447 29.23 -14.83 22.10
CA GLY E 447 30.54 -15.18 21.59
C GLY E 447 30.45 -16.44 20.74
N THR E 448 31.61 -17.00 20.44
CA THR E 448 31.73 -18.17 19.57
C THR E 448 32.21 -19.37 20.36
N VAL E 449 31.55 -20.51 20.14
CA VAL E 449 31.93 -21.79 20.73
C VAL E 449 32.29 -22.74 19.60
N ARG E 450 33.46 -23.37 19.69
CA ARG E 450 33.92 -24.28 18.66
C ARG E 450 33.56 -25.72 19.01
N LEU E 451 33.13 -26.47 18.01
CA LEU E 451 32.78 -27.87 18.13
C LEU E 451 33.41 -28.63 16.96
N THR E 452 33.44 -29.96 17.06
CA THR E 452 33.94 -30.80 15.99
C THR E 452 32.77 -31.34 15.18
N PHE E 453 32.89 -31.26 13.85
CA PHE E 453 31.85 -31.68 12.92
C PHE E 453 32.30 -32.96 12.22
N ASN E 454 31.61 -34.07 12.50
CA ASN E 454 31.84 -35.31 11.77
C ASN E 454 30.67 -35.53 10.80
N GLY E 455 30.90 -35.09 9.56
CA GLY E 455 29.89 -35.25 8.53
C GLY E 455 29.69 -36.68 8.13
N GLN E 456 30.68 -37.54 8.39
CA GLN E 456 30.54 -38.96 8.09
C GLN E 456 29.38 -39.56 8.88
N TRP E 457 29.29 -39.25 10.16
CA TRP E 457 28.23 -39.78 11.01
C TRP E 457 27.08 -38.79 11.19
N SER E 458 27.16 -37.63 10.53
CA SER E 458 26.17 -36.57 10.69
C SER E 458 26.05 -36.14 12.16
N ARG E 459 27.17 -35.77 12.75
CA ARG E 459 27.24 -35.55 14.19
C ARG E 459 28.07 -34.32 14.53
N PHE E 460 27.71 -33.65 15.61
CA PHE E 460 28.56 -32.66 16.26
C PHE E 460 29.03 -33.20 17.60
N ASP E 461 30.30 -32.93 17.93
CA ASP E 461 30.92 -33.39 19.15
C ASP E 461 31.68 -32.25 19.83
N ASN E 462 31.98 -32.44 21.11
CA ASN E 462 32.78 -31.47 21.84
C ASN E 462 34.15 -31.32 21.19
N TYR E 463 34.63 -30.07 21.12
CA TYR E 463 35.93 -29.81 20.51
C TYR E 463 37.01 -30.16 21.53
N ALA E 464 37.88 -31.10 21.16
CA ALA E 464 38.93 -31.60 22.04
C ALA E 464 40.25 -30.87 21.90
N GLY E 465 40.35 -29.91 20.98
CA GLY E 465 41.60 -29.20 20.78
C GLY E 465 41.82 -28.16 21.86
N PRO E 466 42.99 -27.51 21.79
CA PRO E 466 43.32 -26.47 22.77
C PRO E 466 42.38 -25.28 22.65
N GLN E 467 42.09 -24.66 23.80
CA GLN E 467 41.20 -23.51 23.83
C GLN E 467 41.98 -22.28 24.31
N TYR E 468 41.95 -21.21 23.53
CA TYR E 468 42.68 -19.99 23.89
C TYR E 468 41.94 -19.23 24.99
N LEU F 24 -45.16 12.54 29.17
CA LEU F 24 -45.06 13.99 29.36
C LEU F 24 -43.61 14.44 29.32
N LYS F 25 -43.39 15.63 28.74
CA LYS F 25 -42.05 16.20 28.66
C LYS F 25 -41.71 16.96 29.92
N VAL F 26 -41.62 16.26 31.04
CA VAL F 26 -41.27 16.88 32.32
C VAL F 26 -39.85 17.44 32.22
N PRO F 27 -39.61 18.66 32.69
CA PRO F 27 -38.27 19.23 32.59
C PRO F 27 -37.29 18.42 33.42
N PRO F 28 -36.02 18.41 33.03
CA PRO F 28 -35.02 17.66 33.81
C PRO F 28 -34.89 18.21 35.21
N HIS F 29 -35.12 17.35 36.20
CA HIS F 29 -35.00 17.77 37.59
C HIS F 29 -34.81 16.54 38.47
N SER F 30 -34.29 16.79 39.67
CA SER F 30 -34.02 15.76 40.67
C SER F 30 -34.33 16.34 42.04
N ILE F 31 -35.48 16.00 42.60
CA ILE F 31 -35.84 16.51 43.91
C ILE F 31 -34.95 15.94 45.00
N GLU F 32 -34.57 14.66 44.88
CA GLU F 32 -33.72 14.02 45.87
C GLU F 32 -32.35 14.69 46.01
N ALA F 33 -31.72 15.08 44.89
CA ALA F 33 -30.44 15.77 44.99
C ALA F 33 -30.55 17.11 45.72
N GLU F 34 -31.60 17.89 45.44
CA GLU F 34 -31.81 19.14 46.15
C GLU F 34 -32.05 18.89 47.64
N GLN F 35 -32.87 17.89 47.96
CA GLN F 35 -33.13 17.56 49.35
C GLN F 35 -31.85 17.17 50.05
N SER F 36 -31.00 16.39 49.37
CA SER F 36 -29.71 16.01 49.94
C SER F 36 -28.85 17.24 50.21
N VAL F 37 -28.82 18.19 49.27
CA VAL F 37 -28.00 19.38 49.45
C VAL F 37 -28.47 20.17 50.66
N LEU F 38 -29.78 20.42 50.75
CA LEU F 38 -30.32 21.23 51.84
C LEU F 38 -30.13 20.54 53.19
N GLY F 39 -30.40 19.23 53.25
CA GLY F 39 -30.23 18.51 54.50
C GLY F 39 -28.78 18.44 54.95
N GLY F 40 -27.87 18.20 54.00
CA GLY F 40 -26.46 18.16 54.36
C GLY F 40 -25.95 19.50 54.83
N LEU F 41 -26.47 20.59 54.25
CA LEU F 41 -26.12 21.91 54.77
C LEU F 41 -26.68 22.12 56.17
N MET F 42 -27.89 21.63 56.43
CA MET F 42 -28.44 21.72 57.79
C MET F 42 -27.61 20.96 58.81
N LEU F 43 -27.19 19.73 58.48
CA LEU F 43 -26.43 18.92 59.42
C LEU F 43 -24.97 19.35 59.55
N ASP F 44 -24.38 19.85 58.47
CA ASP F 44 -22.97 20.26 58.50
C ASP F 44 -22.91 21.66 57.85
N ASN F 45 -22.54 22.65 58.65
CA ASN F 45 -22.50 24.02 58.17
C ASN F 45 -21.12 24.41 57.65
N GLU F 46 -20.11 23.56 57.80
CA GLU F 46 -18.77 23.92 57.34
C GLU F 46 -18.60 23.58 55.87
N ARG F 47 -19.57 22.91 55.27
CA ARG F 47 -19.60 22.52 53.86
C ARG F 47 -20.24 23.58 52.98
N TRP F 48 -20.77 24.64 53.60
CA TRP F 48 -21.54 25.65 52.89
C TRP F 48 -20.77 26.16 51.68
N ASP F 49 -19.50 26.49 51.88
CA ASP F 49 -18.67 27.01 50.80
C ASP F 49 -18.69 26.08 49.60
N ASP F 50 -18.46 24.78 49.83
CA ASP F 50 -18.46 23.84 48.72
C ASP F 50 -19.80 23.83 48.00
N VAL F 51 -20.89 23.97 48.74
CA VAL F 51 -22.19 24.06 48.07
C VAL F 51 -22.32 25.40 47.36
N ALA F 52 -21.84 26.48 47.99
CA ALA F 52 -22.03 27.81 47.41
C ALA F 52 -21.21 28.00 46.15
N GLU F 53 -20.04 27.37 46.08
CA GLU F 53 -19.18 27.44 44.90
C GLU F 53 -19.69 26.60 43.74
N ARG F 54 -20.71 25.78 43.95
CA ARG F 54 -21.21 24.85 42.94
C ARG F 54 -22.63 25.12 42.51
N VAL F 55 -23.45 25.75 43.36
CA VAL F 55 -24.86 25.95 43.07
C VAL F 55 -25.22 27.39 43.41
N VAL F 56 -26.26 27.89 42.75
CA VAL F 56 -26.80 29.23 42.97
C VAL F 56 -28.30 29.07 43.17
N ALA F 57 -28.90 30.08 43.81
CA ALA F 57 -30.32 29.99 44.16
C ALA F 57 -31.22 29.75 42.96
N ASP F 58 -30.81 30.21 41.77
CA ASP F 58 -31.63 29.99 40.59
C ASP F 58 -31.48 28.60 39.97
N ASP F 59 -30.46 27.84 40.34
CA ASP F 59 -30.28 26.47 39.87
C ASP F 59 -31.32 25.51 40.40
N PHE F 60 -31.97 25.83 41.51
CA PHE F 60 -32.96 24.94 42.10
C PHE F 60 -34.30 25.07 41.37
N TYR F 61 -35.01 23.96 41.28
CA TYR F 61 -36.20 23.93 40.43
C TYR F 61 -37.42 24.43 41.19
N THR F 62 -37.69 23.83 42.36
CA THR F 62 -38.85 24.25 43.12
C THR F 62 -38.59 25.59 43.79
N ARG F 63 -39.65 26.40 43.89
CA ARG F 63 -39.55 27.68 44.57
C ARG F 63 -39.11 27.54 46.02
N PRO F 64 -39.66 26.61 46.83
CA PRO F 64 -39.21 26.51 48.22
C PRO F 64 -37.72 26.27 48.37
N HIS F 65 -37.11 25.46 47.50
CA HIS F 65 -35.68 25.21 47.61
C HIS F 65 -34.89 26.49 47.34
N ARG F 66 -35.32 27.28 46.35
CA ARG F 66 -34.66 28.55 46.08
C ARG F 66 -34.77 29.48 47.29
N HIS F 67 -35.96 29.55 47.88
CA HIS F 67 -36.18 30.41 49.05
C HIS F 67 -35.31 29.96 50.23
N ILE F 68 -35.22 28.64 50.44
CA ILE F 68 -34.41 28.11 51.52
C ILE F 68 -32.95 28.48 51.31
N PHE F 69 -32.45 28.32 50.08
CA PHE F 69 -31.06 28.64 49.82
C PHE F 69 -30.80 30.12 50.01
N THR F 70 -31.75 30.97 49.58
CA THR F 70 -31.59 32.41 49.77
C THR F 70 -31.53 32.76 51.25
N GLU F 71 -32.42 32.18 52.06
CA GLU F 71 -32.41 32.47 53.50
C GLU F 71 -31.12 31.98 54.14
N MET F 72 -30.64 30.80 53.73
CA MET F 72 -29.38 30.29 54.24
C MET F 72 -28.21 31.18 53.85
N ALA F 73 -28.22 31.71 52.63
CA ALA F 73 -27.17 32.63 52.19
C ALA F 73 -27.19 33.89 53.03
N ARG F 74 -28.39 34.41 53.30
CA ARG F 74 -28.50 35.62 54.13
C ARG F 74 -27.96 35.36 55.54
N LEU F 75 -28.31 34.21 56.11
CA LEU F 75 -27.82 33.86 57.44
C LEU F 75 -26.30 33.71 57.44
N GLN F 76 -25.75 33.09 56.40
CA GLN F 76 -24.29 32.97 56.30
C GLN F 76 -23.62 34.33 56.21
N GLU F 77 -24.19 35.23 55.42
CA GLU F 77 -23.69 36.59 55.30
C GLU F 77 -23.75 37.38 56.59
N SER F 78 -24.83 37.25 57.37
CA SER F 78 -24.94 37.92 58.66
C SER F 78 -23.99 37.36 59.71
N GLY F 79 -23.43 36.17 59.49
CA GLY F 79 -22.53 35.58 60.45
C GLY F 79 -23.15 34.59 61.41
N SER F 80 -24.33 34.11 61.13
CA SER F 80 -25.07 33.21 62.00
C SER F 80 -24.96 31.77 61.53
N PRO F 81 -25.07 30.81 62.44
CA PRO F 81 -25.10 29.40 62.03
C PRO F 81 -26.35 29.11 61.22
N ILE F 82 -26.26 28.07 60.39
CA ILE F 82 -27.37 27.74 59.50
C ILE F 82 -27.90 26.36 59.83
N ASP F 83 -27.86 25.99 61.10
CA ASP F 83 -28.42 24.74 61.57
C ASP F 83 -29.95 24.82 61.53
N LEU F 84 -30.59 23.76 62.02
CA LEU F 84 -32.04 23.64 61.91
C LEU F 84 -32.76 24.75 62.67
N ILE F 85 -32.41 24.93 63.94
CA ILE F 85 -33.16 25.84 64.80
C ILE F 85 -32.95 27.29 64.37
N THR F 86 -31.72 27.67 64.04
CA THR F 86 -31.46 29.04 63.62
C THR F 86 -32.21 29.36 62.34
N LEU F 87 -32.16 28.45 61.36
CA LEU F 87 -32.86 28.68 60.09
C LEU F 87 -34.36 28.76 60.30
N ALA F 88 -34.91 27.86 61.12
CA ALA F 88 -36.34 27.87 61.37
C ALA F 88 -36.77 29.16 62.06
N GLU F 89 -35.98 29.61 63.05
CA GLU F 89 -36.32 30.85 63.75
C GLU F 89 -36.23 32.05 62.83
N SER F 90 -35.20 32.10 61.98
CA SER F 90 -35.06 33.21 61.05
C SER F 90 -36.21 33.25 60.04
N LEU F 91 -36.63 32.07 59.55
CA LEU F 91 -37.77 32.04 58.66
C LEU F 91 -39.05 32.44 59.37
N GLU F 92 -39.24 32.01 60.61
CA GLU F 92 -40.48 32.29 61.32
C GLU F 92 -40.65 33.78 61.58
N ARG F 93 -39.56 34.46 61.93
CA ARG F 93 -39.62 35.90 62.15
C ARG F 93 -40.07 36.68 60.92
N GLN F 94 -39.77 36.21 59.72
CA GLN F 94 -40.20 36.86 58.49
C GLN F 94 -41.56 36.36 58.01
N GLY F 95 -42.14 35.37 58.70
CA GLY F 95 -43.44 34.87 58.31
C GLY F 95 -43.45 34.00 57.08
N GLN F 96 -42.28 33.58 56.59
CA GLN F 96 -42.16 32.81 55.37
C GLN F 96 -41.98 31.31 55.63
N LEU F 97 -42.23 30.84 56.85
CA LEU F 97 -41.99 29.44 57.16
C LEU F 97 -42.98 28.54 56.44
N ASP F 98 -44.17 29.05 56.12
CA ASP F 98 -45.16 28.22 55.45
C ASP F 98 -44.82 28.06 53.97
N SER F 99 -44.26 29.11 53.35
CA SER F 99 -43.88 29.01 51.94
C SER F 99 -42.79 27.98 51.70
N VAL F 100 -41.81 27.90 52.61
CA VAL F 100 -40.78 26.86 52.53
C VAL F 100 -41.34 25.46 52.62
N GLY F 101 -42.36 25.23 53.44
CA GLY F 101 -42.92 23.91 53.61
C GLY F 101 -43.18 23.57 55.06
N GLY F 102 -42.59 24.35 55.96
CA GLY F 102 -42.83 24.19 57.39
C GLY F 102 -41.68 23.55 58.13
N PHE F 103 -41.71 23.65 59.47
CA PHE F 103 -40.69 22.98 60.27
C PHE F 103 -40.75 21.47 60.07
N ALA F 104 -41.91 20.94 59.69
CA ALA F 104 -42.01 19.51 59.38
C ALA F 104 -41.14 19.17 58.18
N TYR F 105 -41.24 19.97 57.11
CA TYR F 105 -40.42 19.74 55.92
C TYR F 105 -38.94 19.96 56.23
N LEU F 106 -38.63 20.99 57.03
CA LEU F 106 -37.25 21.23 57.40
C LEU F 106 -36.68 20.05 58.18
N ALA F 107 -37.48 19.49 59.09
CA ALA F 107 -37.04 18.32 59.86
C ALA F 107 -36.90 17.10 58.96
N GLU F 108 -37.77 16.97 57.96
CA GLU F 108 -37.63 15.89 56.98
C GLU F 108 -36.30 15.99 56.25
N LEU F 109 -35.94 17.21 55.84
CA LEU F 109 -34.65 17.43 55.19
C LEU F 109 -33.52 17.08 56.14
N SER F 110 -33.66 17.44 57.42
CA SER F 110 -32.62 17.14 58.40
C SER F 110 -32.46 15.63 58.62
N LYS F 111 -33.58 14.91 58.69
CA LYS F 111 -33.62 13.47 58.95
C LYS F 111 -33.13 12.63 57.79
N ASN F 112 -33.58 12.88 56.56
CA ASN F 112 -33.30 11.89 55.51
C ASN F 112 -31.84 11.96 55.08
N THR F 113 -31.26 13.14 55.13
CA THR F 113 -29.88 13.33 54.69
C THR F 113 -28.95 12.69 55.71
N PRO F 114 -28.06 11.79 55.32
CA PRO F 114 -27.16 11.20 56.29
C PRO F 114 -25.98 12.12 56.56
N SER F 115 -25.18 11.78 57.57
CA SER F 115 -23.96 12.55 57.77
C SER F 115 -22.86 12.10 56.81
N ALA F 116 -23.07 10.99 56.11
CA ALA F 116 -22.17 10.54 55.06
C ALA F 116 -22.59 11.19 53.75
N ALA F 117 -22.35 12.49 53.65
CA ALA F 117 -22.81 13.25 52.50
C ALA F 117 -21.65 13.86 51.74
N ASN F 118 -21.64 13.60 50.43
CA ASN F 118 -20.73 14.26 49.48
C ASN F 118 -21.50 15.39 48.82
N ILE F 119 -21.67 16.50 49.55
CA ILE F 119 -22.57 17.57 49.13
C ILE F 119 -22.10 18.18 47.81
N SER F 120 -20.77 18.19 47.59
CA SER F 120 -20.24 18.75 46.36
C SER F 120 -20.75 17.99 45.13
N ALA F 121 -20.82 16.67 45.20
CA ALA F 121 -21.29 15.90 44.06
C ALA F 121 -22.75 16.23 43.74
N TYR F 122 -23.59 16.32 44.77
CA TYR F 122 -24.98 16.66 44.54
C TYR F 122 -25.14 18.08 43.99
N ALA F 123 -24.33 19.01 44.48
CA ALA F 123 -24.35 20.37 43.95
C ALA F 123 -23.96 20.42 42.49
N ASP F 124 -22.92 19.68 42.10
CA ASP F 124 -22.55 19.63 40.69
C ASP F 124 -23.66 19.03 39.85
N ILE F 125 -24.31 17.99 40.35
CA ILE F 125 -25.40 17.36 39.64
C ILE F 125 -26.56 18.35 39.45
N VAL F 126 -26.90 19.11 40.50
CA VAL F 126 -27.97 20.09 40.42
C VAL F 126 -27.63 21.13 39.37
N ARG F 127 -26.37 21.57 39.35
CA ARG F 127 -25.90 22.52 38.35
C ARG F 127 -26.14 21.97 36.95
N GLU F 128 -25.77 20.69 36.74
CA GLU F 128 -25.93 20.04 35.43
C GLU F 128 -27.39 20.00 34.97
N ARG F 129 -28.31 19.66 35.87
CA ARG F 129 -29.73 19.64 35.53
C ARG F 129 -30.22 21.01 35.11
N ALA F 130 -29.82 22.06 35.84
CA ALA F 130 -30.25 23.41 35.51
C ALA F 130 -29.76 23.81 34.12
N VAL F 131 -28.50 23.49 33.80
CA VAL F 131 -27.96 23.83 32.49
C VAL F 131 -28.77 23.15 31.40
N VAL F 132 -29.05 21.86 31.55
CA VAL F 132 -29.80 21.13 30.53
C VAL F 132 -31.21 21.72 30.39
N ARG F 133 -31.85 22.04 31.52
CA ARG F 133 -33.20 22.60 31.49
C ARG F 133 -33.22 23.94 30.78
N GLU F 134 -32.25 24.80 31.07
CA GLU F 134 -32.18 26.10 30.41
C GLU F 134 -31.95 25.92 28.92
N MET F 135 -31.12 24.95 28.53
CA MET F 135 -30.92 24.70 27.10
C MET F 135 -32.23 24.30 26.43
N ILE F 136 -33.01 23.45 27.10
CA ILE F 136 -34.29 23.03 26.53
C ILE F 136 -35.22 24.23 26.40
N SER F 137 -35.25 25.08 27.44
CA SER F 137 -36.12 26.26 27.39
C SER F 137 -35.73 27.19 26.24
N VAL F 138 -34.42 27.40 26.06
CA VAL F 138 -33.95 28.27 24.98
C VAL F 138 -34.29 27.68 23.62
N ALA F 139 -34.15 26.35 23.47
CA ALA F 139 -34.52 25.73 22.21
C ALA F 139 -36.00 25.92 21.92
N ASN F 140 -36.85 25.76 22.95
CA ASN F 140 -38.28 25.98 22.76
C ASN F 140 -38.57 27.43 22.37
N GLU F 141 -37.89 28.38 23.01
CA GLU F 141 -38.07 29.79 22.68
C GLU F 141 -37.66 30.07 21.23
N ILE F 142 -36.54 29.48 20.79
CA ILE F 142 -36.08 29.67 19.42
C ILE F 142 -37.10 29.13 18.43
N ALA F 143 -37.64 27.93 18.70
CA ALA F 143 -38.65 27.36 17.82
C ALA F 143 -39.89 28.23 17.77
N GLU F 144 -40.33 28.73 18.94
CA GLU F 144 -41.51 29.58 19.00
C GLU F 144 -41.30 30.86 18.21
N ALA F 145 -40.11 31.46 18.32
CA ALA F 145 -39.79 32.65 17.55
C ALA F 145 -39.78 32.34 16.06
N GLY F 146 -39.28 31.17 15.67
CA GLY F 146 -39.28 30.79 14.28
C GLY F 146 -40.67 30.62 13.70
N PHE F 147 -41.60 30.03 14.48
CA PHE F 147 -42.95 29.85 13.99
C PHE F 147 -43.76 31.13 13.95
N ASP F 148 -43.31 32.19 14.63
CA ASP F 148 -44.02 33.47 14.66
C ASP F 148 -43.06 34.60 14.34
N PRO F 149 -42.78 34.83 13.04
CA PRO F 149 -41.80 35.86 12.67
C PRO F 149 -42.16 37.26 13.17
N GLN F 150 -43.43 37.64 13.17
CA GLN F 150 -43.85 38.98 13.58
C GLN F 150 -43.12 40.06 12.80
N GLY F 151 -42.94 39.84 11.49
CA GLY F 151 -42.29 40.81 10.64
C GLY F 151 -40.78 40.83 10.73
N ARG F 152 -40.19 39.82 11.38
CA ARG F 152 -38.73 39.77 11.49
C ARG F 152 -38.14 38.97 10.35
N THR F 153 -37.02 39.47 9.82
CA THR F 153 -36.30 38.78 8.76
C THR F 153 -35.65 37.51 9.31
N SER F 154 -35.31 36.58 8.40
CA SER F 154 -34.64 35.36 8.83
C SER F 154 -33.29 35.68 9.47
N GLU F 155 -32.65 36.76 9.03
CA GLU F 155 -31.39 37.17 9.64
C GLU F 155 -31.60 37.49 11.12
N ASP F 156 -32.70 38.20 11.43
CA ASP F 156 -33.00 38.54 12.81
C ASP F 156 -33.26 37.28 13.64
N LEU F 157 -33.98 36.31 13.08
CA LEU F 157 -34.24 35.08 13.82
C LEU F 157 -32.96 34.30 14.08
N LEU F 158 -32.07 34.22 13.08
CA LEU F 158 -30.79 33.54 13.32
C LEU F 158 -29.95 34.27 14.36
N ASP F 159 -29.93 35.61 14.30
CA ASP F 159 -29.22 36.37 15.33
C ASP F 159 -29.81 36.12 16.71
N LEU F 160 -31.15 36.05 16.81
CA LEU F 160 -31.79 35.77 18.09
C LEU F 160 -31.40 34.40 18.61
N ALA F 161 -31.38 33.40 17.72
CA ALA F 161 -31.00 32.06 18.13
C ALA F 161 -29.56 32.01 18.61
N GLU F 162 -28.67 32.67 17.87
CA GLU F 162 -27.27 32.73 18.28
C GLU F 162 -27.13 33.40 19.64
N SER F 163 -27.86 34.51 19.85
CA SER F 163 -27.80 35.21 21.14
C SER F 163 -28.29 34.34 22.27
N ARG F 164 -29.40 33.62 22.06
CA ARG F 164 -29.92 32.76 23.12
C ARG F 164 -28.94 31.65 23.49
N VAL F 165 -28.37 30.97 22.49
CA VAL F 165 -27.45 29.88 22.80
C VAL F 165 -26.16 30.43 23.43
N PHE F 166 -25.71 31.59 22.94
CA PHE F 166 -24.52 32.24 23.49
C PHE F 166 -24.70 32.63 24.96
N LYS F 167 -25.87 33.13 25.35
CA LYS F 167 -26.04 33.48 26.75
C LYS F 167 -25.95 32.24 27.65
N ILE F 168 -26.49 31.12 27.20
CA ILE F 168 -26.31 29.87 27.94
C ILE F 168 -24.83 29.55 28.05
N ALA F 169 -24.13 29.58 26.92
CA ALA F 169 -22.74 29.15 26.86
C ALA F 169 -21.77 30.22 27.33
N GLU F 170 -22.25 31.44 27.59
CA GLU F 170 -21.34 32.54 27.88
C GLU F 170 -20.56 32.35 29.18
N SER F 171 -19.31 31.90 29.04
CA SER F 171 -18.37 31.62 30.12
C SER F 171 -18.72 30.38 30.93
N ARG F 172 -20.01 30.02 30.97
CA ARG F 172 -20.54 28.85 31.68
C ARG F 172 -19.83 28.75 33.03
N ALA F 173 -19.18 27.63 33.36
CA ALA F 173 -18.47 27.48 34.62
C ALA F 173 -17.15 26.73 34.42
N ASN F 174 -16.65 26.66 33.19
CA ASN F 174 -15.45 25.88 32.87
C ASN F 174 -14.18 26.72 33.01
N LYS F 175 -13.98 27.31 34.19
CA LYS F 175 -12.78 28.11 34.42
C LYS F 175 -11.53 27.25 34.53
N ASP F 176 -11.68 25.94 34.79
CA ASP F 176 -10.52 25.07 34.87
C ASP F 176 -9.97 24.74 33.48
N GLU F 177 -10.84 24.65 32.48
CA GLU F 177 -10.46 24.30 31.12
C GLU F 177 -10.74 25.44 30.15
N GLY F 178 -10.41 26.67 30.57
CA GLY F 178 -10.60 27.82 29.74
C GLY F 178 -9.42 28.76 29.80
N PRO F 179 -9.37 29.73 28.89
CA PRO F 179 -8.24 30.67 28.87
C PRO F 179 -8.27 31.61 30.06
N LYS F 180 -7.30 31.47 30.96
CA LYS F 180 -7.25 32.31 32.14
C LYS F 180 -6.69 33.69 31.79
N ASN F 181 -6.88 34.63 32.70
CA ASN F 181 -6.35 35.98 32.53
C ASN F 181 -4.82 35.96 32.65
N ILE F 182 -4.20 37.02 32.15
CA ILE F 182 -2.75 37.14 32.28
C ILE F 182 -2.34 37.18 33.74
N ALA F 183 -3.16 37.80 34.60
CA ALA F 183 -2.86 37.85 36.02
C ALA F 183 -2.79 36.46 36.63
N ASP F 184 -3.78 35.61 36.33
CA ASP F 184 -3.80 34.27 36.90
C ASP F 184 -2.60 33.45 36.46
N VAL F 185 -2.29 33.50 35.16
CA VAL F 185 -1.16 32.73 34.65
C VAL F 185 0.15 33.23 35.25
N LEU F 186 0.31 34.56 35.32
CA LEU F 186 1.53 35.11 35.91
C LEU F 186 1.67 34.74 37.37
N ASP F 187 0.56 34.77 38.12
CA ASP F 187 0.60 34.39 39.53
C ASP F 187 0.96 32.92 39.69
N ALA F 188 0.40 32.05 38.84
CA ALA F 188 0.75 30.64 38.90
C ALA F 188 2.22 30.44 38.60
N THR F 189 2.75 31.15 37.59
CA THR F 189 4.16 31.02 37.25
C THR F 189 5.05 31.50 38.39
N VAL F 190 4.70 32.61 39.02
CA VAL F 190 5.51 33.13 40.12
C VAL F 190 5.45 32.19 41.32
N ALA F 191 4.28 31.62 41.59
CA ALA F 191 4.16 30.65 42.68
C ALA F 191 5.01 29.43 42.40
N ARG F 192 5.01 28.95 41.14
CA ARG F 192 5.87 27.84 40.78
C ARG F 192 7.34 28.19 40.95
N ILE F 193 7.73 29.41 40.58
CA ILE F 193 9.11 29.84 40.74
C ILE F 193 9.50 29.83 42.21
N GLU F 194 8.63 30.36 43.07
CA GLU F 194 8.91 30.37 44.50
C GLU F 194 9.00 28.96 45.05
N GLN F 195 8.10 28.08 44.62
CA GLN F 195 8.14 26.70 45.09
C GLN F 195 9.43 26.01 44.67
N LEU F 196 9.88 26.24 43.44
CA LEU F 196 11.14 25.66 42.98
C LEU F 196 12.32 26.22 43.78
N PHE F 197 12.30 27.52 44.08
CA PHE F 197 13.39 28.14 44.82
C PHE F 197 13.30 27.89 46.32
N GLN F 198 12.22 27.29 46.81
CA GLN F 198 12.05 27.11 48.24
C GLN F 198 12.95 25.99 48.77
N GLN F 199 12.75 24.77 48.28
CA GLN F 199 13.50 23.62 48.76
C GLN F 199 14.80 23.49 47.99
N PRO F 200 15.96 23.55 48.65
CA PRO F 200 17.24 23.43 47.94
C PRO F 200 17.52 21.98 47.56
N HIS F 201 17.77 21.74 46.28
CA HIS F 201 18.13 20.44 45.75
C HIS F 201 19.30 20.55 44.78
N ASP F 202 19.90 21.74 44.73
CA ASP F 202 21.03 22.03 43.85
C ASP F 202 20.67 21.81 42.38
N GLY F 203 19.65 22.53 41.92
CA GLY F 203 19.23 22.50 40.53
C GLY F 203 18.46 21.28 40.08
N VAL F 204 17.85 20.53 40.99
CA VAL F 204 17.06 19.36 40.61
C VAL F 204 15.62 19.60 41.04
N THR F 205 14.72 19.67 40.07
CA THR F 205 13.31 19.89 40.37
C THR F 205 12.45 18.64 40.23
N GLY F 206 12.81 17.75 39.31
CA GLY F 206 12.12 16.48 39.13
C GLY F 206 12.72 15.36 39.94
N VAL F 207 12.45 14.13 39.49
CA VAL F 207 12.99 12.95 40.15
C VAL F 207 14.48 12.88 39.90
N ASN F 208 15.25 12.70 40.97
CA ASN F 208 16.70 12.68 40.87
C ASN F 208 17.15 11.44 40.11
N THR F 209 17.94 11.66 39.05
CA THR F 209 18.43 10.57 38.23
C THR F 209 19.62 9.86 38.86
N GLY F 210 20.23 10.47 39.87
CA GLY F 210 21.39 9.87 40.51
C GLY F 210 22.71 10.20 39.87
N TYR F 211 22.72 10.98 38.80
CA TYR F 211 23.95 11.36 38.12
C TYR F 211 23.99 12.88 38.04
N ASP F 212 25.13 13.46 38.45
CA ASP F 212 25.21 14.90 38.61
C ASP F 212 25.08 15.63 37.28
N ASP F 213 25.85 15.21 36.27
CA ASP F 213 25.82 15.89 34.99
C ASP F 213 24.46 15.75 34.30
N LEU F 214 23.85 14.56 34.38
CA LEU F 214 22.53 14.39 33.78
C LEU F 214 21.49 15.22 34.51
N ASN F 215 21.62 15.35 35.83
CA ASN F 215 20.73 16.23 36.58
C ASN F 215 20.91 17.69 36.16
N LYS F 216 22.15 18.11 35.94
CA LYS F 216 22.40 19.48 35.50
C LYS F 216 21.82 19.74 34.13
N LYS F 217 21.94 18.76 33.22
CA LYS F 217 21.48 18.94 31.85
C LYS F 217 19.96 18.82 31.73
N THR F 218 19.32 18.05 32.62
CA THR F 218 17.89 17.78 32.48
C THR F 218 17.06 18.34 33.63
N ALA F 219 17.70 18.79 34.71
CA ALA F 219 17.01 19.27 35.90
C ALA F 219 16.06 18.21 36.44
N GLY F 220 16.48 16.95 36.40
CA GLY F 220 15.65 15.87 36.87
C GLY F 220 14.63 15.46 35.82
N LEU F 221 13.85 14.45 36.17
CA LEU F 221 12.78 13.97 35.31
C LEU F 221 11.53 14.77 35.65
N GLN F 222 11.09 15.63 34.74
CA GLN F 222 10.03 16.55 35.06
C GLN F 222 8.70 15.83 35.07
N PRO F 223 7.80 16.18 35.98
CA PRO F 223 6.45 15.59 35.94
C PRO F 223 5.68 16.05 34.72
N SER F 224 4.71 15.22 34.31
CA SER F 224 3.87 15.41 33.12
C SER F 224 4.68 15.43 31.84
N ASP F 225 5.84 14.78 31.80
CA ASP F 225 6.68 14.76 30.60
C ASP F 225 6.83 13.33 30.08
N LEU F 226 6.98 13.22 28.76
CA LEU F 226 7.27 11.94 28.12
C LEU F 226 8.77 11.86 27.82
N ILE F 227 9.42 10.82 28.31
CA ILE F 227 10.86 10.63 28.18
C ILE F 227 11.11 9.32 27.46
N ILE F 228 11.92 9.38 26.41
CA ILE F 228 12.26 8.22 25.59
C ILE F 228 13.74 7.93 25.75
N VAL F 229 14.07 6.66 25.95
CA VAL F 229 15.44 6.17 25.97
C VAL F 229 15.58 5.19 24.81
N ALA F 230 16.52 5.45 23.92
CA ALA F 230 16.68 4.67 22.71
C ALA F 230 18.13 4.26 22.52
N ALA F 231 18.33 3.09 21.94
CA ALA F 231 19.65 2.56 21.63
C ALA F 231 19.49 1.31 20.78
N ARG F 232 20.58 0.93 20.12
CA ARG F 232 20.63 -0.34 19.42
C ARG F 232 20.67 -1.49 20.42
N PRO F 233 20.33 -2.71 19.99
CA PRO F 233 20.32 -3.84 20.92
C PRO F 233 21.67 -4.05 21.57
N SER F 234 21.65 -4.48 22.83
CA SER F 234 22.79 -4.76 23.69
C SER F 234 23.56 -3.49 24.06
N MET F 235 22.91 -2.33 24.04
CA MET F 235 23.57 -1.12 24.48
C MET F 235 23.33 -0.81 25.96
N GLY F 236 22.33 -1.44 26.57
CA GLY F 236 22.04 -1.17 27.96
C GLY F 236 20.81 -0.35 28.21
N LYS F 237 19.77 -0.48 27.37
CA LYS F 237 18.53 0.23 27.62
C LYS F 237 17.88 -0.26 28.91
N THR F 238 17.72 -1.58 29.02
CA THR F 238 17.11 -2.14 30.22
C THR F 238 17.96 -1.87 31.45
N THR F 239 19.28 -1.98 31.30
CA THR F 239 20.18 -1.70 32.42
C THR F 239 20.03 -0.26 32.90
N PHE F 240 20.03 0.69 31.97
CA PHE F 240 19.92 2.09 32.36
C PHE F 240 18.57 2.37 33.00
N ALA F 241 17.50 1.78 32.44
CA ALA F 241 16.17 2.00 33.01
C ALA F 241 16.09 1.45 34.42
N MET F 242 16.65 0.25 34.65
CA MET F 242 16.64 -0.30 36.00
C MET F 242 17.50 0.50 36.95
N ASN F 243 18.62 1.03 36.48
CA ASN F 243 19.43 1.90 37.32
C ASN F 243 18.67 3.16 37.72
N LEU F 244 17.96 3.76 36.76
CA LEU F 244 17.14 4.92 37.08
C LEU F 244 16.06 4.57 38.08
N VAL F 245 15.44 3.40 37.93
CA VAL F 245 14.40 2.98 38.86
C VAL F 245 14.98 2.82 40.26
N GLU F 246 16.15 2.19 40.36
CA GLU F 246 16.78 1.98 41.67
C GLU F 246 17.12 3.31 42.31
N ASN F 247 17.68 4.25 41.54
CA ASN F 247 18.02 5.56 42.08
C ASN F 247 16.78 6.29 42.54
N ALA F 248 15.70 6.23 41.76
CA ALA F 248 14.46 6.90 42.14
C ALA F 248 13.89 6.30 43.41
N ALA F 249 13.96 4.97 43.55
CA ALA F 249 13.47 4.32 44.76
C ALA F 249 14.30 4.69 45.97
N MET F 250 15.62 4.79 45.82
CA MET F 250 16.48 5.12 46.95
C MET F 250 16.37 6.59 47.34
N LEU F 251 16.08 7.47 46.37
CA LEU F 251 16.09 8.90 46.64
C LEU F 251 14.69 9.50 46.73
N GLN F 252 13.66 8.70 47.00
CA GLN F 252 12.31 9.20 47.12
C GLN F 252 11.56 8.39 48.18
N ASP F 253 10.25 8.62 48.24
CA ASP F 253 9.37 7.93 49.16
C ASP F 253 8.12 7.39 48.49
N LYS F 254 7.84 7.82 47.26
CA LYS F 254 6.66 7.36 46.56
C LYS F 254 6.95 6.06 45.81
N PRO F 255 5.93 5.25 45.57
CA PRO F 255 6.15 3.98 44.87
C PRO F 255 6.69 4.20 43.46
N VAL F 256 7.51 3.26 43.00
CA VAL F 256 8.06 3.28 41.65
C VAL F 256 7.57 2.02 40.94
N LEU F 257 6.90 2.20 39.81
CA LEU F 257 6.23 1.12 39.09
C LEU F 257 7.01 0.80 37.82
N ILE F 258 7.15 -0.49 37.51
CA ILE F 258 7.87 -0.97 36.35
C ILE F 258 6.92 -1.81 35.51
N PHE F 259 6.89 -1.56 34.21
CA PHE F 259 6.16 -2.39 33.25
C PHE F 259 7.17 -3.10 32.34
N SER F 260 7.61 -4.28 32.76
CA SER F 260 8.63 -5.07 32.07
C SER F 260 7.96 -6.04 31.11
N LEU F 261 7.73 -5.60 29.88
CA LEU F 261 7.16 -6.48 28.86
C LEU F 261 8.20 -7.41 28.26
N GLU F 262 9.48 -7.27 28.61
CA GLU F 262 10.53 -8.07 28.02
C GLU F 262 10.96 -9.24 28.90
N MET F 263 11.26 -8.97 30.17
CA MET F 263 11.82 -9.96 31.07
C MET F 263 10.85 -10.31 32.19
N PRO F 264 10.89 -11.54 32.70
CA PRO F 264 10.16 -11.86 33.93
C PRO F 264 10.74 -11.12 35.12
N SER F 265 9.89 -10.91 36.14
CA SER F 265 10.28 -10.08 37.28
C SER F 265 11.42 -10.68 38.07
N GLU F 266 11.56 -12.01 38.04
CA GLU F 266 12.64 -12.66 38.78
C GLU F 266 14.00 -12.25 38.23
N GLN F 267 14.13 -12.24 36.91
CA GLN F 267 15.38 -11.82 36.30
C GLN F 267 15.64 -10.34 36.54
N ILE F 268 14.59 -9.53 36.53
CA ILE F 268 14.75 -8.11 36.84
C ILE F 268 15.28 -7.94 38.26
N MET F 269 14.75 -8.72 39.21
CA MET F 269 15.23 -8.59 40.58
C MET F 269 16.65 -9.10 40.72
N MET F 270 17.02 -10.12 39.95
CA MET F 270 18.42 -10.57 39.96
C MET F 270 19.35 -9.49 39.44
N ARG F 271 18.97 -8.85 38.33
CA ARG F 271 19.75 -7.73 37.81
C ARG F 271 19.83 -6.59 38.82
N SER F 272 18.71 -6.30 39.49
CA SER F 272 18.69 -5.21 40.46
C SER F 272 19.60 -5.51 41.64
N LEU F 273 19.60 -6.76 42.10
CA LEU F 273 20.52 -7.14 43.16
C LEU F 273 21.97 -7.00 42.71
N ALA F 274 22.26 -7.44 41.48
CA ALA F 274 23.61 -7.31 40.96
C ALA F 274 24.04 -5.84 40.90
N SER F 275 23.11 -4.96 40.50
CA SER F 275 23.42 -3.55 40.39
C SER F 275 23.65 -2.91 41.77
N LEU F 276 22.73 -3.17 42.69
CA LEU F 276 22.77 -2.49 43.99
C LEU F 276 23.91 -3.02 44.86
N SER F 277 24.08 -4.34 44.91
CA SER F 277 25.12 -4.92 45.75
C SER F 277 26.49 -4.89 45.11
N ARG F 278 26.60 -4.50 43.83
CA ARG F 278 27.88 -4.50 43.13
C ARG F 278 28.52 -5.88 43.17
N VAL F 279 27.71 -6.92 43.00
CA VAL F 279 28.19 -8.29 42.88
C VAL F 279 28.15 -8.71 41.43
N ASP F 280 29.18 -9.45 41.01
CA ASP F 280 29.31 -9.89 39.62
C ASP F 280 28.08 -10.66 39.16
N GLN F 281 27.57 -10.30 37.98
CA GLN F 281 26.33 -10.89 37.47
C GLN F 281 26.47 -12.38 37.20
N THR F 282 27.63 -12.80 36.68
CA THR F 282 27.86 -14.21 36.39
C THR F 282 27.82 -15.05 37.66
N LYS F 283 28.40 -14.55 38.74
CA LYS F 283 28.38 -15.27 40.01
C LYS F 283 26.95 -15.45 40.51
N ILE F 284 26.14 -14.40 40.40
CA ILE F 284 24.74 -14.49 40.83
C ILE F 284 23.99 -15.48 39.95
N ARG F 285 24.23 -15.44 38.65
CA ARG F 285 23.51 -16.30 37.72
C ARG F 285 23.86 -17.76 37.92
N THR F 286 25.13 -18.06 38.20
CA THR F 286 25.58 -19.42 38.42
C THR F 286 25.50 -19.86 39.87
N GLY F 287 25.18 -18.95 40.79
CA GLY F 287 25.06 -19.35 42.19
C GLY F 287 26.35 -19.46 42.94
N GLN F 288 27.48 -19.08 42.33
CA GLN F 288 28.79 -19.23 42.98
C GLN F 288 29.16 -17.95 43.74
N LEU F 289 28.50 -17.77 44.89
CA LEU F 289 28.73 -16.61 45.74
C LEU F 289 29.48 -17.04 46.99
N ASP F 290 29.99 -16.06 47.73
CA ASP F 290 30.61 -16.31 49.02
C ASP F 290 29.86 -15.59 50.13
N ASP F 291 30.43 -15.68 51.33
CA ASP F 291 29.77 -15.18 52.53
C ASP F 291 29.53 -13.68 52.46
N GLU F 292 30.52 -12.92 51.99
CA GLU F 292 30.38 -11.47 51.89
C GLU F 292 29.28 -11.11 50.89
N ASP F 293 29.21 -11.83 49.77
CA ASP F 293 28.15 -11.57 48.80
C ASP F 293 26.78 -11.85 49.41
N TRP F 294 26.66 -12.94 50.17
CA TRP F 294 25.39 -13.25 50.83
C TRP F 294 25.02 -12.17 51.84
N ALA F 295 26.02 -11.68 52.59
CA ALA F 295 25.75 -10.60 53.54
C ALA F 295 25.29 -9.34 52.83
N ARG F 296 25.94 -9.00 51.71
CA ARG F 296 25.53 -7.82 50.95
C ARG F 296 24.11 -7.99 50.44
N ILE F 297 23.77 -9.19 49.94
CA ILE F 297 22.43 -9.43 49.42
C ILE F 297 21.41 -9.31 50.55
N SER F 298 21.75 -9.83 51.73
CA SER F 298 20.85 -9.72 52.88
C SER F 298 20.63 -8.26 53.26
N GLY F 299 21.71 -7.47 53.24
CA GLY F 299 21.57 -6.05 53.54
C GLY F 299 20.69 -5.34 52.52
N THR F 300 20.88 -5.67 51.24
CA THR F 300 20.06 -5.08 50.19
C THR F 300 18.60 -5.44 50.38
N MET F 301 18.32 -6.71 50.70
CA MET F 301 16.95 -7.13 50.94
C MET F 301 16.36 -6.41 52.13
N GLY F 302 17.16 -6.21 53.18
CA GLY F 302 16.68 -5.48 54.35
C GLY F 302 16.33 -4.05 54.01
N ILE F 303 17.19 -3.40 53.21
CA ILE F 303 16.92 -2.03 52.79
C ILE F 303 15.64 -1.97 51.97
N LEU F 304 15.50 -2.90 51.02
CA LEU F 304 14.31 -2.92 50.17
C LEU F 304 13.04 -3.14 50.99
N LEU F 305 13.09 -4.08 51.93
CA LEU F 305 11.92 -4.34 52.76
C LEU F 305 11.64 -3.21 53.73
N GLU F 306 12.65 -2.42 54.10
CA GLU F 306 12.37 -1.26 54.93
C GLU F 306 11.73 -0.16 54.11
N LYS F 307 12.18 0.00 52.86
CA LYS F 307 11.62 1.02 51.99
C LYS F 307 10.23 0.61 51.50
N ARG F 308 10.16 -0.51 50.77
CA ARG F 308 8.91 -1.05 50.24
C ARG F 308 8.18 -0.05 49.33
N ASN F 309 8.84 0.38 48.25
CA ASN F 309 8.21 1.26 47.28
C ASN F 309 8.52 0.90 45.83
N ILE F 310 8.80 -0.36 45.53
CA ILE F 310 9.05 -0.79 44.16
C ILE F 310 8.02 -1.86 43.79
N TYR F 311 7.34 -1.66 42.67
CA TYR F 311 6.36 -2.60 42.16
C TYR F 311 6.73 -2.95 40.73
N ILE F 312 6.65 -4.24 40.40
CA ILE F 312 7.06 -4.75 39.09
C ILE F 312 5.92 -5.53 38.48
N ASP F 313 5.66 -5.29 37.19
CA ASP F 313 4.67 -6.05 36.43
C ASP F 313 5.38 -6.58 35.19
N ASP F 314 5.56 -7.90 35.11
CA ASP F 314 6.26 -8.51 34.00
C ASP F 314 5.31 -9.17 33.00
N SER F 315 4.13 -8.59 32.79
CA SER F 315 3.22 -9.09 31.79
C SER F 315 3.72 -8.74 30.40
N SER F 316 3.18 -9.40 29.38
CA SER F 316 3.58 -9.16 28.01
C SER F 316 2.37 -8.79 27.15
N GLY F 317 2.63 -8.03 26.10
CA GLY F 317 1.57 -7.58 25.22
C GLY F 317 0.56 -6.66 25.87
N LEU F 318 1.03 -5.66 26.61
CA LEU F 318 0.12 -4.77 27.32
C LEU F 318 -0.36 -3.66 26.41
N THR F 319 -1.66 -3.36 26.47
CA THR F 319 -2.17 -2.20 25.77
C THR F 319 -2.01 -0.95 26.62
N PRO F 320 -2.01 0.24 26.00
CA PRO F 320 -1.91 1.47 26.80
C PRO F 320 -3.04 1.62 27.80
N THR F 321 -4.22 1.11 27.48
CA THR F 321 -5.34 1.17 28.42
C THR F 321 -5.03 0.40 29.69
N GLU F 322 -4.46 -0.80 29.56
CA GLU F 322 -4.11 -1.61 30.73
C GLU F 322 -3.03 -0.92 31.55
N VAL F 323 -2.03 -0.33 30.88
CA VAL F 323 -0.96 0.37 31.59
C VAL F 323 -1.54 1.54 32.38
N ARG F 324 -2.42 2.31 31.75
CA ARG F 324 -3.02 3.45 32.43
C ARG F 324 -3.87 2.99 33.61
N SER F 325 -4.64 1.91 33.43
CA SER F 325 -5.50 1.42 34.50
C SER F 325 -4.66 0.95 35.69
N ARG F 326 -3.59 0.20 35.42
CA ARG F 326 -2.76 -0.32 36.51
C ARG F 326 -2.01 0.80 37.22
N ALA F 327 -1.51 1.79 36.46
CA ALA F 327 -0.84 2.92 37.08
C ALA F 327 -1.82 3.71 37.96
N ARG F 328 -3.05 3.92 37.47
CA ARG F 328 -4.05 4.61 38.26
C ARG F 328 -4.38 3.83 39.54
N ARG F 329 -4.48 2.50 39.42
CA ARG F 329 -4.78 1.69 40.59
C ARG F 329 -3.65 1.77 41.62
N ILE F 330 -2.40 1.70 41.16
CA ILE F 330 -1.28 1.81 42.07
C ILE F 330 -1.25 3.16 42.77
N ALA F 331 -1.46 4.25 42.00
CA ALA F 331 -1.47 5.57 42.61
C ALA F 331 -2.61 5.71 43.62
N ARG F 332 -3.78 5.15 43.30
CA ARG F 332 -4.90 5.21 44.22
C ARG F 332 -4.61 4.44 45.51
N GLU F 333 -4.04 3.24 45.38
CA GLU F 333 -3.83 2.41 46.56
C GLU F 333 -2.70 2.92 47.45
N HIS F 334 -1.62 3.43 46.85
CA HIS F 334 -0.45 3.80 47.63
C HIS F 334 -0.13 5.28 47.59
N GLY F 335 -1.12 6.15 47.40
CA GLY F 335 -0.91 7.58 47.51
C GLY F 335 0.06 8.18 46.52
N GLY F 336 -0.05 7.83 45.24
CA GLY F 336 0.78 8.46 44.24
C GLY F 336 1.88 7.58 43.70
N ILE F 337 2.56 8.04 42.65
CA ILE F 337 3.67 7.33 42.03
C ILE F 337 4.83 8.31 41.93
N GLY F 338 6.05 7.77 41.86
CA GLY F 338 7.23 8.59 41.73
C GLY F 338 7.89 8.45 40.37
N LEU F 339 7.64 7.32 39.70
CA LEU F 339 8.24 7.06 38.40
C LEU F 339 7.48 5.90 37.77
N ILE F 340 7.34 5.96 36.45
CA ILE F 340 6.78 4.85 35.67
C ILE F 340 7.80 4.48 34.60
N MET F 341 8.04 3.19 34.42
CA MET F 341 9.02 2.70 33.46
C MET F 341 8.41 1.61 32.60
N ILE F 342 8.65 1.70 31.29
CA ILE F 342 8.10 0.77 30.32
C ILE F 342 9.28 0.26 29.48
N ASP F 343 9.35 -1.06 29.31
CA ASP F 343 10.45 -1.70 28.59
C ASP F 343 9.89 -2.93 27.88
N TYR F 344 9.67 -2.84 26.58
CA TYR F 344 9.86 -1.59 25.84
C TYR F 344 8.63 -1.38 24.96
N LEU F 345 8.51 -0.21 24.34
CA LEU F 345 7.24 0.16 23.73
C LEU F 345 6.99 -0.62 22.45
N GLN F 346 8.03 -1.21 21.87
CA GLN F 346 7.82 -2.05 20.69
C GLN F 346 7.04 -3.31 21.03
N LEU F 347 7.02 -3.71 22.31
CA LEU F 347 6.30 -4.89 22.75
C LEU F 347 4.86 -4.59 23.14
N MET F 348 4.46 -3.33 23.19
CA MET F 348 3.08 -3.00 23.49
C MET F 348 2.20 -3.28 22.28
N ARG F 349 0.90 -3.38 22.51
CA ARG F 349 -0.05 -3.76 21.48
C ARG F 349 -1.26 -2.85 21.51
N VAL F 350 -1.70 -2.43 20.33
CA VAL F 350 -3.01 -1.81 20.15
C VAL F 350 -3.78 -2.65 19.14
N PRO F 351 -4.68 -3.52 19.61
CA PRO F 351 -5.33 -4.47 18.70
C PRO F 351 -6.10 -3.81 17.57
N ALA F 352 -6.73 -2.65 17.81
CA ALA F 352 -7.53 -2.02 16.78
C ALA F 352 -6.68 -1.45 15.65
N LEU F 353 -5.38 -1.24 15.89
CA LEU F 353 -4.50 -0.63 14.90
C LEU F 353 -3.31 -1.52 14.57
N SER F 354 -3.47 -2.85 14.65
CA SER F 354 -2.35 -3.75 14.40
C SER F 354 -1.97 -3.77 12.93
N ASP F 355 -2.88 -3.34 12.04
CA ASP F 355 -2.60 -3.32 10.61
C ASP F 355 -1.49 -2.34 10.25
N ASN F 356 -1.49 -1.14 10.83
CA ASN F 356 -0.51 -0.09 10.50
C ASN F 356 0.34 0.15 11.75
N ARG F 357 1.66 0.01 11.60
CA ARG F 357 2.56 0.19 12.73
C ARG F 357 2.70 1.66 13.11
N THR F 358 2.71 2.55 12.12
CA THR F 358 2.88 3.98 12.40
C THR F 358 1.72 4.51 13.24
N LEU F 359 0.48 4.15 12.87
CA LEU F 359 -0.68 4.60 13.65
C LEU F 359 -0.65 4.01 15.06
N GLU F 360 -0.20 2.76 15.19
CA GLU F 360 -0.09 2.14 16.50
C GLU F 360 0.90 2.89 17.38
N ILE F 361 2.07 3.23 16.81
CA ILE F 361 3.07 3.97 17.56
C ILE F 361 2.55 5.35 17.93
N ALA F 362 1.83 6.01 17.02
CA ALA F 362 1.26 7.31 17.32
C ALA F 362 0.28 7.22 18.49
N GLU F 363 -0.59 6.21 18.47
CA GLU F 363 -1.55 6.03 19.56
C GLU F 363 -0.84 5.74 20.86
N ILE F 364 0.20 4.92 20.82
CA ILE F 364 0.94 4.58 22.03
C ILE F 364 1.57 5.83 22.63
N SER F 365 2.22 6.65 21.77
CA SER F 365 2.88 7.85 22.27
C SER F 365 1.87 8.83 22.83
N ARG F 366 0.73 9.00 22.15
CA ARG F 366 -0.30 9.90 22.66
C ARG F 366 -0.84 9.43 24.00
N SER F 367 -1.10 8.13 24.14
CA SER F 367 -1.60 7.60 25.41
C SER F 367 -0.57 7.73 26.52
N LEU F 368 0.71 7.49 26.22
CA LEU F 368 1.73 7.65 27.24
C LEU F 368 1.87 9.10 27.68
N LYS F 369 1.83 10.04 26.73
CA LYS F 369 1.87 11.46 27.09
C LYS F 369 0.67 11.84 27.95
N ALA F 370 -0.52 11.36 27.58
CA ALA F 370 -1.71 11.66 28.36
C ALA F 370 -1.60 11.08 29.77
N LEU F 371 -1.09 9.86 29.90
CA LEU F 371 -0.92 9.25 31.21
C LEU F 371 0.07 10.03 32.05
N ALA F 372 1.19 10.44 31.45
CA ALA F 372 2.20 11.21 32.18
C ALA F 372 1.63 12.53 32.67
N LYS F 373 0.85 13.20 31.81
CA LYS F 373 0.27 14.48 32.22
C LYS F 373 -0.80 14.27 33.29
N GLU F 374 -1.55 13.17 33.20
CA GLU F 374 -2.64 12.94 34.14
C GLU F 374 -2.12 12.60 35.53
N LEU F 375 -1.18 11.67 35.62
CA LEU F 375 -0.68 11.26 36.93
C LEU F 375 0.39 12.18 37.48
N ASN F 376 0.87 13.15 36.69
CA ASN F 376 1.89 14.09 37.12
C ASN F 376 3.15 13.34 37.60
N VAL F 377 3.54 12.34 36.83
CA VAL F 377 4.72 11.53 37.15
C VAL F 377 5.61 11.46 35.92
N PRO F 378 6.92 11.29 36.08
CA PRO F 378 7.76 11.00 34.90
C PRO F 378 7.56 9.58 34.40
N VAL F 379 7.44 9.46 33.09
CA VAL F 379 7.29 8.17 32.41
C VAL F 379 8.49 7.98 31.50
N VAL F 380 9.25 6.91 31.72
CA VAL F 380 10.43 6.61 30.93
C VAL F 380 10.08 5.35 30.13
N ALA F 381 10.05 5.49 28.81
CA ALA F 381 9.71 4.39 27.92
C ALA F 381 10.89 4.07 27.02
N LEU F 382 11.23 2.78 26.93
CA LEU F 382 12.32 2.35 26.09
C LEU F 382 11.80 2.08 24.68
N SER F 383 12.64 2.38 23.69
CA SER F 383 12.28 2.21 22.28
C SER F 383 13.43 1.58 21.54
N GLN F 384 13.22 1.30 20.26
CA GLN F 384 14.25 0.67 19.43
C GLN F 384 14.44 1.45 18.14
N LEU F 385 15.60 1.24 17.53
CA LEU F 385 16.03 1.98 16.35
C LEU F 385 16.15 1.05 15.15
N ASN F 386 16.11 1.66 13.96
CA ASN F 386 16.17 0.87 12.74
C ASN F 386 17.58 0.32 12.52
N ARG F 387 17.66 -0.75 11.72
CA ARG F 387 18.93 -1.39 11.46
C ARG F 387 19.86 -0.52 10.63
N SER F 388 19.30 0.38 9.81
CA SER F 388 20.13 1.19 8.91
C SER F 388 21.16 2.03 9.65
N LEU F 389 20.90 2.34 10.92
CA LEU F 389 21.86 3.10 11.71
C LEU F 389 23.22 2.41 11.73
N GLU F 390 23.23 1.07 11.66
CA GLU F 390 24.49 0.33 11.74
C GLU F 390 25.29 0.42 10.44
N GLN F 391 24.71 1.01 9.39
CA GLN F 391 25.40 1.15 8.12
C GLN F 391 26.09 2.50 7.96
N ARG F 392 25.75 3.48 8.79
CA ARG F 392 26.36 4.80 8.69
C ARG F 392 27.81 4.76 9.16
N ALA F 393 28.59 5.74 8.71
CA ALA F 393 30.00 5.84 9.13
C ALA F 393 30.09 6.09 10.63
N ASP F 394 29.25 6.97 11.15
CA ASP F 394 29.16 7.21 12.59
C ASP F 394 27.83 6.66 13.08
N LYS F 395 27.89 5.78 14.08
CA LYS F 395 26.71 5.05 14.53
C LYS F 395 26.04 5.68 15.74
N ARG F 396 26.48 6.86 16.16
CA ARG F 396 25.79 7.54 17.25
C ARG F 396 24.40 7.95 16.79
N PRO F 397 23.35 7.62 17.54
CA PRO F 397 21.98 7.82 17.04
C PRO F 397 21.64 9.30 16.87
N VAL F 398 20.75 9.57 15.92
CA VAL F 398 20.17 10.89 15.73
C VAL F 398 18.65 10.76 15.72
N ASN F 399 17.98 11.89 15.64
CA ASN F 399 16.51 11.88 15.68
C ASN F 399 15.94 11.13 14.49
N SER F 400 16.54 11.33 13.31
CA SER F 400 16.04 10.67 12.10
C SER F 400 16.20 9.15 12.17
N ASP F 401 16.99 8.65 13.12
CA ASP F 401 17.11 7.22 13.33
C ASP F 401 15.89 6.63 14.00
N LEU F 402 14.91 7.44 14.40
CA LEU F 402 13.66 6.91 14.93
C LEU F 402 12.66 6.61 13.86
N ARG F 403 13.14 6.29 12.66
CA ARG F 403 12.31 5.97 11.50
C ARG F 403 11.18 5.00 11.86
N GLU F 404 10.02 5.20 11.22
CA GLU F 404 8.74 4.55 11.46
C GLU F 404 8.09 5.03 12.76
N SER F 405 8.74 5.92 13.50
CA SER F 405 8.22 6.38 14.79
C SER F 405 8.39 7.89 14.90
N GLY F 406 7.97 8.61 13.86
CA GLY F 406 8.03 10.05 13.90
C GLY F 406 7.18 10.65 15.00
N SER F 407 6.03 10.03 15.29
CA SER F 407 5.18 10.51 16.37
C SER F 407 5.88 10.43 17.72
N ILE F 408 6.81 9.48 17.89
CA ILE F 408 7.55 9.41 19.14
C ILE F 408 8.44 10.63 19.30
N GLU F 409 9.15 11.02 18.24
CA GLU F 409 9.96 12.23 18.30
C GLU F 409 9.08 13.47 18.48
N GLN F 410 7.92 13.49 17.84
CA GLN F 410 7.03 14.65 17.94
C GLN F 410 6.47 14.82 19.35
N ASP F 411 6.15 13.71 20.03
CA ASP F 411 5.39 13.82 21.26
C ASP F 411 6.29 13.80 22.49
N ALA F 412 7.46 13.20 22.39
CA ALA F 412 8.32 13.05 23.55
C ALA F 412 8.86 14.39 24.01
N ASP F 413 8.83 14.63 25.32
CA ASP F 413 9.44 15.81 25.91
C ASP F 413 10.96 15.71 25.98
N LEU F 414 11.49 14.53 26.28
CA LEU F 414 12.93 14.32 26.38
C LEU F 414 13.31 13.05 25.65
N ILE F 415 14.41 13.09 24.92
CA ILE F 415 14.90 11.94 24.16
C ILE F 415 16.37 11.77 24.45
N MET F 416 16.75 10.60 24.95
CA MET F 416 18.12 10.26 25.28
C MET F 416 18.51 8.99 24.53
N PHE F 417 19.67 9.02 23.90
CA PHE F 417 20.22 7.85 23.23
C PHE F 417 21.41 7.31 24.01
N ILE F 418 21.46 6.00 24.15
CA ILE F 418 22.56 5.33 24.82
C ILE F 418 23.53 4.86 23.74
N TYR F 419 24.80 5.21 23.88
CA TYR F 419 25.82 4.80 22.93
C TYR F 419 27.01 4.24 23.68
N ARG F 420 27.43 3.04 23.31
CA ARG F 420 28.64 2.44 23.86
C ARG F 420 29.58 2.15 22.69
N ASP F 421 30.76 2.80 22.72
CA ASP F 421 31.68 2.69 21.60
C ASP F 421 32.31 1.31 21.52
N GLU F 422 32.54 0.67 22.66
CA GLU F 422 33.17 -0.64 22.67
C GLU F 422 32.30 -1.70 22.02
N VAL F 423 30.99 -1.47 21.92
CA VAL F 423 30.14 -2.46 21.25
C VAL F 423 30.53 -2.61 19.79
N TYR F 424 30.76 -1.50 19.09
CA TYR F 424 31.16 -1.54 17.69
C TYR F 424 32.66 -1.69 17.48
N HIS F 425 33.49 -1.09 18.34
CA HIS F 425 34.94 -1.11 18.15
C HIS F 425 35.58 -1.91 19.28
N GLU F 426 36.33 -2.95 18.91
CA GLU F 426 37.06 -3.73 19.90
C GLU F 426 38.24 -2.94 20.47
N ASN F 427 38.86 -2.09 19.66
CA ASN F 427 40.04 -1.33 20.08
C ASN F 427 39.67 0.05 20.60
N SER F 428 38.48 0.20 21.17
CA SER F 428 38.04 1.50 21.64
C SER F 428 38.87 1.94 22.84
N ASP F 429 39.13 3.24 22.93
CA ASP F 429 39.79 3.79 24.10
C ASP F 429 38.80 4.10 25.22
N LEU F 430 37.51 4.00 24.95
CA LEU F 430 36.45 4.33 25.89
C LEU F 430 35.78 3.09 26.46
N LYS F 431 36.55 2.03 26.71
CA LYS F 431 35.97 0.81 27.24
C LYS F 431 35.43 1.07 28.64
N GLY F 432 34.20 0.61 28.90
CA GLY F 432 33.59 0.88 30.18
C GLY F 432 32.94 2.24 30.26
N ILE F 433 33.02 3.04 29.20
CA ILE F 433 32.45 4.38 29.17
C ILE F 433 31.26 4.39 28.21
N ALA F 434 30.13 4.90 28.69
CA ALA F 434 28.92 5.03 27.89
C ALA F 434 28.54 6.50 27.78
N GLU F 435 27.84 6.84 26.70
CA GLU F 435 27.42 8.21 26.45
C GLU F 435 25.90 8.27 26.39
N ILE F 436 25.33 9.21 27.13
CA ILE F 436 23.91 9.53 27.05
C ILE F 436 23.82 10.83 26.24
N ILE F 437 23.22 10.74 25.07
CA ILE F 437 23.13 11.86 24.15
C ILE F 437 21.70 12.40 24.18
N ILE F 438 21.57 13.67 24.55
CA ILE F 438 20.25 14.29 24.61
C ILE F 438 19.91 14.79 23.22
N GLY F 439 19.14 14.00 22.48
CA GLY F 439 18.78 14.34 21.12
C GLY F 439 17.71 15.41 21.03
N LYS F 440 16.88 15.52 22.05
CA LYS F 440 15.84 16.54 22.12
C LYS F 440 15.58 16.83 23.58
N GLN F 441 15.94 18.04 23.99
CA GLN F 441 15.59 18.54 25.32
C GLN F 441 14.65 19.71 25.12
N ARG F 442 13.45 19.59 25.67
CA ARG F 442 12.41 20.57 25.41
C ARG F 442 12.62 21.86 26.19
N ASN F 443 13.10 21.76 27.43
CA ASN F 443 13.26 22.94 28.27
C ASN F 443 14.70 23.12 28.73
N GLY F 444 15.66 23.00 27.82
CA GLY F 444 17.05 23.17 28.18
C GLY F 444 17.99 22.86 27.03
N PRO F 445 19.29 22.80 27.35
CA PRO F 445 20.28 22.58 26.29
C PRO F 445 20.36 21.11 25.92
N ILE F 446 21.18 20.81 24.92
CA ILE F 446 21.41 19.43 24.51
C ILE F 446 22.90 19.16 24.44
N GLY F 447 23.28 17.88 24.50
CA GLY F 447 24.66 17.49 24.44
C GLY F 447 24.84 16.07 24.94
N THR F 448 26.09 15.73 25.24
CA THR F 448 26.47 14.38 25.64
C THR F 448 26.94 14.37 27.09
N VAL F 449 26.51 13.35 27.84
CA VAL F 449 26.94 13.12 29.21
C VAL F 449 27.63 11.76 29.26
N ARG F 450 28.84 11.73 29.81
CA ARG F 450 29.63 10.50 29.89
C ARG F 450 29.45 9.84 31.26
N LEU F 451 29.27 8.53 31.25
CA LEU F 451 29.15 7.73 32.46
C LEU F 451 30.06 6.52 32.34
N THR F 452 30.33 5.89 33.48
CA THR F 452 31.13 4.67 33.50
C THR F 452 30.21 3.45 33.54
N PHE F 453 30.47 2.48 32.67
CA PHE F 453 29.64 1.29 32.54
C PHE F 453 30.38 0.12 33.16
N ASN F 454 29.87 -0.41 34.27
CA ASN F 454 30.41 -1.61 34.88
C ASN F 454 29.49 -2.79 34.58
N GLY F 455 29.80 -3.46 33.47
CA GLY F 455 29.02 -4.62 33.09
C GLY F 455 29.22 -5.78 34.04
N GLN F 456 30.34 -5.79 34.76
CA GLN F 456 30.56 -6.82 35.76
C GLN F 456 29.48 -6.79 36.84
N TRP F 457 29.11 -5.60 37.29
CA TRP F 457 28.06 -5.44 38.28
C TRP F 457 26.73 -5.02 37.66
N SER F 458 26.69 -4.87 36.34
CA SER F 458 25.50 -4.41 35.63
C SER F 458 25.03 -3.05 36.16
N ARG F 459 25.90 -2.05 36.08
CA ARG F 459 25.64 -0.76 36.71
C ARG F 459 26.20 0.37 35.86
N PHE F 460 25.59 1.54 35.98
CA PHE F 460 26.18 2.78 35.49
C PHE F 460 26.55 3.66 36.67
N ASP F 461 27.70 4.34 36.56
CA ASP F 461 28.21 5.20 37.62
C ASP F 461 28.66 6.52 37.04
N ASN F 462 28.83 7.51 37.92
CA ASN F 462 29.33 8.81 37.50
C ASN F 462 30.73 8.67 36.95
N TYR F 463 31.00 9.39 35.86
CA TYR F 463 32.31 9.33 35.22
C TYR F 463 33.29 10.21 35.97
N ALA F 464 34.35 9.61 36.50
CA ALA F 464 35.35 10.31 37.31
C ALA F 464 36.54 10.80 36.49
N GLY F 465 36.57 10.53 35.19
CA GLY F 465 37.66 10.95 34.36
C GLY F 465 37.62 12.43 34.05
N PRO F 466 38.64 12.90 33.34
CA PRO F 466 38.69 14.33 32.99
C PRO F 466 37.52 14.71 32.10
N GLN F 467 37.01 15.93 32.32
CA GLN F 467 35.85 16.41 31.58
C GLN F 467 36.25 17.63 30.75
N TYR F 468 35.81 17.65 29.50
CA TYR F 468 36.12 18.75 28.60
C TYR F 468 35.02 19.81 28.59
N ASN G 211 6.24 65.73 -5.74
CA ASN G 211 6.42 65.27 -4.37
C ASN G 211 5.15 64.62 -3.84
N ARG G 212 5.04 64.55 -2.51
CA ARG G 212 3.86 63.96 -1.89
C ARG G 212 2.60 64.76 -2.22
N ALA G 213 2.70 66.08 -2.19
CA ALA G 213 1.54 66.92 -2.50
C ALA G 213 1.08 66.72 -3.93
N GLN G 214 2.03 66.68 -4.88
CA GLN G 214 1.67 66.43 -6.27
C GLN G 214 1.09 65.02 -6.45
N ALA G 215 1.64 64.04 -5.74
CA ALA G 215 1.12 62.69 -5.81
C ALA G 215 -0.33 62.64 -5.32
N LEU G 216 -0.62 63.30 -4.21
CA LEU G 216 -1.99 63.31 -3.69
C LEU G 216 -2.91 64.08 -4.62
N ALA G 217 -2.43 65.16 -5.23
CA ALA G 217 -3.23 65.90 -6.19
C ALA G 217 -3.59 65.04 -7.39
N LYS G 218 -2.62 64.29 -7.91
CA LYS G 218 -2.91 63.39 -9.02
C LYS G 218 -3.84 62.26 -8.59
N ILE G 219 -3.71 61.81 -7.34
CA ILE G 219 -4.63 60.80 -6.81
C ILE G 219 -6.05 61.33 -6.83
N ALA G 220 -6.25 62.56 -6.35
CA ALA G 220 -7.59 63.15 -6.36
C ALA G 220 -8.09 63.36 -7.78
N GLU G 221 -7.19 63.76 -8.69
CA GLU G 221 -7.59 63.96 -10.08
C GLU G 221 -8.06 62.65 -10.70
N ILE G 222 -7.35 61.56 -10.44
CA ILE G 222 -7.75 60.26 -10.98
C ILE G 222 -9.04 59.79 -10.34
N LYS G 223 -9.21 60.07 -9.04
CA LYS G 223 -10.45 59.73 -8.37
C LYS G 223 -11.64 60.45 -9.01
N ALA G 224 -11.46 61.73 -9.34
CA ALA G 224 -12.53 62.48 -10.00
C ALA G 224 -12.76 61.98 -11.42
N LYS G 225 -11.68 61.61 -12.12
CA LYS G 225 -11.80 61.24 -13.53
C LYS G 225 -12.47 59.88 -13.70
N PHE G 226 -12.07 58.89 -12.90
CA PHE G 226 -12.57 57.54 -13.09
C PHE G 226 -13.43 57.07 -11.92
N GLY G 227 -12.97 57.33 -10.70
CA GLY G 227 -13.71 56.91 -9.51
C GLY G 227 -15.10 57.51 -9.44
N LEU G 228 -16.09 56.66 -9.17
CA LEU G 228 -17.48 57.10 -9.11
C LEU G 228 -18.25 56.14 -8.21
N LYS G 229 -19.45 56.55 -7.80
CA LYS G 229 -20.32 55.77 -6.94
C LYS G 229 -19.62 55.43 -5.63
N GLY G 230 -19.02 54.24 -5.55
CA GLY G 230 -18.33 53.81 -4.36
C GLY G 230 -17.09 54.63 -4.07
N ALA G 231 -16.09 54.54 -4.97
CA ALA G 231 -14.83 55.27 -4.86
C ALA G 231 -14.18 54.88 -3.53
N SER G 232 -13.89 55.83 -2.63
CA SER G 232 -13.27 55.52 -1.36
C SER G 232 -14.25 55.71 -0.21
N GLY H 119 48.00 23.04 -38.05
CA GLY H 119 48.25 22.07 -37.01
C GLY H 119 47.06 21.84 -36.10
N LEU H 120 47.03 20.67 -35.44
CA LEU H 120 45.94 20.34 -34.54
C LEU H 120 45.97 21.24 -33.31
N PRO H 121 44.82 21.71 -32.85
CA PRO H 121 44.77 22.55 -31.66
C PRO H 121 45.08 21.75 -30.40
N ASN H 122 45.51 22.47 -29.37
CA ASN H 122 45.83 21.84 -28.10
C ASN H 122 44.55 21.51 -27.33
N VAL H 123 44.71 21.09 -26.07
CA VAL H 123 43.56 20.68 -25.26
C VAL H 123 42.66 21.88 -24.97
N SER H 124 43.26 23.00 -24.53
CA SER H 124 42.47 24.16 -24.16
C SER H 124 41.74 24.73 -25.38
N GLU H 125 42.43 24.83 -26.52
CA GLU H 125 41.79 25.33 -27.72
C GLU H 125 40.66 24.41 -28.17
N LEU H 126 40.87 23.10 -28.08
CA LEU H 126 39.82 22.16 -28.47
C LEU H 126 38.61 22.27 -27.55
N VAL H 127 38.83 22.44 -26.24
CA VAL H 127 37.71 22.60 -25.31
C VAL H 127 36.97 23.90 -25.60
N ASP H 128 37.70 24.98 -25.89
CA ASP H 128 37.04 26.24 -26.23
C ASP H 128 36.22 26.11 -27.51
N MET H 129 36.76 25.41 -28.51
CA MET H 129 36.01 25.19 -29.75
C MET H 129 34.77 24.36 -29.50
N VAL H 130 34.87 23.35 -28.63
CA VAL H 130 33.70 22.54 -28.29
C VAL H 130 32.63 23.39 -27.61
N TYR H 131 33.04 24.26 -26.69
CA TYR H 131 32.08 25.15 -26.04
C TYR H 131 31.43 26.09 -27.05
N GLU H 132 32.23 26.66 -27.96
CA GLU H 132 31.69 27.56 -28.97
C GLU H 132 30.71 26.84 -29.89
N TYR H 133 31.02 25.60 -30.27
CA TYR H 133 30.11 24.81 -31.09
C TYR H 133 28.82 24.52 -30.33
N CYS H 134 28.93 24.16 -29.04
CA CYS H 134 27.73 23.91 -28.25
C CYS H 134 26.87 25.15 -28.16
N ARG H 135 27.48 26.33 -28.11
CA ARG H 135 26.71 27.57 -28.03
C ARG H 135 26.08 27.94 -29.37
N LYS H 136 26.79 27.74 -30.48
CA LYS H 136 26.37 28.27 -31.77
C LYS H 136 25.92 27.23 -32.78
N ARG H 137 25.68 25.98 -32.36
CA ARG H 137 25.29 24.95 -33.31
C ARG H 137 23.85 25.11 -33.78
N GLY H 138 23.04 25.90 -33.09
CA GLY H 138 21.64 26.05 -33.48
C GLY H 138 21.40 26.87 -34.73
N LEU H 139 22.38 27.68 -35.14
CA LEU H 139 22.24 28.52 -36.33
C LEU H 139 22.32 27.73 -37.63
N TYR H 140 22.65 26.45 -37.57
CA TYR H 140 22.86 25.66 -38.78
C TYR H 140 21.91 24.46 -38.80
N PRO H 141 21.48 24.02 -39.99
CA PRO H 141 20.55 22.89 -40.06
C PRO H 141 21.11 21.60 -39.45
N ASP H 142 22.41 21.37 -39.56
CA ASP H 142 23.01 20.14 -39.05
C ASP H 142 24.46 20.42 -38.68
N ALA H 143 25.13 19.40 -38.15
CA ALA H 143 26.53 19.55 -37.75
C ALA H 143 27.43 19.81 -38.94
N GLU H 144 27.16 19.16 -40.08
CA GLU H 144 27.99 19.35 -41.27
C GLU H 144 27.86 20.77 -41.83
N SER H 145 26.77 21.47 -41.53
CA SER H 145 26.59 22.84 -42.01
C SER H 145 27.43 23.85 -41.24
N TYR H 146 28.01 23.44 -40.11
CA TYR H 146 28.87 24.29 -39.31
C TYR H 146 30.12 24.64 -40.10
N PRO H 147 30.61 25.88 -40.05
CA PRO H 147 31.81 26.23 -40.81
C PRO H 147 33.08 25.75 -40.13
N TRP H 148 33.38 24.46 -40.26
CA TRP H 148 34.55 23.86 -39.65
C TRP H 148 35.81 24.30 -40.37
N LYS H 149 36.89 24.51 -39.60
CA LYS H 149 38.20 24.78 -40.18
C LYS H 149 38.74 23.59 -40.96
N SER H 150 38.54 22.37 -40.48
CA SER H 150 38.99 21.17 -41.17
C SER H 150 38.12 20.01 -40.75
N ASN H 151 38.20 18.91 -41.51
CA ASN H 151 37.40 17.73 -41.23
C ASN H 151 37.75 17.12 -39.88
N ALA H 152 39.05 17.07 -39.55
CA ALA H 152 39.46 16.51 -38.26
C ALA H 152 38.88 17.30 -37.10
N HIS H 153 38.86 18.63 -37.22
CA HIS H 153 38.25 19.45 -36.19
C HIS H 153 36.77 19.13 -36.04
N TYR H 154 36.06 18.96 -37.16
CA TYR H 154 34.65 18.61 -37.13
C TYR H 154 34.44 17.29 -36.40
N TRP H 155 35.21 16.26 -36.76
CA TRP H 155 35.05 14.95 -36.13
C TRP H 155 35.34 15.02 -34.64
N LEU H 156 36.43 15.68 -34.26
CA LEU H 156 36.80 15.75 -32.85
C LEU H 156 35.74 16.50 -32.04
N VAL H 157 35.28 17.65 -32.55
CA VAL H 157 34.30 18.45 -31.82
C VAL H 157 32.99 17.69 -31.69
N THR H 158 32.53 17.04 -32.77
CA THR H 158 31.29 16.29 -32.71
C THR H 158 31.39 15.13 -31.72
N ASN H 159 32.52 14.39 -31.75
CA ASN H 159 32.69 13.28 -30.83
C ASN H 159 32.71 13.76 -29.38
N LEU H 160 33.44 14.85 -29.11
CA LEU H 160 33.50 15.37 -27.75
C LEU H 160 32.13 15.86 -27.28
N TYR H 161 31.38 16.54 -28.15
CA TYR H 161 30.06 17.02 -27.78
C TYR H 161 29.12 15.86 -27.48
N GLN H 162 29.16 14.82 -28.33
CA GLN H 162 28.31 13.66 -28.08
C GLN H 162 28.67 12.97 -26.78
N ASN H 163 29.97 12.80 -26.52
CA ASN H 163 30.40 12.16 -25.28
C ASN H 163 29.97 12.97 -24.06
N MET H 164 30.14 14.29 -24.12
CA MET H 164 29.77 15.15 -23.00
C MET H 164 28.26 15.11 -22.76
N ARG H 165 27.48 15.12 -23.84
CA ARG H 165 26.03 15.12 -23.68
C ARG H 165 25.52 13.78 -23.16
N ALA H 166 26.11 12.68 -23.63
CA ALA H 166 25.65 11.35 -23.24
C ALA H 166 26.24 10.87 -21.92
N ASN H 167 27.27 11.53 -21.40
CA ASN H 167 27.89 11.08 -20.16
C ASN H 167 27.97 12.16 -19.09
N ALA H 168 27.51 13.38 -19.38
CA ALA H 168 27.55 14.50 -18.43
C ALA H 168 28.97 14.71 -17.90
N LEU H 169 29.93 14.71 -18.82
CA LEU H 169 31.33 14.85 -18.45
C LEU H 169 31.60 16.25 -17.89
N THR H 170 32.44 16.32 -16.87
CA THR H 170 32.82 17.60 -16.30
C THR H 170 33.92 18.26 -17.13
N ASP H 171 34.45 19.37 -16.62
CA ASP H 171 35.48 20.09 -17.34
C ASP H 171 36.77 19.27 -17.44
N ALA H 172 37.23 18.71 -16.33
CA ALA H 172 38.45 17.91 -16.35
C ALA H 172 38.29 16.66 -17.20
N GLU H 173 37.14 15.99 -17.08
CA GLU H 173 36.88 14.82 -17.91
C GLU H 173 36.83 15.19 -19.39
N LEU H 174 36.22 16.32 -19.71
CA LEU H 174 36.18 16.77 -21.10
C LEU H 174 37.58 17.06 -21.63
N ARG H 175 38.42 17.69 -20.81
CA ARG H 175 39.80 17.97 -21.23
C ARG H 175 40.58 16.67 -21.44
N ARG H 176 40.40 15.69 -20.54
CA ARG H 176 41.07 14.41 -20.71
C ARG H 176 40.62 13.71 -21.99
N LYS H 177 39.31 13.73 -22.26
CA LYS H 177 38.79 13.13 -23.48
C LYS H 177 39.33 13.85 -24.71
N ALA H 178 39.42 15.18 -24.65
CA ALA H 178 39.98 15.94 -25.77
C ALA H 178 41.43 15.57 -26.01
N ALA H 179 42.21 15.44 -24.94
CA ALA H 179 43.62 15.04 -25.10
C ALA H 179 43.73 13.65 -25.69
N ASP H 180 42.89 12.71 -25.23
CA ASP H 180 42.92 11.36 -25.78
C ASP H 180 42.55 11.37 -27.26
N GLU H 181 41.53 12.14 -27.64
CA GLU H 181 41.12 12.23 -29.04
C GLU H 181 42.23 12.85 -29.89
N LEU H 182 42.91 13.87 -29.36
CA LEU H 182 44.04 14.46 -30.09
C LEU H 182 45.16 13.45 -30.29
N VAL H 183 45.48 12.67 -29.25
CA VAL H 183 46.52 11.66 -29.39
C VAL H 183 46.13 10.62 -30.42
N HIS H 184 44.86 10.17 -30.39
CA HIS H 184 44.39 9.19 -31.35
C HIS H 184 44.45 9.74 -32.78
N MET H 185 44.02 10.99 -32.96
CA MET H 185 44.09 11.64 -34.27
C MET H 185 45.50 11.78 -34.78
N THR H 186 46.44 12.20 -33.93
CA THR H 186 47.85 12.26 -34.30
C THR H 186 48.43 10.91 -34.67
N ALA H 187 48.09 9.86 -33.92
CA ALA H 187 48.55 8.51 -34.25
C ALA H 187 48.00 8.07 -35.59
N ARG H 188 46.72 8.33 -35.86
CA ARG H 188 46.14 7.96 -37.14
C ARG H 188 46.76 8.73 -38.29
N ILE H 189 47.03 10.03 -38.09
CA ILE H 189 47.66 10.84 -39.13
C ILE H 189 49.07 10.32 -39.43
N ASN H 190 49.83 9.99 -38.38
CA ASN H 190 51.17 9.47 -38.58
C ASN H 190 51.16 8.14 -39.33
N ARG H 191 50.10 7.36 -39.20
CA ARG H 191 49.99 6.08 -39.88
C ARG H 191 49.36 6.20 -41.27
N GLY H 192 48.90 7.38 -41.66
CA GLY H 192 48.33 7.56 -42.98
C GLY H 192 46.82 7.77 -42.96
N GLU H 193 46.12 7.07 -43.86
CA GLU H 193 44.67 7.10 -44.00
C GLU H 193 44.16 8.45 -44.50
N ALA H 194 43.03 8.45 -45.20
CA ALA H 194 42.44 9.66 -45.74
C ALA H 194 41.07 9.88 -45.10
N ILE H 195 40.83 11.09 -44.63
CA ILE H 195 39.57 11.43 -43.97
C ILE H 195 38.48 11.64 -45.03
N PRO H 196 37.37 10.91 -44.95
CA PRO H 196 36.29 11.11 -45.93
C PRO H 196 35.55 12.42 -45.68
N GLU H 197 34.76 12.81 -46.69
CA GLU H 197 33.98 14.04 -46.61
C GLU H 197 32.59 13.72 -46.08
N PRO H 198 32.35 13.92 -44.76
CA PRO H 198 31.18 13.38 -44.07
C PRO H 198 30.29 12.38 -44.81
N VAL H 199 28.98 12.57 -44.72
CA VAL H 199 28.03 11.70 -45.40
C VAL H 199 27.02 12.45 -46.26
N LYS H 200 26.72 13.73 -45.96
CA LYS H 200 25.70 14.52 -46.64
C LYS H 200 24.31 13.94 -46.43
N GLN H 201 23.27 14.76 -46.59
CA GLN H 201 21.90 14.31 -46.37
C GLN H 201 20.96 15.17 -47.21
N LEU H 202 20.55 14.63 -48.36
CA LEU H 202 19.49 15.17 -49.23
C LEU H 202 19.90 16.49 -49.88
N PRO H 203 19.36 16.79 -51.07
CA PRO H 203 19.61 18.09 -51.68
C PRO H 203 18.69 19.18 -51.13
N VAL H 204 18.75 20.37 -51.73
CA VAL H 204 17.90 21.48 -51.27
C VAL H 204 16.60 21.58 -52.06
N MET H 205 16.47 20.86 -53.16
CA MET H 205 15.28 20.88 -54.03
C MET H 205 15.08 22.31 -54.54
N GLY H 206 13.84 22.69 -54.81
CA GLY H 206 13.47 23.99 -55.31
C GLY H 206 12.56 23.86 -56.51
N GLY H 207 12.31 25.00 -57.17
CA GLY H 207 11.46 25.01 -58.35
C GLY H 207 10.01 24.73 -58.04
N ARG H 208 9.35 25.65 -57.35
CA ARG H 208 7.94 25.51 -56.95
C ARG H 208 7.17 26.73 -57.43
N PRO H 209 6.80 26.78 -58.71
CA PRO H 209 6.02 27.92 -59.24
C PRO H 209 4.53 27.82 -58.88
N LEU H 210 4.22 28.19 -57.65
CA LEU H 210 2.85 28.13 -57.14
C LEU H 210 2.36 29.53 -56.80
N ASN H 211 1.05 29.71 -56.91
CA ASN H 211 0.42 30.99 -56.59
C ASN H 211 -0.98 30.73 -56.05
N ARG H 212 -1.59 31.78 -55.52
CA ARG H 212 -2.88 31.65 -54.86
C ARG H 212 -3.96 31.19 -55.83
N ALA H 213 -4.07 31.87 -56.97
CA ALA H 213 -5.16 31.59 -57.91
C ALA H 213 -5.06 30.18 -58.48
N GLN H 214 -3.86 29.78 -58.91
CA GLN H 214 -3.70 28.44 -59.46
C GLN H 214 -3.95 27.38 -58.40
N ALA H 215 -3.50 27.61 -57.17
CA ALA H 215 -3.75 26.65 -56.10
C ALA H 215 -5.25 26.50 -55.83
N LEU H 216 -5.97 27.63 -55.79
CA LEU H 216 -7.41 27.56 -55.58
C LEU H 216 -8.10 26.84 -56.73
N ALA H 217 -7.65 27.10 -57.97
CA ALA H 217 -8.23 26.42 -59.12
C ALA H 217 -8.01 24.93 -59.06
N LYS H 218 -6.79 24.51 -58.69
CA LYS H 218 -6.50 23.08 -58.56
C LYS H 218 -7.33 22.45 -57.46
N ILE H 219 -7.49 23.15 -56.34
CA ILE H 219 -8.29 22.63 -55.24
C ILE H 219 -9.75 22.45 -55.67
N ALA H 220 -10.29 23.44 -56.37
CA ALA H 220 -11.67 23.32 -56.86
C ALA H 220 -11.79 22.19 -57.86
N GLU H 221 -10.78 22.02 -58.73
CA GLU H 221 -10.78 20.91 -59.68
C GLU H 221 -10.81 19.57 -58.97
N ILE H 222 -10.00 19.41 -57.94
CA ILE H 222 -9.96 18.15 -57.19
C ILE H 222 -11.30 17.92 -56.49
N LYS H 223 -11.87 18.98 -55.90
CA LYS H 223 -13.16 18.85 -55.25
C LYS H 223 -14.24 18.41 -56.22
N ALA H 224 -14.27 19.01 -57.42
CA ALA H 224 -15.26 18.62 -58.42
C ALA H 224 -15.02 17.20 -58.89
N LYS H 225 -13.76 16.79 -59.05
CA LYS H 225 -13.47 15.45 -59.53
C LYS H 225 -13.87 14.38 -58.52
N PHE H 226 -13.62 14.63 -57.23
CA PHE H 226 -13.85 13.60 -56.22
C PHE H 226 -14.99 13.96 -55.28
N GLY H 227 -14.92 15.12 -54.64
CA GLY H 227 -15.92 15.51 -53.67
C GLY H 227 -17.28 15.75 -54.31
N LEU H 228 -18.31 15.62 -53.48
CA LEU H 228 -19.68 15.80 -53.92
C LEU H 228 -20.53 16.16 -52.71
N LYS H 229 -21.84 16.35 -52.95
CA LYS H 229 -22.80 16.69 -51.91
C LYS H 229 -22.41 17.98 -51.20
N GLY H 230 -21.73 17.86 -50.07
CA GLY H 230 -21.33 19.02 -49.30
C GLY H 230 -20.30 19.89 -50.02
N ALA H 231 -19.11 19.34 -50.25
CA ALA H 231 -18.01 20.04 -50.92
C ALA H 231 -17.71 21.31 -50.13
N SER H 232 -17.81 22.50 -50.73
CA SER H 232 -17.54 23.73 -50.00
C SER H 232 -18.81 24.56 -49.82
N GLY I 119 56.64 -10.54 -33.40
CA GLY I 119 56.67 -10.24 -31.98
C GLY I 119 55.32 -9.82 -31.43
N LEU I 120 55.16 -9.92 -30.11
CA LEU I 120 53.91 -9.54 -29.48
C LEU I 120 53.71 -8.03 -29.56
N PRO I 121 52.49 -7.60 -29.89
CA PRO I 121 52.22 -6.16 -29.96
C PRO I 121 52.22 -5.52 -28.58
N ASN I 122 52.47 -4.22 -28.56
CA ASN I 122 52.49 -3.47 -27.32
C ASN I 122 51.06 -3.21 -26.82
N VAL I 123 50.95 -2.42 -25.76
CA VAL I 123 49.64 -2.16 -25.16
C VAL I 123 48.75 -1.40 -26.13
N SER I 124 49.28 -0.35 -26.76
CA SER I 124 48.48 0.47 -27.67
C SER I 124 48.01 -0.33 -28.88
N GLU I 125 48.91 -1.11 -29.48
CA GLU I 125 48.54 -1.93 -30.63
C GLU I 125 47.52 -2.98 -30.24
N LEU I 126 47.68 -3.59 -29.07
CA LEU I 126 46.71 -4.59 -28.62
C LEU I 126 45.34 -3.98 -28.39
N VAL I 127 45.29 -2.78 -27.80
CA VAL I 127 44.01 -2.10 -27.59
C VAL I 127 43.37 -1.75 -28.92
N ASP I 128 44.17 -1.28 -29.88
CA ASP I 128 43.63 -0.96 -31.20
C ASP I 128 43.08 -2.21 -31.88
N MET I 129 43.79 -3.34 -31.77
CA MET I 129 43.30 -4.58 -32.34
C MET I 129 42.01 -5.03 -31.67
N VAL I 130 41.92 -4.88 -30.35
CA VAL I 130 40.70 -5.25 -29.63
C VAL I 130 39.53 -4.39 -30.11
N TYR I 131 39.76 -3.08 -30.26
CA TYR I 131 38.69 -2.20 -30.75
C TYR I 131 38.28 -2.57 -32.17
N GLU I 132 39.25 -2.87 -33.03
CA GLU I 132 38.92 -3.27 -34.41
C GLU I 132 38.13 -4.57 -34.44
N TYR I 133 38.51 -5.54 -33.60
CA TYR I 133 37.76 -6.79 -33.54
C TYR I 133 36.35 -6.56 -33.02
N CYS I 134 36.21 -5.70 -32.01
CA CYS I 134 34.88 -5.39 -31.48
C CYS I 134 34.00 -4.75 -32.55
N ARG I 135 34.59 -3.88 -33.37
CA ARG I 135 33.81 -3.24 -34.43
C ARG I 135 33.46 -4.22 -35.55
N LYS I 136 34.39 -5.10 -35.93
CA LYS I 136 34.23 -5.93 -37.11
C LYS I 136 33.75 -7.35 -36.84
N ARG I 137 33.46 -7.70 -35.58
CA ARG I 137 33.02 -9.07 -35.29
C ARG I 137 31.64 -9.37 -35.85
N GLY I 138 30.89 -8.35 -36.27
CA GLY I 138 29.59 -8.59 -36.87
C GLY I 138 29.63 -9.12 -38.29
N LEU I 139 30.81 -9.12 -38.92
CA LEU I 139 30.96 -9.60 -40.28
C LEU I 139 31.45 -11.04 -40.37
N TYR I 140 31.58 -11.73 -39.24
CA TYR I 140 32.11 -13.09 -39.24
C TYR I 140 31.16 -14.02 -38.48
N PRO I 141 31.09 -15.30 -38.88
CA PRO I 141 30.21 -16.24 -38.17
C PRO I 141 30.54 -16.42 -36.71
N ASP I 142 31.83 -16.38 -36.34
CA ASP I 142 32.23 -16.59 -34.96
C ASP I 142 33.59 -15.94 -34.75
N ALA I 143 34.07 -16.00 -33.50
CA ALA I 143 35.36 -15.41 -33.17
C ALA I 143 36.51 -16.12 -33.88
N GLU I 144 36.44 -17.45 -33.99
CA GLU I 144 37.49 -18.21 -34.66
C GLU I 144 37.56 -17.92 -36.15
N SER I 145 36.46 -17.44 -36.75
CA SER I 145 36.46 -17.13 -38.18
C SER I 145 37.13 -15.81 -38.49
N TYR I 146 37.45 -15.01 -37.47
CA TYR I 146 38.16 -13.75 -37.64
C TYR I 146 39.55 -14.01 -38.19
N PRO I 147 40.05 -13.20 -39.12
CA PRO I 147 41.39 -13.45 -39.67
C PRO I 147 42.49 -12.97 -38.74
N TRP I 148 42.81 -13.77 -37.73
CA TRP I 148 43.82 -13.43 -36.74
C TRP I 148 45.22 -13.60 -37.34
N LYS I 149 46.13 -12.71 -36.97
CA LYS I 149 47.53 -12.84 -37.35
C LYS I 149 48.20 -14.06 -36.73
N SER I 150 47.89 -14.38 -35.47
CA SER I 150 48.46 -15.53 -34.80
C SER I 150 47.51 -15.98 -33.69
N ASN I 151 47.75 -17.19 -33.19
CA ASN I 151 46.89 -17.72 -32.13
C ASN I 151 46.96 -16.88 -30.86
N ALA I 152 48.15 -16.42 -30.49
CA ALA I 152 48.28 -15.60 -29.28
C ALA I 152 47.49 -14.32 -29.39
N HIS I 153 47.52 -13.68 -30.57
CA HIS I 153 46.72 -12.48 -30.78
C HIS I 153 45.23 -12.77 -30.62
N TYR I 154 44.78 -13.90 -31.19
CA TYR I 154 43.38 -14.29 -31.06
C TYR I 154 42.99 -14.45 -29.60
N TRP I 155 43.79 -15.21 -28.84
CA TRP I 155 43.48 -15.44 -27.43
C TRP I 155 43.44 -14.14 -26.66
N LEU I 156 44.46 -13.28 -26.83
CA LEU I 156 44.53 -12.05 -26.08
C LEU I 156 43.37 -11.13 -26.40
N VAL I 157 43.08 -10.93 -27.69
CA VAL I 157 42.02 -10.03 -28.09
C VAL I 157 40.66 -10.54 -27.61
N THR I 158 40.41 -11.84 -27.77
CA THR I 158 39.13 -12.39 -27.33
C THR I 158 38.97 -12.28 -25.82
N ASN I 159 40.02 -12.58 -25.05
CA ASN I 159 39.93 -12.47 -23.60
C ASN I 159 39.69 -11.03 -23.17
N LEU I 160 40.40 -10.08 -23.79
CA LEU I 160 40.21 -8.68 -23.44
C LEU I 160 38.80 -8.21 -23.79
N TYR I 161 38.29 -8.61 -24.96
CA TYR I 161 36.94 -8.20 -25.35
C TYR I 161 35.90 -8.76 -24.39
N GLN I 162 36.04 -10.04 -24.02
CA GLN I 162 35.08 -10.64 -23.09
C GLN I 162 35.15 -9.96 -21.72
N ASN I 163 36.37 -9.68 -21.23
CA ASN I 163 36.50 -9.03 -19.95
C ASN I 163 35.88 -7.63 -19.98
N MET I 164 36.13 -6.89 -21.06
CA MET I 164 35.57 -5.54 -21.19
C MET I 164 34.04 -5.58 -21.25
N ARG I 165 33.49 -6.55 -21.97
CA ARG I 165 32.04 -6.63 -22.12
C ARG I 165 31.38 -7.06 -20.81
N ALA I 166 32.00 -8.00 -20.09
CA ALA I 166 31.43 -8.51 -18.85
C ALA I 166 31.71 -7.64 -17.63
N ASN I 167 32.64 -6.69 -17.72
CA ASN I 167 32.96 -5.86 -16.57
C ASN I 167 32.84 -4.36 -16.87
N ALA I 168 32.47 -3.97 -18.09
CA ALA I 168 32.36 -2.56 -18.48
C ALA I 168 33.65 -1.80 -18.18
N LEU I 169 34.77 -2.42 -18.54
CA LEU I 169 36.08 -1.82 -18.28
C LEU I 169 36.26 -0.56 -19.11
N THR I 170 36.87 0.46 -18.50
CA THR I 170 37.16 1.69 -19.21
C THR I 170 38.42 1.53 -20.05
N ASP I 171 38.83 2.62 -20.71
CA ASP I 171 40.01 2.57 -21.57
C ASP I 171 41.27 2.29 -20.76
N ALA I 172 41.44 2.98 -19.63
CA ALA I 172 42.62 2.75 -18.80
C ALA I 172 42.62 1.34 -18.22
N GLU I 173 41.46 0.87 -17.75
CA GLU I 173 41.36 -0.50 -17.23
C GLU I 173 41.63 -1.52 -18.34
N LEU I 174 41.13 -1.26 -19.54
CA LEU I 174 41.40 -2.16 -20.66
C LEU I 174 42.89 -2.21 -20.99
N ARG I 175 43.57 -1.05 -20.96
CA ARG I 175 45.00 -1.03 -21.23
C ARG I 175 45.77 -1.76 -20.14
N ARG I 176 45.35 -1.60 -18.88
CA ARG I 176 46.01 -2.32 -17.78
C ARG I 176 45.83 -3.83 -17.94
N LYS I 177 44.61 -4.26 -18.30
CA LYS I 177 44.37 -5.68 -18.53
C LYS I 177 45.19 -6.20 -19.70
N ALA I 178 45.31 -5.40 -20.77
CA ALA I 178 46.13 -5.80 -21.90
C ALA I 178 47.59 -5.96 -21.50
N ALA I 179 48.11 -5.02 -20.70
CA ALA I 179 49.49 -5.13 -20.24
C ALA I 179 49.69 -6.37 -19.37
N ASP I 180 48.73 -6.65 -18.48
CA ASP I 180 48.83 -7.85 -17.64
C ASP I 180 48.80 -9.12 -18.48
N GLU I 181 47.93 -9.16 -19.50
CA GLU I 181 47.87 -10.33 -20.37
C GLU I 181 49.15 -10.49 -21.16
N LEU I 182 49.74 -9.38 -21.64
CA LEU I 182 51.01 -9.46 -22.33
C LEU I 182 52.13 -9.97 -21.42
N VAL I 183 52.16 -9.51 -20.18
CA VAL I 183 53.17 -9.99 -19.24
C VAL I 183 52.98 -11.49 -18.98
N HIS I 184 51.73 -11.92 -18.80
CA HIS I 184 51.46 -13.34 -18.56
C HIS I 184 51.86 -14.19 -19.77
N MET I 185 51.54 -13.72 -20.98
CA MET I 185 51.94 -14.40 -22.19
C MET I 185 53.44 -14.49 -22.35
N THR I 186 54.18 -13.42 -22.10
CA THR I 186 55.64 -13.44 -22.12
C THR I 186 56.23 -14.38 -21.09
N ALA I 187 55.67 -14.41 -19.87
CA ALA I 187 56.15 -15.34 -18.86
C ALA I 187 55.91 -16.78 -19.28
N ARG I 188 54.74 -17.07 -19.86
CA ARG I 188 54.45 -18.42 -20.32
C ARG I 188 55.37 -18.82 -21.48
N ILE I 189 55.65 -17.88 -22.39
CA ILE I 189 56.55 -18.17 -23.50
C ILE I 189 57.95 -18.46 -22.99
N ASN I 190 58.42 -17.68 -22.02
CA ASN I 190 59.75 -17.90 -21.45
C ASN I 190 59.85 -19.24 -20.72
N ARG I 191 58.72 -19.80 -20.27
CA ARG I 191 58.71 -21.09 -19.59
C ARG I 191 58.43 -22.25 -20.53
N GLY I 192 58.26 -21.99 -21.82
CA GLY I 192 58.01 -23.05 -22.78
C GLY I 192 56.57 -23.14 -23.22
N GLU I 193 56.08 -24.38 -23.37
CA GLU I 193 54.70 -24.69 -23.75
C GLU I 193 54.42 -24.31 -25.20
N ALA I 194 53.57 -25.09 -25.87
CA ALA I 194 53.21 -24.85 -27.26
C ALA I 194 51.74 -24.49 -27.35
N ILE I 195 51.45 -23.40 -28.04
CA ILE I 195 50.06 -22.94 -28.18
C ILE I 195 49.34 -23.83 -29.19
N PRO I 196 48.22 -24.44 -28.83
CA PRO I 196 47.47 -25.29 -29.76
C PRO I 196 46.68 -24.46 -30.76
N GLU I 197 45.89 -25.15 -31.58
CA GLU I 197 45.04 -24.51 -32.59
C GLU I 197 43.59 -24.59 -32.13
N PRO I 198 43.07 -23.53 -31.48
CA PRO I 198 41.81 -23.60 -30.71
C PRO I 198 41.25 -24.98 -30.39
N VAL I 199 39.93 -25.13 -30.50
CA VAL I 199 39.28 -26.41 -30.26
C VAL I 199 38.42 -26.78 -31.46
N LYS I 200 37.96 -25.77 -32.20
CA LYS I 200 37.04 -25.92 -33.32
C LYS I 200 35.69 -26.51 -32.87
N GLN I 201 34.66 -26.36 -33.70
CA GLN I 201 33.33 -26.86 -33.32
C GLN I 201 32.58 -27.24 -34.61
N LEU I 202 32.67 -28.53 -34.95
CA LEU I 202 31.90 -29.18 -36.02
C LEU I 202 32.27 -28.66 -37.41
N PRO I 203 32.08 -29.47 -38.45
CA PRO I 203 32.29 -28.98 -39.82
C PRO I 203 31.10 -28.19 -40.34
N VAL I 204 31.13 -27.81 -41.60
CA VAL I 204 30.05 -27.01 -42.20
C VAL I 204 29.09 -27.86 -43.03
N MET I 205 29.44 -29.10 -43.34
CA MET I 205 28.61 -30.01 -44.14
C MET I 205 28.34 -29.37 -45.49
N GLY I 206 27.18 -29.66 -46.09
CA GLY I 206 26.78 -29.14 -47.37
C GLY I 206 26.29 -30.26 -48.27
N GLY I 207 26.22 -29.98 -49.56
CA GLY I 207 25.79 -30.96 -50.53
C GLY I 207 24.33 -31.34 -50.42
N ARG I 208 23.44 -30.40 -50.75
CA ARG I 208 21.99 -30.60 -50.66
C ARG I 208 21.38 -30.29 -52.02
N PRO I 209 21.40 -31.24 -52.97
CA PRO I 209 20.79 -31.01 -54.29
C PRO I 209 19.30 -31.36 -54.30
N LEU I 210 18.52 -30.64 -53.49
CA LEU I 210 17.10 -30.87 -53.34
C LEU I 210 16.34 -29.67 -53.88
N ASN I 211 15.41 -29.92 -54.79
CA ASN I 211 14.59 -28.88 -55.40
C ASN I 211 13.16 -28.97 -54.88
N ARG I 212 12.37 -27.94 -55.19
CA ARG I 212 11.01 -27.86 -54.66
C ARG I 212 10.13 -28.98 -55.20
N ALA I 213 10.34 -29.37 -56.46
CA ALA I 213 9.54 -30.46 -57.04
C ALA I 213 9.80 -31.77 -56.30
N GLN I 214 11.06 -32.06 -55.99
CA GLN I 214 11.38 -33.25 -55.22
C GLN I 214 10.83 -33.15 -53.81
N ALA I 215 10.81 -31.94 -53.23
CA ALA I 215 10.20 -31.75 -51.92
C ALA I 215 8.71 -32.08 -51.96
N LEU I 216 8.02 -31.63 -53.00
CA LEU I 216 6.60 -31.95 -53.15
C LEU I 216 6.39 -33.45 -53.34
N ALA I 217 7.27 -34.09 -54.11
CA ALA I 217 7.17 -35.53 -54.28
C ALA I 217 7.36 -36.26 -52.97
N LYS I 218 8.33 -35.83 -52.15
CA LYS I 218 8.54 -36.44 -50.85
C LYS I 218 7.34 -36.21 -49.93
N ILE I 219 6.75 -35.01 -49.98
CA ILE I 219 5.57 -34.73 -49.17
C ILE I 219 4.42 -35.64 -49.56
N ALA I 220 4.20 -35.82 -50.86
CA ALA I 220 3.14 -36.69 -51.33
C ALA I 220 3.40 -38.14 -50.92
N GLU I 221 4.66 -38.58 -51.04
CA GLU I 221 5.00 -39.94 -50.64
C GLU I 221 4.76 -40.16 -49.15
N ILE I 222 5.14 -39.18 -48.32
CA ILE I 222 4.93 -39.28 -46.88
C ILE I 222 3.43 -39.34 -46.59
N LYS I 223 2.65 -38.46 -47.22
CA LYS I 223 1.21 -38.43 -46.98
C LYS I 223 0.55 -39.73 -47.39
N ALA I 224 0.99 -40.32 -48.51
CA ALA I 224 0.42 -41.58 -48.95
C ALA I 224 0.84 -42.73 -48.03
N LYS I 225 2.09 -42.74 -47.58
CA LYS I 225 2.58 -43.83 -46.75
C LYS I 225 1.92 -43.82 -45.38
N PHE I 226 1.89 -42.66 -44.72
CA PHE I 226 1.35 -42.56 -43.37
C PHE I 226 -0.16 -42.42 -43.36
N GLY I 227 -0.78 -42.15 -44.51
CA GLY I 227 -2.23 -42.09 -44.61
C GLY I 227 -2.88 -41.06 -43.70
N LEU I 228 -2.62 -39.78 -43.95
CA LEU I 228 -3.21 -38.72 -43.14
C LEU I 228 -4.71 -38.66 -43.34
N LYS I 229 -5.47 -38.72 -42.24
CA LYS I 229 -6.92 -38.63 -42.33
C LYS I 229 -7.36 -37.25 -42.84
N GLY I 230 -6.73 -36.19 -42.36
CA GLY I 230 -7.08 -34.85 -42.76
C GLY I 230 -6.48 -34.43 -44.08
N ALA I 231 -6.84 -35.11 -45.16
CA ALA I 231 -6.34 -34.79 -46.48
C ALA I 231 -6.86 -33.42 -46.93
N SER I 232 -6.04 -32.72 -47.71
CA SER I 232 -6.41 -31.40 -48.21
C SER I 232 -7.51 -31.49 -49.25
N LEU J 210 28.96 -57.46 4.72
CA LEU J 210 27.92 -58.46 4.55
C LEU J 210 27.30 -58.41 3.16
N ASN J 211 26.90 -59.57 2.65
CA ASN J 211 26.23 -59.62 1.36
C ASN J 211 24.72 -59.47 1.55
N ARG J 212 23.98 -59.77 0.49
CA ARG J 212 22.53 -59.68 0.54
C ARG J 212 21.95 -60.64 1.58
N ALA J 213 22.32 -61.91 1.50
CA ALA J 213 21.76 -62.91 2.40
C ALA J 213 22.17 -62.65 3.85
N GLN J 214 23.43 -62.30 4.07
CA GLN J 214 23.89 -62.03 5.43
C GLN J 214 23.20 -60.80 6.02
N ALA J 215 23.05 -59.75 5.22
CA ALA J 215 22.34 -58.56 5.69
C ALA J 215 20.89 -58.88 6.02
N LEU J 216 20.24 -59.67 5.16
CA LEU J 216 18.86 -60.07 5.43
C LEU J 216 18.76 -60.88 6.72
N ALA J 217 19.70 -61.81 6.93
CA ALA J 217 19.68 -62.60 8.16
C ALA J 217 19.88 -61.73 9.38
N LYS J 218 20.81 -60.77 9.31
CA LYS J 218 21.04 -59.87 10.43
C LYS J 218 19.80 -59.03 10.72
N ILE J 219 19.16 -58.53 9.68
CA ILE J 219 17.96 -57.71 9.87
C ILE J 219 16.84 -58.54 10.46
N ALA J 220 16.68 -59.78 10.00
CA ALA J 220 15.67 -60.66 10.56
C ALA J 220 15.93 -60.95 12.02
N GLU J 221 17.20 -61.17 12.38
CA GLU J 221 17.56 -61.39 13.78
C GLU J 221 17.25 -60.16 14.61
N ILE J 222 17.54 -58.97 14.09
CA ILE J 222 17.24 -57.73 14.80
C ILE J 222 15.75 -57.60 15.03
N LYS J 223 14.96 -57.86 14.00
CA LYS J 223 13.51 -57.76 14.12
C LYS J 223 12.97 -58.77 15.12
N ALA J 224 13.48 -60.00 15.10
CA ALA J 224 13.03 -61.01 16.05
C ALA J 224 13.40 -60.62 17.48
N LYS J 225 14.60 -60.07 17.68
CA LYS J 225 15.00 -59.64 19.01
C LYS J 225 14.13 -58.49 19.51
N PHE J 226 13.82 -57.53 18.63
CA PHE J 226 13.05 -56.36 19.01
C PHE J 226 11.55 -56.52 18.79
N GLY J 227 11.10 -57.67 18.29
CA GLY J 227 9.69 -57.90 18.09
C GLY J 227 9.14 -57.22 16.86
N LEU J 228 8.36 -56.16 17.07
CA LEU J 228 7.73 -55.36 16.01
C LEU J 228 7.19 -56.24 14.88
N LYS J 229 6.27 -57.13 15.28
CA LYS J 229 5.66 -58.06 14.33
C LYS J 229 4.75 -57.37 13.32
N GLY J 230 4.40 -56.11 13.54
CA GLY J 230 3.53 -55.40 12.62
C GLY J 230 4.18 -54.93 11.34
N ALA J 231 5.51 -55.04 11.25
CA ALA J 231 6.20 -54.62 10.03
C ALA J 231 5.80 -55.48 8.84
N SER J 232 5.68 -56.80 9.05
CA SER J 232 5.29 -57.71 7.98
C SER J 232 3.81 -57.62 7.68
N GLY K 119 59.76 -6.67 10.15
CA GLY K 119 59.25 -5.69 9.20
C GLY K 119 57.76 -5.82 8.97
N LEU K 120 57.16 -4.77 8.44
CA LEU K 120 55.73 -4.78 8.15
C LEU K 120 55.42 -5.74 7.00
N PRO K 121 54.38 -6.56 7.15
CA PRO K 121 54.02 -7.49 6.09
C PRO K 121 53.45 -6.76 4.88
N ASN K 122 53.54 -7.42 3.73
CA ASN K 122 53.02 -6.84 2.50
C ASN K 122 51.48 -6.94 2.47
N VAL K 123 50.90 -6.56 1.33
CA VAL K 123 49.44 -6.56 1.21
C VAL K 123 48.91 -7.99 1.29
N SER K 124 49.52 -8.92 0.55
CA SER K 124 49.04 -10.30 0.56
C SER K 124 49.22 -10.93 1.95
N GLU K 125 50.37 -10.69 2.57
CA GLU K 125 50.60 -11.23 3.91
C GLU K 125 49.63 -10.64 4.93
N LEU K 126 49.35 -9.34 4.82
CA LEU K 126 48.40 -8.72 5.73
C LEU K 126 47.00 -9.29 5.53
N VAL K 127 46.58 -9.51 4.28
CA VAL K 127 45.27 -10.09 4.02
C VAL K 127 45.20 -11.50 4.58
N ASP K 128 46.27 -12.29 4.40
CA ASP K 128 46.29 -13.65 4.95
C ASP K 128 46.22 -13.62 6.48
N MET K 129 46.94 -12.70 7.11
CA MET K 129 46.88 -12.59 8.57
C MET K 129 45.50 -12.17 9.04
N VAL K 130 44.84 -11.26 8.33
CA VAL K 130 43.48 -10.86 8.69
C VAL K 130 42.53 -12.04 8.56
N TYR K 131 42.64 -12.82 7.49
CA TYR K 131 41.80 -14.00 7.33
C TYR K 131 42.06 -15.02 8.43
N GLU K 132 43.32 -15.24 8.79
CA GLU K 132 43.65 -16.17 9.86
C GLU K 132 43.08 -15.71 11.19
N TYR K 133 43.18 -14.41 11.49
CA TYR K 133 42.61 -13.88 12.71
C TYR K 133 41.09 -14.03 12.72
N CYS K 134 40.45 -13.78 11.57
CA CYS K 134 39.01 -13.96 11.47
C CYS K 134 38.62 -15.41 11.75
N ARG K 135 39.39 -16.36 11.19
CA ARG K 135 39.11 -17.77 11.43
C ARG K 135 39.33 -18.16 12.89
N LYS K 136 40.39 -17.65 13.52
CA LYS K 136 40.79 -18.09 14.85
C LYS K 136 40.17 -17.30 16.00
N ARG K 137 39.46 -16.20 15.71
CA ARG K 137 38.97 -15.34 16.79
C ARG K 137 37.90 -16.02 17.64
N GLY K 138 37.38 -17.18 17.21
CA GLY K 138 36.33 -17.85 17.96
C GLY K 138 36.75 -18.37 19.31
N LEU K 139 38.04 -18.64 19.52
CA LEU K 139 38.52 -19.16 20.79
C LEU K 139 39.07 -18.10 21.72
N TYR K 140 39.03 -16.82 21.33
CA TYR K 140 39.58 -15.78 22.16
C TYR K 140 38.46 -14.95 22.80
N PRO K 141 38.48 -14.78 24.12
CA PRO K 141 37.46 -13.94 24.77
C PRO K 141 37.47 -12.50 24.28
N ASP K 142 38.63 -11.98 23.89
CA ASP K 142 38.74 -10.61 23.40
C ASP K 142 39.87 -10.57 22.38
N ALA K 143 39.91 -9.47 21.61
CA ALA K 143 40.95 -9.32 20.58
C ALA K 143 42.33 -9.22 21.19
N GLU K 144 42.45 -8.67 22.40
CA GLU K 144 43.75 -8.53 23.05
C GLU K 144 44.34 -9.88 23.44
N SER K 145 43.52 -10.93 23.55
CA SER K 145 44.02 -12.25 23.92
C SER K 145 44.72 -12.95 22.76
N TYR K 146 44.58 -12.44 21.54
CA TYR K 146 45.21 -13.03 20.38
C TYR K 146 46.73 -12.89 20.49
N PRO K 147 47.50 -13.93 20.15
CA PRO K 147 48.95 -13.83 20.25
C PRO K 147 49.56 -13.12 19.06
N TRP K 148 49.43 -11.80 19.02
CA TRP K 148 49.91 -10.99 17.91
C TRP K 148 51.44 -10.98 17.91
N LYS K 149 52.02 -10.94 16.71
CA LYS K 149 53.45 -10.75 16.57
C LYS K 149 53.92 -9.39 17.06
N SER K 150 53.12 -8.34 16.83
CA SER K 150 53.45 -7.00 17.30
C SER K 150 52.16 -6.22 17.47
N ASN K 151 52.26 -5.09 18.19
CA ASN K 151 51.09 -4.26 18.42
C ASN K 151 50.57 -3.65 17.13
N ALA K 152 51.47 -3.25 16.23
CA ALA K 152 51.04 -2.68 14.95
C ALA K 152 50.25 -3.69 14.13
N HIS K 153 50.68 -4.95 14.13
CA HIS K 153 49.92 -5.98 13.45
C HIS K 153 48.54 -6.13 14.06
N TYR K 154 48.44 -6.11 15.39
CA TYR K 154 47.15 -6.19 16.06
C TYR K 154 46.24 -5.06 15.61
N TRP K 155 46.74 -3.82 15.66
CA TRP K 155 45.92 -2.67 15.28
C TRP K 155 45.46 -2.78 13.84
N LEU K 156 46.38 -3.08 12.91
CA LEU K 156 46.04 -3.14 11.50
C LEU K 156 45.02 -4.23 11.22
N VAL K 157 45.25 -5.43 11.76
CA VAL K 157 44.36 -6.55 11.48
C VAL K 157 42.98 -6.30 12.06
N THR K 158 42.91 -5.82 13.31
CA THR K 158 41.62 -5.56 13.92
C THR K 158 40.87 -4.44 13.20
N ASN K 159 41.58 -3.39 12.79
CA ASN K 159 40.93 -2.30 12.07
C ASN K 159 40.38 -2.80 10.73
N LEU K 160 41.16 -3.60 10.01
CA LEU K 160 40.68 -4.14 8.75
C LEU K 160 39.48 -5.06 8.96
N TYR K 161 39.51 -5.89 10.00
CA TYR K 161 38.39 -6.78 10.27
C TYR K 161 37.13 -5.98 10.58
N GLN K 162 37.24 -4.96 11.43
CA GLN K 162 36.08 -4.14 11.76
C GLN K 162 35.55 -3.41 10.53
N ASN K 163 36.45 -2.84 9.71
CA ASN K 163 36.02 -2.13 8.52
C ASN K 163 35.30 -3.05 7.54
N MET K 164 35.84 -4.24 7.33
CA MET K 164 35.25 -5.15 6.35
C MET K 164 33.96 -5.76 6.87
N ARG K 165 33.83 -5.87 8.20
CA ARG K 165 32.59 -6.39 8.78
C ARG K 165 31.50 -5.32 8.74
N ALA K 166 31.86 -4.06 8.95
CA ALA K 166 30.88 -2.99 8.99
C ALA K 166 30.61 -2.36 7.63
N ASN K 167 31.38 -2.72 6.59
CA ASN K 167 31.16 -2.13 5.28
C ASN K 167 30.93 -3.17 4.18
N ALA K 168 31.03 -4.46 4.49
CA ALA K 168 30.81 -5.53 3.52
C ALA K 168 31.70 -5.36 2.29
N LEU K 169 32.98 -5.12 2.54
CA LEU K 169 33.93 -4.90 1.45
C LEU K 169 34.19 -6.18 0.69
N THR K 170 34.71 -6.05 -0.53
CA THR K 170 35.07 -7.22 -1.32
C THR K 170 36.56 -7.51 -1.17
N ASP K 171 37.03 -8.54 -1.88
CA ASP K 171 38.43 -8.93 -1.79
C ASP K 171 39.35 -7.82 -2.30
N ALA K 172 39.02 -7.23 -3.45
CA ALA K 172 39.82 -6.13 -3.98
C ALA K 172 39.76 -4.92 -3.06
N GLU K 173 38.57 -4.60 -2.54
CA GLU K 173 38.43 -3.48 -1.61
C GLU K 173 39.19 -3.76 -0.32
N LEU K 174 39.15 -5.01 0.16
CA LEU K 174 39.91 -5.36 1.36
C LEU K 174 41.41 -5.21 1.13
N ARG K 175 41.90 -5.62 -0.04
CA ARG K 175 43.31 -5.47 -0.35
C ARG K 175 43.70 -3.99 -0.44
N ARG K 176 42.83 -3.17 -1.04
CA ARG K 176 43.10 -1.73 -1.12
C ARG K 176 43.15 -1.11 0.27
N LYS K 177 42.21 -1.48 1.13
CA LYS K 177 42.22 -0.97 2.50
C LYS K 177 43.46 -1.43 3.25
N ALA K 178 43.88 -2.68 3.05
CA ALA K 178 45.10 -3.17 3.68
C ALA K 178 46.32 -2.39 3.21
N ALA K 179 46.40 -2.10 1.91
CA ALA K 179 47.50 -1.30 1.39
C ALA K 179 47.50 0.10 1.98
N ASP K 180 46.33 0.72 2.08
CA ASP K 180 46.23 2.05 2.67
C ASP K 180 46.67 2.03 4.14
N GLU K 181 46.23 1.01 4.88
CA GLU K 181 46.64 0.89 6.29
C GLU K 181 48.14 0.68 6.42
N LEU K 182 48.73 -0.13 5.53
CA LEU K 182 50.17 -0.31 5.53
C LEU K 182 50.91 1.00 5.24
N VAL K 183 50.43 1.77 4.28
CA VAL K 183 51.05 3.07 3.98
C VAL K 183 50.95 4.00 5.19
N HIS K 184 49.78 4.03 5.83
CA HIS K 184 49.61 4.88 7.00
C HIS K 184 50.53 4.45 8.14
N MET K 185 50.64 3.13 8.37
CA MET K 185 51.52 2.63 9.42
C MET K 185 52.98 2.96 9.12
N THR K 186 53.42 2.80 7.87
CA THR K 186 54.79 3.14 7.51
C THR K 186 55.05 4.63 7.69
N ALA K 187 54.10 5.48 7.30
CA ALA K 187 54.27 6.92 7.48
C ALA K 187 54.36 7.28 8.97
N ARG K 188 53.52 6.67 9.80
CA ARG K 188 53.56 6.95 11.23
C ARG K 188 54.86 6.47 11.85
N ILE K 189 55.35 5.29 11.44
CA ILE K 189 56.61 4.77 11.97
C ILE K 189 57.77 5.67 11.57
N ASN K 190 57.78 6.12 10.31
CA ASN K 190 58.86 7.00 9.86
C ASN K 190 58.85 8.33 10.60
N ARG K 191 57.67 8.79 11.02
CA ARG K 191 57.55 10.04 11.75
C ARG K 191 57.64 9.86 13.26
N GLY K 192 57.81 8.63 13.75
CA GLY K 192 57.94 8.39 15.17
C GLY K 192 56.70 7.78 15.80
N GLU K 193 56.14 8.48 16.79
CA GLU K 193 54.93 8.07 17.51
C GLU K 193 55.17 6.81 18.33
N ALA K 194 54.27 6.53 19.28
CA ALA K 194 54.36 5.37 20.15
C ALA K 194 53.03 4.65 20.19
N ILE K 195 53.08 3.33 20.19
CA ILE K 195 51.88 2.49 20.22
C ILE K 195 51.67 2.02 21.67
N PRO K 196 50.56 2.38 22.31
CA PRO K 196 50.31 1.93 23.68
C PRO K 196 49.88 0.47 23.72
N GLU K 197 49.55 0.02 24.93
CA GLU K 197 49.11 -1.36 25.14
C GLU K 197 47.61 -1.40 25.39
N PRO K 198 46.79 -1.57 24.33
CA PRO K 198 45.34 -1.32 24.37
C PRO K 198 44.77 -0.61 25.60
N VAL K 199 43.63 -1.09 26.09
CA VAL K 199 42.98 -0.49 27.25
C VAL K 199 42.71 -1.56 28.29
N LYS K 200 42.58 -2.81 27.85
CA LYS K 200 42.19 -3.95 28.69
C LYS K 200 40.79 -3.76 29.25
N GLN K 201 40.19 -4.83 29.78
CA GLN K 201 38.82 -4.76 30.28
C GLN K 201 38.66 -5.78 31.40
N LEU K 202 38.79 -5.32 32.65
CA LEU K 202 38.46 -6.05 33.88
C LEU K 202 39.38 -7.23 34.13
N PRO K 203 39.65 -7.55 35.41
CA PRO K 203 40.41 -8.78 35.71
C PRO K 203 39.54 -10.02 35.69
N VAL K 204 40.10 -11.16 36.09
CA VAL K 204 39.37 -12.42 36.10
C VAL K 204 38.77 -12.75 37.47
N MET K 205 39.18 -12.05 38.53
CA MET K 205 38.69 -12.28 39.88
C MET K 205 38.91 -13.71 40.33
N GLY K 206 38.14 -14.16 41.32
CA GLY K 206 38.26 -15.50 41.85
C GLY K 206 38.12 -15.54 43.37
N GLY K 207 38.68 -16.56 43.99
CA GLY K 207 38.64 -16.66 45.44
C GLY K 207 37.26 -16.95 46.00
N ARG K 208 36.76 -18.17 45.76
CA ARG K 208 35.44 -18.58 46.22
C ARG K 208 35.58 -19.88 47.01
N PRO K 209 35.99 -19.78 48.28
CA PRO K 209 36.08 -20.97 49.14
C PRO K 209 34.77 -21.24 49.90
N LEU K 210 33.68 -21.40 49.15
CA LEU K 210 32.35 -21.58 49.70
C LEU K 210 31.86 -23.00 49.43
N ASN K 211 31.12 -23.54 50.38
CA ASN K 211 30.58 -24.89 50.30
C ASN K 211 29.06 -24.86 50.47
N ARG K 212 28.45 -26.03 50.25
CA ARG K 212 27.00 -26.14 50.32
C ARG K 212 26.47 -25.87 51.72
N ALA K 213 27.20 -26.35 52.74
CA ALA K 213 26.71 -26.21 54.12
C ALA K 213 26.60 -24.75 54.52
N GLN K 214 27.60 -23.94 54.17
CA GLN K 214 27.55 -22.52 54.50
C GLN K 214 26.43 -21.81 53.76
N ALA K 215 26.19 -22.20 52.50
CA ALA K 215 25.08 -21.63 51.75
C ALA K 215 23.75 -21.97 52.40
N LEU K 216 23.58 -23.22 52.84
CA LEU K 216 22.35 -23.62 53.52
C LEU K 216 22.20 -22.87 54.85
N ALA K 217 23.31 -22.65 55.55
CA ALA K 217 23.24 -21.87 56.78
C ALA K 217 22.80 -20.43 56.50
N LYS K 218 23.31 -19.84 55.42
CA LYS K 218 22.86 -18.51 55.02
C LYS K 218 21.37 -18.50 54.70
N ILE K 219 20.90 -19.52 53.99
CA ILE K 219 19.49 -19.62 53.65
C ILE K 219 18.64 -19.70 54.91
N ALA K 220 19.05 -20.54 55.86
CA ALA K 220 18.31 -20.69 57.11
C ALA K 220 18.31 -19.40 57.90
N GLU K 221 19.44 -18.69 57.95
CA GLU K 221 19.51 -17.42 58.67
C GLU K 221 18.58 -16.39 58.04
N ILE K 222 18.57 -16.31 56.71
CA ILE K 222 17.71 -15.36 56.03
C ILE K 222 16.24 -15.68 56.29
N LYS K 223 15.88 -16.97 56.19
CA LYS K 223 14.49 -17.36 56.42
C LYS K 223 14.07 -17.09 57.86
N ALA K 224 14.95 -17.36 58.83
CA ALA K 224 14.63 -17.06 60.22
C ALA K 224 14.49 -15.56 60.44
N LYS K 225 15.33 -14.76 59.80
CA LYS K 225 15.23 -13.31 59.95
C LYS K 225 13.97 -12.75 59.32
N PHE K 226 13.47 -13.37 58.25
CA PHE K 226 12.32 -12.86 57.52
C PHE K 226 11.07 -13.70 57.72
N GLY K 227 11.13 -15.00 57.41
CA GLY K 227 9.99 -15.87 57.63
C GLY K 227 8.92 -15.79 56.56
N LEU K 228 8.82 -14.65 55.89
CA LEU K 228 7.79 -14.42 54.88
C LEU K 228 8.22 -14.86 53.48
N LYS K 229 9.18 -15.79 53.39
CA LYS K 229 9.64 -16.24 52.08
C LYS K 229 8.53 -16.92 51.29
N GLY K 230 7.73 -17.75 51.96
CA GLY K 230 6.64 -18.43 51.28
C GLY K 230 7.08 -19.37 50.18
N ALA K 231 8.15 -20.12 50.40
CA ALA K 231 8.69 -21.04 49.42
C ALA K 231 8.45 -22.47 49.87
N SER K 232 7.90 -23.29 48.97
CA SER K 232 7.63 -24.68 49.28
C SER K 232 8.08 -25.59 48.14
N GLY L 119 54.17 23.30 10.43
CA GLY L 119 53.65 22.99 9.11
C GLY L 119 52.29 22.31 9.15
N LEU L 120 51.58 22.36 8.03
CA LEU L 120 50.27 21.73 7.94
C LEU L 120 50.40 20.21 8.01
N PRO L 121 49.51 19.55 8.75
CA PRO L 121 49.57 18.08 8.84
C PRO L 121 49.15 17.44 7.52
N ASN L 122 49.61 16.20 7.33
CA ASN L 122 49.28 15.46 6.13
C ASN L 122 47.84 14.94 6.21
N VAL L 123 47.45 14.14 5.21
CA VAL L 123 46.08 13.63 5.15
C VAL L 123 45.80 12.70 6.31
N SER L 124 46.73 11.78 6.60
CA SER L 124 46.51 10.80 7.66
C SER L 124 46.41 11.48 9.02
N GLU L 125 47.33 12.41 9.30
CA GLU L 125 47.29 13.12 10.57
C GLU L 125 46.02 13.96 10.69
N LEU L 126 45.60 14.58 9.59
CA LEU L 126 44.37 15.36 9.62
C LEU L 126 43.15 14.48 9.90
N VAL L 127 43.10 13.29 9.29
CA VAL L 127 41.98 12.38 9.55
C VAL L 127 42.00 11.91 10.99
N ASP L 128 43.18 11.60 11.52
CA ASP L 128 43.28 11.19 12.91
C ASP L 128 42.82 12.30 13.85
N MET L 129 43.22 13.54 13.58
CA MET L 129 42.78 14.67 14.40
C MET L 129 41.27 14.87 14.31
N VAL L 130 40.71 14.70 13.11
CA VAL L 130 39.26 14.84 12.94
C VAL L 130 38.53 13.77 13.75
N TYR L 131 39.01 12.52 13.70
CA TYR L 131 38.36 11.47 14.47
C TYR L 131 38.50 11.71 15.97
N GLU L 132 39.66 12.18 16.42
CA GLU L 132 39.85 12.50 17.84
C GLU L 132 38.92 13.62 18.27
N TYR L 133 38.77 14.65 17.44
CA TYR L 133 37.85 15.74 17.76
C TYR L 133 36.41 15.24 17.81
N CYS L 134 36.03 14.36 16.88
CA CYS L 134 34.70 13.79 16.90
C CYS L 134 34.45 13.01 18.17
N ARG L 135 35.44 12.24 18.62
CA ARG L 135 35.28 11.48 19.85
C ARG L 135 35.23 12.37 21.09
N LYS L 136 36.02 13.43 21.13
CA LYS L 136 36.20 14.21 22.36
C LYS L 136 35.44 15.52 22.39
N ARG L 137 34.64 15.84 21.38
CA ARG L 137 33.90 17.10 21.39
C ARG L 137 32.58 16.99 22.13
N GLY L 138 32.22 15.81 22.62
CA GLY L 138 30.97 15.63 23.32
C GLY L 138 30.91 16.30 24.69
N LEU L 139 32.03 16.84 25.17
CA LEU L 139 32.08 17.46 26.48
C LEU L 139 32.40 18.95 26.43
N TYR L 140 33.10 19.41 25.40
CA TYR L 140 33.43 20.82 25.27
C TYR L 140 32.19 21.65 25.01
N PRO L 141 32.10 22.85 25.60
CA PRO L 141 30.92 23.69 25.36
C PRO L 141 30.71 24.06 23.91
N ASP L 142 31.78 24.27 23.15
CA ASP L 142 31.67 24.66 21.75
C ASP L 142 32.95 24.24 21.02
N ALA L 143 32.92 24.36 19.70
CA ALA L 143 34.07 23.99 18.88
C ALA L 143 35.26 24.89 19.16
N GLU L 144 35.02 26.20 19.35
CA GLU L 144 36.11 27.13 19.60
C GLU L 144 36.82 26.88 20.92
N SER L 145 36.18 26.18 21.86
CA SER L 145 36.79 25.89 23.14
C SER L 145 37.77 24.74 23.07
N TYR L 146 37.81 24.01 21.96
CA TYR L 146 38.74 22.90 21.77
C TYR L 146 40.17 23.42 21.73
N PRO L 147 41.13 22.71 22.34
CA PRO L 147 42.51 23.18 22.33
C PRO L 147 43.18 23.00 20.98
N TRP L 148 42.82 23.84 20.02
CA TRP L 148 43.37 23.77 18.67
C TRP L 148 44.82 24.24 18.67
N LYS L 149 45.67 23.52 17.94
CA LYS L 149 47.06 23.93 17.77
C LYS L 149 47.19 25.23 16.99
N SER L 150 46.37 25.43 15.95
CA SER L 150 46.40 26.64 15.16
C SER L 150 45.03 26.86 14.54
N ASN L 151 44.82 28.07 14.02
CA ASN L 151 43.54 28.40 13.41
C ASN L 151 43.25 27.53 12.19
N ALA L 152 44.27 27.28 11.36
CA ALA L 152 44.07 26.45 10.17
C ALA L 152 43.64 25.04 10.55
N HIS L 153 44.25 24.48 11.60
CA HIS L 153 43.85 23.16 12.06
C HIS L 153 42.39 23.15 12.50
N TYR L 154 41.98 24.17 13.25
CA TYR L 154 40.59 24.28 13.67
C TYR L 154 39.65 24.32 12.48
N TRP L 155 39.94 25.20 11.51
CA TRP L 155 39.07 25.33 10.34
C TRP L 155 38.97 24.01 9.59
N LEU L 156 40.12 23.37 9.32
CA LEU L 156 40.11 22.14 8.53
C LEU L 156 39.37 21.03 9.25
N VAL L 157 39.68 20.81 10.53
CA VAL L 157 39.06 19.72 11.27
C VAL L 157 37.56 19.94 11.39
N THR L 158 37.14 21.17 11.72
CA THR L 158 35.71 21.45 11.83
C THR L 158 35.01 21.27 10.50
N ASN L 159 35.60 21.75 9.40
CA ASN L 159 34.97 21.62 8.10
C ASN L 159 34.81 20.15 7.72
N LEU L 160 35.85 19.35 7.95
CA LEU L 160 35.76 17.93 7.66
C LEU L 160 34.70 17.25 8.52
N TYR L 161 34.64 17.61 9.81
CA TYR L 161 33.65 17.00 10.70
C TYR L 161 32.24 17.34 10.26
N GLN L 162 31.98 18.60 9.90
CA GLN L 162 30.65 18.99 9.46
C GLN L 162 30.30 18.32 8.13
N ASN L 163 31.26 18.23 7.21
CA ASN L 163 31.01 17.56 5.94
C ASN L 163 30.66 16.09 6.16
N MET L 164 31.39 15.42 7.05
CA MET L 164 31.09 14.02 7.35
C MET L 164 29.72 13.89 8.00
N ARG L 165 29.39 14.82 8.89
CA ARG L 165 28.09 14.77 9.57
C ARG L 165 26.94 14.95 8.59
N ALA L 166 27.10 15.88 7.64
CA ALA L 166 26.03 16.20 6.71
C ALA L 166 26.00 15.31 5.48
N ASN L 167 27.05 14.50 5.25
CA ASN L 167 27.09 13.67 4.05
C ASN L 167 27.38 12.20 4.34
N ALA L 168 27.64 11.83 5.60
CA ALA L 168 27.96 10.45 5.98
C ALA L 168 29.14 9.92 5.17
N LEU L 169 30.19 10.73 5.07
CA LEU L 169 31.36 10.37 4.28
C LEU L 169 32.08 9.18 4.92
N THR L 170 32.59 8.28 4.09
CA THR L 170 33.35 7.15 4.58
C THR L 170 34.79 7.56 4.86
N ASP L 171 35.63 6.57 5.18
CA ASP L 171 37.03 6.85 5.49
C ASP L 171 37.78 7.35 4.25
N ALA L 172 37.61 6.67 3.12
CA ALA L 172 38.28 7.11 1.90
C ALA L 172 37.78 8.47 1.43
N GLU L 173 36.46 8.69 1.51
CA GLU L 173 35.91 9.99 1.15
C GLU L 173 36.41 11.07 2.10
N LEU L 174 36.52 10.76 3.39
CA LEU L 174 37.05 11.71 4.34
C LEU L 174 38.50 12.06 4.02
N ARG L 175 39.31 11.07 3.66
CA ARG L 175 40.69 11.32 3.28
C ARG L 175 40.78 12.19 2.03
N ARG L 176 39.92 11.90 1.04
CA ARG L 176 39.91 12.71 -0.18
C ARG L 176 39.53 14.16 0.13
N LYS L 177 38.51 14.36 0.97
CA LYS L 177 38.11 15.70 1.36
C LYS L 177 39.22 16.41 2.13
N ALA L 178 39.92 15.67 3.00
CA ALA L 178 41.05 16.26 3.74
C ALA L 178 42.15 16.69 2.79
N ALA L 179 42.47 15.86 1.79
CA ALA L 179 43.49 16.23 0.81
C ALA L 179 43.07 17.46 0.02
N ASP L 180 41.81 17.51 -0.40
CA ASP L 180 41.33 18.67 -1.14
C ASP L 180 41.39 19.94 -0.29
N GLU L 181 40.99 19.85 0.98
CA GLU L 181 41.06 21.01 1.86
C GLU L 181 42.49 21.45 2.09
N LEU L 182 43.42 20.48 2.24
CA LEU L 182 44.83 20.84 2.39
C LEU L 182 45.37 21.53 1.16
N VAL L 183 45.02 21.05 -0.03
CA VAL L 183 45.47 21.70 -1.26
C VAL L 183 44.90 23.11 -1.36
N HIS L 184 43.62 23.27 -1.03
CA HIS L 184 43.00 24.59 -1.08
C HIS L 184 43.66 25.54 -0.09
N MET L 185 43.91 25.09 1.13
CA MET L 185 44.59 25.89 2.13
C MET L 185 46.01 26.26 1.73
N THR L 186 46.78 25.34 1.17
CA THR L 186 48.10 25.63 0.65
C THR L 186 48.09 26.65 -0.48
N ALA L 187 47.13 26.53 -1.40
CA ALA L 187 46.99 27.53 -2.45
C ALA L 187 46.64 28.90 -1.87
N ARG L 188 45.75 28.93 -0.87
CA ARG L 188 45.40 30.19 -0.22
C ARG L 188 46.60 30.80 0.51
N ILE L 189 47.38 29.96 1.20
CA ILE L 189 48.55 30.47 1.92
C ILE L 189 49.59 31.01 0.95
N ASN L 190 49.83 30.29 -0.15
CA ASN L 190 50.83 30.72 -1.12
C ASN L 190 50.47 32.06 -1.75
N ARG L 191 49.17 32.38 -1.84
CA ARG L 191 48.72 33.65 -2.38
C ARG L 191 48.56 34.73 -1.31
N GLY L 192 48.89 34.43 -0.06
CA GLY L 192 48.77 35.41 1.00
C GLY L 192 47.62 35.13 1.94
N GLU L 193 46.84 36.17 2.24
CA GLU L 193 45.64 36.10 3.08
C GLU L 193 45.99 35.85 4.54
N ALA L 194 45.22 36.44 5.45
CA ALA L 194 45.42 36.27 6.89
C ALA L 194 44.19 35.60 7.48
N ILE L 195 44.42 34.52 8.24
CA ILE L 195 43.33 33.77 8.85
C ILE L 195 42.85 34.48 10.11
N PRO L 196 41.58 34.87 10.19
CA PRO L 196 41.08 35.49 11.40
C PRO L 196 40.94 34.49 12.55
N GLU L 197 40.95 35.02 13.76
CA GLU L 197 40.82 34.17 14.95
C GLU L 197 39.40 33.65 15.04
N PRO L 198 39.20 32.31 15.05
CA PRO L 198 37.88 31.69 14.80
C PRO L 198 36.74 32.60 14.36
N VAL L 199 35.59 32.47 15.01
CA VAL L 199 34.46 33.35 14.74
C VAL L 199 33.98 33.99 16.04
N LYS L 200 34.20 33.27 17.15
CA LYS L 200 33.78 33.70 18.50
C LYS L 200 32.27 33.76 18.62
N GLN L 201 31.76 33.56 19.85
CA GLN L 201 30.31 33.63 20.08
C GLN L 201 30.08 33.96 21.55
N LEU L 202 29.79 35.24 21.83
CA LEU L 202 29.33 35.73 23.13
C LEU L 202 30.39 35.60 24.22
N PRO L 203 30.31 36.42 25.28
CA PRO L 203 31.20 36.23 26.42
C PRO L 203 30.71 35.13 27.35
N VAL L 204 31.37 34.96 28.50
CA VAL L 204 31.00 33.92 29.45
C VAL L 204 30.07 34.41 30.55
N MET L 205 29.98 35.73 30.74
CA MET L 205 29.15 36.34 31.80
C MET L 205 29.62 35.82 33.16
N GLY L 206 28.73 35.82 34.15
CA GLY L 206 29.07 35.35 35.48
C GLY L 206 28.80 36.38 36.55
N GLY L 207 29.35 36.17 37.75
CA GLY L 207 29.19 37.13 38.83
C GLY L 207 27.78 37.19 39.38
N ARG L 208 27.33 36.13 40.04
CA ARG L 208 25.99 36.07 40.63
C ARG L 208 26.13 35.67 42.10
N PRO L 209 26.54 36.60 42.96
CA PRO L 209 26.67 36.30 44.40
C PRO L 209 25.38 36.55 45.17
N LEU L 210 24.35 35.77 44.86
CA LEU L 210 23.03 35.93 45.46
C LEU L 210 22.76 34.75 46.40
N ASN L 211 22.30 35.06 47.60
CA ASN L 211 21.99 34.06 48.61
C ASN L 211 20.49 33.79 48.67
N ARG L 212 20.13 32.71 49.36
CA ARG L 212 18.74 32.30 49.44
C ARG L 212 17.89 33.33 50.17
N ALA L 213 18.43 33.93 51.24
CA ALA L 213 17.67 34.87 52.05
C ALA L 213 17.26 36.10 51.24
N GLN L 214 18.20 36.66 50.47
CA GLN L 214 17.88 37.83 49.67
C GLN L 214 16.87 37.50 48.57
N ALA L 215 17.01 36.32 47.96
CA ALA L 215 16.04 35.92 46.93
C ALA L 215 14.65 35.75 47.52
N LEU L 216 14.55 35.14 48.70
CA LEU L 216 13.25 34.98 49.34
C LEU L 216 12.66 36.33 49.73
N ALA L 217 13.50 37.25 50.21
CA ALA L 217 13.02 38.59 50.53
C ALA L 217 12.51 39.30 49.29
N LYS L 218 13.22 39.16 48.16
CA LYS L 218 12.75 39.75 46.92
C LYS L 218 11.44 39.15 46.45
N ILE L 219 11.29 37.83 46.60
CA ILE L 219 10.04 37.17 46.21
C ILE L 219 8.88 37.67 47.08
N ALA L 220 9.12 37.78 48.39
CA ALA L 220 8.08 38.30 49.28
C ALA L 220 7.74 39.75 48.93
N GLU L 221 8.74 40.56 48.61
CA GLU L 221 8.48 41.95 48.22
C GLU L 221 7.67 42.02 46.94
N ILE L 222 7.98 41.14 45.99
CA ILE L 222 7.21 41.09 44.75
C ILE L 222 5.77 40.71 45.03
N LYS L 223 5.56 39.71 45.89
CA LYS L 223 4.21 39.29 46.24
C LYS L 223 3.44 40.42 46.91
N ALA L 224 4.09 41.14 47.82
CA ALA L 224 3.43 42.26 48.49
C ALA L 224 3.12 43.39 47.52
N LYS L 225 4.04 43.67 46.59
CA LYS L 225 3.83 44.78 45.67
C LYS L 225 2.72 44.49 44.68
N PHE L 226 2.70 43.30 44.12
CA PHE L 226 1.70 42.94 43.12
C PHE L 226 0.45 42.31 43.74
N GLY L 227 0.48 41.96 45.04
CA GLY L 227 -0.69 41.48 45.73
C GLY L 227 -1.32 40.24 45.13
N LEU L 228 -0.50 39.24 44.83
CA LEU L 228 -0.99 38.04 44.17
C LEU L 228 -1.80 37.19 45.16
N LYS L 229 -3.09 37.01 44.87
CA LYS L 229 -3.94 36.23 45.76
C LYS L 229 -3.52 34.77 45.79
N GLY L 230 -3.16 34.20 44.64
CA GLY L 230 -2.75 32.82 44.56
C GLY L 230 -1.31 32.55 44.95
N ALA L 231 -0.55 33.58 45.29
CA ALA L 231 0.85 33.41 45.69
C ALA L 231 1.21 34.38 46.81
PB ADP M . 9.85 24.24 18.20
O1B ADP M . 10.39 25.61 17.86
O2B ADP M . 9.97 23.23 17.10
O3B ADP M . 8.50 24.25 18.89
PA ADP M . 11.03 24.46 20.75
O1A ADP M . 10.89 23.43 21.84
O2A ADP M . 10.12 25.66 20.75
O3A ADP M . 10.84 23.69 19.34
O5' ADP M . 12.55 24.95 20.72
C5' ADP M . 12.98 25.96 19.81
C4' ADP M . 14.46 26.28 20.03
O4' ADP M . 14.68 26.81 21.33
C3' ADP M . 15.33 25.04 19.93
O3' ADP M . 16.07 25.06 18.70
C2' ADP M . 16.31 25.14 21.09
O2' ADP M . 17.65 25.13 20.60
C1' ADP M . 16.00 26.46 21.75
N9 ADP M . 16.09 26.34 23.23
C8 ADP M . 15.13 25.89 24.06
N7 ADP M . 15.55 25.91 25.35
C5 ADP M . 16.81 26.37 25.35
C6 ADP M . 17.85 26.63 26.38
N6 ADP M . 17.60 26.40 27.69
N1 ADP M . 19.04 27.11 25.96
C2 ADP M . 19.29 27.35 24.66
N3 ADP M . 18.40 27.13 23.68
C4 ADP M . 17.16 26.65 23.95
MG MG N . 6.61 22.79 20.60
PB ADP O . 4.32 32.46 -11.68
O1B ADP O . 5.50 32.41 -12.63
O2B ADP O . 4.51 31.68 -10.41
O3B ADP O . 2.99 32.22 -12.36
PA ADP O . 4.14 35.20 -12.23
O1A ADP O . 3.15 36.20 -11.67
O2A ADP O . 3.89 34.61 -13.59
O3A ADP O . 4.25 33.98 -11.18
O5' ADP O . 5.60 35.89 -12.20
C5' ADP O . 6.77 35.14 -11.88
C4' ADP O . 7.99 35.85 -12.46
O4' ADP O . 7.64 37.19 -12.81
C3' ADP O . 9.12 35.92 -11.45
O3' ADP O . 10.20 35.08 -11.88
C2' ADP O . 9.56 37.36 -11.43
O2' ADP O . 10.95 37.47 -11.81
C1' ADP O . 8.69 38.09 -12.43
N9 ADP O . 8.10 39.30 -11.80
C8 ADP O . 6.85 39.39 -11.31
N7 ADP O . 6.62 40.62 -10.81
C5 ADP O . 7.74 41.35 -10.96
C6 ADP O . 8.17 42.73 -10.65
N6 ADP O . 7.34 43.60 -10.04
N1 ADP O . 9.44 43.08 -10.99
C2 ADP O . 10.28 42.22 -11.58
N3 ADP O . 9.94 40.96 -11.90
C4 ADP O . 8.71 40.47 -11.63
MG MG P . 1.71 32.35 -10.90
PB ADP Q . 4.19 8.62 -31.81
O1B ADP Q . 5.64 8.27 -32.08
O2B ADP Q . 3.92 9.12 -30.42
O3B ADP Q . 3.20 7.57 -32.29
PA ADP Q . 4.11 9.81 -34.34
O1A ADP Q . 2.88 10.42 -34.98
O2A ADP Q . 4.49 8.39 -34.69
O3A ADP Q . 3.89 9.88 -32.76
O5' ADP Q . 5.36 10.77 -34.65
C5' ADP Q . 6.54 10.75 -33.85
C4' ADP Q . 7.76 11.17 -34.67
O4' ADP Q . 7.44 11.33 -36.06
C3' ADP Q . 8.34 12.50 -34.22
O3' ADP Q . 9.52 12.29 -33.43
C2' ADP Q . 8.71 13.23 -35.49
O2' ADP Q . 10.13 13.46 -35.51
C1' ADP Q . 8.32 12.31 -36.62
N9 ADP Q . 7.67 13.10 -37.68
C8 ADP Q . 6.34 13.33 -37.81
N7 ADP Q . 6.09 14.11 -38.89
C5 ADP Q . 7.27 14.39 -39.48
C6 ADP Q . 7.72 15.15 -40.67
N6 ADP Q . 6.84 15.80 -41.47
N1 ADP Q . 9.04 15.19 -40.93
C2 ADP Q . 9.93 14.55 -40.14
N3 ADP Q . 9.60 13.84 -39.05
C4 ADP Q . 8.30 13.72 -38.67
MG MG R . 1.96 9.02 -31.61
PB ADP S . 13.44 -21.97 -23.25
O1B ADP S . 14.88 -22.22 -22.86
O2B ADP S . 13.03 -20.51 -23.17
O3B ADP S . 12.45 -22.92 -22.62
PA ADP S . 13.85 -23.74 -25.38
O1A ADP S . 12.82 -24.18 -26.38
O2A ADP S . 14.16 -24.62 -24.21
O3A ADP S . 13.38 -22.30 -24.82
O5' ADP S . 15.22 -23.45 -26.19
C5' ADP S . 16.09 -22.37 -25.85
C4' ADP S . 17.49 -22.65 -26.42
O4' ADP S . 17.44 -23.55 -27.52
C3' ADP S . 18.16 -21.39 -26.93
O3' ADP S . 19.18 -20.97 -26.02
C2' ADP S . 18.80 -21.76 -28.25
O2' ADP S . 20.21 -21.55 -28.20
C1' ADP S . 18.50 -23.24 -28.44
N9 ADP S . 18.11 -23.50 -29.84
C8 ADP S . 16.86 -23.55 -30.33
N7 ADP S . 16.86 -23.81 -31.66
C5 ADP S . 18.15 -23.93 -32.05
C6 ADP S . 18.86 -24.19 -33.32
N6 ADP S . 18.18 -24.40 -34.48
N1 ADP S . 20.21 -24.23 -33.29
C2 ADP S . 20.90 -24.03 -32.15
N3 ADP S . 20.31 -23.78 -30.97
C4 ADP S . 18.96 -23.72 -30.85
MG MG T . 11.18 -22.55 -24.09
PB ADP U . 20.54 -27.68 6.63
O1B ADP U . 21.95 -27.37 7.08
O2B ADP U . 20.08 -26.90 5.43
O3B ADP U . 19.53 -27.77 7.74
PA ADP U . 21.23 -30.37 6.99
O1A ADP U . 20.27 -31.54 6.90
O2A ADP U . 21.56 -29.79 8.34
O3A ADP U . 20.63 -29.19 6.08
O5' ADP U . 22.60 -30.80 6.26
C5' ADP U . 23.46 -29.83 5.65
C4' ADP U . 24.89 -30.34 5.61
O4' ADP U . 24.98 -31.71 6.02
C3' ADP U . 25.49 -30.27 4.20
O3' ADP U . 26.42 -29.20 4.12
C2' ADP U . 26.24 -31.57 4.03
O2' ADP U . 27.63 -31.32 3.76
C1' ADP U . 26.10 -32.31 5.35
N9 ADP U . 25.90 -33.76 5.10
C8 ADP U . 24.72 -34.41 5.02
N7 ADP U . 24.92 -35.73 4.78
C5 ADP U . 26.24 -35.94 4.69
C6 ADP U . 27.13 -37.10 4.46
N6 ADP U . 26.62 -38.34 4.25
N1 ADP U . 28.46 -36.89 4.46
C2 ADP U . 28.98 -35.67 4.66
N3 ADP U . 28.24 -34.56 4.88
C4 ADP U . 26.89 -34.63 4.91
MG MG V . 18.44 -29.04 6.72
PB ADP W . 19.13 -4.36 26.07
O1B ADP W . 20.16 -3.27 26.26
O2B ADP W . 18.77 -4.62 24.63
O3B ADP W . 17.96 -4.27 27.00
PA ADP W . 20.43 -5.88 28.05
O1A ADP W . 20.00 -7.24 28.54
O2A ADP W . 20.04 -4.66 28.83
O3A ADP W . 19.88 -5.71 26.55
O5' ADP W . 22.03 -5.91 27.87
C5' ADP W . 22.74 -4.73 27.47
C4' ADP W . 24.21 -4.85 27.85
O4' ADP W . 24.37 -5.60 29.06
C3' ADP W . 25.04 -5.58 26.80
O3' ADP W . 25.76 -4.63 26.02
C2' ADP W . 25.99 -6.46 27.57
O2' ADP W . 27.34 -6.02 27.36
C1' ADP W . 25.62 -6.28 29.04
N9 ADP W . 25.53 -7.62 29.69
C8 ADP W . 24.49 -8.46 29.64
N7 ADP W . 24.75 -9.58 30.35
C5 ADP W . 25.98 -9.47 30.88
C6 ADP W . 26.87 -10.29 31.73
N6 ADP W . 26.47 -11.51 32.17
N1 ADP W . 28.08 -9.79 32.06
C2 ADP W . 28.49 -8.59 31.61
N3 ADP W . 27.73 -7.79 30.83
C4 ADP W . 26.50 -8.16 30.44
MG MG X . 16.52 -5.66 27.08
#